data_6S3W
#
_entry.id   6S3W
#
loop_
_entity.id
_entity.type
_entity.pdbx_description
1 polymer TolBp
2 polymer 'Cell envelope integrity/translocation protein TolA'
#
loop_
_entity_poly.entity_id
_entity_poly.type
_entity_poly.pdbx_seq_one_letter_code
_entity_poly.pdbx_strand_id
1 'polypeptide(L)' ADPLVISSGNDRA B
2 'polypeptide(L)'
;HMRALAELLSDTTERQQALADEVGSEVTGSLDDLIVNLVSQQWRRPPSARNGMSVEVLIEMLPDGTITNASVSRSSGDKP
FDSSAVAAVRNVGRIPEMQQLPRATFDSLYRQRRIIFKPEDLSL
;
A
#
# COMPACT_ATOMS: atom_id res chain seq x y z
N ALA A 1 -4.41 -8.73 -3.35
CA ALA A 1 -3.21 -8.47 -2.50
C ALA A 1 -3.65 -8.14 -1.10
N ASP A 2 -2.76 -8.30 -0.13
CA ASP A 2 -3.09 -8.03 1.25
C ASP A 2 -2.65 -6.62 1.63
N PRO A 3 -3.59 -5.79 2.14
CA PRO A 3 -3.29 -4.42 2.57
C PRO A 3 -2.07 -4.38 3.49
N LEU A 4 -1.05 -3.62 3.10
CA LEU A 4 0.20 -3.61 3.83
C LEU A 4 0.19 -2.43 4.79
N VAL A 5 0.64 -2.67 6.01
CA VAL A 5 0.63 -1.66 7.06
C VAL A 5 1.75 -0.64 6.86
N ILE A 6 1.39 0.51 6.35
CA ILE A 6 2.32 1.62 6.23
C ILE A 6 2.20 2.50 7.47
N SER A 7 3.28 2.57 8.22
CA SER A 7 3.29 3.35 9.45
C SER A 7 4.17 4.58 9.27
N SER A 8 4.85 4.62 8.14
CA SER A 8 5.82 5.64 7.84
C SER A 8 5.22 6.69 6.93
N GLY A 9 5.80 7.88 6.98
CA GLY A 9 5.48 8.89 6.00
C GLY A 9 6.63 9.87 5.88
N ASN A 10 6.34 11.15 6.01
CA ASN A 10 7.37 12.17 6.04
C ASN A 10 8.43 11.86 7.09
N ASP A 11 9.67 12.26 6.82
CA ASP A 11 10.79 11.96 7.70
C ASP A 11 10.85 12.98 8.82
N ARG A 12 9.77 12.98 9.50
CA ARG A 12 9.54 13.80 10.68
C ARG A 12 10.24 13.22 11.91
N ALA A 13 9.86 13.72 13.07
CA ALA A 13 10.33 13.17 14.32
C ALA A 13 9.14 12.71 15.16
N HIS B 1 9.06 -3.63 4.85
CA HIS B 1 10.43 -4.18 4.85
C HIS B 1 11.33 -3.39 3.91
N MET B 2 11.56 -2.13 4.25
CA MET B 2 12.35 -1.24 3.41
C MET B 2 13.09 -0.20 4.24
N ARG B 3 13.90 0.61 3.56
CA ARG B 3 14.66 1.70 4.18
C ARG B 3 15.74 1.16 5.14
N ALA B 4 15.34 0.78 6.33
CA ALA B 4 16.28 0.30 7.34
C ALA B 4 15.64 -0.77 8.21
N LEU B 5 14.56 -1.35 7.70
CA LEU B 5 13.85 -2.40 8.43
C LEU B 5 13.42 -3.51 7.48
N ALA B 6 14.29 -4.47 7.28
CA ALA B 6 14.00 -5.59 6.41
C ALA B 6 13.19 -6.64 7.13
N GLU B 7 13.78 -7.16 8.17
CA GLU B 7 13.28 -8.34 8.85
C GLU B 7 14.02 -8.50 10.15
N LEU B 8 14.05 -9.72 10.67
CA LEU B 8 14.79 -10.02 11.89
C LEU B 8 16.28 -10.04 11.57
N LEU B 9 16.59 -10.42 10.33
CA LEU B 9 17.96 -10.38 9.82
C LEU B 9 18.33 -8.94 9.43
N SER B 10 18.19 -8.04 10.39
CA SER B 10 18.45 -6.63 10.16
C SER B 10 19.11 -6.02 11.38
N ASP B 11 20.40 -5.74 11.27
CA ASP B 11 21.16 -5.19 12.39
C ASP B 11 21.03 -3.68 12.44
N THR B 12 19.79 -3.23 12.52
CA THR B 12 19.49 -1.81 12.60
C THR B 12 19.83 -1.28 13.99
N THR B 13 19.08 -1.77 14.97
CA THR B 13 19.26 -1.43 16.35
C THR B 13 18.90 -2.65 17.19
N GLU B 14 18.48 -2.44 18.41
CA GLU B 14 17.94 -3.54 19.21
C GLU B 14 16.48 -3.73 18.88
N ARG B 15 16.23 -4.50 17.83
CA ARG B 15 14.90 -4.69 17.31
C ARG B 15 14.57 -6.18 17.21
N GLN B 16 13.86 -6.67 18.21
CA GLN B 16 13.44 -8.07 18.22
C GLN B 16 12.23 -8.26 17.31
N GLN B 17 12.47 -8.14 16.00
CA GLN B 17 11.43 -8.28 15.01
C GLN B 17 11.19 -9.75 14.67
N ALA B 18 10.86 -10.53 15.69
CA ALA B 18 10.63 -11.96 15.52
C ALA B 18 9.30 -12.19 14.79
N LEU B 19 8.28 -11.45 15.19
CA LEU B 19 6.97 -11.55 14.59
C LEU B 19 6.72 -10.34 13.69
N ALA B 20 7.08 -10.47 12.43
CA ALA B 20 6.89 -9.40 11.47
C ALA B 20 5.48 -9.44 10.89
N ASP B 21 5.17 -8.50 10.02
CA ASP B 21 3.87 -8.44 9.37
C ASP B 21 3.72 -9.52 8.30
N GLU B 22 2.59 -9.48 7.60
CA GLU B 22 2.20 -10.52 6.68
C GLU B 22 3.27 -10.86 5.64
N VAL B 23 3.32 -12.13 5.29
CA VAL B 23 4.26 -12.63 4.31
C VAL B 23 3.52 -12.98 3.01
N GLY B 24 4.29 -13.28 2.00
CA GLY B 24 3.73 -13.61 0.71
C GLY B 24 3.69 -15.12 0.48
N SER B 25 2.48 -15.65 0.31
CA SER B 25 2.31 -17.07 0.06
C SER B 25 2.18 -17.33 -1.43
N GLU B 26 1.03 -16.99 -1.99
CA GLU B 26 0.81 -17.08 -3.43
C GLU B 26 1.58 -16.04 -4.16
N VAL B 27 1.28 -14.82 -3.82
CA VAL B 27 1.75 -13.68 -4.57
C VAL B 27 1.95 -12.47 -3.66
N THR B 28 1.73 -11.26 -4.21
CA THR B 28 2.12 -10.02 -3.54
C THR B 28 3.60 -10.09 -3.19
N GLY B 29 4.40 -9.96 -4.22
CA GLY B 29 5.84 -9.96 -4.07
C GLY B 29 6.36 -8.81 -3.23
N SER B 30 7.46 -8.25 -3.66
CA SER B 30 8.11 -7.15 -2.95
C SER B 30 7.45 -5.83 -3.29
N LEU B 31 6.33 -6.03 -3.82
CA LEU B 31 5.53 -5.01 -4.50
C LEU B 31 4.67 -4.22 -3.53
N ASP B 32 3.83 -4.88 -2.73
CA ASP B 32 2.97 -4.17 -1.78
C ASP B 32 3.79 -3.20 -0.93
N ASP B 33 4.94 -3.68 -0.50
CA ASP B 33 5.86 -2.93 0.32
C ASP B 33 6.46 -1.77 -0.44
N LEU B 34 6.65 -1.96 -1.73
CA LEU B 34 7.07 -0.91 -2.61
C LEU B 34 6.07 0.19 -2.66
N ILE B 35 4.86 -0.20 -2.96
CA ILE B 35 3.73 0.70 -2.98
C ILE B 35 3.72 1.55 -1.70
N VAL B 36 3.89 0.84 -0.62
CA VAL B 36 3.98 1.35 0.72
C VAL B 36 5.23 2.18 0.91
N ASN B 37 6.30 1.74 0.28
CA ASN B 37 7.59 2.39 0.35
C ASN B 37 7.43 3.76 -0.18
N LEU B 38 6.82 3.73 -1.31
CA LEU B 38 6.50 4.89 -2.08
C LEU B 38 5.54 5.82 -1.36
N VAL B 39 4.50 5.24 -0.79
CA VAL B 39 3.42 6.01 -0.21
C VAL B 39 3.89 6.88 0.94
N SER B 40 4.84 6.39 1.72
CA SER B 40 5.37 7.14 2.84
C SER B 40 6.36 8.19 2.38
N GLN B 41 6.96 7.97 1.22
CA GLN B 41 7.90 8.93 0.69
C GLN B 41 7.09 10.15 0.35
N GLN B 42 5.88 9.85 -0.06
CA GLN B 42 4.86 10.79 -0.38
C GLN B 42 3.96 11.18 0.80
N TRP B 43 3.94 10.36 1.84
CA TRP B 43 2.99 10.57 2.93
C TRP B 43 3.55 11.55 3.93
N ARG B 44 2.64 11.96 4.75
CA ARG B 44 2.82 13.07 5.69
C ARG B 44 1.86 12.94 6.87
N ARG B 45 2.38 12.63 8.05
CA ARG B 45 1.52 12.47 9.22
C ARG B 45 0.93 13.83 9.64
N PRO B 46 -0.31 13.80 10.14
CA PRO B 46 -0.98 14.93 10.73
C PRO B 46 -0.84 14.97 12.24
N PRO B 47 -0.84 16.18 12.81
CA PRO B 47 -0.91 16.40 14.26
C PRO B 47 -2.07 15.66 14.94
N SER B 48 -3.01 15.19 14.13
CA SER B 48 -4.19 14.52 14.64
C SER B 48 -3.99 13.01 14.78
N ALA B 49 -3.04 12.45 14.03
CA ALA B 49 -2.82 11.01 14.04
C ALA B 49 -2.30 10.51 15.38
N ARG B 50 -2.84 9.37 15.80
CA ARG B 50 -2.44 8.70 17.03
C ARG B 50 -1.67 7.43 16.71
N ASN B 51 -1.07 6.81 17.73
CA ASN B 51 -0.08 5.74 17.56
C ASN B 51 -0.69 4.41 17.13
N GLY B 52 -1.74 4.49 16.37
CA GLY B 52 -2.39 3.31 15.85
C GLY B 52 -3.75 3.60 15.28
N MET B 53 -3.88 4.78 14.69
CA MET B 53 -5.01 5.15 13.92
C MET B 53 -4.71 4.69 12.50
N SER B 54 -5.72 4.40 11.69
CA SER B 54 -5.41 3.75 10.43
C SER B 54 -6.44 4.00 9.34
N VAL B 55 -5.94 3.93 8.11
CA VAL B 55 -6.75 4.17 6.92
C VAL B 55 -6.58 3.01 5.98
N GLU B 56 -7.67 2.48 5.48
CA GLU B 56 -7.57 1.60 4.34
C GLU B 56 -7.80 2.43 3.11
N VAL B 57 -6.85 2.40 2.22
CA VAL B 57 -6.92 3.19 1.02
C VAL B 57 -6.94 2.30 -0.21
N LEU B 58 -8.03 2.35 -0.96
CA LEU B 58 -8.16 1.61 -2.16
C LEU B 58 -7.64 2.41 -3.31
N ILE B 59 -6.66 1.85 -3.93
CA ILE B 59 -6.05 2.44 -5.04
C ILE B 59 -6.47 1.79 -6.30
N GLU B 60 -6.15 2.44 -7.34
CA GLU B 60 -6.41 1.97 -8.67
C GLU B 60 -5.24 2.32 -9.53
N MET B 61 -4.83 1.36 -10.29
CA MET B 61 -3.60 1.47 -11.02
C MET B 61 -3.65 0.76 -12.33
N LEU B 62 -2.74 1.20 -13.14
CA LEU B 62 -2.55 0.76 -14.48
C LEU B 62 -1.52 -0.35 -14.49
N PRO B 63 -1.47 -1.16 -15.55
CA PRO B 63 -0.45 -2.20 -15.72
C PRO B 63 0.97 -1.64 -15.74
N ASP B 64 1.08 -0.33 -15.53
CA ASP B 64 2.37 0.32 -15.45
C ASP B 64 2.71 0.56 -13.99
N GLY B 65 1.67 0.48 -13.17
CA GLY B 65 1.76 0.82 -11.78
C GLY B 65 1.31 2.24 -11.55
N THR B 66 1.12 2.96 -12.64
CA THR B 66 0.57 4.30 -12.59
C THR B 66 -0.79 4.28 -11.95
N ILE B 67 -0.84 4.96 -10.84
CA ILE B 67 -2.02 5.13 -10.06
C ILE B 67 -3.06 5.94 -10.83
N THR B 68 -4.14 5.27 -11.15
CA THR B 68 -5.22 5.84 -11.91
C THR B 68 -6.29 6.39 -10.97
N ASN B 69 -6.40 5.78 -9.79
CA ASN B 69 -7.31 6.27 -8.75
C ASN B 69 -6.77 5.92 -7.38
N ALA B 70 -7.40 6.48 -6.39
CA ALA B 70 -7.09 6.22 -4.99
C ALA B 70 -8.10 6.93 -4.11
N SER B 71 -8.73 6.18 -3.23
CA SER B 71 -9.65 6.71 -2.28
C SER B 71 -9.44 6.07 -0.95
N VAL B 72 -10.07 6.66 0.01
CA VAL B 72 -10.20 6.08 1.28
C VAL B 72 -11.24 5.02 1.19
N SER B 73 -10.80 3.85 1.40
CA SER B 73 -11.65 2.70 1.33
C SER B 73 -12.31 2.49 2.69
N ARG B 74 -11.58 2.86 3.74
CA ARG B 74 -12.04 2.71 5.11
C ARG B 74 -11.37 3.79 5.97
N SER B 75 -12.15 4.76 6.39
CA SER B 75 -11.62 5.95 7.07
C SER B 75 -11.28 5.67 8.53
N SER B 76 -10.27 6.39 9.02
CA SER B 76 -9.86 6.33 10.42
C SER B 76 -10.76 7.21 11.25
N GLY B 77 -11.59 7.97 10.57
CA GLY B 77 -12.38 8.98 11.21
C GLY B 77 -11.57 10.23 11.40
N ASP B 78 -10.59 10.43 10.53
CA ASP B 78 -9.75 11.60 10.56
C ASP B 78 -9.39 11.94 9.13
N LYS B 79 -10.18 12.80 8.51
CA LYS B 79 -10.05 13.08 7.09
C LYS B 79 -8.65 13.53 6.72
N PRO B 80 -8.00 14.42 7.51
CA PRO B 80 -6.59 14.72 7.32
C PRO B 80 -5.76 13.47 7.25
N PHE B 81 -5.93 12.60 8.24
CA PHE B 81 -5.14 11.41 8.31
C PHE B 81 -5.40 10.55 7.09
N ASP B 82 -6.68 10.26 6.88
CA ASP B 82 -7.14 9.50 5.74
C ASP B 82 -6.59 10.08 4.43
N SER B 83 -6.88 11.35 4.19
CA SER B 83 -6.54 12.03 2.95
C SER B 83 -5.04 12.28 2.77
N SER B 84 -4.34 12.62 3.85
CA SER B 84 -2.89 12.86 3.79
C SER B 84 -2.21 11.68 3.12
N ALA B 85 -2.83 10.55 3.35
CA ALA B 85 -2.35 9.28 2.87
C ALA B 85 -2.83 9.02 1.44
N VAL B 86 -3.99 9.57 1.11
CA VAL B 86 -4.46 9.59 -0.26
C VAL B 86 -3.52 10.41 -1.08
N ALA B 87 -3.09 11.45 -0.50
CA ALA B 87 -2.13 12.30 -1.15
C ALA B 87 -0.77 11.69 -1.08
N ALA B 88 -0.64 10.69 -0.25
CA ALA B 88 0.55 9.89 -0.24
C ALA B 88 0.48 8.99 -1.44
N VAL B 89 -0.67 8.40 -1.65
CA VAL B 89 -0.82 7.44 -2.72
C VAL B 89 -0.78 8.09 -4.08
N ARG B 90 -1.61 9.07 -4.25
CA ARG B 90 -1.70 9.80 -5.48
C ARG B 90 -0.37 10.42 -5.88
N ASN B 91 0.42 10.87 -4.91
CA ASN B 91 1.66 11.58 -5.21
C ASN B 91 2.70 10.65 -5.82
N VAL B 92 2.60 9.36 -5.51
CA VAL B 92 3.55 8.41 -6.07
C VAL B 92 3.25 8.21 -7.55
N GLY B 93 1.97 8.09 -7.79
CA GLY B 93 1.37 8.11 -9.10
C GLY B 93 1.71 7.00 -10.06
N ARG B 94 2.79 6.31 -9.82
CA ARG B 94 3.20 5.18 -10.64
C ARG B 94 4.21 4.32 -9.88
N ILE B 95 3.92 3.04 -9.73
CA ILE B 95 4.77 2.12 -9.03
C ILE B 95 5.57 1.24 -10.00
N PRO B 96 6.86 1.00 -9.70
CA PRO B 96 7.79 0.22 -10.54
C PRO B 96 7.36 -1.21 -10.94
N GLU B 97 7.34 -2.15 -9.98
CA GLU B 97 7.33 -3.60 -10.31
C GLU B 97 6.01 -4.12 -10.83
N MET B 98 5.00 -3.26 -10.99
CA MET B 98 3.72 -3.69 -11.46
C MET B 98 3.82 -4.26 -12.88
N GLN B 99 4.85 -3.81 -13.60
CA GLN B 99 5.10 -4.26 -14.94
C GLN B 99 5.86 -5.59 -14.98
N GLN B 100 6.16 -6.17 -13.82
CA GLN B 100 6.97 -7.38 -13.80
C GLN B 100 6.08 -8.56 -13.63
N LEU B 101 4.85 -8.25 -13.32
CA LEU B 101 3.86 -9.25 -13.10
C LEU B 101 3.11 -9.59 -14.35
N PRO B 102 2.43 -10.71 -14.24
CA PRO B 102 1.33 -11.08 -15.10
C PRO B 102 0.22 -10.05 -14.95
N ARG B 103 -0.34 -9.60 -16.05
CA ARG B 103 -1.47 -8.68 -16.00
C ARG B 103 -2.56 -9.22 -15.10
N ALA B 104 -2.75 -10.52 -15.17
CA ALA B 104 -3.71 -11.22 -14.32
C ALA B 104 -3.33 -11.13 -12.85
N THR B 105 -2.03 -11.10 -12.57
CA THR B 105 -1.53 -11.09 -11.23
C THR B 105 -1.59 -9.68 -10.71
N PHE B 106 -1.29 -8.77 -11.58
CA PHE B 106 -1.43 -7.38 -11.32
C PHE B 106 -2.90 -7.06 -11.01
N ASP B 107 -3.80 -7.56 -11.87
CA ASP B 107 -5.26 -7.40 -11.71
C ASP B 107 -5.72 -7.93 -10.38
N SER B 108 -5.04 -8.98 -9.95
CA SER B 108 -5.38 -9.64 -8.71
C SER B 108 -5.03 -8.74 -7.55
N LEU B 109 -3.82 -8.24 -7.64
CA LEU B 109 -3.19 -7.59 -6.53
C LEU B 109 -3.16 -6.08 -6.58
N TYR B 110 -2.56 -5.56 -7.62
CA TYR B 110 -2.12 -4.20 -7.64
C TYR B 110 -2.97 -3.32 -8.54
N ARG B 111 -3.91 -3.96 -9.26
CA ARG B 111 -4.89 -3.22 -10.02
C ARG B 111 -5.58 -2.21 -9.13
N GLN B 112 -6.02 -2.69 -7.99
CA GLN B 112 -6.42 -1.85 -6.93
C GLN B 112 -5.60 -2.21 -5.71
N ARG B 113 -4.82 -1.29 -5.20
CA ARG B 113 -3.94 -1.66 -4.13
C ARG B 113 -4.45 -1.03 -2.86
N ARG B 114 -4.36 -1.75 -1.77
CA ARG B 114 -4.92 -1.31 -0.54
C ARG B 114 -3.83 -1.06 0.42
N ILE B 115 -3.69 0.17 0.78
CA ILE B 115 -2.66 0.56 1.71
C ILE B 115 -3.27 0.93 3.05
N ILE B 116 -2.81 0.29 4.12
CA ILE B 116 -3.30 0.58 5.46
C ILE B 116 -2.32 1.49 6.13
N PHE B 117 -2.73 2.72 6.37
CA PHE B 117 -1.86 3.68 7.00
C PHE B 117 -2.07 3.61 8.49
N LYS B 118 -1.12 2.99 9.18
CA LYS B 118 -1.26 2.76 10.59
C LYS B 118 0.07 3.06 11.28
N PRO B 119 0.23 4.33 11.69
CA PRO B 119 1.42 4.94 12.30
C PRO B 119 2.38 4.09 13.13
N GLU B 120 3.50 4.72 13.41
CA GLU B 120 4.54 4.22 14.26
C GLU B 120 5.28 5.43 14.86
N ASP B 121 5.43 5.43 16.18
CA ASP B 121 6.18 6.48 16.87
C ASP B 121 5.58 7.87 16.65
N LEU B 122 4.37 8.10 17.11
CA LEU B 122 3.82 9.44 17.11
C LEU B 122 4.34 10.25 18.30
N SER B 123 3.82 11.46 18.43
CA SER B 123 4.17 12.35 19.52
C SER B 123 3.57 11.87 20.83
N LEU B 124 2.43 11.26 20.69
CA LEU B 124 1.53 11.04 21.79
C LEU B 124 1.77 9.69 22.47
N ALA A 1 -4.63 -8.41 -2.10
CA ALA A 1 -3.18 -8.58 -1.89
C ALA A 1 -2.82 -8.44 -0.42
N ASP A 2 -3.85 -8.41 0.44
CA ASP A 2 -3.68 -8.30 1.89
C ASP A 2 -3.17 -6.90 2.27
N PRO A 3 -4.06 -6.05 2.84
CA PRO A 3 -3.74 -4.67 3.22
C PRO A 3 -2.39 -4.55 3.92
N LEU A 4 -1.55 -3.64 3.44
CA LEU A 4 -0.19 -3.55 3.92
C LEU A 4 -0.04 -2.37 4.87
N VAL A 5 0.52 -2.62 6.03
CA VAL A 5 0.68 -1.59 7.05
C VAL A 5 1.80 -0.61 6.70
N ILE A 6 1.42 0.64 6.46
CA ILE A 6 2.36 1.71 6.23
C ILE A 6 2.31 2.70 7.40
N SER A 7 3.42 2.89 8.07
CA SER A 7 3.47 3.75 9.24
C SER A 7 4.35 4.97 9.00
N SER A 8 5.01 4.99 7.86
CA SER A 8 5.94 6.05 7.52
C SER A 8 5.24 7.10 6.68
N GLY A 9 5.73 8.33 6.73
CA GLY A 9 5.15 9.42 5.96
C GLY A 9 5.55 10.76 6.54
N ASN A 10 6.48 11.43 5.88
CA ASN A 10 7.08 12.66 6.39
C ASN A 10 7.00 13.74 5.31
N ASP A 11 7.32 14.98 5.69
CA ASP A 11 7.27 16.14 4.78
C ASP A 11 8.41 16.09 3.77
N ARG A 12 8.53 14.94 3.21
CA ARG A 12 9.47 14.65 2.15
C ARG A 12 8.73 14.43 0.83
N ALA A 13 9.44 14.58 -0.27
CA ALA A 13 8.86 14.35 -1.59
C ALA A 13 9.94 13.95 -2.58
N HIS B 1 -41.82 13.92 -23.42
CA HIS B 1 -42.36 14.75 -24.54
C HIS B 1 -41.94 16.20 -24.36
N MET B 2 -42.52 16.86 -23.37
CA MET B 2 -42.22 18.27 -23.12
C MET B 2 -41.06 18.38 -22.14
N ARG B 3 -39.85 18.35 -22.65
CA ARG B 3 -38.67 18.39 -21.80
C ARG B 3 -37.65 19.37 -22.36
N ALA B 4 -38.04 20.63 -22.43
CA ALA B 4 -37.16 21.69 -22.91
C ALA B 4 -36.01 21.92 -21.95
N LEU B 5 -36.25 21.59 -20.68
CA LEU B 5 -35.24 21.72 -19.64
C LEU B 5 -34.15 20.67 -19.79
N ALA B 6 -34.39 19.70 -20.68
CA ALA B 6 -33.40 18.68 -21.04
C ALA B 6 -32.69 18.09 -19.82
N GLU B 7 -33.41 17.29 -19.05
CA GLU B 7 -32.83 16.64 -17.90
C GLU B 7 -31.95 15.47 -18.34
N LEU B 8 -30.66 15.65 -18.21
CA LEU B 8 -29.70 14.66 -18.66
C LEU B 8 -29.48 13.62 -17.58
N LEU B 9 -29.31 14.08 -16.34
CA LEU B 9 -29.15 13.20 -15.20
C LEU B 9 -27.93 12.29 -15.36
N SER B 10 -26.75 12.86 -15.18
CA SER B 10 -25.52 12.10 -15.20
C SER B 10 -25.01 11.91 -13.78
N ASP B 11 -25.97 11.87 -12.85
CA ASP B 11 -25.68 11.76 -11.43
C ASP B 11 -25.44 10.31 -11.03
N THR B 12 -25.38 9.43 -12.02
CA THR B 12 -25.07 8.04 -11.78
C THR B 12 -23.61 7.90 -11.36
N THR B 13 -23.26 6.78 -10.77
CA THR B 13 -21.94 6.58 -10.24
C THR B 13 -21.54 5.12 -10.38
N GLU B 14 -20.37 4.90 -10.93
CA GLU B 14 -19.82 3.56 -11.03
C GLU B 14 -19.04 3.24 -9.80
N ARG B 15 -19.39 2.14 -9.20
CA ARG B 15 -18.90 1.77 -7.91
C ARG B 15 -18.90 0.25 -7.79
N GLN B 16 -17.76 -0.35 -8.08
CA GLN B 16 -17.63 -1.79 -8.07
C GLN B 16 -16.39 -2.20 -7.29
N GLN B 17 -15.22 -1.80 -7.78
CA GLN B 17 -13.95 -2.12 -7.14
C GLN B 17 -13.82 -3.63 -6.96
N ALA B 18 -14.03 -4.36 -8.05
CA ALA B 18 -13.98 -5.81 -8.04
C ALA B 18 -12.56 -6.32 -7.92
N LEU B 19 -12.41 -7.47 -7.29
CA LEU B 19 -11.12 -8.11 -7.13
C LEU B 19 -10.94 -9.14 -8.23
N ALA B 20 -9.77 -9.14 -8.86
CA ALA B 20 -9.50 -10.03 -9.97
C ALA B 20 -9.19 -11.44 -9.49
N ASP B 21 -9.25 -12.38 -10.42
CA ASP B 21 -8.99 -13.78 -10.12
C ASP B 21 -7.51 -14.08 -10.17
N GLU B 22 -7.13 -15.15 -9.51
CA GLU B 22 -5.74 -15.51 -9.34
C GLU B 22 -5.28 -16.49 -10.40
N VAL B 23 -4.02 -16.36 -10.79
CA VAL B 23 -3.39 -17.31 -11.69
C VAL B 23 -2.44 -18.21 -10.89
N GLY B 24 -1.80 -19.11 -11.59
CA GLY B 24 -0.89 -20.04 -10.95
C GLY B 24 0.42 -19.39 -10.58
N SER B 25 0.74 -19.45 -9.28
CA SER B 25 1.98 -18.89 -8.71
C SER B 25 2.19 -17.44 -9.13
N GLU B 26 1.48 -16.54 -8.48
CA GLU B 26 1.54 -15.12 -8.81
C GLU B 26 1.85 -14.27 -7.60
N VAL B 27 0.78 -13.79 -6.98
CA VAL B 27 0.77 -13.22 -5.64
C VAL B 27 1.71 -12.05 -5.41
N THR B 28 1.66 -11.58 -4.18
CA THR B 28 2.34 -10.38 -3.76
C THR B 28 3.85 -10.58 -3.69
N GLY B 29 4.51 -10.07 -4.70
CA GLY B 29 5.94 -10.29 -4.86
C GLY B 29 6.79 -9.23 -4.20
N SER B 30 6.65 -9.08 -2.88
CA SER B 30 7.38 -8.06 -2.13
C SER B 30 7.04 -6.68 -2.65
N LEU B 31 5.99 -6.66 -3.44
CA LEU B 31 5.54 -5.48 -4.14
C LEU B 31 4.71 -4.62 -3.20
N ASP B 32 4.02 -5.28 -2.30
CA ASP B 32 3.18 -4.62 -1.31
C ASP B 32 3.95 -3.52 -0.59
N ASP B 33 5.09 -3.92 -0.07
CA ASP B 33 5.95 -3.07 0.71
C ASP B 33 6.49 -1.96 -0.13
N LEU B 34 6.67 -2.26 -1.40
CA LEU B 34 7.08 -1.30 -2.37
C LEU B 34 6.04 -0.21 -2.56
N ILE B 35 4.82 -0.61 -2.83
CA ILE B 35 3.68 0.29 -2.91
C ILE B 35 3.63 1.21 -1.70
N VAL B 36 3.85 0.59 -0.59
CA VAL B 36 3.91 1.17 0.71
C VAL B 36 5.17 2.01 0.88
N ASN B 37 6.24 1.55 0.26
CA ASN B 37 7.52 2.21 0.29
C ASN B 37 7.34 3.55 -0.31
N LEU B 38 6.73 3.45 -1.45
CA LEU B 38 6.40 4.56 -2.28
C LEU B 38 5.45 5.55 -1.58
N VAL B 39 4.38 5.02 -1.01
CA VAL B 39 3.32 5.83 -0.48
C VAL B 39 3.80 6.76 0.63
N SER B 40 4.71 6.28 1.46
CA SER B 40 5.22 7.04 2.58
C SER B 40 6.30 8.02 2.17
N GLN B 41 6.82 7.81 0.98
CA GLN B 41 7.76 8.77 0.42
C GLN B 41 6.95 9.99 0.06
N GLN B 42 5.73 9.67 -0.32
CA GLN B 42 4.72 10.62 -0.66
C GLN B 42 3.85 11.06 0.53
N TRP B 43 3.81 10.27 1.59
CA TRP B 43 2.88 10.51 2.67
C TRP B 43 3.46 11.49 3.66
N ARG B 44 2.59 11.87 4.54
CA ARG B 44 2.81 12.89 5.55
C ARG B 44 1.90 12.66 6.75
N ARG B 45 2.50 12.26 7.87
CA ARG B 45 1.73 12.01 9.08
C ARG B 45 1.35 13.31 9.77
N PRO B 46 0.10 13.42 10.21
CA PRO B 46 -0.40 14.59 10.92
C PRO B 46 -0.19 14.47 12.41
N PRO B 47 0.04 15.61 13.08
CA PRO B 47 0.05 15.73 14.54
C PRO B 47 -1.22 15.18 15.21
N SER B 48 -2.21 14.83 14.40
CA SER B 48 -3.47 14.31 14.91
C SER B 48 -3.47 12.77 14.91
N ALA B 49 -2.53 12.18 14.19
CA ALA B 49 -2.41 10.72 14.17
C ALA B 49 -1.94 10.19 15.52
N ARG B 50 -2.44 9.02 15.88
CA ARG B 50 -2.03 8.35 17.11
C ARG B 50 -1.52 6.95 16.78
N ASN B 51 -0.89 6.28 17.75
CA ASN B 51 -0.13 5.04 17.50
C ASN B 51 -1.01 3.82 17.27
N GLY B 52 -1.89 3.98 16.34
CA GLY B 52 -2.70 2.88 15.84
C GLY B 52 -4.00 3.33 15.20
N MET B 53 -4.01 4.56 14.73
CA MET B 53 -5.02 5.07 13.88
C MET B 53 -4.66 4.61 12.48
N SER B 54 -5.62 4.36 11.62
CA SER B 54 -5.27 3.76 10.35
C SER B 54 -6.31 3.99 9.28
N VAL B 55 -5.84 3.95 8.07
CA VAL B 55 -6.66 4.17 6.89
C VAL B 55 -6.50 3.03 5.92
N GLU B 56 -7.59 2.44 5.53
CA GLU B 56 -7.55 1.52 4.41
C GLU B 56 -7.82 2.32 3.17
N VAL B 57 -6.81 2.39 2.33
CA VAL B 57 -6.89 3.19 1.15
C VAL B 57 -6.80 2.32 -0.09
N LEU B 58 -7.82 2.41 -0.93
CA LEU B 58 -7.84 1.71 -2.16
C LEU B 58 -7.36 2.61 -3.27
N ILE B 59 -6.18 2.33 -3.74
CA ILE B 59 -5.65 3.07 -4.83
C ILE B 59 -5.82 2.22 -6.08
N GLU B 60 -5.76 2.83 -7.22
CA GLU B 60 -6.03 2.17 -8.47
C GLU B 60 -4.91 2.44 -9.41
N MET B 61 -4.60 1.47 -10.22
CA MET B 61 -3.41 1.55 -11.01
C MET B 61 -3.50 0.83 -12.33
N LEU B 62 -2.59 1.26 -13.17
CA LEU B 62 -2.41 0.80 -14.51
C LEU B 62 -1.40 -0.33 -14.53
N PRO B 63 -1.32 -1.09 -15.63
CA PRO B 63 -0.34 -2.17 -15.81
C PRO B 63 1.11 -1.67 -15.70
N ASP B 64 1.24 -0.36 -15.55
CA ASP B 64 2.53 0.28 -15.42
C ASP B 64 2.81 0.55 -13.96
N GLY B 65 1.75 0.45 -13.17
CA GLY B 65 1.78 0.83 -11.79
C GLY B 65 1.32 2.24 -11.63
N THR B 66 1.21 2.95 -12.75
CA THR B 66 0.68 4.28 -12.76
C THR B 66 -0.67 4.32 -12.08
N ILE B 67 -0.71 5.11 -11.04
CA ILE B 67 -1.86 5.30 -10.23
C ILE B 67 -2.96 5.99 -11.03
N THR B 68 -4.04 5.30 -11.21
CA THR B 68 -5.17 5.79 -11.97
C THR B 68 -6.23 6.37 -11.04
N ASN B 69 -6.29 5.85 -9.82
CA ASN B 69 -7.24 6.33 -8.81
C ASN B 69 -6.74 6.08 -7.41
N ALA B 70 -7.46 6.61 -6.45
CA ALA B 70 -7.21 6.34 -5.04
C ALA B 70 -8.25 7.02 -4.18
N SER B 71 -8.79 6.26 -3.25
CA SER B 71 -9.74 6.74 -2.30
C SER B 71 -9.49 6.12 -0.96
N VAL B 72 -10.20 6.65 -0.02
CA VAL B 72 -10.30 6.06 1.24
C VAL B 72 -11.32 4.97 1.18
N SER B 73 -10.86 3.81 1.42
CA SER B 73 -11.69 2.66 1.41
C SER B 73 -12.36 2.50 2.76
N ARG B 74 -11.59 2.84 3.80
CA ARG B 74 -12.05 2.79 5.18
C ARG B 74 -11.38 3.88 5.99
N SER B 75 -12.14 4.90 6.34
CA SER B 75 -11.62 6.06 7.02
C SER B 75 -11.35 5.80 8.49
N SER B 76 -10.35 6.50 9.03
CA SER B 76 -10.00 6.41 10.43
C SER B 76 -10.91 7.33 11.24
N GLY B 77 -11.69 8.10 10.52
CA GLY B 77 -12.50 9.12 11.11
C GLY B 77 -11.80 10.46 11.10
N ASP B 78 -10.50 10.42 10.87
CA ASP B 78 -9.72 11.62 10.68
C ASP B 78 -9.39 11.78 9.23
N LYS B 79 -10.20 12.56 8.58
CA LYS B 79 -10.12 12.77 7.14
C LYS B 79 -8.76 13.30 6.72
N PRO B 80 -8.14 14.24 7.47
CA PRO B 80 -6.75 14.62 7.26
C PRO B 80 -5.85 13.41 7.18
N PHE B 81 -5.95 12.56 8.18
CA PHE B 81 -5.12 11.39 8.26
C PHE B 81 -5.35 10.51 7.03
N ASP B 82 -6.63 10.26 6.77
CA ASP B 82 -7.05 9.47 5.63
C ASP B 82 -6.51 10.04 4.32
N SER B 83 -6.89 11.28 4.04
CA SER B 83 -6.59 11.94 2.81
C SER B 83 -5.10 12.28 2.64
N SER B 84 -4.41 12.62 3.72
CA SER B 84 -2.96 12.87 3.63
C SER B 84 -2.27 11.67 3.00
N ALA B 85 -2.90 10.54 3.23
CA ALA B 85 -2.41 9.26 2.78
C ALA B 85 -2.91 8.96 1.37
N VAL B 86 -4.08 9.47 1.05
CA VAL B 86 -4.58 9.46 -0.32
C VAL B 86 -3.66 10.27 -1.17
N ALA B 87 -3.23 11.33 -0.62
CA ALA B 87 -2.29 12.16 -1.30
C ALA B 87 -0.92 11.53 -1.28
N ALA B 88 -0.78 10.55 -0.42
CA ALA B 88 0.41 9.76 -0.44
C ALA B 88 0.33 8.84 -1.63
N VAL B 89 -0.85 8.28 -1.82
CA VAL B 89 -1.04 7.30 -2.88
C VAL B 89 -1.04 7.91 -4.24
N ARG B 90 -1.82 8.94 -4.39
CA ARG B 90 -1.88 9.70 -5.61
C ARG B 90 -0.51 10.24 -6.03
N ASN B 91 0.28 10.71 -5.06
CA ASN B 91 1.51 11.42 -5.35
C ASN B 91 2.57 10.49 -5.94
N VAL B 92 2.45 9.21 -5.64
CA VAL B 92 3.41 8.24 -6.16
C VAL B 92 3.24 8.15 -7.67
N GLY B 93 1.98 8.15 -8.03
CA GLY B 93 1.52 8.25 -9.40
C GLY B 93 1.81 7.08 -10.29
N ARG B 94 2.80 6.30 -9.92
CA ARG B 94 3.14 5.09 -10.64
C ARG B 94 4.00 4.17 -9.77
N ILE B 95 3.66 2.89 -9.74
CA ILE B 95 4.45 1.90 -9.07
C ILE B 95 5.28 1.14 -10.09
N PRO B 96 6.59 1.10 -9.85
CA PRO B 96 7.60 0.56 -10.78
C PRO B 96 7.45 -0.91 -11.14
N GLU B 97 7.26 -1.77 -10.16
CA GLU B 97 7.41 -3.20 -10.37
C GLU B 97 6.19 -3.89 -10.96
N MET B 98 5.16 -3.12 -11.30
CA MET B 98 3.96 -3.70 -11.89
C MET B 98 4.22 -4.32 -13.24
N GLN B 99 5.24 -3.81 -13.91
CA GLN B 99 5.57 -4.24 -15.24
C GLN B 99 6.29 -5.57 -15.24
N GLN B 100 6.44 -6.19 -14.07
CA GLN B 100 7.05 -7.48 -13.98
C GLN B 100 5.95 -8.49 -13.96
N LEU B 101 4.99 -8.23 -13.08
CA LEU B 101 3.85 -9.04 -12.96
C LEU B 101 3.06 -9.25 -14.22
N PRO B 102 2.36 -10.37 -14.20
CA PRO B 102 1.26 -10.65 -15.09
C PRO B 102 0.20 -9.57 -14.93
N ARG B 103 -0.35 -9.12 -16.04
CA ARG B 103 -1.46 -8.18 -16.03
C ARG B 103 -2.57 -8.64 -15.10
N ALA B 104 -2.75 -9.95 -15.08
CA ALA B 104 -3.75 -10.59 -14.25
C ALA B 104 -3.34 -10.60 -12.78
N THR B 105 -2.04 -10.65 -12.54
CA THR B 105 -1.51 -10.73 -11.20
C THR B 105 -1.52 -9.35 -10.62
N PHE B 106 -1.21 -8.42 -11.48
CA PHE B 106 -1.32 -7.04 -11.18
C PHE B 106 -2.79 -6.71 -10.81
N ASP B 107 -3.70 -7.09 -11.71
CA ASP B 107 -5.14 -6.89 -11.54
C ASP B 107 -5.63 -7.54 -10.25
N SER B 108 -4.92 -8.58 -9.83
CA SER B 108 -5.27 -9.33 -8.65
C SER B 108 -4.95 -8.51 -7.42
N LEU B 109 -3.73 -8.06 -7.39
CA LEU B 109 -3.14 -7.50 -6.22
C LEU B 109 -3.12 -5.99 -6.20
N TYR B 110 -2.42 -5.42 -7.15
CA TYR B 110 -2.03 -4.03 -7.06
C TYR B 110 -2.88 -3.15 -7.95
N ARG B 111 -3.74 -3.79 -8.73
CA ARG B 111 -4.76 -3.14 -9.49
C ARG B 111 -5.41 -2.09 -8.63
N GLN B 112 -5.93 -2.59 -7.56
CA GLN B 112 -6.29 -1.80 -6.44
C GLN B 112 -5.51 -2.35 -5.26
N ARG B 113 -4.55 -1.59 -4.78
CA ARG B 113 -3.67 -2.10 -3.74
C ARG B 113 -4.12 -1.47 -2.45
N ARG B 114 -4.61 -2.24 -1.50
CA ARG B 114 -5.07 -1.63 -0.28
C ARG B 114 -3.93 -1.36 0.63
N ILE B 115 -3.67 -0.09 0.78
CA ILE B 115 -2.61 0.41 1.62
C ILE B 115 -3.21 0.82 2.97
N ILE B 116 -2.75 0.23 4.06
CA ILE B 116 -3.28 0.56 5.37
C ILE B 116 -2.31 1.50 6.05
N PHE B 117 -2.72 2.74 6.24
CA PHE B 117 -1.85 3.71 6.86
C PHE B 117 -2.02 3.64 8.36
N LYS B 118 -1.09 2.98 9.02
CA LYS B 118 -1.22 2.69 10.41
C LYS B 118 0.09 2.96 11.15
N PRO B 119 0.21 4.17 11.74
CA PRO B 119 1.32 4.64 12.57
C PRO B 119 2.13 3.61 13.34
N GLU B 120 3.36 4.02 13.62
CA GLU B 120 4.31 3.30 14.44
C GLU B 120 5.30 4.32 14.97
N ASP B 121 5.27 4.51 16.28
CA ASP B 121 6.14 5.47 16.97
C ASP B 121 5.88 6.89 16.47
N LEU B 122 4.78 7.48 16.92
CA LEU B 122 4.47 8.85 16.61
C LEU B 122 5.22 9.81 17.51
N SER B 123 4.76 9.85 18.75
CA SER B 123 5.17 10.86 19.72
C SER B 123 4.41 10.62 21.01
N LEU B 124 3.16 10.31 20.79
CA LEU B 124 2.16 10.29 21.81
C LEU B 124 2.07 8.93 22.51
N ALA A 1 -3.68 -8.94 -2.62
CA ALA A 1 -2.48 -8.50 -1.89
C ALA A 1 -2.89 -7.89 -0.57
N ASP A 2 -2.48 -8.52 0.52
CA ASP A 2 -2.86 -8.09 1.86
C ASP A 2 -2.50 -6.62 2.09
N PRO A 3 -3.46 -5.82 2.56
CA PRO A 3 -3.23 -4.40 2.87
C PRO A 3 -2.10 -4.24 3.88
N LEU A 4 -1.04 -3.54 3.48
CA LEU A 4 0.18 -3.52 4.28
C LEU A 4 0.20 -2.31 5.20
N VAL A 5 0.66 -2.52 6.42
CA VAL A 5 0.77 -1.47 7.41
C VAL A 5 1.88 -0.50 7.03
N ILE A 6 1.47 0.66 6.52
CA ILE A 6 2.40 1.73 6.26
C ILE A 6 2.37 2.69 7.46
N SER A 7 3.49 2.72 8.18
CA SER A 7 3.56 3.52 9.40
C SER A 7 4.42 4.75 9.17
N SER A 8 5.20 4.70 8.11
CA SER A 8 6.06 5.80 7.70
C SER A 8 5.21 6.97 7.20
N GLY A 9 5.84 8.00 6.69
CA GLY A 9 5.12 9.17 6.19
C GLY A 9 5.78 10.43 6.68
N ASN A 10 6.68 10.94 5.86
CA ASN A 10 7.64 11.96 6.29
C ASN A 10 6.96 13.23 6.78
N ASP A 11 7.56 13.76 7.83
CA ASP A 11 7.19 15.03 8.43
C ASP A 11 8.29 15.40 9.41
N ARG A 12 9.43 14.81 9.15
CA ARG A 12 10.58 14.85 10.06
C ARG A 12 11.87 15.09 9.28
N ALA A 13 11.79 15.95 8.29
CA ALA A 13 12.94 16.30 7.48
C ALA A 13 13.18 17.80 7.55
N HIS B 1 -14.88 -22.98 6.05
CA HIS B 1 -15.30 -24.13 5.21
C HIS B 1 -14.87 -25.45 5.84
N MET B 2 -13.57 -25.72 5.88
CA MET B 2 -13.07 -26.90 6.59
C MET B 2 -12.63 -26.49 7.99
N ARG B 3 -11.89 -25.40 8.05
CA ARG B 3 -11.48 -24.82 9.32
C ARG B 3 -11.26 -23.31 9.17
N ALA B 4 -10.72 -22.91 8.05
CA ALA B 4 -10.42 -21.51 7.79
C ALA B 4 -11.39 -20.92 6.78
N LEU B 5 -11.39 -19.60 6.70
CA LEU B 5 -12.12 -18.87 5.70
C LEU B 5 -11.15 -18.34 4.67
N ALA B 6 -11.57 -18.29 3.41
CA ALA B 6 -10.67 -17.94 2.30
C ALA B 6 -9.52 -18.92 2.25
N GLU B 7 -9.87 -20.21 2.23
CA GLU B 7 -8.90 -21.28 2.26
C GLU B 7 -7.99 -21.25 1.03
N LEU B 8 -6.70 -21.15 1.27
CA LEU B 8 -5.71 -21.22 0.21
C LEU B 8 -5.86 -22.52 -0.57
N LEU B 9 -5.90 -22.43 -1.90
CA LEU B 9 -6.19 -23.59 -2.73
C LEU B 9 -4.97 -24.46 -2.95
N SER B 10 -3.79 -23.90 -2.71
CA SER B 10 -2.56 -24.66 -2.78
C SER B 10 -2.03 -24.88 -1.38
N ASP B 11 -1.63 -26.10 -1.06
CA ASP B 11 -1.21 -26.44 0.30
C ASP B 11 0.21 -25.96 0.56
N THR B 12 0.35 -24.64 0.76
CA THR B 12 1.63 -23.97 1.01
C THR B 12 2.65 -24.24 -0.09
N THR B 13 3.88 -23.80 0.13
CA THR B 13 4.96 -23.99 -0.83
C THR B 13 5.81 -25.19 -0.43
N GLU B 14 6.25 -25.18 0.82
CA GLU B 14 7.09 -26.22 1.36
C GLU B 14 6.23 -27.40 1.81
N ARG B 15 6.87 -28.57 1.97
CA ARG B 15 6.20 -29.79 2.35
C ARG B 15 5.24 -30.24 1.25
N GLN B 16 5.71 -31.17 0.44
CA GLN B 16 5.02 -31.66 -0.76
C GLN B 16 5.13 -30.62 -1.88
N GLN B 17 4.60 -30.97 -3.05
CA GLN B 17 4.62 -30.09 -4.21
C GLN B 17 6.04 -29.68 -4.58
N ALA B 18 6.92 -30.67 -4.69
CA ALA B 18 8.28 -30.42 -5.10
C ALA B 18 8.32 -29.84 -6.51
N LEU B 19 7.73 -30.56 -7.45
CA LEU B 19 7.56 -30.07 -8.80
C LEU B 19 6.13 -29.55 -8.94
N ALA B 20 5.97 -28.26 -8.80
CA ALA B 20 4.66 -27.64 -8.84
C ALA B 20 4.40 -26.99 -10.19
N ASP B 21 3.16 -27.10 -10.65
CA ASP B 21 2.76 -26.48 -11.90
C ASP B 21 2.15 -25.11 -11.61
N GLU B 22 1.60 -24.49 -12.64
CA GLU B 22 0.98 -23.19 -12.49
C GLU B 22 -0.08 -23.20 -11.40
N VAL B 23 -0.04 -22.18 -10.57
CA VAL B 23 -1.00 -22.06 -9.50
C VAL B 23 -2.02 -20.98 -9.80
N GLY B 24 -3.02 -20.92 -8.96
CA GLY B 24 -4.06 -19.93 -9.08
C GLY B 24 -4.26 -19.14 -7.80
N SER B 25 -3.15 -18.78 -7.18
CA SER B 25 -3.16 -18.00 -5.94
C SER B 25 -1.74 -17.60 -5.58
N GLU B 26 -1.27 -16.51 -6.20
CA GLU B 26 0.06 -16.03 -5.99
C GLU B 26 0.15 -15.16 -4.75
N VAL B 27 0.84 -14.05 -4.89
CA VAL B 27 1.32 -13.26 -3.78
C VAL B 27 1.60 -11.85 -4.23
N THR B 28 2.27 -11.09 -3.36
CA THR B 28 2.49 -9.66 -3.55
C THR B 28 3.91 -9.33 -3.96
N GLY B 29 4.70 -10.37 -4.13
CA GLY B 29 6.04 -10.25 -4.70
C GLY B 29 6.88 -9.09 -4.19
N SER B 30 6.79 -8.76 -2.90
CA SER B 30 7.49 -7.62 -2.32
C SER B 30 7.09 -6.29 -2.99
N LEU B 31 6.01 -6.35 -3.72
CA LEU B 31 5.47 -5.23 -4.49
C LEU B 31 4.59 -4.38 -3.61
N ASP B 32 3.84 -5.02 -2.74
CA ASP B 32 2.90 -4.34 -1.86
C ASP B 32 3.64 -3.35 -1.00
N ASP B 33 4.76 -3.84 -0.51
CA ASP B 33 5.70 -3.10 0.29
C ASP B 33 6.26 -1.93 -0.46
N LEU B 34 6.48 -2.14 -1.74
CA LEU B 34 6.94 -1.13 -2.62
C LEU B 34 5.97 0.02 -2.71
N ILE B 35 4.73 -0.32 -3.04
CA ILE B 35 3.65 0.62 -3.08
C ILE B 35 3.63 1.48 -1.82
N VAL B 36 3.75 0.76 -0.73
CA VAL B 36 3.82 1.27 0.60
C VAL B 36 5.08 2.09 0.81
N ASN B 37 6.16 1.61 0.24
CA ASN B 37 7.45 2.26 0.32
C ASN B 37 7.30 3.63 -0.23
N LEU B 38 6.74 3.59 -1.38
CA LEU B 38 6.47 4.74 -2.19
C LEU B 38 5.51 5.71 -1.51
N VAL B 39 4.47 5.17 -0.92
CA VAL B 39 3.37 5.96 -0.38
C VAL B 39 3.82 6.86 0.76
N SER B 40 4.68 6.36 1.63
CA SER B 40 5.12 7.10 2.78
C SER B 40 6.21 8.09 2.43
N GLN B 41 6.82 7.89 1.28
CA GLN B 41 7.79 8.83 0.79
C GLN B 41 7.02 10.08 0.42
N GLN B 42 5.83 9.79 -0.07
CA GLN B 42 4.85 10.76 -0.42
C GLN B 42 3.93 11.16 0.71
N TRP B 43 3.87 10.36 1.77
CA TRP B 43 2.92 10.59 2.83
C TRP B 43 3.53 11.49 3.88
N ARG B 44 2.67 11.86 4.77
CA ARG B 44 2.96 12.76 5.86
C ARG B 44 2.05 12.45 7.03
N ARG B 45 2.61 12.16 8.19
CA ARG B 45 1.76 11.99 9.35
C ARG B 45 1.41 13.35 9.93
N PRO B 46 0.21 13.44 10.50
CA PRO B 46 -0.36 14.65 11.05
C PRO B 46 -0.25 14.68 12.58
N PRO B 47 -0.74 15.76 13.21
CA PRO B 47 -0.77 15.90 14.66
C PRO B 47 -2.02 15.26 15.24
N SER B 48 -2.89 14.87 14.33
CA SER B 48 -4.13 14.20 14.68
C SER B 48 -3.94 12.71 14.88
N ALA B 49 -2.99 12.13 14.12
CA ALA B 49 -2.75 10.69 14.15
C ALA B 49 -2.39 10.18 15.54
N ARG B 50 -2.94 9.03 15.88
CA ARG B 50 -2.64 8.37 17.15
C ARG B 50 -1.91 7.07 16.88
N ASN B 51 -1.40 6.44 17.94
CA ASN B 51 -0.49 5.30 17.82
C ASN B 51 -1.19 4.03 17.40
N GLY B 52 -1.84 4.15 16.30
CA GLY B 52 -2.44 3.02 15.62
C GLY B 52 -3.75 3.38 14.96
N MET B 53 -3.83 4.59 14.45
CA MET B 53 -4.92 5.02 13.65
C MET B 53 -4.65 4.52 12.26
N SER B 54 -5.64 4.16 11.49
CA SER B 54 -5.34 3.53 10.23
C SER B 54 -6.38 3.80 9.17
N VAL B 55 -5.87 3.86 7.95
CA VAL B 55 -6.70 4.15 6.80
C VAL B 55 -6.54 3.03 5.81
N GLU B 56 -7.64 2.45 5.40
CA GLU B 56 -7.60 1.56 4.27
C GLU B 56 -7.81 2.39 3.03
N VAL B 57 -6.82 2.43 2.19
CA VAL B 57 -6.88 3.23 1.02
C VAL B 57 -6.78 2.35 -0.22
N LEU B 58 -7.82 2.38 -1.01
CA LEU B 58 -7.90 1.65 -2.22
C LEU B 58 -7.43 2.53 -3.34
N ILE B 59 -6.24 2.32 -3.80
CA ILE B 59 -5.75 3.08 -4.89
C ILE B 59 -5.89 2.21 -6.13
N GLU B 60 -5.95 2.83 -7.26
CA GLU B 60 -6.24 2.14 -8.49
C GLU B 60 -5.12 2.37 -9.44
N MET B 61 -4.77 1.33 -10.14
CA MET B 61 -3.61 1.38 -10.98
C MET B 61 -3.78 0.55 -12.19
N LEU B 62 -2.91 0.88 -13.10
CA LEU B 62 -2.86 0.26 -14.38
C LEU B 62 -1.61 -0.58 -14.51
N PRO B 63 -1.55 -1.39 -15.56
CA PRO B 63 -0.44 -2.32 -15.81
C PRO B 63 0.93 -1.66 -15.80
N ASP B 64 0.95 -0.33 -15.69
CA ASP B 64 2.23 0.39 -15.63
C ASP B 64 2.59 0.69 -14.19
N GLY B 65 1.61 0.48 -13.32
CA GLY B 65 1.76 0.74 -11.91
C GLY B 65 1.40 2.16 -11.56
N THR B 66 1.26 3.00 -12.57
CA THR B 66 0.72 4.33 -12.38
C THR B 66 -0.63 4.26 -11.72
N ILE B 67 -0.72 4.99 -10.66
CA ILE B 67 -1.91 5.11 -9.89
C ILE B 67 -2.91 6.00 -10.63
N THR B 68 -3.99 5.38 -11.06
CA THR B 68 -4.98 6.01 -11.88
C THR B 68 -6.15 6.50 -11.02
N ASN B 69 -6.30 5.92 -9.83
CA ASN B 69 -7.29 6.41 -8.86
C ASN B 69 -6.82 6.11 -7.45
N ALA B 70 -7.54 6.66 -6.49
CA ALA B 70 -7.28 6.42 -5.07
C ALA B 70 -8.36 7.02 -4.20
N SER B 71 -8.85 6.23 -3.25
CA SER B 71 -9.80 6.68 -2.29
C SER B 71 -9.53 6.08 -0.95
N VAL B 72 -10.24 6.62 -0.01
CA VAL B 72 -10.33 6.04 1.27
C VAL B 72 -11.36 4.97 1.20
N SER B 73 -10.91 3.80 1.45
CA SER B 73 -11.73 2.65 1.41
C SER B 73 -12.34 2.43 2.79
N ARG B 74 -11.59 2.84 3.81
CA ARG B 74 -12.03 2.75 5.18
C ARG B 74 -11.32 3.81 6.01
N SER B 75 -12.08 4.80 6.46
CA SER B 75 -11.56 5.96 7.14
C SER B 75 -11.23 5.65 8.60
N SER B 76 -10.23 6.36 9.14
CA SER B 76 -9.91 6.27 10.56
C SER B 76 -10.86 7.17 11.33
N GLY B 77 -11.65 7.90 10.58
CA GLY B 77 -12.46 8.93 11.16
C GLY B 77 -11.64 10.19 11.33
N ASP B 78 -10.60 10.31 10.49
CA ASP B 78 -9.78 11.51 10.49
C ASP B 78 -9.42 11.83 9.07
N LYS B 79 -10.22 12.69 8.48
CA LYS B 79 -10.10 13.00 7.07
C LYS B 79 -8.71 13.47 6.68
N PRO B 80 -8.08 14.38 7.46
CA PRO B 80 -6.68 14.71 7.27
C PRO B 80 -5.83 13.47 7.20
N PHE B 81 -5.99 12.60 8.19
CA PHE B 81 -5.20 11.41 8.29
C PHE B 81 -5.39 10.57 7.04
N ASP B 82 -6.66 10.30 6.77
CA ASP B 82 -7.09 9.50 5.66
C ASP B 82 -6.57 10.07 4.33
N SER B 83 -6.93 11.32 4.06
CA SER B 83 -6.61 11.98 2.83
C SER B 83 -5.13 12.31 2.64
N SER B 84 -4.42 12.65 3.72
CA SER B 84 -2.98 12.91 3.62
C SER B 84 -2.30 11.71 2.98
N ALA B 85 -2.91 10.59 3.22
CA ALA B 85 -2.41 9.31 2.75
C ALA B 85 -2.87 9.04 1.33
N VAL B 86 -4.02 9.58 1.00
CA VAL B 86 -4.51 9.60 -0.38
C VAL B 86 -3.57 10.43 -1.19
N ALA B 87 -3.14 11.48 -0.62
CA ALA B 87 -2.15 12.30 -1.27
C ALA B 87 -0.80 11.65 -1.23
N ALA B 88 -0.68 10.67 -0.37
CA ALA B 88 0.50 9.87 -0.34
C ALA B 88 0.45 8.96 -1.53
N VAL B 89 -0.72 8.41 -1.78
CA VAL B 89 -0.88 7.46 -2.85
C VAL B 89 -0.77 8.13 -4.20
N ARG B 90 -1.59 9.12 -4.39
CA ARG B 90 -1.60 9.86 -5.62
C ARG B 90 -0.23 10.45 -5.97
N ASN B 91 0.50 10.89 -4.95
CA ASN B 91 1.76 11.59 -5.19
C ASN B 91 2.83 10.66 -5.72
N VAL B 92 2.69 9.38 -5.43
CA VAL B 92 3.63 8.41 -5.94
C VAL B 92 3.39 8.22 -7.44
N GLY B 93 2.10 8.07 -7.69
CA GLY B 93 1.53 8.04 -9.02
C GLY B 93 2.01 6.98 -9.97
N ARG B 94 3.17 6.45 -9.74
CA ARG B 94 3.76 5.43 -10.60
C ARG B 94 4.52 4.41 -9.79
N ILE B 95 4.04 3.20 -9.80
CA ILE B 95 4.71 2.11 -9.13
C ILE B 95 5.46 1.26 -10.14
N PRO B 96 6.72 0.91 -9.79
CA PRO B 96 7.69 0.38 -10.74
C PRO B 96 7.49 -1.08 -11.15
N GLU B 97 7.39 -1.99 -10.18
CA GLU B 97 7.45 -3.43 -10.50
C GLU B 97 6.12 -3.99 -11.01
N MET B 98 5.13 -3.14 -11.22
CA MET B 98 3.84 -3.60 -11.73
C MET B 98 3.97 -4.13 -13.14
N GLN B 99 4.99 -3.66 -13.84
CA GLN B 99 5.29 -4.11 -15.18
C GLN B 99 6.08 -5.41 -15.17
N GLN B 100 6.32 -5.98 -13.99
CA GLN B 100 6.97 -7.22 -13.89
C GLN B 100 5.93 -8.28 -13.83
N LEU B 101 4.96 -8.04 -12.95
CA LEU B 101 3.86 -8.91 -12.82
C LEU B 101 3.10 -9.19 -14.09
N PRO B 102 2.48 -10.34 -14.04
CA PRO B 102 1.42 -10.75 -14.93
C PRO B 102 0.26 -9.76 -14.83
N ARG B 103 -0.32 -9.41 -15.97
CA ARG B 103 -1.51 -8.56 -16.01
C ARG B 103 -2.55 -9.09 -15.02
N ALA B 104 -2.72 -10.40 -15.07
CA ALA B 104 -3.63 -11.12 -14.19
C ALA B 104 -3.23 -11.01 -12.72
N THR B 105 -1.94 -10.97 -12.45
CA THR B 105 -1.44 -10.94 -11.10
C THR B 105 -1.58 -9.55 -10.57
N PHE B 106 -1.28 -8.62 -11.44
CA PHE B 106 -1.47 -7.24 -11.19
C PHE B 106 -2.94 -6.98 -10.82
N ASP B 107 -3.84 -7.51 -11.64
CA ASP B 107 -5.29 -7.40 -11.43
C ASP B 107 -5.69 -7.90 -10.06
N SER B 108 -5.03 -8.96 -9.67
CA SER B 108 -5.35 -9.63 -8.43
C SER B 108 -5.07 -8.68 -7.29
N LEU B 109 -3.89 -8.13 -7.37
CA LEU B 109 -3.28 -7.45 -6.26
C LEU B 109 -3.32 -5.93 -6.34
N TYR B 110 -2.74 -5.41 -7.39
CA TYR B 110 -2.35 -4.02 -7.42
C TYR B 110 -3.20 -3.21 -8.35
N ARG B 111 -4.09 -3.87 -9.07
CA ARG B 111 -5.07 -3.19 -9.86
C ARG B 111 -5.81 -2.19 -8.98
N GLN B 112 -6.11 -2.63 -7.78
CA GLN B 112 -6.45 -1.79 -6.69
C GLN B 112 -5.63 -2.25 -5.51
N ARG B 113 -4.68 -1.45 -5.08
CA ARG B 113 -3.75 -1.94 -4.08
C ARG B 113 -4.13 -1.31 -2.76
N ARG B 114 -4.55 -2.11 -1.80
CA ARG B 114 -4.94 -1.54 -0.54
C ARG B 114 -3.75 -1.25 0.33
N ILE B 115 -3.59 0.02 0.58
CA ILE B 115 -2.56 0.51 1.45
C ILE B 115 -3.17 0.84 2.81
N ILE B 116 -2.67 0.25 3.89
CA ILE B 116 -3.21 0.51 5.21
C ILE B 116 -2.26 1.44 5.95
N PHE B 117 -2.70 2.67 6.17
CA PHE B 117 -1.86 3.64 6.82
C PHE B 117 -2.04 3.54 8.32
N LYS B 118 -1.10 2.91 8.98
CA LYS B 118 -1.23 2.65 10.39
C LYS B 118 0.10 2.96 11.09
N PRO B 119 0.25 4.22 11.54
CA PRO B 119 1.40 4.79 12.25
C PRO B 119 2.20 3.89 13.18
N GLU B 120 3.30 4.49 13.62
CA GLU B 120 4.20 3.94 14.60
C GLU B 120 4.88 5.08 15.34
N ASP B 121 4.83 5.00 16.66
CA ASP B 121 5.48 5.97 17.56
C ASP B 121 5.13 7.42 17.24
N LEU B 122 3.91 7.82 17.57
CA LEU B 122 3.53 9.22 17.51
C LEU B 122 4.05 9.96 18.74
N SER B 123 3.19 10.04 19.72
CA SER B 123 3.45 10.76 20.96
C SER B 123 2.36 10.41 21.95
N LEU B 124 1.17 10.42 21.40
CA LEU B 124 -0.04 10.17 22.15
C LEU B 124 -0.72 8.91 21.65
N ALA A 1 -3.49 -7.87 -2.66
CA ALA A 1 -2.10 -8.00 -2.15
C ALA A 1 -2.06 -7.80 -0.64
N ASP A 2 -3.24 -7.84 0.00
CA ASP A 2 -3.37 -7.67 1.46
C ASP A 2 -3.05 -6.23 1.87
N PRO A 3 -3.98 -5.57 2.59
CA PRO A 3 -3.73 -4.22 3.11
C PRO A 3 -2.52 -4.21 4.04
N LEU A 4 -1.49 -3.47 3.67
CA LEU A 4 -0.24 -3.49 4.42
C LEU A 4 -0.14 -2.28 5.31
N VAL A 5 0.38 -2.48 6.51
CA VAL A 5 0.56 -1.41 7.47
C VAL A 5 1.70 -0.48 7.05
N ILE A 6 1.34 0.75 6.70
CA ILE A 6 2.31 1.78 6.44
C ILE A 6 2.27 2.82 7.56
N SER A 7 3.39 3.00 8.22
CA SER A 7 3.48 3.90 9.38
C SER A 7 4.27 5.15 9.04
N SER A 8 5.21 4.98 8.12
CA SER A 8 6.07 6.05 7.67
C SER A 8 5.29 7.08 6.87
N GLY A 9 5.71 8.32 6.94
CA GLY A 9 5.04 9.39 6.22
C GLY A 9 5.25 10.70 6.93
N ASN A 10 6.06 11.57 6.34
CA ASN A 10 6.48 12.78 7.03
C ASN A 10 6.54 13.93 6.03
N ASP A 11 6.60 15.15 6.57
CA ASP A 11 6.61 16.39 5.78
C ASP A 11 7.92 16.54 5.02
N ARG A 12 8.77 15.54 5.19
CA ARG A 12 10.05 15.43 4.49
C ARG A 12 9.88 15.45 2.98
N ALA A 13 11.00 15.50 2.28
CA ALA A 13 11.00 15.45 0.82
C ALA A 13 11.75 14.21 0.33
N HIS B 1 -29.59 -7.73 35.74
CA HIS B 1 -29.14 -7.71 34.33
C HIS B 1 -29.97 -6.73 33.52
N MET B 2 -29.77 -5.45 33.78
CA MET B 2 -30.48 -4.38 33.09
C MET B 2 -29.76 -3.06 33.31
N ARG B 3 -28.44 -3.13 33.35
CA ARG B 3 -27.62 -1.98 33.66
C ARG B 3 -26.56 -1.76 32.58
N ALA B 4 -26.59 -0.59 31.95
CA ALA B 4 -25.62 -0.21 30.93
C ALA B 4 -25.57 -1.24 29.81
N LEU B 5 -26.72 -1.61 29.27
CA LEU B 5 -26.80 -2.57 28.18
C LEU B 5 -26.57 -1.85 26.84
N ALA B 6 -25.44 -1.18 26.76
CA ALA B 6 -25.04 -0.46 25.55
C ALA B 6 -23.81 -1.13 24.94
N GLU B 7 -24.06 -1.96 23.94
CA GLU B 7 -23.00 -2.72 23.30
C GLU B 7 -22.07 -1.83 22.49
N LEU B 8 -20.83 -1.73 22.94
CA LEU B 8 -19.83 -0.92 22.26
C LEU B 8 -18.90 -1.82 21.45
N LEU B 9 -19.39 -2.29 20.31
CA LEU B 9 -18.62 -3.19 19.45
C LEU B 9 -19.01 -2.95 17.99
N SER B 10 -18.71 -1.77 17.49
CA SER B 10 -19.01 -1.44 16.10
C SER B 10 -17.75 -1.48 15.24
N ASP B 11 -16.87 -0.52 15.44
CA ASP B 11 -15.62 -0.44 14.68
C ASP B 11 -14.43 -0.47 15.64
N THR B 12 -14.43 -1.47 16.50
CA THR B 12 -13.37 -1.66 17.47
C THR B 12 -12.16 -2.35 16.82
N THR B 13 -12.43 -3.43 16.09
CA THR B 13 -11.39 -4.18 15.39
C THR B 13 -10.48 -4.91 16.38
N GLU B 14 -10.89 -6.12 16.77
CA GLU B 14 -10.11 -6.94 17.69
C GLU B 14 -9.34 -7.98 16.91
N ARG B 15 -9.83 -8.25 15.73
CA ARG B 15 -9.27 -9.27 14.88
C ARG B 15 -8.12 -8.73 14.06
N GLN B 16 -6.91 -8.88 14.59
CA GLN B 16 -5.70 -8.49 13.88
C GLN B 16 -5.52 -9.35 12.64
N GLN B 17 -5.61 -10.68 12.85
CA GLN B 17 -5.59 -11.63 11.74
C GLN B 17 -4.33 -11.48 10.90
N ALA B 18 -3.19 -11.78 11.51
CA ALA B 18 -1.91 -11.69 10.81
C ALA B 18 -1.56 -13.03 10.16
N LEU B 19 -2.25 -14.08 10.58
CA LEU B 19 -2.09 -15.38 9.99
C LEU B 19 -2.83 -15.42 8.66
N ALA B 20 -2.10 -15.28 7.57
CA ALA B 20 -2.69 -15.24 6.25
C ALA B 20 -1.79 -15.91 5.22
N ASP B 21 -2.40 -16.73 4.38
CA ASP B 21 -1.68 -17.41 3.30
C ASP B 21 -1.55 -16.48 2.10
N GLU B 22 -1.03 -17.01 0.99
CA GLU B 22 -0.88 -16.25 -0.21
C GLU B 22 -2.19 -15.62 -0.64
N VAL B 23 -2.18 -14.30 -0.77
CA VAL B 23 -3.40 -13.55 -1.00
C VAL B 23 -3.73 -13.41 -2.47
N GLY B 24 -5.01 -13.20 -2.71
CA GLY B 24 -5.53 -13.12 -4.06
C GLY B 24 -5.52 -14.47 -4.73
N SER B 25 -4.71 -14.60 -5.76
CA SER B 25 -4.53 -15.87 -6.42
C SER B 25 -3.06 -16.30 -6.45
N GLU B 26 -2.16 -15.37 -6.08
CA GLU B 26 -0.77 -15.62 -6.05
C GLU B 26 -0.18 -14.92 -4.84
N VAL B 27 0.65 -13.93 -5.10
CA VAL B 27 1.36 -13.23 -4.04
C VAL B 27 1.74 -11.83 -4.48
N THR B 28 2.38 -11.13 -3.57
CA THR B 28 2.65 -9.70 -3.72
C THR B 28 4.13 -9.41 -3.92
N GLY B 29 4.89 -10.45 -4.12
CA GLY B 29 6.31 -10.29 -4.35
C GLY B 29 6.97 -9.46 -3.27
N SER B 30 7.59 -8.38 -3.70
CA SER B 30 8.10 -7.35 -2.81
C SER B 30 7.41 -6.05 -3.13
N LEU B 31 6.34 -6.19 -3.84
CA LEU B 31 5.68 -5.10 -4.54
C LEU B 31 4.84 -4.30 -3.58
N ASP B 32 4.13 -5.01 -2.74
CA ASP B 32 3.22 -4.43 -1.78
C ASP B 32 3.94 -3.40 -0.91
N ASP B 33 5.07 -3.83 -0.41
CA ASP B 33 5.93 -3.05 0.44
C ASP B 33 6.53 -1.88 -0.31
N LEU B 34 6.77 -2.09 -1.59
CA LEU B 34 7.22 -1.05 -2.46
C LEU B 34 6.25 0.07 -2.54
N ILE B 35 5.01 -0.27 -2.87
CA ILE B 35 3.92 0.67 -2.91
C ILE B 35 3.89 1.50 -1.64
N VAL B 36 4.03 0.78 -0.56
CA VAL B 36 4.06 1.28 0.77
C VAL B 36 5.32 2.09 1.01
N ASN B 37 6.40 1.65 0.40
CA ASN B 37 7.68 2.29 0.48
C ASN B 37 7.53 3.66 -0.07
N LEU B 38 6.96 3.62 -1.23
CA LEU B 38 6.66 4.76 -2.03
C LEU B 38 5.68 5.70 -1.34
N VAL B 39 4.60 5.14 -0.80
CA VAL B 39 3.50 5.91 -0.28
C VAL B 39 3.94 6.80 0.87
N SER B 40 4.85 6.31 1.68
CA SER B 40 5.34 7.03 2.84
C SER B 40 6.41 8.05 2.47
N GLN B 41 6.97 7.90 1.29
CA GLN B 41 7.91 8.88 0.81
C GLN B 41 7.09 10.08 0.42
N GLN B 42 5.92 9.76 -0.09
CA GLN B 42 4.90 10.68 -0.46
C GLN B 42 3.99 11.09 0.70
N TRP B 43 3.96 10.29 1.75
CA TRP B 43 3.01 10.51 2.82
C TRP B 43 3.57 11.48 3.84
N ARG B 44 2.67 11.87 4.65
CA ARG B 44 2.86 12.90 5.66
C ARG B 44 1.85 12.71 6.79
N ARG B 45 2.29 12.18 7.93
CA ARG B 45 1.39 11.95 9.04
C ARG B 45 1.19 13.24 9.81
N PRO B 46 -0.01 13.41 10.37
CA PRO B 46 -0.41 14.60 11.10
C PRO B 46 -0.26 14.45 12.61
N PRO B 47 -0.03 15.56 13.29
CA PRO B 47 -0.09 15.67 14.75
C PRO B 47 -1.40 15.13 15.34
N SER B 48 -2.41 14.97 14.49
CA SER B 48 -3.71 14.46 14.91
C SER B 48 -3.68 12.94 15.00
N ALA B 49 -2.83 12.32 14.19
CA ALA B 49 -2.67 10.89 14.21
C ALA B 49 -2.16 10.41 15.54
N ARG B 50 -2.70 9.31 16.00
CA ARG B 50 -2.31 8.71 17.27
C ARG B 50 -2.08 7.23 17.05
N ASN B 51 -1.49 6.56 18.03
CA ASN B 51 -1.19 5.13 17.90
C ASN B 51 -2.43 4.37 17.43
N GLY B 52 -2.24 3.43 16.51
CA GLY B 52 -3.31 2.61 15.98
C GLY B 52 -4.52 3.33 15.40
N MET B 53 -4.36 4.54 14.92
CA MET B 53 -5.28 5.10 14.00
C MET B 53 -4.90 4.57 12.62
N SER B 54 -5.82 4.43 11.70
CA SER B 54 -5.45 3.94 10.38
C SER B 54 -6.58 4.08 9.39
N VAL B 55 -6.15 4.09 8.18
CA VAL B 55 -7.00 4.32 7.04
C VAL B 55 -6.68 3.31 5.97
N GLU B 56 -7.70 2.62 5.50
CA GLU B 56 -7.52 1.73 4.40
C GLU B 56 -7.76 2.49 3.13
N VAL B 57 -6.77 2.49 2.28
CA VAL B 57 -6.82 3.24 1.07
C VAL B 57 -6.76 2.33 -0.13
N LEU B 58 -7.80 2.35 -0.93
CA LEU B 58 -7.88 1.58 -2.13
C LEU B 58 -7.32 2.39 -3.27
N ILE B 59 -6.27 1.89 -3.86
CA ILE B 59 -5.73 2.51 -5.02
C ILE B 59 -6.27 1.83 -6.25
N GLU B 60 -6.04 2.48 -7.32
CA GLU B 60 -6.32 1.97 -8.63
C GLU B 60 -5.20 2.33 -9.55
N MET B 61 -4.86 1.41 -10.40
CA MET B 61 -3.65 1.55 -11.18
C MET B 61 -3.73 0.85 -12.51
N LEU B 62 -2.83 1.33 -13.33
CA LEU B 62 -2.60 0.90 -14.68
C LEU B 62 -1.62 -0.25 -14.67
N PRO B 63 -1.58 -1.04 -15.76
CA PRO B 63 -0.62 -2.14 -15.94
C PRO B 63 0.84 -1.66 -15.86
N ASP B 64 1.01 -0.35 -15.71
CA ASP B 64 2.33 0.25 -15.57
C ASP B 64 2.64 0.43 -14.11
N GLY B 65 1.56 0.44 -13.33
CA GLY B 65 1.62 0.75 -11.94
C GLY B 65 1.30 2.20 -11.72
N THR B 66 1.07 2.90 -12.81
CA THR B 66 0.59 4.25 -12.76
C THR B 66 -0.76 4.28 -12.10
N ILE B 67 -0.82 5.00 -11.02
CA ILE B 67 -1.98 5.16 -10.23
C ILE B 67 -3.06 5.94 -10.98
N THR B 68 -4.17 5.26 -11.22
CA THR B 68 -5.27 5.81 -11.95
C THR B 68 -6.37 6.31 -11.01
N ASN B 69 -6.41 5.73 -9.81
CA ASN B 69 -7.33 6.19 -8.77
C ASN B 69 -6.78 5.87 -7.41
N ALA B 70 -7.44 6.41 -6.40
CA ALA B 70 -7.12 6.15 -5.00
C ALA B 70 -8.16 6.80 -4.13
N SER B 71 -8.74 6.01 -3.23
CA SER B 71 -9.71 6.51 -2.31
C SER B 71 -9.49 5.92 -0.94
N VAL B 72 -10.19 6.52 -0.03
CA VAL B 72 -10.35 5.95 1.25
C VAL B 72 -11.36 4.86 1.15
N SER B 73 -10.88 3.70 1.40
CA SER B 73 -11.68 2.54 1.37
C SER B 73 -12.32 2.33 2.74
N ARG B 74 -11.57 2.74 3.77
CA ARG B 74 -12.04 2.70 5.15
C ARG B 74 -11.35 3.79 5.94
N SER B 75 -12.13 4.72 6.47
CA SER B 75 -11.59 5.90 7.11
C SER B 75 -11.22 5.65 8.57
N SER B 76 -10.23 6.40 9.06
CA SER B 76 -9.82 6.35 10.46
C SER B 76 -10.71 7.24 11.30
N GLY B 77 -11.50 8.03 10.60
CA GLY B 77 -12.30 9.05 11.22
C GLY B 77 -11.63 10.40 11.16
N ASP B 78 -10.34 10.38 10.84
CA ASP B 78 -9.60 11.61 10.63
C ASP B 78 -9.34 11.75 9.17
N LYS B 79 -10.19 12.53 8.54
CA LYS B 79 -10.16 12.70 7.10
C LYS B 79 -8.80 13.23 6.62
N PRO B 80 -8.19 14.21 7.31
CA PRO B 80 -6.81 14.56 7.09
C PRO B 80 -5.92 13.36 7.10
N PHE B 81 -6.04 12.53 8.13
CA PHE B 81 -5.20 11.37 8.24
C PHE B 81 -5.39 10.49 7.00
N ASP B 82 -6.66 10.20 6.73
CA ASP B 82 -7.06 9.40 5.60
C ASP B 82 -6.51 9.96 4.30
N SER B 83 -6.89 11.19 4.00
CA SER B 83 -6.57 11.85 2.75
C SER B 83 -5.09 12.15 2.59
N SER B 84 -4.41 12.51 3.67
CA SER B 84 -2.97 12.80 3.61
C SER B 84 -2.26 11.62 3.00
N ALA B 85 -2.84 10.48 3.25
CA ALA B 85 -2.33 9.22 2.80
C ALA B 85 -2.80 8.92 1.39
N VAL B 86 -3.97 9.44 1.06
CA VAL B 86 -4.44 9.43 -0.33
C VAL B 86 -3.51 10.26 -1.15
N ALA B 87 -3.10 11.31 -0.58
CA ALA B 87 -2.16 12.16 -1.23
C ALA B 87 -0.78 11.55 -1.19
N ALA B 88 -0.64 10.57 -0.35
CA ALA B 88 0.56 9.79 -0.33
C ALA B 88 0.53 8.89 -1.53
N VAL B 89 -0.63 8.30 -1.77
CA VAL B 89 -0.76 7.36 -2.84
C VAL B 89 -0.70 8.02 -4.19
N ARG B 90 -1.55 9.00 -4.36
CA ARG B 90 -1.63 9.75 -5.58
C ARG B 90 -0.30 10.41 -5.96
N ASN B 91 0.46 10.85 -4.95
CA ASN B 91 1.70 11.57 -5.20
C ASN B 91 2.74 10.66 -5.81
N VAL B 92 2.63 9.35 -5.55
CA VAL B 92 3.57 8.40 -6.12
C VAL B 92 3.33 8.29 -7.62
N GLY B 93 2.06 8.20 -7.91
CA GLY B 93 1.51 8.24 -9.25
C GLY B 93 1.88 7.12 -10.20
N ARG B 94 3.02 6.54 -10.00
CA ARG B 94 3.47 5.43 -10.84
C ARG B 94 4.28 4.44 -10.00
N ILE B 95 3.84 3.20 -9.97
CA ILE B 95 4.50 2.15 -9.24
C ILE B 95 5.26 1.22 -10.18
N PRO B 96 6.48 0.84 -9.77
CA PRO B 96 7.49 0.27 -10.64
C PRO B 96 7.23 -1.15 -11.14
N GLU B 97 7.07 -2.11 -10.24
CA GLU B 97 7.19 -3.52 -10.60
C GLU B 97 5.94 -4.15 -11.22
N MET B 98 4.90 -3.37 -11.49
CA MET B 98 3.69 -3.90 -12.11
C MET B 98 3.97 -4.54 -13.45
N GLN B 99 5.06 -4.12 -14.07
CA GLN B 99 5.44 -4.65 -15.36
C GLN B 99 6.23 -5.94 -15.24
N GLN B 100 6.38 -6.50 -14.03
CA GLN B 100 7.03 -7.76 -13.90
C GLN B 100 5.94 -8.79 -13.84
N LEU B 101 4.97 -8.49 -12.99
CA LEU B 101 3.81 -9.29 -12.89
C LEU B 101 3.06 -9.49 -14.17
N PRO B 102 2.34 -10.58 -14.16
CA PRO B 102 1.26 -10.85 -15.07
C PRO B 102 0.20 -9.77 -14.93
N ARG B 103 -0.39 -9.32 -16.03
CA ARG B 103 -1.52 -8.40 -15.97
C ARG B 103 -2.59 -8.94 -15.04
N ALA B 104 -2.84 -10.24 -15.18
CA ALA B 104 -3.78 -10.96 -14.34
C ALA B 104 -3.38 -10.93 -12.87
N THR B 105 -2.09 -10.89 -12.60
CA THR B 105 -1.60 -10.92 -11.26
C THR B 105 -1.62 -9.53 -10.69
N PHE B 106 -1.29 -8.60 -11.55
CA PHE B 106 -1.41 -7.21 -11.24
C PHE B 106 -2.87 -6.89 -10.91
N ASP B 107 -3.78 -7.40 -11.73
CA ASP B 107 -5.23 -7.25 -11.54
C ASP B 107 -5.65 -7.78 -10.20
N SER B 108 -4.94 -8.79 -9.77
CA SER B 108 -5.22 -9.48 -8.53
C SER B 108 -4.87 -8.57 -7.38
N LEU B 109 -3.69 -8.01 -7.49
CA LEU B 109 -3.04 -7.33 -6.40
C LEU B 109 -3.04 -5.82 -6.48
N TYR B 110 -2.45 -5.29 -7.54
CA TYR B 110 -2.05 -3.91 -7.57
C TYR B 110 -2.94 -3.08 -8.47
N ARG B 111 -3.86 -3.75 -9.16
CA ARG B 111 -4.90 -3.07 -9.88
C ARG B 111 -5.62 -2.11 -8.95
N GLN B 112 -6.05 -2.65 -7.84
CA GLN B 112 -6.44 -1.86 -6.71
C GLN B 112 -5.55 -2.24 -5.54
N ARG B 113 -4.72 -1.31 -5.11
CA ARG B 113 -3.71 -1.63 -4.13
C ARG B 113 -4.15 -1.07 -2.78
N ARG B 114 -4.50 -1.95 -1.84
CA ARG B 114 -4.92 -1.47 -0.53
C ARG B 114 -3.75 -1.23 0.39
N ILE B 115 -3.66 0.01 0.81
CA ILE B 115 -2.63 0.47 1.71
C ILE B 115 -3.24 0.92 3.03
N ILE B 116 -2.80 0.32 4.14
CA ILE B 116 -3.32 0.67 5.45
C ILE B 116 -2.33 1.58 6.14
N PHE B 117 -2.69 2.83 6.32
CA PHE B 117 -1.78 3.76 6.95
C PHE B 117 -2.02 3.71 8.44
N LYS B 118 -1.16 2.99 9.15
CA LYS B 118 -1.38 2.69 10.54
C LYS B 118 -0.09 2.89 11.33
N PRO B 119 -0.05 3.99 12.11
CA PRO B 119 1.06 4.40 12.97
C PRO B 119 1.97 3.32 13.53
N GLU B 120 3.21 3.77 13.74
CA GLU B 120 4.23 3.06 14.44
C GLU B 120 5.21 4.10 14.97
N ASP B 121 5.21 4.29 16.26
CA ASP B 121 6.05 5.28 16.92
C ASP B 121 5.76 6.70 16.41
N LEU B 122 4.60 7.22 16.78
CA LEU B 122 4.28 8.61 16.53
C LEU B 122 4.99 9.51 17.54
N SER B 123 4.55 10.75 17.64
CA SER B 123 5.05 11.66 18.65
C SER B 123 4.62 11.21 20.03
N LEU B 124 3.48 10.58 20.06
CA LEU B 124 2.73 10.40 21.26
C LEU B 124 2.87 8.98 21.80
N ALA A 1 -4.11 -9.10 -2.93
CA ALA A 1 -2.90 -8.81 -2.13
C ALA A 1 -3.30 -8.62 -0.67
N ASP A 2 -2.32 -8.37 0.18
CA ASP A 2 -2.59 -8.12 1.59
C ASP A 2 -2.28 -6.66 1.92
N PRO A 3 -3.32 -5.89 2.31
CA PRO A 3 -3.16 -4.48 2.70
C PRO A 3 -2.08 -4.32 3.76
N LEU A 4 -1.04 -3.55 3.44
CA LEU A 4 0.15 -3.53 4.29
C LEU A 4 0.13 -2.34 5.23
N VAL A 5 0.60 -2.58 6.45
CA VAL A 5 0.71 -1.53 7.44
C VAL A 5 1.84 -0.57 7.10
N ILE A 6 1.47 0.62 6.67
CA ILE A 6 2.42 1.67 6.39
C ILE A 6 2.47 2.64 7.58
N SER A 7 3.60 2.63 8.26
CA SER A 7 3.76 3.40 9.50
C SER A 7 4.59 4.66 9.29
N SER A 8 5.35 4.66 8.21
CA SER A 8 6.15 5.81 7.82
C SER A 8 5.23 6.93 7.32
N GLY A 9 5.81 8.01 6.82
CA GLY A 9 5.02 9.05 6.19
C GLY A 9 5.40 10.41 6.70
N ASN A 10 6.42 10.96 6.08
CA ASN A 10 7.05 12.17 6.56
C ASN A 10 7.81 12.85 5.43
N ASP A 11 8.22 14.09 5.68
CA ASP A 11 8.86 14.92 4.67
C ASP A 11 10.30 14.50 4.39
N ARG A 12 10.87 13.75 5.32
CA ARG A 12 12.26 13.26 5.21
C ARG A 12 12.38 12.13 4.18
N ALA A 13 11.85 12.36 3.00
CA ALA A 13 11.90 11.37 1.93
C ALA A 13 13.10 11.61 1.01
N HIS B 1 -35.63 -23.72 -12.08
CA HIS B 1 -35.27 -22.32 -11.77
C HIS B 1 -34.20 -22.27 -10.71
N MET B 2 -32.96 -22.07 -11.13
CA MET B 2 -31.85 -21.98 -10.20
C MET B 2 -31.78 -20.57 -9.62
N ARG B 3 -31.93 -20.47 -8.31
CA ARG B 3 -31.89 -19.18 -7.64
C ARG B 3 -30.54 -18.98 -6.96
N ALA B 4 -29.87 -17.88 -7.31
CA ALA B 4 -28.56 -17.57 -6.76
C ALA B 4 -28.64 -17.33 -5.26
N LEU B 5 -27.68 -17.87 -4.54
CA LEU B 5 -27.62 -17.68 -3.10
C LEU B 5 -26.28 -17.04 -2.74
N ALA B 6 -25.21 -17.68 -3.18
CA ALA B 6 -23.86 -17.17 -2.95
C ALA B 6 -22.93 -17.76 -3.99
N GLU B 7 -22.84 -19.08 -4.00
CA GLU B 7 -22.05 -19.85 -4.95
C GLU B 7 -20.57 -19.47 -4.91
N LEU B 8 -19.77 -20.38 -4.37
CA LEU B 8 -18.33 -20.20 -4.32
C LEU B 8 -17.72 -20.55 -5.66
N LEU B 9 -17.80 -19.62 -6.59
CA LEU B 9 -17.33 -19.83 -7.96
C LEU B 9 -15.86 -20.22 -7.98
N SER B 10 -15.06 -19.45 -7.26
CA SER B 10 -13.63 -19.66 -7.23
C SER B 10 -13.17 -20.20 -5.88
N ASP B 11 -13.73 -21.33 -5.49
CA ASP B 11 -13.34 -21.99 -4.24
C ASP B 11 -11.97 -22.60 -4.41
N THR B 12 -11.66 -23.01 -5.64
CA THR B 12 -10.36 -23.53 -6.01
C THR B 12 -10.01 -24.77 -5.17
N THR B 13 -8.71 -25.07 -5.08
CA THR B 13 -8.21 -26.21 -4.32
C THR B 13 -8.67 -27.53 -4.96
N GLU B 14 -9.85 -27.97 -4.59
CA GLU B 14 -10.41 -29.21 -5.12
C GLU B 14 -11.74 -28.96 -5.80
N ARG B 15 -12.22 -27.74 -5.70
CA ARG B 15 -13.49 -27.35 -6.28
C ARG B 15 -13.30 -26.82 -7.71
N GLN B 16 -12.28 -27.34 -8.39
CA GLN B 16 -11.98 -26.96 -9.77
C GLN B 16 -11.70 -25.45 -9.86
N GLN B 17 -12.16 -24.84 -10.95
CA GLN B 17 -11.88 -23.42 -11.24
C GLN B 17 -10.39 -23.23 -11.54
N ALA B 18 -9.97 -23.79 -12.67
CA ALA B 18 -8.59 -23.69 -13.14
C ALA B 18 -7.61 -24.43 -12.22
N LEU B 19 -6.39 -24.59 -12.70
CA LEU B 19 -5.35 -25.28 -11.95
C LEU B 19 -4.93 -24.43 -10.75
N ALA B 20 -4.98 -25.02 -9.56
CA ALA B 20 -4.57 -24.32 -8.35
C ALA B 20 -3.06 -24.28 -8.25
N ASP B 21 -2.52 -23.08 -8.07
CA ASP B 21 -1.09 -22.90 -7.92
C ASP B 21 -0.73 -22.99 -6.45
N GLU B 22 0.55 -22.82 -6.15
CA GLU B 22 1.02 -22.98 -4.79
C GLU B 22 0.59 -21.80 -3.92
N VAL B 23 -0.25 -22.11 -2.96
CA VAL B 23 -0.82 -21.11 -2.09
C VAL B 23 0.18 -20.67 -1.03
N GLY B 24 -0.02 -19.46 -0.56
CA GLY B 24 0.91 -18.85 0.39
C GLY B 24 2.10 -18.26 -0.33
N SER B 25 2.78 -19.08 -1.11
CA SER B 25 3.86 -18.62 -1.97
C SER B 25 3.29 -18.26 -3.34
N GLU B 26 2.32 -17.36 -3.33
CA GLU B 26 1.59 -16.99 -4.52
C GLU B 26 2.09 -15.71 -5.14
N VAL B 27 1.55 -14.63 -4.69
CA VAL B 27 1.70 -13.34 -5.37
C VAL B 27 1.91 -12.19 -4.40
N THR B 28 1.66 -10.95 -4.89
CA THR B 28 1.97 -9.71 -4.20
C THR B 28 3.36 -9.79 -3.60
N GLY B 29 4.30 -9.76 -4.52
CA GLY B 29 5.71 -9.83 -4.22
C GLY B 29 6.24 -8.67 -3.40
N SER B 30 7.40 -8.20 -3.80
CA SER B 30 8.11 -7.09 -3.17
C SER B 30 7.47 -5.79 -3.50
N LEU B 31 6.39 -5.95 -4.15
CA LEU B 31 5.66 -4.90 -4.85
C LEU B 31 4.78 -4.13 -3.89
N ASP B 32 4.04 -4.82 -3.04
CA ASP B 32 3.10 -4.17 -2.14
C ASP B 32 3.83 -3.20 -1.21
N ASP B 33 4.92 -3.70 -0.70
CA ASP B 33 5.83 -2.95 0.15
C ASP B 33 6.39 -1.77 -0.56
N LEU B 34 6.59 -1.92 -1.85
CA LEU B 34 7.02 -0.86 -2.68
C LEU B 34 6.03 0.26 -2.71
N ILE B 35 4.80 -0.10 -3.01
CA ILE B 35 3.69 0.82 -2.99
C ILE B 35 3.68 1.62 -1.69
N VAL B 36 3.81 0.87 -0.64
CA VAL B 36 3.91 1.32 0.70
C VAL B 36 5.17 2.16 0.92
N ASN B 37 6.23 1.72 0.29
CA ASN B 37 7.53 2.36 0.38
C ASN B 37 7.38 3.75 -0.13
N LEU B 38 6.81 3.73 -1.29
CA LEU B 38 6.55 4.90 -2.06
C LEU B 38 5.58 5.87 -1.37
N VAL B 39 4.52 5.31 -0.81
CA VAL B 39 3.42 6.09 -0.27
C VAL B 39 3.87 7.02 0.83
N SER B 40 4.69 6.52 1.73
CA SER B 40 5.14 7.28 2.86
C SER B 40 6.34 8.15 2.52
N GLN B 41 6.90 7.96 1.34
CA GLN B 41 7.90 8.88 0.84
C GLN B 41 7.14 10.10 0.41
N GLN B 42 5.86 9.84 0.19
CA GLN B 42 4.92 10.82 -0.30
C GLN B 42 3.94 11.27 0.78
N TRP B 43 3.86 10.50 1.85
CA TRP B 43 2.89 10.74 2.90
C TRP B 43 3.46 11.73 3.90
N ARG B 44 2.56 12.14 4.75
CA ARG B 44 2.78 13.14 5.78
C ARG B 44 1.82 12.93 6.94
N ARG B 45 2.34 12.51 8.08
CA ARG B 45 1.49 12.30 9.25
C ARG B 45 1.04 13.63 9.84
N PRO B 46 -0.16 13.65 10.41
CA PRO B 46 -0.75 14.80 11.06
C PRO B 46 -0.57 14.74 12.58
N PRO B 47 -0.92 15.82 13.28
CA PRO B 47 -0.87 15.90 14.73
C PRO B 47 -2.12 15.30 15.34
N SER B 48 -3.05 14.99 14.46
CA SER B 48 -4.30 14.36 14.84
C SER B 48 -4.14 12.86 14.96
N ALA B 49 -3.17 12.30 14.23
CA ALA B 49 -2.96 10.86 14.23
C ALA B 49 -2.56 10.34 15.60
N ARG B 50 -3.06 9.17 15.93
CA ARG B 50 -2.69 8.49 17.17
C ARG B 50 -1.98 7.18 16.84
N ASN B 51 -1.39 6.53 17.85
CA ASN B 51 -0.46 5.42 17.64
C ASN B 51 -1.15 4.12 17.27
N GLY B 52 -1.88 4.23 16.22
CA GLY B 52 -2.51 3.09 15.59
C GLY B 52 -3.89 3.42 15.07
N MET B 53 -4.04 4.65 14.60
CA MET B 53 -5.14 5.06 13.84
C MET B 53 -4.81 4.66 12.42
N SER B 54 -5.78 4.41 11.57
CA SER B 54 -5.43 3.87 10.28
C SER B 54 -6.43 4.17 9.21
N VAL B 55 -5.94 4.08 8.01
CA VAL B 55 -6.73 4.30 6.83
C VAL B 55 -6.52 3.15 5.89
N GLU B 56 -7.59 2.49 5.50
CA GLU B 56 -7.51 1.60 4.38
C GLU B 56 -7.72 2.44 3.16
N VAL B 57 -6.73 2.43 2.30
CA VAL B 57 -6.79 3.21 1.11
C VAL B 57 -6.68 2.31 -0.11
N LEU B 58 -7.74 2.31 -0.90
CA LEU B 58 -7.81 1.54 -2.10
C LEU B 58 -7.29 2.33 -3.25
N ILE B 59 -6.23 1.87 -3.81
CA ILE B 59 -5.68 2.48 -4.95
C ILE B 59 -6.23 1.82 -6.17
N GLU B 60 -5.97 2.47 -7.24
CA GLU B 60 -6.27 1.95 -8.56
C GLU B 60 -5.12 2.27 -9.45
N MET B 61 -4.81 1.36 -10.31
CA MET B 61 -3.59 1.45 -11.08
C MET B 61 -3.69 0.80 -12.43
N LEU B 62 -2.73 1.19 -13.21
CA LEU B 62 -2.51 0.74 -14.54
C LEU B 62 -1.53 -0.41 -14.54
N PRO B 63 -1.49 -1.22 -15.60
CA PRO B 63 -0.51 -2.31 -15.75
C PRO B 63 0.92 -1.80 -15.76
N ASP B 64 1.06 -0.48 -15.66
CA ASP B 64 2.36 0.17 -15.57
C ASP B 64 2.71 0.34 -14.12
N GLY B 65 1.68 0.40 -13.32
CA GLY B 65 1.79 0.69 -11.93
C GLY B 65 1.40 2.12 -11.64
N THR B 66 1.21 2.90 -12.69
CA THR B 66 0.67 4.23 -12.55
C THR B 66 -0.67 4.16 -11.88
N ILE B 67 -0.72 4.86 -10.78
CA ILE B 67 -1.89 5.00 -9.99
C ILE B 67 -2.93 5.82 -10.73
N THR B 68 -4.03 5.17 -11.06
CA THR B 68 -5.07 5.77 -11.85
C THR B 68 -6.19 6.25 -10.93
N ASN B 69 -6.27 5.67 -9.74
CA ASN B 69 -7.20 6.13 -8.71
C ASN B 69 -6.65 5.86 -7.34
N ALA B 70 -7.33 6.39 -6.37
CA ALA B 70 -7.03 6.16 -4.96
C ALA B 70 -8.13 6.76 -4.10
N SER B 71 -8.67 5.95 -3.22
CA SER B 71 -9.65 6.40 -2.28
C SER B 71 -9.40 5.82 -0.93
N VAL B 72 -10.11 6.37 -0.01
CA VAL B 72 -10.25 5.81 1.27
C VAL B 72 -11.29 4.76 1.23
N SER B 73 -10.85 3.59 1.47
CA SER B 73 -11.68 2.44 1.42
C SER B 73 -12.16 2.08 2.83
N ARG B 74 -11.44 2.59 3.84
CA ARG B 74 -11.86 2.48 5.23
C ARG B 74 -11.23 3.62 6.03
N SER B 75 -12.04 4.62 6.34
CA SER B 75 -11.57 5.81 7.04
C SER B 75 -11.40 5.56 8.54
N SER B 76 -10.46 6.29 9.13
CA SER B 76 -10.20 6.24 10.56
C SER B 76 -11.14 7.19 11.30
N GLY B 77 -11.90 7.93 10.52
CA GLY B 77 -12.70 8.99 11.06
C GLY B 77 -11.97 10.32 10.98
N ASP B 78 -10.68 10.25 10.70
CA ASP B 78 -9.89 11.46 10.53
C ASP B 78 -9.59 11.65 9.07
N LYS B 79 -10.31 12.57 8.49
CA LYS B 79 -10.20 12.86 7.06
C LYS B 79 -8.82 13.36 6.67
N PRO B 80 -8.23 14.32 7.42
CA PRO B 80 -6.85 14.70 7.23
C PRO B 80 -5.98 13.49 7.18
N PHE B 81 -6.17 12.59 8.14
CA PHE B 81 -5.38 11.41 8.20
C PHE B 81 -5.58 10.60 6.92
N ASP B 82 -6.85 10.40 6.56
CA ASP B 82 -7.22 9.64 5.37
C ASP B 82 -6.57 10.22 4.12
N SER B 83 -6.90 11.45 3.84
CA SER B 83 -6.49 12.14 2.65
C SER B 83 -5.01 12.47 2.58
N SER B 84 -4.37 12.77 3.72
CA SER B 84 -2.92 12.99 3.73
C SER B 84 -2.24 11.80 3.08
N ALA B 85 -2.89 10.68 3.25
CA ALA B 85 -2.38 9.40 2.80
C ALA B 85 -2.83 9.12 1.37
N VAL B 86 -3.98 9.63 1.01
CA VAL B 86 -4.44 9.60 -0.38
C VAL B 86 -3.50 10.39 -1.21
N ALA B 87 -3.10 11.47 -0.67
CA ALA B 87 -2.13 12.29 -1.33
C ALA B 87 -0.76 11.71 -1.19
N ALA B 88 -0.66 10.73 -0.33
CA ALA B 88 0.55 9.96 -0.26
C ALA B 88 0.55 9.04 -1.44
N VAL B 89 -0.59 8.41 -1.67
CA VAL B 89 -0.70 7.40 -2.71
C VAL B 89 -0.59 8.01 -4.09
N ARG B 90 -1.40 9.00 -4.31
CA ARG B 90 -1.41 9.69 -5.56
C ARG B 90 -0.05 10.31 -5.89
N ASN B 91 0.70 10.71 -4.88
CA ASN B 91 1.95 11.43 -5.10
C ASN B 91 3.07 10.48 -5.53
N VAL B 92 2.85 9.18 -5.39
CA VAL B 92 3.79 8.19 -5.90
C VAL B 92 3.52 7.97 -7.38
N GLY B 93 2.24 7.84 -7.65
CA GLY B 93 1.64 7.84 -8.96
C GLY B 93 2.06 6.78 -9.96
N ARG B 94 3.24 6.26 -9.83
CA ARG B 94 3.75 5.26 -10.77
C ARG B 94 4.55 4.16 -10.07
N ILE B 95 3.88 3.06 -9.83
CA ILE B 95 4.51 1.88 -9.24
C ILE B 95 5.33 1.09 -10.27
N PRO B 96 6.58 0.79 -9.93
CA PRO B 96 7.57 0.16 -10.83
C PRO B 96 7.31 -1.29 -11.28
N GLU B 97 7.11 -2.22 -10.34
CA GLU B 97 7.23 -3.64 -10.66
C GLU B 97 5.99 -4.24 -11.29
N MET B 98 5.01 -3.42 -11.62
CA MET B 98 3.82 -3.93 -12.29
C MET B 98 4.16 -4.50 -13.65
N GLN B 99 5.30 -4.10 -14.14
CA GLN B 99 5.76 -4.52 -15.44
C GLN B 99 6.61 -5.78 -15.39
N GLN B 100 6.66 -6.46 -14.23
CA GLN B 100 7.24 -7.77 -14.19
C GLN B 100 6.13 -8.77 -14.15
N LEU B 101 5.24 -8.57 -13.19
CA LEU B 101 4.13 -9.40 -13.05
C LEU B 101 3.12 -9.33 -14.21
N PRO B 102 2.30 -10.38 -14.26
CA PRO B 102 1.15 -10.58 -15.17
C PRO B 102 0.02 -9.55 -15.03
N ARG B 103 -0.56 -9.12 -16.14
CA ARG B 103 -1.75 -8.26 -16.10
C ARG B 103 -2.81 -8.85 -15.17
N ALA B 104 -2.96 -10.16 -15.23
CA ALA B 104 -3.88 -10.89 -14.38
C ALA B 104 -3.46 -10.88 -12.91
N THR B 105 -2.15 -10.82 -12.66
CA THR B 105 -1.62 -10.84 -11.33
C THR B 105 -1.74 -9.46 -10.74
N PHE B 106 -1.53 -8.50 -11.60
CA PHE B 106 -1.73 -7.14 -11.29
C PHE B 106 -3.20 -6.90 -10.92
N ASP B 107 -4.08 -7.42 -11.76
CA ASP B 107 -5.54 -7.33 -11.58
C ASP B 107 -5.94 -7.87 -10.22
N SER B 108 -5.22 -8.86 -9.79
CA SER B 108 -5.52 -9.54 -8.54
C SER B 108 -5.17 -8.62 -7.39
N LEU B 109 -3.96 -8.12 -7.48
CA LEU B 109 -3.31 -7.49 -6.36
C LEU B 109 -3.29 -5.98 -6.40
N TYR B 110 -2.68 -5.44 -7.42
CA TYR B 110 -2.28 -4.07 -7.41
C TYR B 110 -3.16 -3.22 -8.30
N ARG B 111 -4.06 -3.88 -9.05
CA ARG B 111 -5.06 -3.19 -9.81
C ARG B 111 -5.75 -2.19 -8.91
N GLN B 112 -6.07 -2.66 -7.74
CA GLN B 112 -6.43 -1.84 -6.65
C GLN B 112 -5.56 -2.23 -5.48
N ARG B 113 -4.64 -1.36 -5.08
CA ARG B 113 -3.65 -1.76 -4.11
C ARG B 113 -4.00 -1.11 -2.79
N ARG B 114 -4.39 -1.91 -1.80
CA ARG B 114 -4.74 -1.32 -0.53
C ARG B 114 -3.58 -1.08 0.38
N ILE B 115 -3.60 0.10 0.92
CA ILE B 115 -2.56 0.57 1.80
C ILE B 115 -3.18 0.95 3.13
N ILE B 116 -2.70 0.34 4.22
CA ILE B 116 -3.22 0.64 5.54
C ILE B 116 -2.25 1.55 6.24
N PHE B 117 -2.65 2.78 6.40
CA PHE B 117 -1.80 3.77 7.03
C PHE B 117 -1.97 3.68 8.52
N LYS B 118 -1.04 3.00 9.15
CA LYS B 118 -1.16 2.66 10.56
C LYS B 118 0.12 3.05 11.29
N PRO B 119 0.18 4.33 11.74
CA PRO B 119 1.29 4.96 12.45
C PRO B 119 2.14 4.08 13.37
N GLU B 120 3.28 4.68 13.74
CA GLU B 120 4.21 4.13 14.68
C GLU B 120 4.95 5.28 15.34
N ASP B 121 4.93 5.30 16.65
CA ASP B 121 5.62 6.32 17.45
C ASP B 121 5.23 7.74 17.06
N LEU B 122 4.06 8.17 17.46
CA LEU B 122 3.69 9.56 17.35
C LEU B 122 4.23 10.36 18.52
N SER B 123 3.47 10.29 19.59
CA SER B 123 3.70 11.05 20.81
C SER B 123 2.63 10.70 21.81
N LEU B 124 1.45 10.63 21.25
CA LEU B 124 0.22 10.53 21.97
C LEU B 124 -0.24 9.08 22.13
N ALA A 1 -3.97 -8.62 -2.30
CA ALA A 1 -2.54 -8.70 -1.92
C ALA A 1 -2.37 -8.49 -0.42
N ASP A 2 -3.51 -8.41 0.30
CA ASP A 2 -3.53 -8.23 1.75
C ASP A 2 -3.06 -6.83 2.13
N PRO A 3 -3.99 -5.97 2.58
CA PRO A 3 -3.67 -4.58 2.96
C PRO A 3 -2.48 -4.52 3.91
N LEU A 4 -1.44 -3.77 3.53
CA LEU A 4 -0.22 -3.74 4.30
C LEU A 4 -0.16 -2.50 5.15
N VAL A 5 0.28 -2.69 6.38
CA VAL A 5 0.37 -1.60 7.33
C VAL A 5 1.59 -0.72 7.04
N ILE A 6 1.33 0.56 6.81
CA ILE A 6 2.41 1.51 6.65
C ILE A 6 2.47 2.47 7.83
N SER A 7 3.63 2.53 8.46
CA SER A 7 3.82 3.39 9.62
C SER A 7 4.71 4.58 9.27
N SER A 8 5.34 4.49 8.12
CA SER A 8 6.16 5.56 7.60
C SER A 8 5.29 6.71 7.13
N GLY A 9 5.88 7.73 6.52
CA GLY A 9 5.11 8.82 5.96
C GLY A 9 5.65 10.17 6.38
N ASN A 10 6.55 10.69 5.57
CA ASN A 10 7.13 12.00 5.82
C ASN A 10 7.66 12.56 4.51
N ASP A 11 7.99 13.86 4.48
CA ASP A 11 8.46 14.54 3.28
C ASP A 11 9.50 13.70 2.53
N ARG A 12 10.61 13.41 3.23
CA ARG A 12 11.70 12.57 2.74
C ARG A 12 12.12 12.84 1.30
N ALA A 13 13.25 13.51 1.17
CA ALA A 13 13.81 13.82 -0.14
C ALA A 13 14.36 12.56 -0.78
N HIS B 1 0.27 -17.52 -47.26
CA HIS B 1 -0.75 -17.41 -46.19
C HIS B 1 -1.03 -18.76 -45.56
N MET B 2 -0.41 -19.00 -44.41
CA MET B 2 -0.63 -20.24 -43.69
C MET B 2 -0.89 -19.97 -42.22
N ARG B 3 0.15 -19.52 -41.52
CA ARG B 3 0.09 -19.25 -40.08
C ARG B 3 -0.26 -20.49 -39.29
N ALA B 4 0.75 -21.13 -38.71
CA ALA B 4 0.54 -22.28 -37.85
C ALA B 4 0.09 -21.82 -36.46
N LEU B 5 -1.15 -21.36 -36.37
CA LEU B 5 -1.72 -20.85 -35.13
C LEU B 5 -2.12 -21.98 -34.19
N ALA B 6 -1.18 -22.87 -33.92
CA ALA B 6 -1.40 -23.99 -33.02
C ALA B 6 -0.19 -24.18 -32.12
N GLU B 7 -0.27 -23.63 -30.90
CA GLU B 7 0.83 -23.73 -29.96
C GLU B 7 1.03 -25.18 -29.51
N LEU B 8 2.11 -25.77 -29.99
CA LEU B 8 2.42 -27.16 -29.69
C LEU B 8 3.32 -27.25 -28.46
N LEU B 9 3.78 -26.10 -28.00
CA LEU B 9 4.60 -26.03 -26.82
C LEU B 9 3.79 -25.46 -25.66
N SER B 10 3.72 -26.21 -24.58
CA SER B 10 2.99 -25.80 -23.40
C SER B 10 3.71 -24.63 -22.72
N ASP B 11 5.04 -24.68 -22.78
CA ASP B 11 5.90 -23.61 -22.27
C ASP B 11 5.48 -23.18 -20.86
N THR B 12 5.74 -24.06 -19.89
CA THR B 12 5.43 -23.81 -18.49
C THR B 12 3.92 -23.91 -18.20
N THR B 13 3.09 -23.50 -19.16
CA THR B 13 1.65 -23.61 -19.02
C THR B 13 1.22 -25.06 -19.22
N GLU B 14 1.34 -25.85 -18.17
CA GLU B 14 0.98 -27.26 -18.25
C GLU B 14 -0.22 -27.57 -17.38
N ARG B 15 -0.53 -26.65 -16.51
CA ARG B 15 -1.70 -26.77 -15.64
C ARG B 15 -2.98 -26.75 -16.46
N GLN B 16 -3.59 -27.91 -16.60
CA GLN B 16 -4.80 -28.06 -17.39
C GLN B 16 -6.01 -27.65 -16.57
N GLN B 17 -7.16 -27.52 -17.24
CA GLN B 17 -8.42 -27.12 -16.60
C GLN B 17 -8.43 -25.63 -16.27
N ALA B 18 -9.50 -24.96 -16.68
CA ALA B 18 -9.66 -23.54 -16.41
C ALA B 18 -9.84 -23.28 -14.92
N LEU B 19 -9.20 -22.22 -14.44
CA LEU B 19 -9.25 -21.85 -13.04
C LEU B 19 -10.54 -21.07 -12.76
N ALA B 20 -11.11 -21.29 -11.58
CA ALA B 20 -12.36 -20.63 -11.19
C ALA B 20 -12.09 -19.18 -10.81
N ASP B 21 -13.16 -18.37 -10.85
CA ASP B 21 -13.10 -16.93 -10.59
C ASP B 21 -11.93 -16.25 -11.29
N GLU B 22 -11.63 -15.04 -10.85
CA GLU B 22 -10.56 -14.25 -11.42
C GLU B 22 -9.25 -15.02 -11.48
N VAL B 23 -8.57 -14.89 -12.60
CA VAL B 23 -7.34 -15.64 -12.85
C VAL B 23 -6.15 -14.99 -12.18
N GLY B 24 -5.14 -15.79 -11.94
CA GLY B 24 -3.97 -15.36 -11.24
C GLY B 24 -4.10 -15.53 -9.75
N SER B 25 -4.37 -14.42 -9.05
CA SER B 25 -4.58 -14.43 -7.61
C SER B 25 -3.46 -15.18 -6.87
N GLU B 26 -2.22 -14.87 -7.21
CA GLU B 26 -1.10 -15.54 -6.60
C GLU B 26 -0.64 -14.85 -5.35
N VAL B 27 0.39 -14.09 -5.52
CA VAL B 27 1.09 -13.49 -4.42
C VAL B 27 1.54 -12.09 -4.73
N THR B 28 2.08 -11.47 -3.73
CA THR B 28 2.38 -10.06 -3.73
C THR B 28 3.86 -9.80 -3.80
N GLY B 29 4.58 -10.80 -4.24
CA GLY B 29 6.02 -10.67 -4.43
C GLY B 29 6.70 -10.05 -3.23
N SER B 30 7.40 -8.97 -3.49
CA SER B 30 7.93 -8.09 -2.47
C SER B 30 7.36 -6.72 -2.67
N LEU B 31 6.25 -6.75 -3.34
CA LEU B 31 5.64 -5.58 -3.95
C LEU B 31 4.86 -4.75 -2.93
N ASP B 32 4.17 -5.42 -2.00
CA ASP B 32 3.35 -4.71 -1.01
C ASP B 32 4.11 -3.55 -0.38
N ASP B 33 5.25 -3.89 0.18
CA ASP B 33 6.08 -2.95 0.93
C ASP B 33 6.61 -1.89 0.03
N LEU B 34 6.84 -2.25 -1.20
CA LEU B 34 7.26 -1.33 -2.21
C LEU B 34 6.23 -0.26 -2.47
N ILE B 35 5.02 -0.69 -2.77
CA ILE B 35 3.88 0.18 -2.92
C ILE B 35 3.78 1.14 -1.75
N VAL B 36 3.95 0.55 -0.60
CA VAL B 36 3.93 1.20 0.65
C VAL B 36 5.16 2.09 0.80
N ASN B 37 6.25 1.62 0.27
CA ASN B 37 7.54 2.29 0.34
C ASN B 37 7.37 3.61 -0.31
N LEU B 38 6.81 3.47 -1.47
CA LEU B 38 6.48 4.55 -2.33
C LEU B 38 5.51 5.54 -1.68
N VAL B 39 4.44 5.01 -1.12
CA VAL B 39 3.36 5.82 -0.58
C VAL B 39 3.82 6.71 0.57
N SER B 40 4.74 6.23 1.39
CA SER B 40 5.25 7.01 2.52
C SER B 40 6.28 8.02 2.09
N GLN B 41 6.81 7.82 0.91
CA GLN B 41 7.74 8.78 0.34
C GLN B 41 6.92 9.99 -0.02
N GLN B 42 5.68 9.66 -0.37
CA GLN B 42 4.67 10.60 -0.70
C GLN B 42 3.77 10.99 0.47
N TRP B 43 3.81 10.21 1.54
CA TRP B 43 2.90 10.41 2.65
C TRP B 43 3.54 11.31 3.67
N ARG B 44 2.71 11.67 4.61
CA ARG B 44 3.03 12.57 5.71
C ARG B 44 2.12 12.29 6.88
N ARG B 45 2.70 11.89 8.01
CA ARG B 45 1.91 11.70 9.22
C ARG B 45 1.51 13.06 9.78
N PRO B 46 0.23 13.24 10.07
CA PRO B 46 -0.29 14.49 10.58
C PRO B 46 -0.23 14.53 12.10
N PRO B 47 -0.05 15.75 12.65
CA PRO B 47 -0.18 16.02 14.08
C PRO B 47 -1.48 15.45 14.68
N SER B 48 -2.43 15.13 13.82
CA SER B 48 -3.72 14.64 14.27
C SER B 48 -3.72 13.12 14.47
N ALA B 49 -2.79 12.42 13.83
CA ALA B 49 -2.75 10.98 13.93
C ALA B 49 -2.38 10.52 15.33
N ARG B 50 -3.07 9.48 15.77
CA ARG B 50 -2.87 8.92 17.10
C ARG B 50 -2.06 7.64 16.99
N ASN B 51 -1.64 7.10 18.14
CA ASN B 51 -0.61 6.06 18.19
C ASN B 51 -1.16 4.70 17.81
N GLY B 52 -1.95 4.72 16.78
CA GLY B 52 -2.42 3.52 16.12
C GLY B 52 -3.78 3.74 15.50
N MET B 53 -3.93 4.89 14.89
CA MET B 53 -5.04 5.21 14.06
C MET B 53 -4.73 4.62 12.68
N SER B 54 -5.70 4.39 11.83
CA SER B 54 -5.39 3.76 10.57
C SER B 54 -6.46 3.99 9.54
N VAL B 55 -6.04 3.95 8.30
CA VAL B 55 -6.92 4.18 7.16
C VAL B 55 -6.59 3.19 6.06
N GLU B 56 -7.63 2.54 5.54
CA GLU B 56 -7.45 1.65 4.42
C GLU B 56 -7.73 2.42 3.17
N VAL B 57 -6.73 2.49 2.33
CA VAL B 57 -6.82 3.27 1.13
C VAL B 57 -6.75 2.38 -0.10
N LEU B 58 -7.79 2.42 -0.90
CA LEU B 58 -7.83 1.72 -2.13
C LEU B 58 -7.34 2.61 -3.24
N ILE B 59 -6.16 2.36 -3.68
CA ILE B 59 -5.60 3.11 -4.74
C ILE B 59 -5.75 2.28 -6.02
N GLU B 60 -5.72 2.92 -7.16
CA GLU B 60 -5.96 2.24 -8.41
C GLU B 60 -4.86 2.55 -9.36
N MET B 61 -4.54 1.60 -10.19
CA MET B 61 -3.38 1.72 -11.04
C MET B 61 -3.53 0.98 -12.34
N LEU B 62 -2.68 1.42 -13.22
CA LEU B 62 -2.51 0.90 -14.54
C LEU B 62 -1.49 -0.22 -14.49
N PRO B 63 -1.44 -1.06 -15.53
CA PRO B 63 -0.46 -2.16 -15.62
C PRO B 63 0.98 -1.68 -15.55
N ASP B 64 1.15 -0.36 -15.47
CA ASP B 64 2.46 0.25 -15.39
C ASP B 64 2.75 0.57 -13.94
N GLY B 65 1.70 0.51 -13.15
CA GLY B 65 1.74 0.93 -11.78
C GLY B 65 1.28 2.36 -11.64
N THR B 66 1.21 3.05 -12.78
CA THR B 66 0.68 4.39 -12.84
C THR B 66 -0.66 4.45 -12.15
N ILE B 67 -0.70 5.24 -11.11
CA ILE B 67 -1.82 5.40 -10.27
C ILE B 67 -2.93 6.12 -11.02
N THR B 68 -4.03 5.41 -11.21
CA THR B 68 -5.15 5.91 -11.97
C THR B 68 -6.24 6.44 -11.03
N ASN B 69 -6.29 5.90 -9.83
CA ASN B 69 -7.28 6.36 -8.83
C ASN B 69 -6.80 6.09 -7.43
N ALA B 70 -7.56 6.60 -6.47
CA ALA B 70 -7.35 6.31 -5.06
C ALA B 70 -8.47 6.89 -4.22
N SER B 71 -8.88 6.14 -3.21
CA SER B 71 -9.84 6.61 -2.26
C SER B 71 -9.58 6.02 -0.90
N VAL B 72 -10.29 6.57 0.03
CA VAL B 72 -10.40 6.01 1.31
C VAL B 72 -11.38 4.90 1.24
N SER B 73 -10.88 3.75 1.49
CA SER B 73 -11.66 2.57 1.44
C SER B 73 -12.26 2.27 2.81
N ARG B 74 -11.52 2.69 3.84
CA ARG B 74 -11.96 2.57 5.22
C ARG B 74 -11.35 3.69 6.03
N SER B 75 -12.18 4.57 6.54
CA SER B 75 -11.73 5.81 7.15
C SER B 75 -11.38 5.65 8.64
N SER B 76 -10.38 6.39 9.07
CA SER B 76 -9.97 6.42 10.47
C SER B 76 -10.89 7.37 11.25
N GLY B 77 -11.64 8.14 10.49
CA GLY B 77 -12.45 9.18 11.06
C GLY B 77 -11.74 10.51 11.01
N ASP B 78 -10.44 10.47 10.74
CA ASP B 78 -9.64 11.66 10.60
C ASP B 78 -9.35 11.89 9.14
N LYS B 79 -10.10 12.80 8.57
CA LYS B 79 -10.02 13.10 7.15
C LYS B 79 -8.60 13.49 6.73
N PRO B 80 -7.91 14.37 7.48
CA PRO B 80 -6.52 14.63 7.25
C PRO B 80 -5.73 13.36 7.18
N PHE B 81 -5.90 12.49 8.18
CA PHE B 81 -5.15 11.26 8.22
C PHE B 81 -5.41 10.46 6.96
N ASP B 82 -6.70 10.23 6.71
CA ASP B 82 -7.17 9.49 5.56
C ASP B 82 -6.62 10.07 4.26
N SER B 83 -6.95 11.32 4.03
CA SER B 83 -6.62 12.03 2.80
C SER B 83 -5.12 12.25 2.61
N SER B 84 -4.40 12.57 3.68
CA SER B 84 -2.96 12.80 3.59
C SER B 84 -2.30 11.61 2.93
N ALA B 85 -2.91 10.48 3.16
CA ALA B 85 -2.44 9.21 2.69
C ALA B 85 -2.97 8.94 1.29
N VAL B 86 -4.13 9.52 0.99
CA VAL B 86 -4.63 9.54 -0.37
C VAL B 86 -3.68 10.31 -1.21
N ALA B 87 -3.22 11.37 -0.64
CA ALA B 87 -2.26 12.18 -1.33
C ALA B 87 -0.92 11.52 -1.32
N ALA B 88 -0.78 10.54 -0.46
CA ALA B 88 0.40 9.73 -0.47
C ALA B 88 0.30 8.83 -1.66
N VAL B 89 -0.88 8.27 -1.86
CA VAL B 89 -1.06 7.30 -2.92
C VAL B 89 -1.07 7.93 -4.28
N ARG B 90 -1.84 8.97 -4.42
CA ARG B 90 -1.91 9.73 -5.63
C ARG B 90 -0.55 10.28 -6.05
N ASN B 91 0.22 10.77 -5.08
CA ASN B 91 1.45 11.50 -5.38
C ASN B 91 2.50 10.60 -6.00
N VAL B 92 2.41 9.30 -5.71
CA VAL B 92 3.36 8.36 -6.26
C VAL B 92 3.21 8.28 -7.77
N GLY B 93 1.96 8.28 -8.15
CA GLY B 93 1.52 8.39 -9.54
C GLY B 93 1.83 7.22 -10.43
N ARG B 94 2.83 6.46 -10.07
CA ARG B 94 3.22 5.27 -10.82
C ARG B 94 4.08 4.35 -9.94
N ILE B 95 3.69 3.10 -9.87
CA ILE B 95 4.42 2.10 -9.14
C ILE B 95 5.22 1.21 -10.08
N PRO B 96 6.51 1.04 -9.77
CA PRO B 96 7.50 0.53 -10.70
C PRO B 96 7.36 -0.95 -11.03
N GLU B 97 7.25 -1.78 -10.00
CA GLU B 97 7.31 -3.22 -10.15
C GLU B 97 6.09 -3.88 -10.80
N MET B 98 5.11 -3.08 -11.22
CA MET B 98 3.92 -3.64 -11.87
C MET B 98 4.24 -4.25 -13.22
N GLN B 99 5.30 -3.76 -13.82
CA GLN B 99 5.72 -4.20 -15.12
C GLN B 99 6.45 -5.53 -15.05
N GLN B 100 6.47 -6.17 -13.88
CA GLN B 100 7.04 -7.47 -13.76
C GLN B 100 5.92 -8.47 -13.82
N LEU B 101 4.92 -8.21 -13.01
CA LEU B 101 3.77 -9.04 -12.94
C LEU B 101 3.04 -9.25 -14.24
N PRO B 102 2.35 -10.37 -14.25
CA PRO B 102 1.29 -10.68 -15.18
C PRO B 102 0.19 -9.62 -15.06
N ARG B 103 -0.40 -9.23 -16.17
CA ARG B 103 -1.55 -8.33 -16.14
C ARG B 103 -2.62 -8.86 -15.20
N ALA B 104 -2.80 -10.16 -15.25
CA ALA B 104 -3.79 -10.83 -14.42
C ALA B 104 -3.39 -10.82 -12.94
N THR B 105 -2.09 -10.82 -12.69
CA THR B 105 -1.58 -10.86 -11.36
C THR B 105 -1.63 -9.47 -10.78
N PHE B 106 -1.25 -8.54 -11.62
CA PHE B 106 -1.35 -7.16 -11.32
C PHE B 106 -2.80 -6.81 -10.97
N ASP B 107 -3.72 -7.25 -11.83
CA ASP B 107 -5.16 -7.02 -11.67
C ASP B 107 -5.66 -7.57 -10.36
N SER B 108 -5.02 -8.61 -9.93
CA SER B 108 -5.43 -9.31 -8.74
C SER B 108 -5.08 -8.48 -7.53
N LEU B 109 -3.83 -8.09 -7.52
CA LEU B 109 -3.20 -7.55 -6.34
C LEU B 109 -3.11 -6.04 -6.33
N TYR B 110 -2.43 -5.49 -7.30
CA TYR B 110 -1.98 -4.13 -7.23
C TYR B 110 -2.78 -3.20 -8.11
N ARG B 111 -3.68 -3.77 -8.91
CA ARG B 111 -4.60 -2.98 -9.68
C ARG B 111 -5.31 -2.00 -8.76
N GLN B 112 -5.86 -2.55 -7.69
CA GLN B 112 -6.20 -1.80 -6.53
C GLN B 112 -5.39 -2.35 -5.38
N ARG B 113 -4.43 -1.60 -4.92
CA ARG B 113 -3.55 -2.08 -3.89
C ARG B 113 -3.98 -1.47 -2.58
N ARG B 114 -4.45 -2.26 -1.65
CA ARG B 114 -4.90 -1.68 -0.40
C ARG B 114 -3.74 -1.41 0.50
N ILE B 115 -3.53 -0.14 0.70
CA ILE B 115 -2.50 0.36 1.59
C ILE B 115 -3.16 0.77 2.91
N ILE B 116 -2.70 0.21 4.03
CA ILE B 116 -3.21 0.59 5.34
C ILE B 116 -2.24 1.58 5.94
N PHE B 117 -2.68 2.77 6.20
CA PHE B 117 -1.83 3.74 6.82
C PHE B 117 -2.06 3.70 8.32
N LYS B 118 -1.10 3.16 9.04
CA LYS B 118 -1.24 2.98 10.45
C LYS B 118 0.09 3.27 11.17
N PRO B 119 0.14 4.38 11.92
CA PRO B 119 1.32 4.88 12.66
C PRO B 119 2.10 3.86 13.48
N GLU B 120 3.24 4.35 13.95
CA GLU B 120 4.05 3.71 14.94
C GLU B 120 4.81 4.77 15.70
N ASP B 121 4.45 4.89 16.95
CA ASP B 121 5.04 5.86 17.88
C ASP B 121 4.80 7.32 17.45
N LEU B 122 3.65 7.84 17.82
CA LEU B 122 3.44 9.29 17.84
C LEU B 122 3.85 9.81 19.22
N SER B 123 3.47 11.06 19.53
CA SER B 123 3.62 11.58 20.88
C SER B 123 2.64 10.88 21.79
N LEU B 124 1.46 10.75 21.27
CA LEU B 124 0.29 10.37 22.01
C LEU B 124 0.00 8.87 21.94
N ALA A 1 -4.06 -7.56 -2.96
CA ALA A 1 -2.76 -7.40 -2.26
C ALA A 1 -3.00 -7.07 -0.80
N ASP A 2 -2.69 -8.03 0.06
CA ASP A 2 -2.93 -7.95 1.51
C ASP A 2 -2.56 -6.57 2.07
N PRO A 3 -3.57 -5.83 2.57
CA PRO A 3 -3.37 -4.49 3.14
C PRO A 3 -2.19 -4.43 4.09
N LEU A 4 -1.21 -3.60 3.75
CA LEU A 4 0.02 -3.58 4.50
C LEU A 4 0.10 -2.31 5.32
N VAL A 5 0.51 -2.44 6.56
CA VAL A 5 0.57 -1.32 7.48
C VAL A 5 1.74 -0.39 7.17
N ILE A 6 1.44 0.70 6.52
CA ILE A 6 2.41 1.76 6.32
C ILE A 6 2.38 2.65 7.57
N SER A 7 3.54 2.81 8.19
CA SER A 7 3.62 3.52 9.46
C SER A 7 3.32 5.00 9.25
N SER A 8 4.24 5.72 8.62
CA SER A 8 4.03 7.14 8.40
C SER A 8 4.89 7.65 7.25
N GLY A 9 4.55 8.83 6.78
CA GLY A 9 5.28 9.43 5.69
C GLY A 9 6.47 10.21 6.19
N ASN A 10 7.52 10.23 5.41
CA ASN A 10 8.75 10.89 5.83
C ASN A 10 8.62 12.39 5.67
N ASP A 11 8.81 13.05 6.79
CA ASP A 11 8.71 14.50 6.91
C ASP A 11 9.12 14.86 8.31
N ARG A 12 9.93 13.99 8.85
CA ARG A 12 10.24 13.98 10.28
C ARG A 12 11.50 14.77 10.57
N ALA A 13 11.65 15.15 11.83
CA ALA A 13 12.83 15.85 12.27
C ALA A 13 13.87 14.85 12.77
N HIS B 1 -34.94 8.29 2.69
CA HIS B 1 -33.77 9.18 2.49
C HIS B 1 -34.14 10.63 2.80
N MET B 2 -33.17 11.38 3.32
CA MET B 2 -33.35 12.80 3.63
C MET B 2 -34.53 13.02 4.58
N ARG B 3 -34.41 12.46 5.78
CA ARG B 3 -35.48 12.57 6.78
C ARG B 3 -34.89 12.64 8.18
N ALA B 4 -33.65 13.14 8.27
CA ALA B 4 -32.87 13.17 9.51
C ALA B 4 -32.49 11.76 9.94
N LEU B 5 -33.50 10.97 10.27
CA LEU B 5 -33.31 9.57 10.58
C LEU B 5 -33.39 8.77 9.28
N ALA B 6 -32.50 7.80 9.13
CA ALA B 6 -32.45 7.00 7.92
C ALA B 6 -32.20 5.54 8.24
N GLU B 7 -31.02 5.28 8.81
CA GLU B 7 -30.60 3.93 9.17
C GLU B 7 -30.40 3.07 7.92
N LEU B 8 -29.15 2.82 7.60
CA LEU B 8 -28.80 2.05 6.41
C LEU B 8 -27.77 0.99 6.77
N LEU B 9 -28.26 -0.14 7.28
CA LEU B 9 -27.40 -1.25 7.64
C LEU B 9 -28.16 -2.56 7.46
N SER B 10 -28.59 -2.82 6.24
CA SER B 10 -29.33 -4.04 5.93
C SER B 10 -28.46 -5.27 6.15
N ASP B 11 -27.34 -5.33 5.44
CA ASP B 11 -26.39 -6.43 5.61
C ASP B 11 -24.98 -5.99 5.28
N THR B 12 -24.73 -5.73 3.99
CA THR B 12 -23.42 -5.35 3.45
C THR B 12 -22.30 -6.33 3.83
N THR B 13 -21.66 -6.88 2.82
CA THR B 13 -20.56 -7.81 3.03
C THR B 13 -19.23 -7.06 2.90
N GLU B 14 -18.80 -6.44 3.99
CA GLU B 14 -17.66 -5.54 3.95
C GLU B 14 -16.45 -6.18 4.60
N ARG B 15 -16.73 -7.22 5.35
CA ARG B 15 -15.71 -7.92 6.12
C ARG B 15 -14.85 -8.78 5.20
N GLN B 16 -13.55 -8.47 5.18
CA GLN B 16 -12.58 -9.21 4.37
C GLN B 16 -12.95 -9.16 2.89
N GLN B 17 -12.83 -7.98 2.30
CA GLN B 17 -13.14 -7.78 0.90
C GLN B 17 -12.14 -8.51 0.02
N ALA B 18 -12.64 -9.12 -1.06
CA ALA B 18 -11.83 -9.89 -2.01
C ALA B 18 -11.27 -11.15 -1.37
N LEU B 19 -11.66 -12.29 -1.92
CA LEU B 19 -11.27 -13.58 -1.39
C LEU B 19 -9.86 -13.93 -1.82
N ALA B 20 -8.98 -14.08 -0.84
CA ALA B 20 -7.59 -14.39 -1.10
C ALA B 20 -7.39 -15.88 -1.38
N ASP B 21 -6.65 -16.18 -2.43
CA ASP B 21 -6.38 -17.57 -2.81
C ASP B 21 -4.96 -17.96 -2.40
N GLU B 22 -4.54 -19.15 -2.81
CA GLU B 22 -3.24 -19.68 -2.45
C GLU B 22 -2.08 -18.80 -2.90
N VAL B 23 -1.01 -18.86 -2.15
CA VAL B 23 0.19 -18.06 -2.41
C VAL B 23 1.28 -18.92 -3.02
N GLY B 24 2.32 -18.26 -3.50
CA GLY B 24 3.45 -18.97 -4.06
C GLY B 24 3.76 -18.58 -5.50
N SER B 25 2.87 -18.93 -6.41
CA SER B 25 3.12 -18.76 -7.84
C SER B 25 3.29 -17.29 -8.22
N GLU B 26 2.22 -16.52 -8.07
CA GLU B 26 2.21 -15.14 -8.48
C GLU B 26 2.21 -14.18 -7.33
N VAL B 27 1.01 -13.75 -6.97
CA VAL B 27 0.73 -12.98 -5.77
C VAL B 27 1.64 -11.78 -5.57
N THR B 28 1.49 -11.18 -4.40
CA THR B 28 2.27 -10.04 -4.02
C THR B 28 3.73 -10.42 -3.88
N GLY B 29 4.53 -9.86 -4.75
CA GLY B 29 5.97 -10.01 -4.64
C GLY B 29 6.52 -9.11 -3.55
N SER B 30 7.64 -8.48 -3.82
CA SER B 30 8.16 -7.46 -2.93
C SER B 30 7.52 -6.12 -3.22
N LEU B 31 6.40 -6.22 -3.86
CA LEU B 31 5.71 -5.10 -4.46
C LEU B 31 4.90 -4.38 -3.41
N ASP B 32 4.28 -5.16 -2.55
CA ASP B 32 3.38 -4.63 -1.54
C ASP B 32 4.05 -3.52 -0.74
N ASP B 33 5.24 -3.84 -0.29
CA ASP B 33 6.06 -2.97 0.51
C ASP B 33 6.56 -1.82 -0.28
N LEU B 34 6.77 -2.04 -1.56
CA LEU B 34 7.18 -1.01 -2.45
C LEU B 34 6.16 0.08 -2.54
N ILE B 35 4.94 -0.32 -2.83
CA ILE B 35 3.81 0.57 -2.88
C ILE B 35 3.76 1.44 -1.63
N VAL B 36 3.96 0.76 -0.54
CA VAL B 36 4.00 1.28 0.78
C VAL B 36 5.25 2.12 1.00
N ASN B 37 6.32 1.69 0.37
CA ASN B 37 7.59 2.35 0.45
C ASN B 37 7.42 3.72 -0.12
N LEU B 38 6.83 3.65 -1.26
CA LEU B 38 6.50 4.79 -2.06
C LEU B 38 5.52 5.72 -1.36
N VAL B 39 4.44 5.15 -0.83
CA VAL B 39 3.33 5.91 -0.31
C VAL B 39 3.78 6.80 0.85
N SER B 40 4.67 6.30 1.67
CA SER B 40 5.15 7.04 2.83
C SER B 40 6.23 8.03 2.43
N GLN B 41 6.80 7.82 1.28
CA GLN B 41 7.77 8.77 0.76
C GLN B 41 7.00 10.01 0.37
N GLN B 42 5.79 9.71 -0.10
CA GLN B 42 4.81 10.67 -0.46
C GLN B 42 3.90 11.11 0.69
N TRP B 43 3.86 10.33 1.76
CA TRP B 43 2.91 10.57 2.82
C TRP B 43 3.49 11.53 3.85
N ARG B 44 2.61 11.88 4.73
CA ARG B 44 2.84 12.88 5.76
C ARG B 44 1.92 12.60 6.93
N ARG B 45 2.35 12.87 8.16
CA ARG B 45 1.46 12.60 9.28
C ARG B 45 0.85 13.90 9.77
N PRO B 46 -0.35 13.82 10.34
CA PRO B 46 -1.05 14.96 10.91
C PRO B 46 -0.85 15.03 12.41
N PRO B 47 -1.22 16.16 13.04
CA PRO B 47 -1.09 16.38 14.47
C PRO B 47 -2.18 15.65 15.21
N SER B 48 -3.12 15.16 14.41
CA SER B 48 -4.25 14.41 14.91
C SER B 48 -3.94 12.92 15.06
N ALA B 49 -3.04 12.40 14.23
CA ALA B 49 -2.74 10.97 14.23
C ALA B 49 -2.26 10.45 15.58
N ARG B 50 -2.78 9.30 15.96
CA ARG B 50 -2.37 8.61 17.19
C ARG B 50 -1.64 7.33 16.83
N ASN B 51 -1.05 6.68 17.83
CA ASN B 51 -0.13 5.54 17.64
C ASN B 51 -0.81 4.27 17.18
N GLY B 52 -1.57 4.41 16.14
CA GLY B 52 -2.12 3.28 15.44
C GLY B 52 -3.54 3.54 14.98
N MET B 53 -3.75 4.75 14.50
CA MET B 53 -4.91 5.13 13.80
C MET B 53 -4.69 4.74 12.36
N SER B 54 -5.72 4.38 11.62
CA SER B 54 -5.46 3.78 10.31
C SER B 54 -6.48 4.11 9.27
N VAL B 55 -6.00 4.11 8.06
CA VAL B 55 -6.82 4.34 6.88
C VAL B 55 -6.67 3.16 5.98
N GLU B 56 -7.77 2.59 5.54
CA GLU B 56 -7.68 1.69 4.43
C GLU B 56 -7.89 2.48 3.17
N VAL B 57 -6.92 2.40 2.32
CA VAL B 57 -6.91 3.19 1.11
C VAL B 57 -6.76 2.31 -0.11
N LEU B 58 -7.80 2.34 -0.93
CA LEU B 58 -7.81 1.60 -2.14
C LEU B 58 -7.33 2.48 -3.26
N ILE B 59 -6.17 2.21 -3.76
CA ILE B 59 -5.65 2.96 -4.84
C ILE B 59 -5.80 2.12 -6.10
N GLU B 60 -5.80 2.76 -7.23
CA GLU B 60 -6.10 2.11 -8.48
C GLU B 60 -5.00 2.40 -9.45
N MET B 61 -4.69 1.44 -10.27
CA MET B 61 -3.51 1.53 -11.08
C MET B 61 -3.63 0.88 -12.41
N LEU B 62 -2.75 1.33 -13.24
CA LEU B 62 -2.55 0.89 -14.58
C LEU B 62 -1.57 -0.26 -14.57
N PRO B 63 -1.54 -1.05 -15.64
CA PRO B 63 -0.54 -2.12 -15.81
C PRO B 63 0.89 -1.59 -15.84
N ASP B 64 1.01 -0.28 -15.63
CA ASP B 64 2.29 0.39 -15.54
C ASP B 64 2.64 0.62 -14.08
N GLY B 65 1.61 0.47 -13.25
CA GLY B 65 1.69 0.80 -11.86
C GLY B 65 1.32 2.23 -11.62
N THR B 66 1.14 2.97 -12.70
CA THR B 66 0.61 4.31 -12.63
C THR B 66 -0.72 4.29 -11.93
N ILE B 67 -0.75 4.97 -10.80
CA ILE B 67 -1.92 5.11 -10.02
C ILE B 67 -2.93 5.99 -10.75
N THR B 68 -4.04 5.38 -11.08
CA THR B 68 -5.06 6.00 -11.87
C THR B 68 -6.20 6.50 -10.96
N ASN B 69 -6.35 5.87 -9.80
CA ASN B 69 -7.32 6.32 -8.80
C ASN B 69 -6.80 6.04 -7.42
N ALA B 70 -7.50 6.56 -6.44
CA ALA B 70 -7.22 6.29 -5.03
C ALA B 70 -8.29 6.93 -4.17
N SER B 71 -8.85 6.15 -3.26
CA SER B 71 -9.78 6.66 -2.31
C SER B 71 -9.55 6.05 -0.97
N VAL B 72 -10.22 6.63 -0.03
CA VAL B 72 -10.34 6.08 1.24
C VAL B 72 -11.36 4.99 1.17
N SER B 73 -10.87 3.83 1.37
CA SER B 73 -11.66 2.66 1.31
C SER B 73 -12.30 2.40 2.67
N ARG B 74 -11.61 2.87 3.71
CA ARG B 74 -12.09 2.79 5.07
C ARG B 74 -11.45 3.92 5.87
N SER B 75 -12.26 4.73 6.53
CA SER B 75 -11.77 5.93 7.18
C SER B 75 -11.30 5.65 8.61
N SER B 76 -10.32 6.42 9.06
CA SER B 76 -9.82 6.35 10.42
C SER B 76 -10.69 7.18 11.34
N GLY B 77 -11.59 7.92 10.73
CA GLY B 77 -12.33 8.93 11.43
C GLY B 77 -11.50 10.19 11.61
N ASP B 78 -10.53 10.36 10.71
CA ASP B 78 -9.70 11.54 10.70
C ASP B 78 -9.36 11.80 9.27
N LYS B 79 -10.17 12.61 8.69
CA LYS B 79 -10.14 12.82 7.26
C LYS B 79 -8.81 13.41 6.78
N PRO B 80 -8.18 14.32 7.55
CA PRO B 80 -6.79 14.67 7.32
C PRO B 80 -5.93 13.44 7.25
N PHE B 81 -6.06 12.58 8.25
CA PHE B 81 -5.26 11.40 8.32
C PHE B 81 -5.48 10.56 7.06
N ASP B 82 -6.75 10.30 6.78
CA ASP B 82 -7.17 9.53 5.63
C ASP B 82 -6.61 10.12 4.33
N SER B 83 -6.98 11.35 4.05
CA SER B 83 -6.66 12.01 2.82
C SER B 83 -5.19 12.34 2.64
N SER B 84 -4.48 12.68 3.72
CA SER B 84 -3.03 12.94 3.62
C SER B 84 -2.35 11.75 2.99
N ALA B 85 -2.95 10.61 3.23
CA ALA B 85 -2.45 9.34 2.78
C ALA B 85 -2.90 9.04 1.35
N VAL B 86 -4.06 9.57 1.01
CA VAL B 86 -4.53 9.56 -0.37
C VAL B 86 -3.58 10.35 -1.21
N ALA B 87 -3.14 11.41 -0.63
CA ALA B 87 -2.17 12.22 -1.31
C ALA B 87 -0.81 11.57 -1.26
N ALA B 88 -0.70 10.60 -0.40
CA ALA B 88 0.49 9.80 -0.37
C ALA B 88 0.43 8.87 -1.55
N VAL B 89 -0.73 8.31 -1.79
CA VAL B 89 -0.88 7.35 -2.86
C VAL B 89 -0.80 8.01 -4.21
N ARG B 90 -1.61 9.00 -4.39
CA ARG B 90 -1.66 9.73 -5.62
C ARG B 90 -0.30 10.31 -6.02
N ASN B 91 0.48 10.74 -5.04
CA ASN B 91 1.72 11.43 -5.34
C ASN B 91 2.79 10.49 -5.86
N VAL B 92 2.64 9.20 -5.59
CA VAL B 92 3.58 8.23 -6.13
C VAL B 92 3.35 8.07 -7.63
N GLY B 93 2.07 7.98 -7.94
CA GLY B 93 1.53 8.04 -9.29
C GLY B 93 1.95 6.98 -10.27
N ARG B 94 3.08 6.36 -10.03
CA ARG B 94 3.63 5.34 -10.92
C ARG B 94 4.40 4.32 -10.12
N ILE B 95 3.89 3.10 -10.07
CA ILE B 95 4.50 2.07 -9.26
C ILE B 95 5.27 1.03 -10.10
N PRO B 96 6.53 0.84 -9.70
CA PRO B 96 7.53 -0.02 -10.37
C PRO B 96 7.08 -1.36 -10.94
N GLU B 97 7.01 -2.34 -10.05
CA GLU B 97 7.10 -3.75 -10.44
C GLU B 97 5.83 -4.28 -11.07
N MET B 98 4.87 -3.41 -11.28
CA MET B 98 3.62 -3.80 -11.91
C MET B 98 3.86 -4.38 -13.30
N GLN B 99 4.92 -3.94 -13.91
CA GLN B 99 5.28 -4.36 -15.24
C GLN B 99 6.08 -5.66 -15.23
N GLN B 100 6.22 -6.28 -14.06
CA GLN B 100 6.91 -7.54 -13.98
C GLN B 100 5.87 -8.61 -13.97
N LEU B 101 4.90 -8.42 -13.10
CA LEU B 101 3.78 -9.28 -13.03
C LEU B 101 3.05 -9.49 -14.32
N PRO B 102 2.34 -10.61 -14.32
CA PRO B 102 1.26 -10.90 -15.24
C PRO B 102 0.17 -9.84 -15.08
N ARG B 103 -0.39 -9.37 -16.17
CA ARG B 103 -1.50 -8.43 -16.11
C ARG B 103 -2.59 -8.95 -15.19
N ALA B 104 -2.86 -10.23 -15.33
CA ALA B 104 -3.84 -10.91 -14.50
C ALA B 104 -3.45 -10.90 -13.03
N THR B 105 -2.14 -10.93 -12.75
CA THR B 105 -1.65 -10.99 -11.41
C THR B 105 -1.65 -9.60 -10.84
N PHE B 106 -1.31 -8.67 -11.69
CA PHE B 106 -1.39 -7.28 -11.36
C PHE B 106 -2.85 -6.93 -11.01
N ASP B 107 -3.77 -7.43 -11.84
CA ASP B 107 -5.22 -7.25 -11.65
C ASP B 107 -5.65 -7.81 -10.31
N SER B 108 -4.95 -8.81 -9.88
CA SER B 108 -5.25 -9.48 -8.64
C SER B 108 -4.91 -8.58 -7.49
N LEU B 109 -3.70 -8.06 -7.59
CA LEU B 109 -3.07 -7.40 -6.48
C LEU B 109 -3.05 -5.89 -6.56
N TYR B 110 -2.43 -5.37 -7.59
CA TYR B 110 -2.03 -3.98 -7.60
C TYR B 110 -2.92 -3.13 -8.49
N ARG B 111 -3.87 -3.78 -9.18
CA ARG B 111 -4.90 -3.08 -9.89
C ARG B 111 -5.60 -2.11 -8.95
N GLN B 112 -6.02 -2.64 -7.82
CA GLN B 112 -6.30 -1.87 -6.65
C GLN B 112 -5.48 -2.47 -5.53
N ARG B 113 -4.54 -1.73 -4.99
CA ARG B 113 -3.67 -2.26 -3.98
C ARG B 113 -4.12 -1.65 -2.67
N ARG B 114 -4.40 -2.42 -1.66
CA ARG B 114 -4.81 -1.81 -0.42
C ARG B 114 -3.64 -1.42 0.44
N ILE B 115 -3.56 -0.14 0.71
CA ILE B 115 -2.54 0.40 1.59
C ILE B 115 -3.17 0.82 2.93
N ILE B 116 -2.75 0.21 4.03
CA ILE B 116 -3.27 0.59 5.34
C ILE B 116 -2.31 1.55 5.99
N PHE B 117 -2.78 2.75 6.27
CA PHE B 117 -1.94 3.76 6.89
C PHE B 117 -2.15 3.73 8.38
N LYS B 118 -1.18 3.18 9.11
CA LYS B 118 -1.31 3.03 10.55
C LYS B 118 0.03 3.31 11.22
N PRO B 119 0.21 4.56 11.70
CA PRO B 119 1.43 5.05 12.35
C PRO B 119 2.15 4.10 13.28
N GLU B 120 3.34 4.56 13.67
CA GLU B 120 4.21 3.88 14.59
C GLU B 120 5.04 4.92 15.29
N ASP B 121 4.92 4.99 16.61
CA ASP B 121 5.68 5.91 17.45
C ASP B 121 5.47 7.38 17.07
N LEU B 122 4.28 7.89 17.37
CA LEU B 122 4.05 9.33 17.31
C LEU B 122 4.60 9.97 18.57
N SER B 123 3.78 9.82 19.58
CA SER B 123 4.04 10.30 20.92
C SER B 123 2.87 9.86 21.77
N LEU B 124 1.73 10.07 21.15
CA LEU B 124 0.46 9.87 21.75
C LEU B 124 -0.19 8.56 21.28
N ALA A 1 -4.07 -8.68 -3.19
CA ALA A 1 -2.79 -8.52 -2.47
C ALA A 1 -3.05 -8.42 -0.99
N ASP A 2 -2.04 -8.05 -0.22
CA ASP A 2 -2.19 -7.96 1.22
C ASP A 2 -2.08 -6.51 1.67
N PRO A 3 -3.16 -5.94 2.24
CA PRO A 3 -3.13 -4.59 2.79
C PRO A 3 -2.03 -4.46 3.83
N LEU A 4 -1.07 -3.59 3.54
CA LEU A 4 0.13 -3.53 4.35
C LEU A 4 0.15 -2.31 5.25
N VAL A 5 0.73 -2.50 6.42
CA VAL A 5 0.81 -1.44 7.40
C VAL A 5 1.89 -0.43 7.05
N ILE A 6 1.47 0.72 6.56
CA ILE A 6 2.36 1.82 6.35
C ILE A 6 2.31 2.74 7.58
N SER A 7 3.33 2.63 8.40
CA SER A 7 3.33 3.27 9.72
C SER A 7 3.94 4.66 9.70
N SER A 8 4.60 5.00 8.63
CA SER A 8 5.24 6.29 8.53
C SER A 8 4.94 6.98 7.22
N GLY A 9 5.27 8.26 7.17
CA GLY A 9 5.03 9.05 6.00
C GLY A 9 5.96 10.24 5.99
N ASN A 10 7.19 9.98 5.58
CA ASN A 10 8.24 10.94 5.57
C ASN A 10 9.33 10.48 4.61
N ASP A 11 10.28 11.35 4.32
CA ASP A 11 11.37 11.06 3.39
C ASP A 11 12.45 10.25 4.07
N ARG A 12 11.97 9.22 4.69
CA ARG A 12 12.80 8.23 5.39
C ARG A 12 13.45 7.26 4.40
N ALA A 13 14.06 6.21 4.93
CA ALA A 13 14.64 5.16 4.11
C ALA A 13 14.70 3.85 4.88
N HIS B 1 23.63 -28.12 22.64
CA HIS B 1 22.69 -27.05 22.26
C HIS B 1 22.84 -25.87 23.22
N MET B 2 23.92 -25.12 23.06
CA MET B 2 24.20 -23.96 23.92
C MET B 2 24.78 -22.80 23.11
N ARG B 3 24.12 -22.47 22.00
CA ARG B 3 24.51 -21.34 21.15
C ARG B 3 25.90 -21.53 20.55
N ALA B 4 26.23 -22.78 20.25
CA ALA B 4 27.50 -23.09 19.62
C ALA B 4 27.32 -23.24 18.11
N LEU B 5 26.06 -23.41 17.71
CA LEU B 5 25.72 -23.57 16.31
C LEU B 5 25.98 -22.29 15.53
N ALA B 6 26.47 -22.45 14.31
CA ALA B 6 26.73 -21.31 13.45
C ALA B 6 25.52 -21.00 12.60
N GLU B 7 25.07 -21.99 11.85
CA GLU B 7 23.95 -21.80 10.96
C GLU B 7 22.63 -22.02 11.68
N LEU B 8 21.95 -20.94 11.95
CA LEU B 8 20.60 -21.00 12.48
C LEU B 8 19.62 -20.43 11.46
N LEU B 9 20.12 -19.50 10.65
CA LEU B 9 19.35 -18.86 9.58
C LEU B 9 18.24 -17.97 10.16
N SER B 10 17.19 -18.60 10.66
CA SER B 10 16.08 -17.86 11.25
C SER B 10 16.39 -17.49 12.70
N ASP B 11 15.61 -16.58 13.25
CA ASP B 11 15.82 -16.12 14.63
C ASP B 11 14.57 -16.34 15.46
N THR B 12 13.85 -17.42 15.15
CA THR B 12 12.60 -17.76 15.82
C THR B 12 11.57 -16.64 15.65
N THR B 13 11.56 -15.69 16.59
CA THR B 13 10.66 -14.55 16.55
C THR B 13 9.20 -15.01 16.43
N GLU B 14 8.82 -15.92 17.33
CA GLU B 14 7.47 -16.48 17.32
C GLU B 14 6.55 -15.69 18.22
N ARG B 15 7.14 -14.81 18.98
CA ARG B 15 6.40 -13.97 19.90
C ARG B 15 6.29 -12.55 19.37
N GLN B 16 5.99 -12.43 18.09
CA GLN B 16 5.78 -11.14 17.47
C GLN B 16 4.58 -11.22 16.53
N GLN B 17 3.40 -11.31 17.12
CA GLN B 17 2.18 -11.44 16.36
C GLN B 17 1.82 -10.14 15.63
N ALA B 18 2.66 -9.78 14.68
CA ALA B 18 2.44 -8.60 13.85
C ALA B 18 2.86 -8.88 12.42
N LEU B 19 4.02 -9.53 12.27
CA LEU B 19 4.50 -9.95 10.98
C LEU B 19 4.03 -11.37 10.70
N ALA B 20 3.16 -11.51 9.70
CA ALA B 20 2.62 -12.80 9.33
C ALA B 20 3.72 -13.73 8.83
N ASP B 21 3.60 -15.01 9.18
CA ASP B 21 4.55 -16.02 8.78
C ASP B 21 4.37 -16.39 7.30
N GLU B 22 5.24 -17.26 6.80
CA GLU B 22 5.27 -17.61 5.41
C GLU B 22 3.95 -18.22 4.95
N VAL B 23 3.54 -17.86 3.75
CA VAL B 23 2.28 -18.32 3.19
C VAL B 23 2.54 -19.09 1.91
N GLY B 24 1.48 -19.58 1.33
CA GLY B 24 1.56 -20.27 0.06
C GLY B 24 2.07 -19.36 -1.02
N SER B 25 3.13 -19.78 -1.66
CA SER B 25 3.79 -18.97 -2.68
C SER B 25 2.91 -18.77 -3.92
N GLU B 26 2.05 -17.76 -3.85
CA GLU B 26 1.28 -17.34 -5.00
C GLU B 26 1.91 -16.15 -5.67
N VAL B 27 1.67 -15.01 -5.09
CA VAL B 27 2.07 -13.75 -5.65
C VAL B 27 2.37 -12.75 -4.55
N THR B 28 2.01 -11.48 -4.77
CA THR B 28 2.36 -10.40 -3.87
C THR B 28 3.85 -10.42 -3.58
N GLY B 29 4.61 -10.08 -4.59
CA GLY B 29 6.06 -9.94 -4.45
C GLY B 29 6.45 -8.85 -3.46
N SER B 30 7.61 -8.25 -3.65
CA SER B 30 8.03 -7.16 -2.78
C SER B 30 7.01 -6.03 -2.85
N LEU B 31 6.73 -5.66 -4.10
CA LEU B 31 5.51 -4.96 -4.55
C LEU B 31 4.68 -4.32 -3.46
N ASP B 32 4.02 -5.12 -2.63
CA ASP B 32 3.14 -4.60 -1.58
C ASP B 32 3.82 -3.51 -0.76
N ASP B 33 5.02 -3.83 -0.32
CA ASP B 33 5.86 -2.98 0.50
C ASP B 33 6.40 -1.84 -0.29
N LEU B 34 6.61 -2.09 -1.55
CA LEU B 34 7.09 -1.09 -2.44
C LEU B 34 6.11 0.05 -2.57
N ILE B 35 4.88 -0.30 -2.86
CA ILE B 35 3.79 0.64 -2.91
C ILE B 35 3.76 1.48 -1.66
N VAL B 36 3.92 0.77 -0.57
CA VAL B 36 3.97 1.30 0.75
C VAL B 36 5.21 2.13 0.97
N ASN B 37 6.28 1.67 0.36
CA ASN B 37 7.58 2.32 0.44
C ASN B 37 7.44 3.68 -0.13
N LEU B 38 6.84 3.62 -1.28
CA LEU B 38 6.55 4.78 -2.09
C LEU B 38 5.57 5.73 -1.40
N VAL B 39 4.53 5.17 -0.81
CA VAL B 39 3.44 5.96 -0.25
C VAL B 39 3.93 6.85 0.88
N SER B 40 4.86 6.37 1.68
CA SER B 40 5.38 7.14 2.80
C SER B 40 6.40 8.15 2.33
N GLN B 41 6.95 7.92 1.15
CA GLN B 41 7.90 8.85 0.58
C GLN B 41 7.11 10.04 0.13
N GLN B 42 5.85 9.74 -0.08
CA GLN B 42 4.86 10.68 -0.54
C GLN B 42 3.94 11.14 0.58
N TRP B 43 3.88 10.36 1.64
CA TRP B 43 2.94 10.60 2.72
C TRP B 43 3.53 11.59 3.70
N ARG B 44 2.66 11.99 4.56
CA ARG B 44 2.87 13.07 5.52
C ARG B 44 1.98 12.85 6.73
N ARG B 45 2.56 12.46 7.85
CA ARG B 45 1.78 12.24 9.06
C ARG B 45 1.30 13.58 9.62
N PRO B 46 0.13 13.56 10.23
CA PRO B 46 -0.47 14.70 10.89
C PRO B 46 -0.25 14.65 12.39
N PRO B 47 -0.63 15.72 13.10
CA PRO B 47 -0.50 15.80 14.54
C PRO B 47 -1.72 15.21 15.21
N SER B 48 -2.69 14.87 14.37
CA SER B 48 -3.91 14.23 14.80
C SER B 48 -3.73 12.72 14.94
N ALA B 49 -2.77 12.16 14.20
CA ALA B 49 -2.58 10.73 14.20
C ALA B 49 -2.15 10.19 15.57
N ARG B 50 -2.72 9.05 15.92
CA ARG B 50 -2.40 8.36 17.16
C ARG B 50 -1.78 7.01 16.84
N ASN B 51 -1.27 6.31 17.86
CA ASN B 51 -0.41 5.14 17.66
C ASN B 51 -1.18 3.88 17.27
N GLY B 52 -1.93 4.03 16.24
CA GLY B 52 -2.61 2.94 15.58
C GLY B 52 -3.97 3.34 15.04
N MET B 53 -4.03 4.58 14.59
CA MET B 53 -5.11 5.07 13.81
C MET B 53 -4.80 4.64 12.39
N SER B 54 -5.78 4.41 11.56
CA SER B 54 -5.46 3.82 10.27
C SER B 54 -6.49 4.08 9.21
N VAL B 55 -6.01 3.95 8.01
CA VAL B 55 -6.80 4.16 6.82
C VAL B 55 -6.61 3.00 5.89
N GLU B 56 -7.69 2.40 5.44
CA GLU B 56 -7.58 1.50 4.33
C GLU B 56 -7.80 2.33 3.10
N VAL B 57 -6.81 2.35 2.26
CA VAL B 57 -6.86 3.16 1.08
C VAL B 57 -6.76 2.27 -0.15
N LEU B 58 -7.80 2.30 -0.94
CA LEU B 58 -7.88 1.53 -2.15
C LEU B 58 -7.38 2.34 -3.29
N ILE B 59 -6.32 1.85 -3.87
CA ILE B 59 -5.75 2.47 -5.00
C ILE B 59 -6.29 1.84 -6.23
N GLU B 60 -6.03 2.49 -7.30
CA GLU B 60 -6.37 2.00 -8.61
C GLU B 60 -5.25 2.29 -9.54
N MET B 61 -4.90 1.32 -10.35
CA MET B 61 -3.68 1.40 -11.12
C MET B 61 -3.77 0.77 -12.48
N LEU B 62 -2.80 1.19 -13.24
CA LEU B 62 -2.58 0.80 -14.60
C LEU B 62 -1.57 -0.33 -14.65
N PRO B 63 -1.52 -1.08 -15.77
CA PRO B 63 -0.54 -2.16 -15.96
C PRO B 63 0.90 -1.67 -15.89
N ASP B 64 1.06 -0.37 -15.67
CA ASP B 64 2.38 0.22 -15.55
C ASP B 64 2.69 0.46 -14.09
N GLY B 65 1.65 0.37 -13.29
CA GLY B 65 1.74 0.70 -11.91
C GLY B 65 1.31 2.12 -11.66
N THR B 66 1.08 2.83 -12.77
CA THR B 66 0.56 4.16 -12.71
C THR B 66 -0.79 4.17 -12.04
N ILE B 67 -0.82 4.81 -10.91
CA ILE B 67 -1.98 4.95 -10.11
C ILE B 67 -3.01 5.81 -10.85
N THR B 68 -4.11 5.19 -11.19
CA THR B 68 -5.17 5.82 -11.93
C THR B 68 -6.23 6.37 -10.98
N ASN B 69 -6.33 5.74 -9.82
CA ASN B 69 -7.23 6.22 -8.76
C ASN B 69 -6.69 5.89 -7.40
N ALA B 70 -7.34 6.44 -6.41
CA ALA B 70 -7.04 6.17 -5.00
C ALA B 70 -8.10 6.82 -4.13
N SER B 71 -8.68 6.05 -3.24
CA SER B 71 -9.63 6.55 -2.30
C SER B 71 -9.43 5.93 -0.96
N VAL B 72 -10.12 6.50 -0.03
CA VAL B 72 -10.28 5.91 1.24
C VAL B 72 -11.32 4.85 1.14
N SER B 73 -10.90 3.68 1.40
CA SER B 73 -11.75 2.55 1.36
C SER B 73 -12.41 2.37 2.73
N ARG B 74 -11.65 2.73 3.77
CA ARG B 74 -12.10 2.67 5.15
C ARG B 74 -11.41 3.77 5.94
N SER B 75 -12.18 4.77 6.34
CA SER B 75 -11.63 5.96 6.98
C SER B 75 -11.37 5.75 8.46
N SER B 76 -10.35 6.45 8.98
CA SER B 76 -10.00 6.40 10.38
C SER B 76 -10.91 7.32 11.18
N GLY B 77 -11.62 8.15 10.44
CA GLY B 77 -12.42 9.19 11.05
C GLY B 77 -11.72 10.51 11.00
N ASP B 78 -10.42 10.45 10.74
CA ASP B 78 -9.63 11.65 10.60
C ASP B 78 -9.34 11.84 9.13
N LYS B 79 -10.15 12.67 8.54
CA LYS B 79 -10.08 12.91 7.11
C LYS B 79 -8.70 13.40 6.67
N PRO B 80 -8.06 14.33 7.41
CA PRO B 80 -6.66 14.65 7.20
C PRO B 80 -5.80 13.41 7.15
N PHE B 81 -5.94 12.56 8.15
CA PHE B 81 -5.14 11.38 8.24
C PHE B 81 -5.38 10.51 7.00
N ASP B 82 -6.65 10.28 6.72
CA ASP B 82 -7.10 9.50 5.58
C ASP B 82 -6.53 10.06 4.29
N SER B 83 -6.91 11.30 3.98
CA SER B 83 -6.60 11.95 2.74
C SER B 83 -5.12 12.27 2.57
N SER B 84 -4.41 12.64 3.64
CA SER B 84 -2.97 12.90 3.56
C SER B 84 -2.28 11.69 2.95
N ALA B 85 -2.90 10.56 3.23
CA ALA B 85 -2.40 9.27 2.81
C ALA B 85 -2.87 8.95 1.40
N VAL B 86 -4.04 9.45 1.05
CA VAL B 86 -4.51 9.41 -0.32
C VAL B 86 -3.61 10.24 -1.18
N ALA B 87 -3.22 11.32 -0.63
CA ALA B 87 -2.28 12.15 -1.31
C ALA B 87 -0.91 11.54 -1.25
N ALA B 88 -0.75 10.60 -0.36
CA ALA B 88 0.47 9.84 -0.31
C ALA B 88 0.47 8.90 -1.49
N VAL B 89 -0.69 8.30 -1.72
CA VAL B 89 -0.81 7.30 -2.76
C VAL B 89 -0.75 7.91 -4.13
N ARG B 90 -1.57 8.90 -4.32
CA ARG B 90 -1.62 9.62 -5.56
C ARG B 90 -0.28 10.24 -5.94
N ASN B 91 0.52 10.66 -4.95
CA ASN B 91 1.73 11.39 -5.25
C ASN B 91 2.83 10.48 -5.75
N VAL B 92 2.66 9.18 -5.53
CA VAL B 92 3.59 8.20 -6.11
C VAL B 92 3.27 8.09 -7.60
N GLY B 93 1.99 8.01 -7.84
CA GLY B 93 1.38 8.08 -9.17
C GLY B 93 1.75 7.01 -10.17
N ARG B 94 2.86 6.40 -9.98
CA ARG B 94 3.34 5.35 -10.88
C ARG B 94 4.30 4.44 -10.13
N ILE B 95 3.92 3.20 -10.02
CA ILE B 95 4.63 2.25 -9.21
C ILE B 95 5.49 1.27 -10.01
N PRO B 96 6.75 1.14 -9.60
CA PRO B 96 7.78 0.27 -10.20
C PRO B 96 7.34 -1.09 -10.73
N GLU B 97 7.32 -2.05 -9.81
CA GLU B 97 7.37 -3.48 -10.19
C GLU B 97 6.07 -3.97 -10.80
N MET B 98 5.14 -3.07 -11.02
CA MET B 98 3.85 -3.46 -11.54
C MET B 98 3.96 -4.00 -12.96
N GLN B 99 5.00 -3.58 -13.66
CA GLN B 99 5.25 -4.06 -15.00
C GLN B 99 6.03 -5.37 -15.02
N GLN B 100 6.29 -5.95 -13.85
CA GLN B 100 7.05 -7.20 -13.78
C GLN B 100 6.11 -8.34 -13.64
N LEU B 101 4.89 -7.98 -13.36
CA LEU B 101 3.87 -8.93 -13.18
C LEU B 101 3.09 -9.21 -14.44
N PRO B 102 2.38 -10.31 -14.36
CA PRO B 102 1.25 -10.64 -15.20
C PRO B 102 0.17 -9.58 -15.01
N ARG B 103 -0.42 -9.12 -16.10
CA ARG B 103 -1.55 -8.20 -16.04
C ARG B 103 -2.64 -8.74 -15.13
N ALA B 104 -2.83 -10.04 -15.21
CA ALA B 104 -3.79 -10.74 -14.37
C ALA B 104 -3.37 -10.73 -12.90
N THR B 105 -2.07 -10.74 -12.64
CA THR B 105 -1.56 -10.79 -11.31
C THR B 105 -1.61 -9.41 -10.71
N PHE B 106 -1.31 -8.46 -11.55
CA PHE B 106 -1.44 -7.08 -11.23
C PHE B 106 -2.91 -6.79 -10.85
N ASP B 107 -3.81 -7.21 -11.74
CA ASP B 107 -5.27 -7.06 -11.57
C ASP B 107 -5.73 -7.68 -10.27
N SER B 108 -5.04 -8.73 -9.86
CA SER B 108 -5.36 -9.45 -8.66
C SER B 108 -5.03 -8.61 -7.45
N LEU B 109 -3.82 -8.12 -7.48
CA LEU B 109 -3.19 -7.54 -6.33
C LEU B 109 -3.17 -6.03 -6.30
N TYR B 110 -2.60 -5.43 -7.31
CA TYR B 110 -2.20 -4.03 -7.26
C TYR B 110 -3.08 -3.19 -8.15
N ARG B 111 -3.95 -3.86 -8.89
CA ARG B 111 -5.00 -3.25 -9.65
C ARG B 111 -5.66 -2.19 -8.81
N GLN B 112 -6.24 -2.67 -7.75
CA GLN B 112 -6.58 -1.85 -6.66
C GLN B 112 -5.68 -2.22 -5.51
N ARG B 113 -4.84 -1.30 -5.09
CA ARG B 113 -3.83 -1.62 -4.11
C ARG B 113 -4.35 -1.14 -2.76
N ARG B 114 -4.26 -1.93 -1.71
CA ARG B 114 -4.80 -1.55 -0.43
C ARG B 114 -3.69 -1.21 0.51
N ILE B 115 -3.67 0.01 0.94
CA ILE B 115 -2.63 0.49 1.80
C ILE B 115 -3.22 0.91 3.14
N ILE B 116 -2.76 0.29 4.23
CA ILE B 116 -3.25 0.61 5.55
C ILE B 116 -2.28 1.54 6.21
N PHE B 117 -2.69 2.75 6.44
CA PHE B 117 -1.82 3.72 7.06
C PHE B 117 -1.98 3.61 8.56
N LYS B 118 -1.07 2.89 9.19
CA LYS B 118 -1.20 2.57 10.60
C LYS B 118 0.10 2.94 11.33
N PRO B 119 0.18 4.22 11.78
CA PRO B 119 1.31 4.83 12.50
C PRO B 119 2.20 3.95 13.37
N GLU B 120 3.33 4.54 13.72
CA GLU B 120 4.28 4.00 14.66
C GLU B 120 4.92 5.16 15.43
N ASP B 121 4.85 5.07 16.75
CA ASP B 121 5.49 6.04 17.66
C ASP B 121 5.19 7.51 17.30
N LEU B 122 4.00 7.96 17.63
CA LEU B 122 3.68 9.38 17.58
C LEU B 122 4.11 10.06 18.88
N SER B 123 3.64 11.29 19.09
CA SER B 123 3.90 12.02 20.33
C SER B 123 3.25 11.36 21.53
N LEU B 124 2.18 10.68 21.25
CA LEU B 124 1.22 10.31 22.25
C LEU B 124 1.42 8.87 22.72
N ALA A 1 -3.48 -9.81 -2.82
CA ALA A 1 -2.34 -9.18 -2.11
C ALA A 1 -2.69 -9.03 -0.64
N ASP A 2 -1.86 -8.34 0.10
CA ASP A 2 -2.12 -8.13 1.52
C ASP A 2 -1.97 -6.66 1.88
N PRO A 3 -3.08 -6.01 2.28
CA PRO A 3 -3.05 -4.61 2.71
C PRO A 3 -1.98 -4.42 3.78
N LEU A 4 -1.00 -3.58 3.49
CA LEU A 4 0.18 -3.52 4.33
C LEU A 4 0.14 -2.30 5.24
N VAL A 5 0.56 -2.52 6.47
CA VAL A 5 0.65 -1.46 7.44
C VAL A 5 1.78 -0.49 7.10
N ILE A 6 1.40 0.65 6.58
CA ILE A 6 2.32 1.75 6.39
C ILE A 6 2.23 2.66 7.61
N SER A 7 3.34 2.77 8.32
CA SER A 7 3.38 3.50 9.58
C SER A 7 3.16 4.99 9.38
N SER A 8 4.09 5.62 8.70
CA SER A 8 3.99 7.02 8.36
C SER A 8 4.83 7.32 7.16
N GLY A 9 4.80 8.55 6.69
CA GLY A 9 5.64 8.93 5.58
C GLY A 9 7.09 9.00 5.99
N ASN A 10 7.86 9.84 5.34
CA ASN A 10 9.23 10.08 5.75
C ASN A 10 9.24 10.90 7.03
N ASP A 11 10.38 10.90 7.71
CA ASP A 11 10.55 11.52 9.04
C ASP A 11 9.83 12.87 9.16
N ARG A 12 10.18 13.82 8.28
CA ARG A 12 9.64 15.17 8.34
C ARG A 12 9.71 15.77 9.74
N ALA A 13 8.91 16.80 9.97
CA ALA A 13 8.81 17.43 11.27
C ALA A 13 7.63 16.85 12.04
N HIS B 1 -2.87 -21.85 -26.76
CA HIS B 1 -3.55 -21.46 -28.02
C HIS B 1 -3.35 -22.53 -29.09
N MET B 2 -3.92 -23.70 -28.86
CA MET B 2 -3.87 -24.77 -29.84
C MET B 2 -5.24 -24.91 -30.49
N ARG B 3 -6.27 -25.02 -29.65
CA ARG B 3 -7.63 -25.15 -30.12
C ARG B 3 -8.57 -24.95 -28.94
N ALA B 4 -9.75 -24.42 -29.20
CA ALA B 4 -10.70 -24.14 -28.13
C ALA B 4 -11.39 -25.41 -27.65
N LEU B 5 -10.71 -26.15 -26.79
CA LEU B 5 -11.27 -27.34 -26.19
C LEU B 5 -12.23 -26.96 -25.07
N ALA B 6 -13.38 -26.41 -25.44
CA ALA B 6 -14.37 -25.95 -24.48
C ALA B 6 -15.02 -27.12 -23.76
N GLU B 7 -14.39 -27.57 -22.68
CA GLU B 7 -14.92 -28.66 -21.88
C GLU B 7 -16.11 -28.19 -21.05
N LEU B 8 -17.31 -28.61 -21.46
CA LEU B 8 -18.56 -28.19 -20.84
C LEU B 8 -18.57 -26.67 -20.63
N LEU B 9 -18.23 -25.94 -21.68
CA LEU B 9 -18.08 -24.50 -21.59
C LEU B 9 -18.82 -23.83 -22.74
N SER B 10 -20.13 -23.69 -22.58
CA SER B 10 -20.96 -23.02 -23.56
C SER B 10 -21.06 -21.54 -23.21
N ASP B 11 -20.04 -20.77 -23.60
CA ASP B 11 -19.93 -19.34 -23.28
C ASP B 11 -19.76 -19.13 -21.78
N THR B 12 -20.88 -19.17 -21.05
CA THR B 12 -20.91 -19.07 -19.58
C THR B 12 -20.24 -17.80 -19.03
N THR B 13 -21.00 -17.04 -18.26
CA THR B 13 -20.51 -15.79 -17.71
C THR B 13 -19.79 -16.01 -16.39
N GLU B 14 -20.12 -17.09 -15.70
CA GLU B 14 -19.65 -17.31 -14.36
C GLU B 14 -19.91 -18.75 -14.00
N ARG B 15 -18.84 -19.46 -13.94
CA ARG B 15 -18.87 -20.89 -13.88
C ARG B 15 -18.51 -21.37 -12.48
N GLN B 16 -17.82 -20.50 -11.74
CA GLN B 16 -17.37 -20.76 -10.37
C GLN B 16 -16.18 -21.73 -10.34
N GLN B 17 -16.45 -23.00 -10.02
CA GLN B 17 -15.39 -24.00 -9.78
C GLN B 17 -14.40 -23.50 -8.72
N ALA B 18 -13.28 -24.20 -8.57
CA ALA B 18 -12.20 -23.70 -7.73
C ALA B 18 -11.47 -22.57 -8.45
N LEU B 19 -11.32 -22.74 -9.76
CA LEU B 19 -10.71 -21.72 -10.61
C LEU B 19 -11.76 -20.66 -10.96
N ALA B 20 -12.04 -19.80 -10.00
CA ALA B 20 -13.07 -18.78 -10.14
C ALA B 20 -12.62 -17.65 -11.07
N ASP B 21 -13.57 -16.86 -11.53
CA ASP B 21 -13.30 -15.74 -12.43
C ASP B 21 -12.97 -14.51 -11.65
N GLU B 22 -13.20 -14.71 -10.41
CA GLU B 22 -12.88 -13.79 -9.35
C GLU B 22 -11.37 -13.67 -9.21
N VAL B 23 -10.90 -12.50 -8.86
CA VAL B 23 -9.47 -12.28 -8.74
C VAL B 23 -9.14 -11.66 -7.40
N GLY B 24 -7.86 -11.47 -7.17
CA GLY B 24 -7.41 -10.89 -5.93
C GLY B 24 -6.36 -11.73 -5.21
N SER B 25 -6.64 -13.01 -5.05
CA SER B 25 -5.79 -13.87 -4.23
C SER B 25 -4.85 -14.73 -5.09
N GLU B 26 -3.90 -14.10 -5.76
CA GLU B 26 -2.86 -14.79 -6.44
C GLU B 26 -1.59 -14.75 -5.64
N VAL B 27 -0.96 -13.60 -5.65
CA VAL B 27 0.33 -13.42 -5.01
C VAL B 27 0.52 -12.00 -4.52
N THR B 28 1.76 -11.65 -4.27
CA THR B 28 2.21 -10.33 -3.86
C THR B 28 3.69 -10.44 -3.60
N GLY B 29 4.45 -10.27 -4.67
CA GLY B 29 5.90 -10.21 -4.58
C GLY B 29 6.39 -9.15 -3.60
N SER B 30 7.53 -8.57 -3.90
CA SER B 30 8.08 -7.52 -3.06
C SER B 30 7.36 -6.20 -3.26
N LEU B 31 6.19 -6.34 -3.78
CA LEU B 31 5.44 -5.25 -4.39
C LEU B 31 4.59 -4.51 -3.37
N ASP B 32 3.89 -5.22 -2.48
CA ASP B 32 3.06 -4.58 -1.45
C ASP B 32 3.80 -3.47 -0.73
N ASP B 33 4.99 -3.83 -0.29
CA ASP B 33 5.87 -2.98 0.49
C ASP B 33 6.38 -1.83 -0.33
N LEU B 34 6.59 -2.07 -1.60
CA LEU B 34 7.02 -1.07 -2.50
C LEU B 34 6.03 0.05 -2.60
N ILE B 35 4.80 -0.32 -2.87
CA ILE B 35 3.70 0.60 -2.91
C ILE B 35 3.67 1.47 -1.66
N VAL B 36 3.87 0.79 -0.57
CA VAL B 36 3.94 1.32 0.76
C VAL B 36 5.21 2.15 0.95
N ASN B 37 6.26 1.69 0.32
CA ASN B 37 7.56 2.32 0.36
C ASN B 37 7.43 3.67 -0.24
N LEU B 38 6.80 3.61 -1.35
CA LEU B 38 6.47 4.76 -2.15
C LEU B 38 5.53 5.71 -1.41
N VAL B 39 4.47 5.16 -0.84
CA VAL B 39 3.41 5.94 -0.26
C VAL B 39 3.91 6.82 0.86
N SER B 40 4.87 6.35 1.62
CA SER B 40 5.41 7.10 2.74
C SER B 40 6.41 8.14 2.26
N GLN B 41 7.01 7.89 1.11
CA GLN B 41 7.94 8.86 0.57
C GLN B 41 7.11 10.09 0.26
N GLN B 42 5.91 9.77 -0.13
CA GLN B 42 4.89 10.70 -0.44
C GLN B 42 4.00 11.10 0.76
N TRP B 43 3.97 10.28 1.80
CA TRP B 43 3.05 10.49 2.91
C TRP B 43 3.70 11.35 3.97
N ARG B 44 2.83 11.74 4.85
CA ARG B 44 3.13 12.70 5.90
C ARG B 44 2.21 12.50 7.09
N ARG B 45 2.80 12.31 8.26
CA ARG B 45 2.01 12.23 9.49
C ARG B 45 1.53 13.63 9.88
N PRO B 46 0.31 13.71 10.38
CA PRO B 46 -0.29 14.92 10.89
C PRO B 46 -0.18 15.00 12.42
N PRO B 47 -0.62 16.11 13.01
CA PRO B 47 -0.63 16.30 14.45
C PRO B 47 -1.85 15.65 15.06
N SER B 48 -2.73 15.24 14.17
CA SER B 48 -3.97 14.58 14.55
C SER B 48 -3.78 13.06 14.68
N ALA B 49 -2.73 12.52 14.05
CA ALA B 49 -2.48 11.08 14.09
C ALA B 49 -2.13 10.62 15.50
N ARG B 50 -2.75 9.53 15.91
CA ARG B 50 -2.47 8.92 17.21
C ARG B 50 -1.89 7.53 16.98
N ASN B 51 -1.43 6.87 18.05
CA ASN B 51 -0.52 5.73 17.95
C ASN B 51 -1.22 4.43 17.58
N GLY B 52 -2.12 4.55 16.67
CA GLY B 52 -2.78 3.40 16.06
C GLY B 52 -4.06 3.78 15.38
N MET B 53 -4.06 4.96 14.78
CA MET B 53 -5.08 5.37 13.89
C MET B 53 -4.72 4.84 12.54
N SER B 54 -5.68 4.50 11.71
CA SER B 54 -5.34 3.85 10.48
C SER B 54 -6.35 4.11 9.40
N VAL B 55 -5.85 4.05 8.19
CA VAL B 55 -6.65 4.30 7.00
C VAL B 55 -6.45 3.17 6.02
N GLU B 56 -7.54 2.53 5.65
CA GLU B 56 -7.47 1.59 4.55
C GLU B 56 -7.73 2.37 3.29
N VAL B 57 -6.78 2.34 2.41
CA VAL B 57 -6.86 3.11 1.20
C VAL B 57 -6.75 2.22 -0.02
N LEU B 58 -7.78 2.23 -0.84
CA LEU B 58 -7.84 1.49 -2.05
C LEU B 58 -7.32 2.30 -3.19
N ILE B 59 -6.27 1.84 -3.77
CA ILE B 59 -5.72 2.46 -4.92
C ILE B 59 -6.27 1.82 -6.14
N GLU B 60 -6.00 2.46 -7.22
CA GLU B 60 -6.27 1.95 -8.54
C GLU B 60 -5.14 2.32 -9.44
N MET B 61 -4.79 1.41 -10.30
CA MET B 61 -3.58 1.52 -11.06
C MET B 61 -3.66 0.87 -12.40
N LEU B 62 -2.74 1.33 -13.20
CA LEU B 62 -2.54 0.91 -14.55
C LEU B 62 -1.50 -0.19 -14.60
N PRO B 63 -1.43 -0.94 -15.71
CA PRO B 63 -0.40 -1.97 -15.93
C PRO B 63 1.02 -1.41 -15.90
N ASP B 64 1.13 -0.11 -15.66
CA ASP B 64 2.42 0.55 -15.54
C ASP B 64 2.73 0.76 -14.08
N GLY B 65 1.69 0.61 -13.27
CA GLY B 65 1.75 0.90 -11.87
C GLY B 65 1.28 2.31 -11.62
N THR B 66 1.14 3.07 -12.69
CA THR B 66 0.57 4.39 -12.64
C THR B 66 -0.77 4.34 -11.94
N ILE B 67 -0.80 5.01 -10.83
CA ILE B 67 -1.98 5.13 -10.02
C ILE B 67 -3.03 5.97 -10.74
N THR B 68 -4.13 5.30 -11.04
CA THR B 68 -5.20 5.87 -11.79
C THR B 68 -6.30 6.37 -10.85
N ASN B 69 -6.39 5.76 -9.67
CA ASN B 69 -7.33 6.21 -8.64
C ASN B 69 -6.80 5.86 -7.28
N ALA B 70 -7.45 6.40 -6.29
CA ALA B 70 -7.16 6.14 -4.88
C ALA B 70 -8.24 6.75 -4.01
N SER B 71 -8.78 5.95 -3.12
CA SER B 71 -9.75 6.41 -2.17
C SER B 71 -9.48 5.80 -0.83
N VAL B 72 -10.18 6.32 0.11
CA VAL B 72 -10.24 5.74 1.39
C VAL B 72 -11.28 4.66 1.38
N SER B 73 -10.81 3.49 1.57
CA SER B 73 -11.63 2.34 1.56
C SER B 73 -12.24 2.12 2.94
N ARG B 74 -11.52 2.59 3.96
CA ARG B 74 -11.96 2.49 5.34
C ARG B 74 -11.34 3.64 6.14
N SER B 75 -12.16 4.56 6.60
CA SER B 75 -11.68 5.76 7.27
C SER B 75 -11.60 5.55 8.78
N SER B 76 -10.66 6.26 9.41
CA SER B 76 -10.51 6.27 10.86
C SER B 76 -11.50 7.25 11.47
N GLY B 77 -11.99 8.12 10.61
CA GLY B 77 -12.84 9.21 11.04
C GLY B 77 -12.12 10.54 10.90
N ASP B 78 -10.83 10.45 10.58
CA ASP B 78 -10.01 11.63 10.38
C ASP B 78 -9.66 11.79 8.92
N LYS B 79 -10.33 12.71 8.30
CA LYS B 79 -10.16 12.98 6.87
C LYS B 79 -8.76 13.45 6.52
N PRO B 80 -8.17 14.41 7.26
CA PRO B 80 -6.77 14.79 7.07
C PRO B 80 -5.88 13.57 7.04
N PHE B 81 -6.10 12.71 8.01
CA PHE B 81 -5.30 11.52 8.14
C PHE B 81 -5.51 10.66 6.89
N ASP B 82 -6.78 10.47 6.53
CA ASP B 82 -7.15 9.70 5.35
C ASP B 82 -6.50 10.25 4.09
N SER B 83 -6.82 11.46 3.78
CA SER B 83 -6.41 12.13 2.58
C SER B 83 -4.92 12.44 2.50
N SER B 84 -4.28 12.78 3.62
CA SER B 84 -2.82 12.99 3.61
C SER B 84 -2.15 11.77 3.00
N ALA B 85 -2.82 10.66 3.21
CA ALA B 85 -2.34 9.36 2.78
C ALA B 85 -2.78 9.05 1.35
N VAL B 86 -3.94 9.57 1.00
CA VAL B 86 -4.39 9.55 -0.38
C VAL B 86 -3.43 10.33 -1.21
N ALA B 87 -3.04 11.41 -0.67
CA ALA B 87 -2.07 12.23 -1.33
C ALA B 87 -0.71 11.62 -1.23
N ALA B 88 -0.60 10.64 -0.38
CA ALA B 88 0.59 9.85 -0.33
C ALA B 88 0.54 8.90 -1.50
N VAL B 89 -0.61 8.32 -1.74
CA VAL B 89 -0.74 7.33 -2.79
C VAL B 89 -0.66 7.97 -4.16
N ARG B 90 -1.50 8.95 -4.35
CA ARG B 90 -1.58 9.66 -5.60
C ARG B 90 -0.26 10.29 -5.99
N ASN B 91 0.53 10.74 -5.01
CA ASN B 91 1.77 11.44 -5.28
C ASN B 91 2.80 10.51 -5.87
N VAL B 92 2.70 9.23 -5.55
CA VAL B 92 3.64 8.25 -6.09
C VAL B 92 3.32 8.04 -7.57
N GLY B 93 2.03 7.96 -7.81
CA GLY B 93 1.43 8.02 -9.13
C GLY B 93 1.78 6.92 -10.11
N ARG B 94 2.80 6.17 -9.82
CA ARG B 94 3.19 5.02 -10.62
C ARG B 94 4.07 4.07 -9.81
N ILE B 95 3.73 2.78 -9.82
CA ILE B 95 4.52 1.76 -9.16
C ILE B 95 5.39 1.03 -10.19
N PRO B 96 6.66 0.82 -9.84
CA PRO B 96 7.67 0.22 -10.72
C PRO B 96 7.43 -1.22 -11.17
N GLU B 97 7.18 -2.15 -10.25
CA GLU B 97 7.24 -3.57 -10.59
C GLU B 97 5.97 -4.10 -11.26
N MET B 98 5.02 -3.22 -11.59
CA MET B 98 3.80 -3.68 -12.25
C MET B 98 4.07 -4.22 -13.63
N GLN B 99 5.19 -3.82 -14.18
CA GLN B 99 5.62 -4.30 -15.47
C GLN B 99 6.42 -5.60 -15.34
N GLN B 100 6.40 -6.23 -14.16
CA GLN B 100 7.00 -7.52 -14.02
C GLN B 100 5.90 -8.54 -14.03
N LEU B 101 4.93 -8.29 -13.17
CA LEU B 101 3.79 -9.13 -13.08
C LEU B 101 3.05 -9.35 -14.37
N PRO B 102 2.37 -10.47 -14.35
CA PRO B 102 1.29 -10.79 -15.27
C PRO B 102 0.19 -9.74 -15.10
N ARG B 103 -0.42 -9.30 -16.18
CA ARG B 103 -1.50 -8.36 -16.09
C ARG B 103 -2.61 -8.89 -15.21
N ALA B 104 -2.86 -10.16 -15.35
CA ALA B 104 -3.83 -10.86 -14.51
C ALA B 104 -3.41 -10.86 -13.04
N THR B 105 -2.11 -10.86 -12.78
CA THR B 105 -1.59 -10.90 -11.45
C THR B 105 -1.61 -9.51 -10.87
N PHE B 106 -1.32 -8.57 -11.73
CA PHE B 106 -1.45 -7.19 -11.40
C PHE B 106 -2.91 -6.88 -11.08
N ASP B 107 -3.82 -7.35 -11.92
CA ASP B 107 -5.25 -7.18 -11.74
C ASP B 107 -5.71 -7.80 -10.44
N SER B 108 -5.03 -8.83 -10.06
CA SER B 108 -5.34 -9.55 -8.85
C SER B 108 -5.03 -8.66 -7.68
N LEU B 109 -3.82 -8.16 -7.73
CA LEU B 109 -3.21 -7.56 -6.58
C LEU B 109 -3.21 -6.04 -6.58
N TYR B 110 -2.57 -5.49 -7.58
CA TYR B 110 -2.18 -4.10 -7.53
C TYR B 110 -3.03 -3.24 -8.45
N ARG B 111 -4.00 -3.86 -9.13
CA ARG B 111 -4.97 -3.10 -9.87
C ARG B 111 -5.64 -2.12 -8.95
N GLN B 112 -5.90 -2.63 -7.77
CA GLN B 112 -6.29 -1.85 -6.66
C GLN B 112 -5.47 -2.28 -5.50
N ARG B 113 -4.58 -1.44 -5.06
CA ARG B 113 -3.61 -1.85 -4.08
C ARG B 113 -3.97 -1.23 -2.75
N ARG B 114 -4.36 -2.02 -1.77
CA ARG B 114 -4.75 -1.44 -0.50
C ARG B 114 -3.59 -1.19 0.42
N ILE B 115 -3.62 0.00 0.95
CA ILE B 115 -2.59 0.50 1.81
C ILE B 115 -3.21 0.92 3.15
N ILE B 116 -2.76 0.33 4.24
CA ILE B 116 -3.27 0.65 5.56
C ILE B 116 -2.32 1.59 6.23
N PHE B 117 -2.74 2.83 6.43
CA PHE B 117 -1.88 3.82 7.04
C PHE B 117 -2.07 3.77 8.54
N LYS B 118 -1.16 3.11 9.22
CA LYS B 118 -1.31 2.84 10.62
C LYS B 118 0.01 3.10 11.35
N PRO B 119 0.18 4.33 11.87
CA PRO B 119 1.33 4.82 12.62
C PRO B 119 2.11 3.84 13.47
N GLU B 120 3.29 4.32 13.85
CA GLU B 120 4.19 3.65 14.75
C GLU B 120 5.00 4.73 15.47
N ASP B 121 4.71 4.88 16.74
CA ASP B 121 5.34 5.88 17.60
C ASP B 121 5.17 7.31 17.09
N LEU B 122 4.08 7.95 17.49
CA LEU B 122 3.92 9.40 17.33
C LEU B 122 4.47 10.12 18.56
N SER B 123 4.16 11.41 18.67
CA SER B 123 4.43 12.18 19.87
C SER B 123 3.74 11.59 21.08
N LEU B 124 2.55 11.12 20.82
CA LEU B 124 1.61 10.80 21.85
C LEU B 124 1.72 9.34 22.31
N ALA A 1 -3.97 -9.08 -3.16
CA ALA A 1 -2.69 -8.86 -2.46
C ALA A 1 -2.95 -8.77 -0.96
N ASP A 2 -2.01 -8.26 -0.21
CA ASP A 2 -2.16 -8.19 1.25
C ASP A 2 -2.02 -6.74 1.73
N PRO A 3 -3.13 -6.10 2.16
CA PRO A 3 -3.10 -4.72 2.67
C PRO A 3 -2.03 -4.56 3.73
N LEU A 4 -1.07 -3.71 3.47
CA LEU A 4 0.13 -3.67 4.30
C LEU A 4 0.13 -2.45 5.20
N VAL A 5 0.74 -2.61 6.36
CA VAL A 5 0.80 -1.56 7.35
C VAL A 5 1.89 -0.55 7.01
N ILE A 6 1.50 0.61 6.53
CA ILE A 6 2.44 1.67 6.28
C ILE A 6 2.51 2.60 7.50
N SER A 7 3.56 2.46 8.27
CA SER A 7 3.75 3.23 9.49
C SER A 7 4.58 4.48 9.22
N SER A 8 5.34 4.43 8.13
CA SER A 8 6.16 5.55 7.70
C SER A 8 5.28 6.70 7.22
N GLY A 9 5.90 7.75 6.68
CA GLY A 9 5.15 8.84 6.09
C GLY A 9 5.49 10.16 6.75
N ASN A 10 6.23 10.98 6.03
CA ASN A 10 6.72 12.24 6.53
C ASN A 10 7.11 13.12 5.35
N ASP A 11 7.34 14.41 5.61
CA ASP A 11 7.63 15.38 4.56
C ASP A 11 9.06 15.26 4.07
N ARG A 12 9.42 14.02 3.86
CA ARG A 12 10.71 13.64 3.30
C ARG A 12 10.92 14.29 1.93
N ALA A 13 12.17 14.56 1.60
CA ALA A 13 12.52 15.17 0.33
C ALA A 13 13.68 14.41 -0.30
N HIS B 1 7.21 17.69 -13.58
CA HIS B 1 5.80 17.29 -13.71
C HIS B 1 5.67 16.05 -14.58
N MET B 2 4.42 15.62 -14.82
CA MET B 2 4.11 14.47 -15.65
C MET B 2 4.52 13.17 -14.97
N ARG B 3 5.81 12.88 -15.02
CA ARG B 3 6.33 11.62 -14.49
C ARG B 3 7.83 11.71 -14.27
N ALA B 4 8.25 11.56 -13.04
CA ALA B 4 9.68 11.52 -12.72
C ALA B 4 10.18 10.09 -12.85
N LEU B 5 11.47 9.88 -12.62
CA LEU B 5 12.06 8.56 -12.77
C LEU B 5 11.64 7.64 -11.61
N ALA B 6 12.48 7.54 -10.59
CA ALA B 6 12.30 6.62 -9.46
C ALA B 6 12.38 5.16 -9.87
N GLU B 7 11.68 4.80 -10.93
CA GLU B 7 11.65 3.42 -11.40
C GLU B 7 13.04 2.97 -11.85
N LEU B 8 13.57 2.01 -11.12
CA LEU B 8 14.89 1.44 -11.39
C LEU B 8 14.87 0.67 -12.71
N LEU B 9 16.04 0.57 -13.35
CA LEU B 9 16.14 -0.07 -14.66
C LEU B 9 16.24 -1.60 -14.55
N SER B 10 15.22 -2.20 -13.96
CA SER B 10 15.17 -3.65 -13.82
C SER B 10 14.78 -4.31 -15.15
N ASP B 11 15.70 -4.32 -16.10
CA ASP B 11 15.45 -4.88 -17.42
C ASP B 11 15.30 -6.39 -17.37
N THR B 12 15.84 -6.99 -16.30
CA THR B 12 15.67 -8.41 -16.08
C THR B 12 14.18 -8.75 -16.00
N THR B 13 13.39 -7.80 -15.49
CA THR B 13 11.95 -7.89 -15.44
C THR B 13 11.46 -8.89 -14.39
N GLU B 14 11.84 -10.15 -14.55
CA GLU B 14 11.33 -11.24 -13.76
C GLU B 14 9.84 -11.44 -13.99
N ARG B 15 9.52 -12.60 -14.52
CA ARG B 15 8.18 -12.95 -14.88
C ARG B 15 7.87 -14.34 -14.36
N GLN B 16 8.87 -15.20 -14.38
CA GLN B 16 8.75 -16.56 -13.87
C GLN B 16 9.02 -16.56 -12.37
N GLN B 17 8.54 -17.60 -11.68
CA GLN B 17 8.67 -17.69 -10.23
C GLN B 17 8.01 -16.49 -9.55
N ALA B 18 6.75 -16.27 -9.85
CA ALA B 18 6.01 -15.14 -9.30
C ALA B 18 5.46 -15.46 -7.91
N LEU B 19 5.50 -16.73 -7.55
CA LEU B 19 5.03 -17.18 -6.24
C LEU B 19 6.09 -16.81 -5.20
N ALA B 20 7.35 -17.09 -5.53
CA ALA B 20 8.50 -16.78 -4.68
C ALA B 20 8.49 -17.52 -3.35
N ASP B 21 9.69 -18.02 -2.97
CA ASP B 21 9.90 -18.81 -1.76
C ASP B 21 8.85 -19.90 -1.55
N GLU B 22 8.82 -20.47 -0.36
CA GLU B 22 7.92 -21.54 -0.02
C GLU B 22 6.45 -21.20 -0.34
N VAL B 23 5.67 -22.22 -0.63
CA VAL B 23 4.28 -22.03 -1.00
C VAL B 23 3.40 -21.78 0.21
N GLY B 24 2.31 -21.07 -0.05
CA GLY B 24 1.38 -20.70 0.99
C GLY B 24 0.80 -19.33 0.76
N SER B 25 1.66 -18.37 0.56
CA SER B 25 1.24 -17.00 0.29
C SER B 25 1.38 -16.70 -1.20
N GLU B 26 0.27 -16.84 -1.91
CA GLU B 26 0.22 -16.53 -3.33
C GLU B 26 0.79 -15.18 -3.63
N VAL B 27 1.60 -15.21 -4.67
CA VAL B 27 2.16 -14.02 -5.31
C VAL B 27 2.51 -12.89 -4.36
N THR B 28 2.13 -11.68 -4.75
CA THR B 28 2.54 -10.47 -4.07
C THR B 28 4.05 -10.45 -3.91
N GLY B 29 4.70 -10.18 -5.02
CA GLY B 29 6.16 -10.20 -5.11
C GLY B 29 6.85 -9.10 -4.31
N SER B 30 6.60 -9.04 -3.00
CA SER B 30 7.17 -8.02 -2.14
C SER B 30 6.80 -6.63 -2.63
N LEU B 31 5.79 -6.61 -3.45
CA LEU B 31 5.36 -5.44 -4.18
C LEU B 31 4.49 -4.56 -3.29
N ASP B 32 3.65 -5.17 -2.46
CA ASP B 32 2.79 -4.44 -1.53
C ASP B 32 3.63 -3.45 -0.72
N ASP B 33 4.75 -3.95 -0.24
CA ASP B 33 5.69 -3.19 0.57
C ASP B 33 6.26 -2.06 -0.21
N LEU B 34 6.51 -2.33 -1.46
CA LEU B 34 6.99 -1.35 -2.38
C LEU B 34 6.02 -0.20 -2.55
N ILE B 35 4.79 -0.55 -2.86
CA ILE B 35 3.69 0.39 -2.93
C ILE B 35 3.66 1.26 -1.69
N VAL B 36 3.81 0.59 -0.58
CA VAL B 36 3.87 1.14 0.73
C VAL B 36 5.13 1.97 0.93
N ASN B 37 6.22 1.48 0.36
CA ASN B 37 7.52 2.12 0.44
C ASN B 37 7.37 3.48 -0.16
N LEU B 38 6.78 3.41 -1.30
CA LEU B 38 6.49 4.55 -2.11
C LEU B 38 5.54 5.53 -1.42
N VAL B 39 4.44 5.01 -0.90
CA VAL B 39 3.36 5.83 -0.39
C VAL B 39 3.80 6.73 0.75
N SER B 40 4.67 6.23 1.60
CA SER B 40 5.12 6.99 2.76
C SER B 40 6.19 7.98 2.40
N GLN B 41 6.81 7.78 1.26
CA GLN B 41 7.77 8.75 0.77
C GLN B 41 6.97 9.96 0.36
N GLN B 42 5.78 9.64 -0.11
CA GLN B 42 4.79 10.60 -0.49
C GLN B 42 3.86 11.02 0.65
N TRP B 43 3.85 10.26 1.72
CA TRP B 43 2.91 10.50 2.81
C TRP B 43 3.50 11.48 3.79
N ARG B 44 2.64 11.88 4.67
CA ARG B 44 2.90 12.95 5.64
C ARG B 44 2.03 12.75 6.88
N ARG B 45 2.64 12.45 8.01
CA ARG B 45 1.89 12.28 9.25
C ARG B 45 1.34 13.63 9.71
N PRO B 46 0.13 13.60 10.26
CA PRO B 46 -0.54 14.76 10.81
C PRO B 46 -0.40 14.83 12.34
N PRO B 47 -0.81 15.94 12.94
CA PRO B 47 -0.74 16.15 14.38
C PRO B 47 -1.91 15.49 15.07
N SER B 48 -2.83 15.03 14.24
CA SER B 48 -4.00 14.33 14.69
C SER B 48 -3.75 12.82 14.82
N ALA B 49 -2.80 12.29 14.04
CA ALA B 49 -2.55 10.85 14.04
C ALA B 49 -2.11 10.34 15.40
N ARG B 50 -2.75 9.27 15.82
CA ARG B 50 -2.50 8.65 17.11
C ARG B 50 -1.74 7.36 16.93
N ASN B 51 -1.34 6.75 18.04
CA ASN B 51 -0.39 5.62 18.04
C ASN B 51 -1.00 4.33 17.49
N GLY B 52 -1.82 4.47 16.50
CA GLY B 52 -2.41 3.34 15.82
C GLY B 52 -3.72 3.68 15.16
N MET B 53 -3.81 4.89 14.61
CA MET B 53 -4.89 5.28 13.78
C MET B 53 -4.61 4.75 12.39
N SER B 54 -5.63 4.39 11.65
CA SER B 54 -5.38 3.75 10.38
C SER B 54 -6.48 4.00 9.40
N VAL B 55 -6.07 3.99 8.17
CA VAL B 55 -6.96 4.23 7.06
C VAL B 55 -6.65 3.24 5.96
N GLU B 56 -7.67 2.55 5.51
CA GLU B 56 -7.53 1.63 4.41
C GLU B 56 -7.75 2.41 3.15
N VAL B 57 -6.74 2.47 2.32
CA VAL B 57 -6.80 3.26 1.14
C VAL B 57 -6.69 2.38 -0.09
N LEU B 58 -7.72 2.44 -0.90
CA LEU B 58 -7.77 1.70 -2.13
C LEU B 58 -7.27 2.57 -3.25
N ILE B 59 -6.09 2.28 -3.72
CA ILE B 59 -5.56 3.01 -4.82
C ILE B 59 -5.73 2.15 -6.06
N GLU B 60 -5.77 2.79 -7.20
CA GLU B 60 -6.09 2.13 -8.44
C GLU B 60 -5.01 2.38 -9.41
N MET B 61 -4.61 1.34 -10.09
CA MET B 61 -3.49 1.41 -10.96
C MET B 61 -3.65 0.55 -12.14
N LEU B 62 -2.87 0.91 -13.10
CA LEU B 62 -2.87 0.28 -14.39
C LEU B 62 -1.64 -0.57 -14.54
N PRO B 63 -1.60 -1.38 -15.60
CA PRO B 63 -0.49 -2.30 -15.89
C PRO B 63 0.88 -1.63 -15.89
N ASP B 64 0.91 -0.32 -15.68
CA ASP B 64 2.19 0.39 -15.62
C ASP B 64 2.51 0.80 -14.18
N GLY B 65 1.51 0.60 -13.31
CA GLY B 65 1.61 0.97 -11.91
C GLY B 65 1.27 2.41 -11.68
N THR B 66 1.22 3.20 -12.75
CA THR B 66 0.67 4.54 -12.70
C THR B 66 -0.68 4.52 -12.02
N ILE B 67 -0.74 5.23 -10.93
CA ILE B 67 -1.93 5.32 -10.15
C ILE B 67 -3.00 6.10 -10.91
N THR B 68 -4.09 5.41 -11.18
CA THR B 68 -5.18 5.95 -11.93
C THR B 68 -6.28 6.46 -10.98
N ASN B 69 -6.34 5.89 -9.78
CA ASN B 69 -7.29 6.35 -8.77
C ASN B 69 -6.77 6.06 -7.38
N ALA B 70 -7.47 6.60 -6.41
CA ALA B 70 -7.18 6.35 -5.00
C ALA B 70 -8.28 6.92 -4.13
N SER B 71 -8.77 6.13 -3.20
CA SER B 71 -9.75 6.58 -2.27
C SER B 71 -9.48 6.02 -0.90
N VAL B 72 -10.19 6.57 0.01
CA VAL B 72 -10.31 6.02 1.29
C VAL B 72 -11.32 4.92 1.24
N SER B 73 -10.84 3.77 1.50
CA SER B 73 -11.65 2.61 1.48
C SER B 73 -12.25 2.37 2.86
N ARG B 74 -11.51 2.78 3.88
CA ARG B 74 -11.97 2.73 5.27
C ARG B 74 -11.30 3.84 6.05
N SER B 75 -12.08 4.84 6.42
CA SER B 75 -11.56 6.02 7.10
C SER B 75 -11.42 5.80 8.60
N SER B 76 -10.44 6.47 9.21
CA SER B 76 -10.29 6.45 10.66
C SER B 76 -11.29 7.42 11.27
N GLY B 77 -11.77 8.30 10.42
CA GLY B 77 -12.62 9.38 10.86
C GLY B 77 -11.89 10.69 10.83
N ASP B 78 -10.57 10.62 10.68
CA ASP B 78 -9.75 11.79 10.54
C ASP B 78 -9.42 11.97 9.08
N LYS B 79 -10.24 12.74 8.43
CA LYS B 79 -10.13 12.95 7.00
C LYS B 79 -8.74 13.43 6.60
N PRO B 80 -8.12 14.38 7.34
CA PRO B 80 -6.72 14.71 7.13
C PRO B 80 -5.85 13.48 7.14
N PHE B 81 -6.04 12.64 8.14
CA PHE B 81 -5.24 11.46 8.29
C PHE B 81 -5.42 10.56 7.06
N ASP B 82 -6.68 10.26 6.80
CA ASP B 82 -7.10 9.43 5.70
C ASP B 82 -6.57 9.98 4.37
N SER B 83 -6.87 11.25 4.14
CA SER B 83 -6.56 11.92 2.88
C SER B 83 -5.07 12.23 2.70
N SER B 84 -4.38 12.57 3.79
CA SER B 84 -2.93 12.85 3.72
C SER B 84 -2.24 11.67 3.07
N ALA B 85 -2.86 10.53 3.30
CA ALA B 85 -2.38 9.27 2.84
C ALA B 85 -2.85 8.99 1.41
N VAL B 86 -4.02 9.52 1.08
CA VAL B 86 -4.50 9.53 -0.29
C VAL B 86 -3.57 10.34 -1.12
N ALA B 87 -3.15 11.40 -0.55
CA ALA B 87 -2.18 12.23 -1.21
C ALA B 87 -0.83 11.61 -1.18
N ALA B 88 -0.68 10.62 -0.34
CA ALA B 88 0.51 9.83 -0.33
C ALA B 88 0.44 8.92 -1.52
N VAL B 89 -0.73 8.36 -1.76
CA VAL B 89 -0.89 7.41 -2.84
C VAL B 89 -0.83 8.09 -4.18
N ARG B 90 -1.64 9.08 -4.34
CA ARG B 90 -1.68 9.84 -5.55
C ARG B 90 -0.32 10.43 -5.94
N ASN B 91 0.45 10.86 -4.95
CA ASN B 91 1.71 11.53 -5.20
C ASN B 91 2.74 10.59 -5.81
N VAL B 92 2.59 9.30 -5.55
CA VAL B 92 3.50 8.32 -6.10
C VAL B 92 3.28 8.23 -7.60
N GLY B 93 2.00 8.21 -7.92
CA GLY B 93 1.47 8.30 -9.27
C GLY B 93 1.82 7.18 -10.21
N ARG B 94 2.82 6.42 -9.88
CA ARG B 94 3.19 5.25 -10.65
C ARG B 94 4.06 4.30 -9.83
N ILE B 95 3.69 3.03 -9.81
CA ILE B 95 4.50 2.00 -9.23
C ILE B 95 5.22 1.24 -10.33
N PRO B 96 6.54 1.21 -10.25
CA PRO B 96 7.41 0.58 -11.24
C PRO B 96 7.22 -0.93 -11.41
N GLU B 97 7.17 -1.66 -10.30
CA GLU B 97 7.14 -3.12 -10.33
C GLU B 97 5.89 -3.74 -10.99
N MET B 98 4.96 -2.93 -11.46
CA MET B 98 3.77 -3.48 -12.13
C MET B 98 4.12 -4.03 -13.50
N GLN B 99 5.19 -3.52 -14.06
CA GLN B 99 5.60 -3.87 -15.39
C GLN B 99 6.34 -5.21 -15.42
N GLN B 100 6.42 -5.90 -14.28
CA GLN B 100 7.04 -7.20 -14.25
C GLN B 100 5.95 -8.23 -14.27
N LEU B 101 5.03 -8.05 -13.34
CA LEU B 101 3.95 -8.96 -13.17
C LEU B 101 3.16 -9.27 -14.41
N PRO B 102 2.55 -10.43 -14.34
CA PRO B 102 1.46 -10.81 -15.20
C PRO B 102 0.34 -9.82 -15.06
N ARG B 103 -0.26 -9.39 -16.16
CA ARG B 103 -1.40 -8.49 -16.10
C ARG B 103 -2.44 -8.98 -15.12
N ALA B 104 -2.71 -10.26 -15.23
CA ALA B 104 -3.63 -10.97 -14.34
C ALA B 104 -3.16 -10.93 -12.89
N THR B 105 -1.86 -10.94 -12.66
CA THR B 105 -1.31 -10.97 -11.34
C THR B 105 -1.41 -9.58 -10.77
N PHE B 106 -1.14 -8.65 -11.63
CA PHE B 106 -1.28 -7.26 -11.33
C PHE B 106 -2.74 -6.96 -10.95
N ASP B 107 -3.66 -7.41 -11.80
CA ASP B 107 -5.10 -7.24 -11.60
C ASP B 107 -5.55 -7.83 -10.28
N SER B 108 -4.90 -8.89 -9.92
CA SER B 108 -5.22 -9.61 -8.73
C SER B 108 -4.88 -8.75 -7.53
N LEU B 109 -3.68 -8.24 -7.60
CA LEU B 109 -3.04 -7.65 -6.46
C LEU B 109 -3.05 -6.14 -6.45
N TYR B 110 -2.44 -5.55 -7.44
CA TYR B 110 -2.06 -4.16 -7.36
C TYR B 110 -2.93 -3.27 -8.22
N ARG B 111 -3.82 -3.87 -8.99
CA ARG B 111 -4.79 -3.12 -9.77
C ARG B 111 -5.53 -2.14 -8.86
N GLN B 112 -6.04 -2.66 -7.77
CA GLN B 112 -6.36 -1.86 -6.63
C GLN B 112 -5.57 -2.40 -5.47
N ARG B 113 -4.75 -1.58 -4.88
CA ARG B 113 -3.92 -2.08 -3.81
C ARG B 113 -4.26 -1.34 -2.54
N ARG B 114 -4.67 -2.09 -1.54
CA ARG B 114 -5.02 -1.49 -0.29
C ARG B 114 -3.83 -1.22 0.54
N ILE B 115 -3.61 0.04 0.73
CA ILE B 115 -2.56 0.52 1.58
C ILE B 115 -3.17 0.89 2.93
N ILE B 116 -2.69 0.30 4.01
CA ILE B 116 -3.21 0.60 5.33
C ILE B 116 -2.25 1.53 6.02
N PHE B 117 -2.68 2.77 6.22
CA PHE B 117 -1.83 3.74 6.85
C PHE B 117 -2.05 3.70 8.34
N LYS B 118 -1.10 3.12 9.04
CA LYS B 118 -1.25 2.88 10.46
C LYS B 118 0.07 3.15 11.18
N PRO B 119 0.22 4.41 11.66
CA PRO B 119 1.38 4.92 12.40
C PRO B 119 2.07 3.96 13.35
N GLU B 120 3.21 4.43 13.82
CA GLU B 120 4.03 3.76 14.81
C GLU B 120 4.70 4.81 15.69
N ASP B 121 4.36 4.75 16.95
CA ASP B 121 4.90 5.64 17.97
C ASP B 121 4.77 7.13 17.63
N LEU B 122 3.60 7.71 17.88
CA LEU B 122 3.50 9.17 17.99
C LEU B 122 3.83 9.52 19.43
N SER B 123 3.57 10.76 19.84
CA SER B 123 3.61 11.10 21.26
C SER B 123 2.40 10.50 21.93
N LEU B 124 1.32 10.59 21.20
CA LEU B 124 0.02 10.30 21.68
C LEU B 124 -0.50 8.98 21.12
N ALA A 1 -3.93 -8.13 -2.27
CA ALA A 1 -2.48 -8.21 -1.97
C ALA A 1 -2.22 -7.97 -0.48
N ASP A 2 -3.29 -8.09 0.32
CA ASP A 2 -3.23 -7.94 1.78
C ASP A 2 -2.80 -6.53 2.18
N PRO A 3 -3.75 -5.73 2.71
CA PRO A 3 -3.46 -4.35 3.16
C PRO A 3 -2.26 -4.32 4.10
N LEU A 4 -1.23 -3.58 3.72
CA LEU A 4 0.00 -3.59 4.49
C LEU A 4 0.10 -2.35 5.34
N VAL A 5 0.58 -2.52 6.56
CA VAL A 5 0.73 -1.42 7.50
C VAL A 5 1.84 -0.48 7.07
N ILE A 6 1.44 0.65 6.51
CA ILE A 6 2.33 1.74 6.25
C ILE A 6 2.25 2.72 7.43
N SER A 7 3.25 2.64 8.29
CA SER A 7 3.24 3.36 9.55
C SER A 7 4.07 4.61 9.47
N SER A 8 4.57 4.89 8.30
CA SER A 8 5.49 5.99 8.09
C SER A 8 4.98 6.87 6.99
N GLY A 9 5.36 8.13 7.05
CA GLY A 9 5.21 9.00 5.90
C GLY A 9 6.51 9.67 5.62
N ASN A 10 6.49 10.99 5.46
CA ASN A 10 7.70 11.75 5.20
C ASN A 10 8.74 11.44 6.27
N ASP A 11 9.98 11.28 5.84
CA ASP A 11 11.05 10.82 6.72
C ASP A 11 11.57 11.95 7.58
N ARG A 12 11.21 13.18 7.20
CA ARG A 12 11.56 14.38 7.93
C ARG A 12 13.07 14.49 8.15
N ALA A 13 13.44 15.31 9.12
CA ALA A 13 14.83 15.49 9.48
C ALA A 13 14.97 15.62 10.99
N HIS B 1 -0.74 -20.14 -40.33
CA HIS B 1 -0.42 -21.26 -39.41
C HIS B 1 -1.56 -21.55 -38.45
N MET B 2 -2.80 -21.35 -38.91
CA MET B 2 -3.97 -21.57 -38.07
C MET B 2 -5.21 -21.77 -38.94
N ARG B 3 -5.96 -22.83 -38.67
CA ARG B 3 -7.13 -23.16 -39.47
C ARG B 3 -8.43 -22.88 -38.70
N ALA B 4 -8.82 -21.60 -38.66
CA ALA B 4 -10.09 -21.18 -38.06
C ALA B 4 -10.22 -21.65 -36.61
N LEU B 5 -9.17 -21.47 -35.83
CA LEU B 5 -9.18 -21.90 -34.44
C LEU B 5 -8.49 -20.85 -33.56
N ALA B 6 -8.30 -19.66 -34.14
CA ALA B 6 -7.68 -18.53 -33.46
C ALA B 6 -6.23 -18.79 -33.05
N GLU B 7 -5.59 -17.76 -32.54
CA GLU B 7 -4.25 -17.86 -31.99
C GLU B 7 -4.03 -16.67 -31.07
N LEU B 8 -3.36 -16.92 -29.95
CA LEU B 8 -3.16 -15.91 -28.91
C LEU B 8 -4.51 -15.29 -28.52
N LEU B 9 -5.34 -16.09 -27.88
CA LEU B 9 -6.69 -15.67 -27.54
C LEU B 9 -6.94 -15.89 -26.04
N SER B 10 -5.91 -15.64 -25.25
CA SER B 10 -6.00 -15.78 -23.81
C SER B 10 -7.08 -14.87 -23.25
N ASP B 11 -7.09 -13.61 -23.68
CA ASP B 11 -8.06 -12.63 -23.19
C ASP B 11 -7.98 -12.56 -21.66
N THR B 12 -6.77 -12.33 -21.18
CA THR B 12 -6.49 -12.33 -19.76
C THR B 12 -7.04 -11.07 -19.10
N THR B 13 -7.32 -11.17 -17.80
CA THR B 13 -7.90 -10.09 -17.02
C THR B 13 -9.37 -9.85 -17.39
N GLU B 14 -9.68 -9.87 -18.68
CA GLU B 14 -11.06 -9.70 -19.15
C GLU B 14 -11.86 -10.97 -18.91
N ARG B 15 -11.18 -12.02 -18.50
CA ARG B 15 -11.81 -13.30 -18.20
C ARG B 15 -12.99 -13.13 -17.26
N GLN B 16 -14.16 -13.56 -17.72
CA GLN B 16 -15.38 -13.38 -16.95
C GLN B 16 -15.57 -14.52 -15.94
N GLN B 17 -15.51 -15.74 -16.42
CA GLN B 17 -15.72 -16.90 -15.60
C GLN B 17 -14.42 -17.44 -15.01
N ALA B 18 -13.49 -16.55 -14.81
CA ALA B 18 -12.18 -16.91 -14.28
C ALA B 18 -11.45 -15.68 -13.75
N LEU B 19 -11.03 -15.74 -12.50
CA LEU B 19 -10.28 -14.66 -11.90
C LEU B 19 -8.83 -15.09 -11.72
N ALA B 20 -8.63 -16.41 -11.61
CA ALA B 20 -7.33 -16.98 -11.38
C ALA B 20 -6.33 -16.62 -12.49
N ASP B 21 -5.19 -16.11 -12.07
CA ASP B 21 -4.11 -15.76 -12.98
C ASP B 21 -3.14 -16.91 -13.12
N GLU B 22 -2.04 -16.69 -13.83
CA GLU B 22 -1.04 -17.70 -14.02
C GLU B 22 -0.42 -18.10 -12.68
N VAL B 23 -0.38 -19.40 -12.43
CA VAL B 23 0.16 -19.91 -11.18
C VAL B 23 1.68 -19.85 -11.18
N GLY B 24 2.25 -20.07 -10.03
CA GLY B 24 3.68 -20.00 -9.88
C GLY B 24 4.11 -18.79 -9.09
N SER B 25 4.93 -17.95 -9.69
CA SER B 25 5.42 -16.76 -9.03
C SER B 25 4.42 -15.61 -9.20
N GLU B 26 3.29 -15.73 -8.52
CA GLU B 26 2.27 -14.71 -8.56
C GLU B 26 2.44 -13.71 -7.45
N VAL B 27 1.59 -13.82 -6.44
CA VAL B 27 1.71 -13.13 -5.15
C VAL B 27 2.03 -11.64 -5.24
N THR B 28 2.15 -11.05 -4.06
CA THR B 28 2.43 -9.63 -3.92
C THR B 28 3.91 -9.35 -4.06
N GLY B 29 4.67 -10.43 -4.22
CA GLY B 29 6.08 -10.32 -4.46
C GLY B 29 6.79 -9.52 -3.39
N SER B 30 7.51 -8.51 -3.83
CA SER B 30 8.09 -7.53 -2.95
C SER B 30 7.45 -6.19 -3.20
N LEU B 31 6.33 -6.27 -3.86
CA LEU B 31 5.67 -5.14 -4.49
C LEU B 31 4.83 -4.39 -3.47
N ASP B 32 4.17 -5.13 -2.61
CA ASP B 32 3.25 -4.58 -1.64
C ASP B 32 3.91 -3.49 -0.82
N ASP B 33 5.09 -3.81 -0.37
CA ASP B 33 5.93 -2.94 0.42
C ASP B 33 6.43 -1.79 -0.38
N LEU B 34 6.66 -2.02 -1.66
CA LEU B 34 7.10 -1.00 -2.54
C LEU B 34 6.10 0.10 -2.66
N ILE B 35 4.88 -0.29 -2.93
CA ILE B 35 3.75 0.61 -2.97
C ILE B 35 3.74 1.49 -1.72
N VAL B 36 3.91 0.80 -0.64
CA VAL B 36 3.98 1.33 0.68
C VAL B 36 5.23 2.17 0.88
N ASN B 37 6.30 1.73 0.27
CA ASN B 37 7.59 2.38 0.34
C ASN B 37 7.43 3.74 -0.24
N LEU B 38 6.82 3.67 -1.37
CA LEU B 38 6.49 4.82 -2.17
C LEU B 38 5.53 5.76 -1.46
N VAL B 39 4.49 5.19 -0.87
CA VAL B 39 3.39 5.97 -0.31
C VAL B 39 3.87 6.88 0.81
N SER B 40 4.81 6.42 1.63
CA SER B 40 5.33 7.22 2.72
C SER B 40 6.30 8.27 2.21
N GLN B 41 6.88 8.01 1.06
CA GLN B 41 7.80 8.96 0.49
C GLN B 41 6.97 10.16 0.10
N GLN B 42 5.74 9.83 -0.23
CA GLN B 42 4.72 10.76 -0.58
C GLN B 42 3.82 11.19 0.60
N TRP B 43 3.82 10.41 1.67
CA TRP B 43 2.89 10.62 2.76
C TRP B 43 3.47 11.55 3.81
N ARG B 44 2.60 11.86 4.73
CA ARG B 44 2.87 12.74 5.83
C ARG B 44 1.98 12.39 7.01
N ARG B 45 2.58 12.05 8.14
CA ARG B 45 1.79 11.85 9.35
C ARG B 45 1.45 13.19 9.97
N PRO B 46 0.20 13.34 10.43
CA PRO B 46 -0.27 14.57 11.04
C PRO B 46 -0.08 14.54 12.54
N PRO B 47 -0.35 15.66 13.22
CA PRO B 47 -0.22 15.77 14.67
C PRO B 47 -1.43 15.19 15.34
N SER B 48 -2.41 14.88 14.51
CA SER B 48 -3.67 14.31 14.96
C SER B 48 -3.60 12.79 15.00
N ALA B 49 -2.61 12.21 14.31
CA ALA B 49 -2.47 10.76 14.30
C ALA B 49 -2.11 10.22 15.68
N ARG B 50 -2.68 9.08 16.01
CA ARG B 50 -2.42 8.40 17.27
C ARG B 50 -1.83 7.03 16.99
N ASN B 51 -1.36 6.33 18.04
CA ASN B 51 -0.56 5.12 17.87
C ASN B 51 -1.40 3.90 17.52
N GLY B 52 -2.09 4.06 16.44
CA GLY B 52 -2.78 2.99 15.78
C GLY B 52 -4.08 3.43 15.15
N MET B 53 -4.09 4.66 14.69
CA MET B 53 -5.09 5.17 13.84
C MET B 53 -4.72 4.71 12.44
N SER B 54 -5.67 4.42 11.60
CA SER B 54 -5.33 3.76 10.35
C SER B 54 -6.35 3.98 9.27
N VAL B 55 -5.87 3.94 8.05
CA VAL B 55 -6.70 4.16 6.87
C VAL B 55 -6.52 3.01 5.91
N GLU B 56 -7.61 2.42 5.49
CA GLU B 56 -7.55 1.50 4.38
C GLU B 56 -7.79 2.27 3.13
N VAL B 57 -6.78 2.36 2.31
CA VAL B 57 -6.85 3.17 1.13
C VAL B 57 -6.74 2.31 -0.11
N LEU B 58 -7.77 2.36 -0.92
CA LEU B 58 -7.82 1.65 -2.15
C LEU B 58 -7.32 2.52 -3.26
N ILE B 59 -6.15 2.24 -3.75
CA ILE B 59 -5.63 2.97 -4.85
C ILE B 59 -5.80 2.14 -6.11
N GLU B 60 -5.78 2.81 -7.22
CA GLU B 60 -6.04 2.18 -8.49
C GLU B 60 -4.92 2.48 -9.40
N MET B 61 -4.56 1.52 -10.19
CA MET B 61 -3.38 1.62 -10.99
C MET B 61 -3.47 0.85 -12.28
N LEU B 62 -2.62 1.29 -13.14
CA LEU B 62 -2.44 0.80 -14.47
C LEU B 62 -1.51 -0.38 -14.45
N PRO B 63 -1.47 -1.20 -15.52
CA PRO B 63 -0.55 -2.34 -15.63
C PRO B 63 0.92 -1.91 -15.56
N ASP B 64 1.12 -0.60 -15.50
CA ASP B 64 2.46 -0.03 -15.38
C ASP B 64 2.73 0.28 -13.93
N GLY B 65 1.65 0.31 -13.16
CA GLY B 65 1.69 0.69 -11.79
C GLY B 65 1.41 2.15 -11.62
N THR B 66 1.24 2.84 -12.75
CA THR B 66 0.81 4.20 -12.75
C THR B 66 -0.54 4.32 -12.07
N ILE B 67 -0.58 5.19 -11.09
CA ILE B 67 -1.74 5.41 -10.27
C ILE B 67 -2.85 6.08 -11.08
N THR B 68 -3.95 5.37 -11.22
CA THR B 68 -5.09 5.84 -11.97
C THR B 68 -6.20 6.37 -11.04
N ASN B 69 -6.22 5.86 -9.80
CA ASN B 69 -7.20 6.36 -8.81
C ASN B 69 -6.74 6.05 -7.41
N ALA B 70 -7.48 6.58 -6.45
CA ALA B 70 -7.26 6.31 -5.03
C ALA B 70 -8.39 6.88 -4.19
N SER B 71 -8.86 6.10 -3.23
CA SER B 71 -9.80 6.56 -2.28
C SER B 71 -9.54 5.97 -0.94
N VAL B 72 -10.24 6.51 0.00
CA VAL B 72 -10.33 5.96 1.29
C VAL B 72 -11.36 4.88 1.25
N SER B 73 -10.88 3.71 1.46
CA SER B 73 -11.70 2.56 1.43
C SER B 73 -12.30 2.31 2.82
N ARG B 74 -11.56 2.75 3.84
CA ARG B 74 -12.00 2.73 5.23
C ARG B 74 -11.35 3.87 5.99
N SER B 75 -12.18 4.74 6.53
CA SER B 75 -11.70 5.96 7.18
C SER B 75 -11.28 5.71 8.63
N SER B 76 -10.30 6.48 9.08
CA SER B 76 -9.85 6.44 10.46
C SER B 76 -10.76 7.33 11.31
N GLY B 77 -11.62 8.06 10.62
CA GLY B 77 -12.44 9.05 11.25
C GLY B 77 -11.79 10.41 11.18
N ASP B 78 -10.48 10.40 10.91
CA ASP B 78 -9.75 11.63 10.71
C ASP B 78 -9.43 11.80 9.24
N LYS B 79 -10.22 12.64 8.62
CA LYS B 79 -10.13 12.87 7.19
C LYS B 79 -8.73 13.35 6.76
N PRO B 80 -8.11 14.30 7.50
CA PRO B 80 -6.72 14.66 7.27
C PRO B 80 -5.84 13.44 7.19
N PHE B 81 -5.98 12.57 8.17
CA PHE B 81 -5.16 11.40 8.25
C PHE B 81 -5.40 10.52 7.03
N ASP B 82 -6.68 10.28 6.76
CA ASP B 82 -7.12 9.51 5.63
C ASP B 82 -6.56 10.09 4.31
N SER B 83 -6.94 11.32 4.02
CA SER B 83 -6.60 11.99 2.81
C SER B 83 -5.12 12.31 2.65
N SER B 84 -4.41 12.65 3.74
CA SER B 84 -2.96 12.90 3.67
C SER B 84 -2.29 11.70 3.02
N ALA B 85 -2.92 10.57 3.26
CA ALA B 85 -2.42 9.29 2.81
C ALA B 85 -2.91 8.98 1.41
N VAL B 86 -4.08 9.50 1.09
CA VAL B 86 -4.58 9.47 -0.28
C VAL B 86 -3.67 10.28 -1.14
N ALA B 87 -3.25 11.35 -0.58
CA ALA B 87 -2.30 12.19 -1.27
C ALA B 87 -0.94 11.57 -1.25
N ALA B 88 -0.79 10.60 -0.40
CA ALA B 88 0.41 9.81 -0.40
C ALA B 88 0.34 8.88 -1.58
N VAL B 89 -0.83 8.31 -1.78
CA VAL B 89 -1.00 7.32 -2.84
C VAL B 89 -0.99 7.94 -4.21
N ARG B 90 -1.75 8.98 -4.36
CA ARG B 90 -1.79 9.72 -5.59
C ARG B 90 -0.43 10.26 -5.99
N ASN B 91 0.34 10.74 -5.02
CA ASN B 91 1.57 11.46 -5.31
C ASN B 91 2.65 10.54 -5.87
N VAL B 92 2.53 9.26 -5.55
CA VAL B 92 3.49 8.28 -6.04
C VAL B 92 3.38 8.16 -7.56
N GLY B 93 2.15 8.18 -7.98
CA GLY B 93 1.77 8.29 -9.39
C GLY B 93 2.09 7.10 -10.27
N ARG B 94 3.07 6.35 -9.90
CA ARG B 94 3.47 5.17 -10.66
C ARG B 94 4.30 4.22 -9.78
N ILE B 95 3.88 2.97 -9.69
CA ILE B 95 4.61 1.94 -9.00
C ILE B 95 5.32 1.03 -10.01
N PRO B 96 6.56 0.66 -9.70
CA PRO B 96 7.50 0.09 -10.65
C PRO B 96 7.22 -1.36 -11.08
N GLU B 97 7.08 -2.26 -10.11
CA GLU B 97 7.16 -3.70 -10.42
C GLU B 97 5.89 -4.30 -11.06
N MET B 98 4.88 -3.50 -11.39
CA MET B 98 3.69 -4.03 -12.05
C MET B 98 4.05 -4.61 -13.40
N GLN B 99 5.15 -4.12 -13.94
CA GLN B 99 5.63 -4.53 -15.24
C GLN B 99 6.46 -5.80 -15.15
N GLN B 100 6.59 -6.37 -13.95
CA GLN B 100 7.28 -7.62 -13.79
C GLN B 100 6.25 -8.69 -13.83
N LEU B 101 5.32 -8.55 -12.90
CA LEU B 101 4.22 -9.41 -12.80
C LEU B 101 3.30 -9.40 -14.03
N PRO B 102 2.48 -10.47 -14.07
CA PRO B 102 1.39 -10.72 -15.04
C PRO B 102 0.25 -9.71 -15.03
N ARG B 103 -0.22 -9.35 -16.22
CA ARG B 103 -1.42 -8.51 -16.38
C ARG B 103 -2.56 -8.94 -15.47
N ALA B 104 -2.65 -10.23 -15.25
CA ALA B 104 -3.68 -10.83 -14.42
C ALA B 104 -3.32 -10.81 -12.94
N THR B 105 -2.03 -10.85 -12.65
CA THR B 105 -1.54 -10.84 -11.28
C THR B 105 -1.65 -9.43 -10.78
N PHE B 106 -1.48 -8.53 -11.72
CA PHE B 106 -1.64 -7.14 -11.50
C PHE B 106 -3.07 -6.82 -11.06
N ASP B 107 -4.03 -7.32 -11.84
CA ASP B 107 -5.45 -7.13 -11.57
C ASP B 107 -5.82 -7.61 -10.19
N SER B 108 -5.16 -8.68 -9.81
CA SER B 108 -5.44 -9.34 -8.57
C SER B 108 -5.05 -8.44 -7.43
N LEU B 109 -3.84 -7.94 -7.55
CA LEU B 109 -3.16 -7.27 -6.48
C LEU B 109 -3.12 -5.76 -6.59
N TYR B 110 -2.51 -5.27 -7.65
CA TYR B 110 -2.08 -3.89 -7.68
C TYR B 110 -2.94 -3.05 -8.58
N ARG B 111 -3.92 -3.68 -9.21
CA ARG B 111 -4.94 -2.95 -9.88
C ARG B 111 -5.61 -2.00 -8.89
N GLN B 112 -6.13 -2.57 -7.81
CA GLN B 112 -6.46 -1.84 -6.64
C GLN B 112 -5.71 -2.44 -5.48
N ARG B 113 -4.80 -1.68 -4.91
CA ARG B 113 -3.93 -2.22 -3.91
C ARG B 113 -4.20 -1.50 -2.60
N ARG B 114 -4.59 -2.23 -1.57
CA ARG B 114 -4.97 -1.58 -0.35
C ARG B 114 -3.79 -1.29 0.51
N ILE B 115 -3.59 -0.02 0.72
CA ILE B 115 -2.56 0.47 1.59
C ILE B 115 -3.17 0.87 2.93
N ILE B 116 -2.70 0.28 4.02
CA ILE B 116 -3.23 0.58 5.34
C ILE B 116 -2.27 1.52 6.06
N PHE B 117 -2.69 2.75 6.25
CA PHE B 117 -1.83 3.73 6.89
C PHE B 117 -2.03 3.65 8.39
N LYS B 118 -1.11 2.98 9.07
CA LYS B 118 -1.29 2.68 10.47
C LYS B 118 0.01 2.95 11.24
N PRO B 119 0.15 4.21 11.72
CA PRO B 119 1.27 4.76 12.50
C PRO B 119 2.10 3.82 13.37
N GLU B 120 3.23 4.38 13.77
CA GLU B 120 4.13 3.79 14.72
C GLU B 120 4.84 4.91 15.48
N ASP B 121 4.76 4.86 16.80
CA ASP B 121 5.46 5.81 17.67
C ASP B 121 5.17 7.28 17.32
N LEU B 122 3.99 7.75 17.72
CA LEU B 122 3.69 9.18 17.70
C LEU B 122 4.15 9.83 19.01
N SER B 123 3.74 11.07 19.23
CA SER B 123 4.03 11.78 20.48
C SER B 123 3.39 11.08 21.67
N LEU B 124 2.27 10.47 21.39
CA LEU B 124 1.32 10.09 22.40
C LEU B 124 1.47 8.63 22.82
N ALA A 1 -4.44 -8.39 -3.11
CA ALA A 1 -3.27 -8.29 -2.22
C ALA A 1 -3.69 -7.78 -0.85
N ASP A 2 -3.19 -8.40 0.20
CA ASP A 2 -3.52 -8.03 1.55
C ASP A 2 -3.00 -6.63 1.86
N PRO A 3 -3.86 -5.75 2.41
CA PRO A 3 -3.47 -4.38 2.77
C PRO A 3 -2.25 -4.35 3.69
N LEU A 4 -1.24 -3.58 3.31
CA LEU A 4 0.02 -3.60 4.03
C LEU A 4 0.10 -2.40 4.96
N VAL A 5 0.59 -2.63 6.17
CA VAL A 5 0.68 -1.59 7.18
C VAL A 5 1.82 -0.60 6.88
N ILE A 6 1.44 0.60 6.47
CA ILE A 6 2.39 1.68 6.31
C ILE A 6 2.35 2.55 7.57
N SER A 7 3.50 2.65 8.23
CA SER A 7 3.61 3.39 9.49
C SER A 7 3.33 4.87 9.29
N SER A 8 4.25 5.57 8.62
CA SER A 8 4.05 6.97 8.38
C SER A 8 4.89 7.48 7.22
N GLY A 9 4.51 8.63 6.73
CA GLY A 9 5.23 9.26 5.64
C GLY A 9 6.32 10.15 6.16
N ASN A 10 7.55 9.83 5.79
CA ASN A 10 8.70 10.57 6.23
C ASN A 10 9.86 10.24 5.29
N ASP A 11 10.95 11.00 5.37
CA ASP A 11 12.11 10.78 4.53
C ASP A 11 12.89 9.57 5.00
N ARG A 12 12.35 8.92 6.02
CA ARG A 12 12.88 7.68 6.55
C ARG A 12 13.17 6.69 5.42
N ALA A 13 14.32 6.03 5.49
CA ALA A 13 14.71 5.09 4.46
C ALA A 13 15.01 3.72 5.05
N HIS B 1 21.24 -9.14 4.02
CA HIS B 1 19.88 -8.80 3.51
C HIS B 1 19.98 -8.13 2.14
N MET B 2 20.75 -7.05 2.06
CA MET B 2 20.92 -6.27 0.83
C MET B 2 19.57 -6.06 0.12
N ARG B 3 18.56 -5.71 0.93
CA ARG B 3 17.17 -5.58 0.47
C ARG B 3 16.62 -6.91 -0.02
N ALA B 4 16.99 -7.29 -1.23
CA ALA B 4 16.49 -8.51 -1.84
C ALA B 4 17.63 -9.47 -2.13
N LEU B 5 17.84 -10.43 -1.23
CA LEU B 5 18.82 -11.48 -1.45
C LEU B 5 18.40 -12.33 -2.65
N ALA B 6 17.09 -12.37 -2.88
CA ALA B 6 16.53 -13.04 -4.04
C ALA B 6 15.43 -12.19 -4.63
N GLU B 7 15.20 -12.34 -5.93
CA GLU B 7 14.20 -11.54 -6.62
C GLU B 7 13.76 -12.23 -7.92
N LEU B 8 12.52 -12.73 -7.91
CA LEU B 8 11.92 -13.41 -9.06
C LEU B 8 12.72 -14.65 -9.49
N LEU B 9 12.16 -15.42 -10.43
CA LEU B 9 12.77 -16.65 -10.91
C LEU B 9 13.00 -17.59 -9.74
N SER B 10 11.92 -18.22 -9.29
CA SER B 10 11.93 -18.99 -8.07
C SER B 10 12.35 -18.11 -6.90
N ASP B 11 11.63 -17.00 -6.74
CA ASP B 11 11.88 -16.04 -5.65
C ASP B 11 11.87 -16.74 -4.30
N THR B 12 10.85 -17.55 -4.07
CA THR B 12 10.69 -18.22 -2.80
C THR B 12 10.10 -19.61 -3.00
N THR B 13 10.76 -20.59 -2.43
CA THR B 13 10.35 -21.97 -2.53
C THR B 13 11.04 -22.78 -1.44
N GLU B 14 12.36 -22.82 -1.48
CA GLU B 14 13.13 -23.56 -0.50
C GLU B 14 13.75 -22.61 0.51
N ARG B 15 14.21 -21.51 -0.01
CA ARG B 15 14.80 -20.46 0.79
C ARG B 15 13.75 -19.43 1.17
N GLN B 16 13.07 -19.67 2.28
CA GLN B 16 12.01 -18.78 2.75
C GLN B 16 12.48 -18.01 3.98
N GLN B 17 13.15 -18.70 4.88
CA GLN B 17 13.65 -18.12 6.10
C GLN B 17 14.76 -17.13 5.80
N ALA B 18 14.79 -16.04 6.57
CA ALA B 18 15.79 -14.98 6.45
C ALA B 18 15.57 -14.13 5.19
N LEU B 19 14.74 -14.62 4.27
CA LEU B 19 14.43 -13.89 3.06
C LEU B 19 13.06 -13.25 3.16
N ALA B 20 12.04 -14.09 3.15
CA ALA B 20 10.68 -13.63 3.25
C ALA B 20 10.17 -13.75 4.68
N ASP B 21 8.97 -13.27 4.92
CA ASP B 21 8.35 -13.31 6.24
C ASP B 21 7.71 -14.67 6.49
N GLU B 22 6.85 -14.71 7.49
CA GLU B 22 6.12 -15.91 7.87
C GLU B 22 5.43 -16.57 6.68
N VAL B 23 5.19 -17.86 6.80
CA VAL B 23 4.58 -18.63 5.72
C VAL B 23 3.16 -18.15 5.45
N GLY B 24 2.69 -18.48 4.28
CA GLY B 24 1.39 -18.02 3.84
C GLY B 24 1.53 -16.86 2.87
N SER B 25 2.67 -16.76 2.24
CA SER B 25 2.92 -15.73 1.25
C SER B 25 2.40 -16.19 -0.10
N GLU B 26 1.14 -15.89 -0.35
CA GLU B 26 0.49 -16.26 -1.60
C GLU B 26 1.10 -15.55 -2.78
N VAL B 27 1.01 -14.27 -2.71
CA VAL B 27 1.25 -13.41 -3.85
C VAL B 27 1.85 -12.08 -3.41
N THR B 28 1.47 -10.99 -4.10
CA THR B 28 1.91 -9.62 -3.80
C THR B 28 3.39 -9.41 -4.08
N GLY B 29 4.16 -10.48 -4.08
CA GLY B 29 5.52 -10.42 -4.58
C GLY B 29 6.41 -9.41 -3.89
N SER B 30 6.05 -9.01 -2.66
CA SER B 30 6.76 -7.99 -1.92
C SER B 30 6.63 -6.63 -2.59
N LEU B 31 5.65 -6.58 -3.47
CA LEU B 31 5.30 -5.37 -4.22
C LEU B 31 4.45 -4.49 -3.33
N ASP B 32 3.70 -5.15 -2.47
CA ASP B 32 2.83 -4.49 -1.51
C ASP B 32 3.61 -3.48 -0.70
N ASP B 33 4.74 -3.94 -0.22
CA ASP B 33 5.66 -3.15 0.59
C ASP B 33 6.24 -2.05 -0.22
N LEU B 34 6.45 -2.31 -1.48
CA LEU B 34 6.95 -1.35 -2.40
C LEU B 34 6.01 -0.19 -2.55
N ILE B 35 4.78 -0.49 -2.88
CA ILE B 35 3.72 0.48 -2.94
C ILE B 35 3.69 1.34 -1.68
N VAL B 36 3.80 0.65 -0.59
CA VAL B 36 3.85 1.19 0.74
C VAL B 36 5.12 2.00 0.94
N ASN B 37 6.20 1.49 0.38
CA ASN B 37 7.50 2.09 0.46
C ASN B 37 7.39 3.46 -0.10
N LEU B 38 6.81 3.41 -1.25
CA LEU B 38 6.53 4.57 -2.06
C LEU B 38 5.56 5.54 -1.37
N VAL B 39 4.46 5.03 -0.87
CA VAL B 39 3.39 5.85 -0.35
C VAL B 39 3.85 6.74 0.79
N SER B 40 4.71 6.21 1.64
CA SER B 40 5.19 6.95 2.80
C SER B 40 6.31 7.88 2.43
N GLN B 41 6.87 7.67 1.27
CA GLN B 41 7.86 8.60 0.75
C GLN B 41 7.11 9.85 0.37
N GLN B 42 5.90 9.59 -0.08
CA GLN B 42 4.94 10.59 -0.44
C GLN B 42 4.03 11.03 0.71
N TRP B 43 3.94 10.24 1.76
CA TRP B 43 2.99 10.50 2.82
C TRP B 43 3.58 11.43 3.86
N ARG B 44 2.71 11.83 4.73
CA ARG B 44 2.98 12.82 5.77
C ARG B 44 2.07 12.58 6.97
N ARG B 45 2.65 12.24 8.11
CA ARG B 45 1.84 12.04 9.31
C ARG B 45 1.44 13.38 9.92
N PRO B 46 0.21 13.45 10.42
CA PRO B 46 -0.39 14.64 10.98
C PRO B 46 -0.29 14.69 12.49
N PRO B 47 -0.25 15.91 13.03
CA PRO B 47 -0.37 16.19 14.48
C PRO B 47 -1.64 15.59 15.12
N SER B 48 -2.54 15.07 14.29
CA SER B 48 -3.74 14.41 14.79
C SER B 48 -3.52 12.92 15.02
N ALA B 49 -2.62 12.30 14.26
CA ALA B 49 -2.45 10.86 14.29
C ALA B 49 -2.04 10.32 15.67
N ARG B 50 -2.70 9.24 16.06
CA ARG B 50 -2.49 8.60 17.35
C ARG B 50 -1.81 7.24 17.17
N ASN B 51 -1.47 6.59 18.30
CA ASN B 51 -0.58 5.42 18.33
C ASN B 51 -1.20 4.16 17.77
N GLY B 52 -2.01 4.32 16.75
CA GLY B 52 -2.60 3.19 16.06
C GLY B 52 -3.89 3.55 15.39
N MET B 53 -3.91 4.73 14.81
CA MET B 53 -4.96 5.16 13.97
C MET B 53 -4.63 4.69 12.57
N SER B 54 -5.60 4.45 11.72
CA SER B 54 -5.28 3.82 10.45
C SER B 54 -6.31 4.09 9.38
N VAL B 55 -5.85 3.98 8.16
CA VAL B 55 -6.69 4.20 6.99
C VAL B 55 -6.56 3.04 6.04
N GLU B 56 -7.67 2.50 5.59
CA GLU B 56 -7.64 1.57 4.49
C GLU B 56 -7.88 2.36 3.22
N VAL B 57 -6.92 2.33 2.34
CA VAL B 57 -6.99 3.12 1.14
C VAL B 57 -6.89 2.24 -0.10
N LEU B 58 -7.92 2.29 -0.93
CA LEU B 58 -7.95 1.58 -2.16
C LEU B 58 -7.39 2.41 -3.26
N ILE B 59 -6.33 1.93 -3.83
CA ILE B 59 -5.77 2.53 -4.97
C ILE B 59 -6.32 1.90 -6.20
N GLU B 60 -6.05 2.53 -7.28
CA GLU B 60 -6.34 2.01 -8.59
C GLU B 60 -5.21 2.34 -9.50
N MET B 61 -4.87 1.39 -10.35
CA MET B 61 -3.65 1.49 -11.10
C MET B 61 -3.72 0.81 -12.44
N LEU B 62 -2.81 1.27 -13.24
CA LEU B 62 -2.63 0.87 -14.61
C LEU B 62 -1.63 -0.26 -14.68
N PRO B 63 -1.59 -1.00 -15.81
CA PRO B 63 -0.60 -2.07 -16.07
C PRO B 63 0.84 -1.56 -16.00
N ASP B 64 0.96 -0.25 -15.80
CA ASP B 64 2.28 0.39 -15.70
C ASP B 64 2.59 0.63 -14.24
N GLY B 65 1.54 0.54 -13.43
CA GLY B 65 1.63 0.85 -12.04
C GLY B 65 1.21 2.27 -11.78
N THR B 66 0.98 3.00 -12.86
CA THR B 66 0.45 4.33 -12.77
C THR B 66 -0.89 4.31 -12.07
N ILE B 67 -0.92 5.01 -10.98
CA ILE B 67 -2.09 5.13 -10.17
C ILE B 67 -3.18 5.90 -10.91
N THR B 68 -4.26 5.21 -11.19
CA THR B 68 -5.37 5.76 -11.94
C THR B 68 -6.43 6.27 -10.98
N ASN B 69 -6.46 5.70 -9.78
CA ASN B 69 -7.35 6.18 -8.72
C ASN B 69 -6.78 5.90 -7.37
N ALA B 70 -7.46 6.44 -6.39
CA ALA B 70 -7.15 6.19 -4.98
C ALA B 70 -8.22 6.82 -4.12
N SER B 71 -8.78 6.05 -3.23
CA SER B 71 -9.73 6.55 -2.29
C SER B 71 -9.50 5.94 -0.95
N VAL B 72 -10.15 6.51 -0.01
CA VAL B 72 -10.27 5.95 1.27
C VAL B 72 -11.30 4.89 1.23
N SER B 73 -10.84 3.71 1.46
CA SER B 73 -11.69 2.57 1.44
C SER B 73 -12.31 2.37 2.83
N ARG B 74 -11.59 2.83 3.84
CA ARG B 74 -12.05 2.80 5.22
C ARG B 74 -11.37 3.92 6.00
N SER B 75 -12.16 4.91 6.38
CA SER B 75 -11.65 6.09 7.06
C SER B 75 -11.36 5.82 8.53
N SER B 76 -10.36 6.51 9.04
CA SER B 76 -10.04 6.46 10.47
C SER B 76 -10.94 7.39 11.24
N GLY B 77 -11.65 8.22 10.48
CA GLY B 77 -12.43 9.28 11.05
C GLY B 77 -11.65 10.58 11.05
N ASP B 78 -10.34 10.47 10.82
CA ASP B 78 -9.48 11.64 10.69
C ASP B 78 -9.20 11.85 9.24
N LYS B 79 -10.00 12.70 8.65
CA LYS B 79 -9.97 12.94 7.23
C LYS B 79 -8.61 13.44 6.75
N PRO B 80 -7.95 14.35 7.49
CA PRO B 80 -6.56 14.67 7.25
C PRO B 80 -5.71 13.43 7.18
N PHE B 81 -5.85 12.57 8.19
CA PHE B 81 -5.07 11.38 8.25
C PHE B 81 -5.32 10.54 7.01
N ASP B 82 -6.60 10.30 6.74
CA ASP B 82 -7.07 9.54 5.61
C ASP B 82 -6.52 10.10 4.30
N SER B 83 -6.89 11.34 4.01
CA SER B 83 -6.58 12.00 2.78
C SER B 83 -5.09 12.30 2.59
N SER B 84 -4.37 12.65 3.65
CA SER B 84 -2.93 12.90 3.55
C SER B 84 -2.26 11.69 2.93
N ALA B 85 -2.87 10.56 3.19
CA ALA B 85 -2.39 9.28 2.75
C ALA B 85 -2.84 9.01 1.32
N VAL B 86 -3.98 9.54 0.98
CA VAL B 86 -4.46 9.54 -0.38
C VAL B 86 -3.52 10.36 -1.21
N ALA B 87 -3.10 11.42 -0.63
CA ALA B 87 -2.15 12.25 -1.30
C ALA B 87 -0.78 11.63 -1.27
N ALA B 88 -0.64 10.65 -0.41
CA ALA B 88 0.57 9.85 -0.39
C ALA B 88 0.51 8.93 -1.57
N VAL B 89 -0.65 8.37 -1.80
CA VAL B 89 -0.79 7.41 -2.86
C VAL B 89 -0.73 8.06 -4.22
N ARG B 90 -1.54 9.05 -4.40
CA ARG B 90 -1.60 9.78 -5.63
C ARG B 90 -0.27 10.44 -5.99
N ASN B 91 0.49 10.87 -4.98
CA ASN B 91 1.73 11.58 -5.24
C ASN B 91 2.78 10.67 -5.84
N VAL B 92 2.63 9.37 -5.61
CA VAL B 92 3.52 8.41 -6.24
C VAL B 92 3.16 8.31 -7.71
N GLY B 93 1.86 8.26 -7.89
CA GLY B 93 1.20 8.33 -9.18
C GLY B 93 1.48 7.20 -10.13
N ARG B 94 2.54 6.50 -9.90
CA ARG B 94 2.90 5.33 -10.67
C ARG B 94 3.90 4.49 -9.89
N ILE B 95 3.65 3.20 -9.78
CA ILE B 95 4.58 2.31 -9.15
C ILE B 95 5.39 1.56 -10.21
N PRO B 96 6.70 1.48 -9.98
CA PRO B 96 7.66 0.82 -10.86
C PRO B 96 7.43 -0.68 -11.11
N GLU B 97 7.37 -1.49 -10.05
CA GLU B 97 7.41 -2.96 -10.17
C GLU B 97 6.17 -3.58 -10.80
N MET B 98 5.17 -2.79 -11.08
CA MET B 98 3.93 -3.33 -11.59
C MET B 98 4.08 -3.95 -12.97
N GLN B 99 5.06 -3.49 -13.72
CA GLN B 99 5.33 -4.05 -15.02
C GLN B 99 6.16 -5.33 -14.95
N GLN B 100 6.39 -5.86 -13.74
CA GLN B 100 7.21 -7.05 -13.60
C GLN B 100 6.34 -8.22 -13.25
N LEU B 101 5.10 -7.89 -12.93
CA LEU B 101 4.14 -8.89 -12.68
C LEU B 101 3.47 -9.36 -13.94
N PRO B 102 2.83 -10.49 -13.78
CA PRO B 102 1.79 -10.96 -14.66
C PRO B 102 0.64 -9.97 -14.63
N ARG B 103 0.11 -9.60 -15.79
CA ARG B 103 -1.03 -8.69 -15.84
C ARG B 103 -2.16 -9.18 -14.96
N ALA B 104 -2.37 -10.47 -15.00
CA ALA B 104 -3.37 -11.14 -14.17
C ALA B 104 -3.05 -11.04 -12.68
N THR B 105 -1.76 -10.95 -12.35
CA THR B 105 -1.31 -10.87 -10.99
C THR B 105 -1.45 -9.44 -10.53
N PHE B 106 -1.17 -8.55 -11.44
CA PHE B 106 -1.38 -7.16 -11.23
C PHE B 106 -2.87 -6.89 -10.97
N ASP B 107 -3.73 -7.42 -11.85
CA ASP B 107 -5.19 -7.30 -11.72
C ASP B 107 -5.66 -7.82 -10.39
N SER B 108 -5.03 -8.88 -9.98
CA SER B 108 -5.40 -9.55 -8.76
C SER B 108 -5.11 -8.65 -7.58
N LEU B 109 -3.93 -8.11 -7.63
CA LEU B 109 -3.33 -7.46 -6.49
C LEU B 109 -3.30 -5.94 -6.54
N TYR B 110 -2.75 -5.40 -7.59
CA TYR B 110 -2.35 -4.01 -7.59
C TYR B 110 -3.18 -3.19 -8.54
N ARG B 111 -4.11 -3.83 -9.25
CA ARG B 111 -5.08 -3.13 -10.03
C ARG B 111 -5.78 -2.13 -9.14
N GLN B 112 -6.00 -2.60 -7.94
CA GLN B 112 -6.38 -1.79 -6.83
C GLN B 112 -5.50 -2.18 -5.68
N ARG B 113 -4.66 -1.28 -5.21
CA ARG B 113 -3.73 -1.66 -4.18
C ARG B 113 -4.18 -1.07 -2.86
N ARG B 114 -4.60 -1.89 -1.90
CA ARG B 114 -4.97 -1.34 -0.62
C ARG B 114 -3.80 -1.14 0.29
N ILE B 115 -3.77 0.04 0.82
CA ILE B 115 -2.72 0.49 1.70
C ILE B 115 -3.32 0.88 3.04
N ILE B 116 -2.84 0.27 4.12
CA ILE B 116 -3.33 0.58 5.45
C ILE B 116 -2.32 1.51 6.10
N PHE B 117 -2.74 2.73 6.34
CA PHE B 117 -1.87 3.71 6.94
C PHE B 117 -2.05 3.64 8.44
N LYS B 118 -1.15 2.95 9.11
CA LYS B 118 -1.32 2.67 10.52
C LYS B 118 0.00 2.91 11.25
N PRO B 119 0.18 4.16 11.74
CA PRO B 119 1.32 4.62 12.53
C PRO B 119 1.95 3.64 13.50
N GLU B 120 3.09 4.08 14.02
CA GLU B 120 3.81 3.37 15.02
C GLU B 120 4.40 4.41 15.98
N ASP B 121 3.79 4.51 17.14
CA ASP B 121 4.22 5.42 18.20
C ASP B 121 4.36 6.88 17.74
N LEU B 122 3.28 7.63 17.85
CA LEU B 122 3.35 9.08 17.72
C LEU B 122 3.60 9.67 19.09
N SER B 123 2.51 10.04 19.70
CA SER B 123 2.40 10.47 21.06
C SER B 123 0.93 10.71 21.28
N LEU B 124 0.43 11.45 20.29
CA LEU B 124 -0.88 12.01 20.21
C LEU B 124 -0.78 13.25 19.32
N ALA A 1 -4.11 -8.48 -2.85
CA ALA A 1 -2.91 -8.33 -1.99
C ALA A 1 -3.33 -7.82 -0.61
N ASP A 2 -2.75 -8.42 0.43
CA ASP A 2 -3.07 -8.08 1.81
C ASP A 2 -2.75 -6.62 2.12
N PRO A 3 -3.72 -5.87 2.68
CA PRO A 3 -3.51 -4.47 3.10
C PRO A 3 -2.26 -4.36 3.98
N LEU A 4 -1.28 -3.59 3.55
CA LEU A 4 -0.03 -3.56 4.29
C LEU A 4 0.05 -2.36 5.19
N VAL A 5 0.57 -2.57 6.38
CA VAL A 5 0.72 -1.52 7.37
C VAL A 5 1.84 -0.56 6.99
N ILE A 6 1.46 0.64 6.59
CA ILE A 6 2.43 1.69 6.34
C ILE A 6 2.46 2.64 7.54
N SER A 7 3.55 2.59 8.27
CA SER A 7 3.70 3.38 9.50
C SER A 7 4.60 4.60 9.26
N SER A 8 5.31 4.56 8.14
CA SER A 8 6.14 5.67 7.69
C SER A 8 5.26 6.82 7.22
N GLY A 9 5.87 7.87 6.69
CA GLY A 9 5.12 8.94 6.10
C GLY A 9 5.70 10.30 6.42
N ASN A 10 6.64 10.73 5.59
CA ASN A 10 7.27 12.03 5.73
C ASN A 10 7.55 12.59 4.35
N ASP A 11 7.57 13.91 4.23
CA ASP A 11 7.68 14.58 2.93
C ASP A 11 9.12 14.58 2.43
N ARG A 12 9.96 13.85 3.12
CA ARG A 12 11.34 13.63 2.69
C ARG A 12 11.37 13.03 1.28
N ALA A 13 12.47 13.28 0.56
CA ALA A 13 12.62 12.83 -0.82
C ALA A 13 11.51 13.37 -1.70
N HIS B 1 -5.82 17.88 -18.34
CA HIS B 1 -5.56 17.77 -19.80
C HIS B 1 -4.88 16.44 -20.10
N MET B 2 -5.70 15.39 -20.25
CA MET B 2 -5.19 14.03 -20.48
C MET B 2 -4.20 13.65 -19.38
N ARG B 3 -4.67 13.79 -18.13
CA ARG B 3 -3.84 13.62 -16.93
C ARG B 3 -2.78 14.72 -16.84
N ALA B 4 -1.85 14.70 -17.78
CA ALA B 4 -0.77 15.65 -17.82
C ALA B 4 -0.13 15.63 -19.20
N LEU B 5 -0.01 16.80 -19.80
CA LEU B 5 0.60 16.93 -21.11
C LEU B 5 2.09 16.62 -21.02
N ALA B 6 2.72 17.13 -19.99
CA ALA B 6 4.14 16.87 -19.75
C ALA B 6 4.30 15.56 -19.01
N GLU B 7 4.62 14.52 -19.76
CA GLU B 7 4.78 13.19 -19.20
C GLU B 7 6.19 13.01 -18.65
N LEU B 8 6.28 12.74 -17.37
CA LEU B 8 7.56 12.50 -16.72
C LEU B 8 7.97 11.06 -16.96
N LEU B 9 9.26 10.84 -17.14
CA LEU B 9 9.79 9.49 -17.34
C LEU B 9 10.94 9.23 -16.38
N SER B 10 11.08 8.01 -15.94
CA SER B 10 12.15 7.64 -15.03
C SER B 10 12.69 6.27 -15.39
N ASP B 11 13.30 6.18 -16.57
CA ASP B 11 13.83 4.92 -17.07
C ASP B 11 15.20 4.62 -16.46
N THR B 12 15.36 5.03 -15.22
CA THR B 12 16.59 4.81 -14.49
C THR B 12 16.58 3.45 -13.82
N THR B 13 17.57 3.23 -12.99
CA THR B 13 17.76 1.96 -12.32
C THR B 13 16.88 1.87 -11.08
N GLU B 14 15.57 1.77 -11.29
CA GLU B 14 14.63 1.63 -10.21
C GLU B 14 13.56 0.61 -10.57
N ARG B 15 13.92 -0.28 -11.48
CA ARG B 15 13.02 -1.34 -11.89
C ARG B 15 13.01 -2.44 -10.84
N GLN B 16 14.21 -2.88 -10.47
CA GLN B 16 14.35 -3.92 -9.47
C GLN B 16 15.59 -3.64 -8.62
N GLN B 17 16.76 -3.70 -9.26
CA GLN B 17 18.03 -3.44 -8.59
C GLN B 17 18.17 -4.34 -7.36
N ALA B 18 18.04 -5.65 -7.60
CA ALA B 18 18.11 -6.64 -6.54
C ALA B 18 18.23 -8.04 -7.14
N LEU B 19 19.25 -8.77 -6.71
CA LEU B 19 19.44 -10.12 -7.19
C LEU B 19 18.53 -11.09 -6.43
N ALA B 20 17.24 -10.91 -6.62
CA ALA B 20 16.24 -11.71 -5.93
C ALA B 20 15.03 -11.94 -6.83
N ASP B 21 14.40 -13.09 -6.68
CA ASP B 21 13.17 -13.38 -7.42
C ASP B 21 11.97 -13.00 -6.59
N GLU B 22 10.78 -13.26 -7.11
CA GLU B 22 9.55 -12.94 -6.44
C GLU B 22 9.36 -13.78 -5.19
N VAL B 23 9.07 -13.13 -4.08
CA VAL B 23 8.88 -13.81 -2.81
C VAL B 23 7.43 -13.71 -2.37
N GLY B 24 7.13 -14.40 -1.29
CA GLY B 24 5.79 -14.44 -0.76
C GLY B 24 5.21 -15.84 -0.82
N SER B 25 4.45 -16.20 0.20
CA SER B 25 3.80 -17.50 0.24
C SER B 25 2.71 -17.59 -0.82
N GLU B 26 1.82 -16.62 -0.81
CA GLU B 26 0.83 -16.48 -1.86
C GLU B 26 1.37 -15.65 -3.00
N VAL B 27 1.16 -14.37 -2.89
CA VAL B 27 1.42 -13.45 -3.98
C VAL B 27 1.96 -12.12 -3.46
N THR B 28 1.67 -11.02 -4.17
CA THR B 28 2.11 -9.68 -3.81
C THR B 28 3.59 -9.44 -4.06
N GLY B 29 4.37 -10.51 -4.08
CA GLY B 29 5.73 -10.43 -4.60
C GLY B 29 6.61 -9.34 -4.00
N SER B 30 6.34 -8.93 -2.74
CA SER B 30 7.10 -7.86 -2.11
C SER B 30 6.88 -6.52 -2.79
N LEU B 31 5.86 -6.50 -3.62
CA LEU B 31 5.44 -5.33 -4.39
C LEU B 31 4.58 -4.46 -3.51
N ASP B 32 3.83 -5.12 -2.64
CA ASP B 32 2.94 -4.44 -1.72
C ASP B 32 3.70 -3.44 -0.89
N ASP B 33 4.82 -3.91 -0.39
CA ASP B 33 5.76 -3.16 0.41
C ASP B 33 6.31 -2.00 -0.37
N LEU B 34 6.54 -2.24 -1.63
CA LEU B 34 7.00 -1.24 -2.52
C LEU B 34 6.04 -0.09 -2.63
N ILE B 35 4.80 -0.42 -2.95
CA ILE B 35 3.71 0.53 -3.00
C ILE B 35 3.70 1.38 -1.73
N VAL B 36 3.82 0.67 -0.64
CA VAL B 36 3.89 1.19 0.68
C VAL B 36 5.16 2.00 0.90
N ASN B 37 6.23 1.52 0.31
CA ASN B 37 7.54 2.16 0.40
C ASN B 37 7.39 3.53 -0.17
N LEU B 38 6.80 3.48 -1.31
CA LEU B 38 6.51 4.64 -2.11
C LEU B 38 5.54 5.59 -1.43
N VAL B 39 4.44 5.05 -0.93
CA VAL B 39 3.34 5.85 -0.42
C VAL B 39 3.78 6.74 0.73
N SER B 40 4.66 6.23 1.56
CA SER B 40 5.10 6.96 2.73
C SER B 40 6.17 7.97 2.39
N GLN B 41 6.78 7.80 1.23
CA GLN B 41 7.74 8.77 0.75
C GLN B 41 6.95 9.98 0.36
N GLN B 42 5.77 9.68 -0.14
CA GLN B 42 4.78 10.63 -0.51
C GLN B 42 3.86 11.06 0.64
N TRP B 43 3.82 10.26 1.69
CA TRP B 43 2.88 10.49 2.77
C TRP B 43 3.48 11.43 3.80
N ARG B 44 2.64 11.77 4.70
CA ARG B 44 2.91 12.72 5.74
C ARG B 44 2.03 12.46 6.94
N ARG B 45 2.64 12.03 8.04
CA ARG B 45 1.90 11.81 9.26
C ARG B 45 1.55 13.15 9.90
N PRO B 46 0.30 13.31 10.32
CA PRO B 46 -0.16 14.53 10.95
C PRO B 46 0.02 14.46 12.45
N PRO B 47 -0.13 15.59 13.14
CA PRO B 47 -0.01 15.67 14.58
C PRO B 47 -1.27 15.15 15.22
N SER B 48 -2.24 14.95 14.35
CA SER B 48 -3.55 14.45 14.76
C SER B 48 -3.58 12.93 14.77
N ALA B 49 -2.59 12.30 14.14
CA ALA B 49 -2.52 10.85 14.15
C ALA B 49 -2.24 10.32 15.54
N ARG B 50 -2.83 9.18 15.86
CA ARG B 50 -2.66 8.54 17.15
C ARG B 50 -1.86 7.26 17.00
N ASN B 51 -1.51 6.65 18.14
CA ASN B 51 -0.54 5.53 18.20
C ASN B 51 -1.09 4.23 17.62
N GLY B 52 -1.88 4.36 16.61
CA GLY B 52 -2.40 3.22 15.88
C GLY B 52 -3.70 3.53 15.17
N MET B 53 -3.78 4.75 14.68
CA MET B 53 -4.87 5.19 13.86
C MET B 53 -4.55 4.72 12.45
N SER B 54 -5.54 4.46 11.63
CA SER B 54 -5.26 3.80 10.37
C SER B 54 -6.32 4.03 9.32
N VAL B 55 -5.87 3.96 8.08
CA VAL B 55 -6.72 4.16 6.92
C VAL B 55 -6.57 3.00 5.97
N GLU B 56 -7.66 2.41 5.57
CA GLU B 56 -7.62 1.48 4.46
C GLU B 56 -7.84 2.28 3.21
N VAL B 57 -6.86 2.27 2.35
CA VAL B 57 -6.90 3.07 1.15
C VAL B 57 -6.75 2.22 -0.10
N LEU B 58 -7.79 2.22 -0.91
CA LEU B 58 -7.82 1.50 -2.13
C LEU B 58 -7.39 2.39 -3.28
N ILE B 59 -6.22 2.15 -3.78
CA ILE B 59 -5.74 2.93 -4.85
C ILE B 59 -5.81 2.09 -6.12
N GLU B 60 -5.89 2.73 -7.24
CA GLU B 60 -6.20 2.08 -8.50
C GLU B 60 -5.09 2.34 -9.45
N MET B 61 -4.80 1.37 -10.28
CA MET B 61 -3.59 1.42 -11.06
C MET B 61 -3.69 0.76 -12.41
N LEU B 62 -2.73 1.17 -13.19
CA LEU B 62 -2.51 0.76 -14.55
C LEU B 62 -1.46 -0.33 -14.61
N PRO B 63 -1.41 -1.09 -15.71
CA PRO B 63 -0.39 -2.14 -15.94
C PRO B 63 1.03 -1.58 -15.90
N ASP B 64 1.15 -0.28 -15.66
CA ASP B 64 2.45 0.37 -15.55
C ASP B 64 2.77 0.60 -14.09
N GLY B 65 1.74 0.42 -13.27
CA GLY B 65 1.81 0.72 -11.88
C GLY B 65 1.39 2.14 -11.63
N THR B 66 1.11 2.83 -12.72
CA THR B 66 0.59 4.16 -12.66
C THR B 66 -0.75 4.16 -11.98
N ILE B 67 -0.78 4.86 -10.88
CA ILE B 67 -1.94 5.01 -10.08
C ILE B 67 -2.97 5.87 -10.82
N THR B 68 -4.08 5.24 -11.13
CA THR B 68 -5.15 5.84 -11.90
C THR B 68 -6.21 6.43 -10.96
N ASN B 69 -6.34 5.82 -9.78
CA ASN B 69 -7.30 6.31 -8.79
C ASN B 69 -6.80 6.00 -7.40
N ALA B 70 -7.50 6.53 -6.43
CA ALA B 70 -7.23 6.26 -5.01
C ALA B 70 -8.31 6.87 -4.14
N SER B 71 -8.83 6.07 -3.23
CA SER B 71 -9.80 6.51 -2.28
C SER B 71 -9.53 5.93 -0.94
N VAL B 72 -10.23 6.47 0.00
CA VAL B 72 -10.34 5.91 1.28
C VAL B 72 -11.36 4.83 1.23
N SER B 73 -10.91 3.66 1.51
CA SER B 73 -11.75 2.52 1.50
C SER B 73 -12.39 2.35 2.88
N ARG B 74 -11.68 2.81 3.90
CA ARG B 74 -12.16 2.83 5.27
C ARG B 74 -11.49 3.95 6.03
N SER B 75 -12.29 4.91 6.48
CA SER B 75 -11.77 6.09 7.15
C SER B 75 -11.39 5.78 8.60
N SER B 76 -10.39 6.52 9.09
CA SER B 76 -9.99 6.44 10.49
C SER B 76 -10.88 7.33 11.33
N GLY B 77 -11.68 8.11 10.63
CA GLY B 77 -12.50 9.12 11.25
C GLY B 77 -11.83 10.47 11.19
N ASP B 78 -10.55 10.45 10.81
CA ASP B 78 -9.80 11.67 10.63
C ASP B 78 -9.45 11.86 9.18
N LYS B 79 -10.23 12.69 8.54
CA LYS B 79 -10.11 12.94 7.11
C LYS B 79 -8.71 13.37 6.71
N PRO B 80 -8.08 14.32 7.45
CA PRO B 80 -6.68 14.67 7.21
C PRO B 80 -5.82 13.44 7.15
N PHE B 81 -5.98 12.58 8.14
CA PHE B 81 -5.16 11.41 8.22
C PHE B 81 -5.41 10.52 7.00
N ASP B 82 -6.69 10.27 6.74
CA ASP B 82 -7.14 9.49 5.61
C ASP B 82 -6.58 10.04 4.30
N SER B 83 -6.93 11.28 4.00
CA SER B 83 -6.60 11.93 2.78
C SER B 83 -5.11 12.26 2.62
N SER B 84 -4.42 12.60 3.71
CA SER B 84 -2.97 12.85 3.64
C SER B 84 -2.29 11.65 3.00
N ALA B 85 -2.91 10.52 3.23
CA ALA B 85 -2.42 9.24 2.78
C ALA B 85 -2.88 8.96 1.35
N VAL B 86 -4.04 9.48 1.01
CA VAL B 86 -4.52 9.48 -0.37
C VAL B 86 -3.58 10.29 -1.20
N ALA B 87 -3.18 11.36 -0.64
CA ALA B 87 -2.23 12.19 -1.32
C ALA B 87 -0.86 11.57 -1.28
N ALA B 88 -0.73 10.59 -0.43
CA ALA B 88 0.47 9.80 -0.41
C ALA B 88 0.42 8.87 -1.59
N VAL B 89 -0.75 8.31 -1.82
CA VAL B 89 -0.90 7.33 -2.88
C VAL B 89 -0.85 7.98 -4.24
N ARG B 90 -1.66 8.97 -4.40
CA ARG B 90 -1.73 9.72 -5.64
C ARG B 90 -0.39 10.31 -6.03
N ASN B 91 0.39 10.77 -5.06
CA ASN B 91 1.62 11.47 -5.36
C ASN B 91 2.64 10.53 -5.98
N VAL B 92 2.56 9.25 -5.65
CA VAL B 92 3.51 8.30 -6.21
C VAL B 92 3.27 8.17 -7.71
N GLY B 93 2.00 8.09 -8.01
CA GLY B 93 1.45 8.14 -9.36
C GLY B 93 1.87 7.05 -10.31
N ARG B 94 3.01 6.48 -10.11
CA ARG B 94 3.51 5.41 -10.95
C ARG B 94 4.43 4.50 -10.13
N ILE B 95 4.07 3.24 -10.05
CA ILE B 95 4.79 2.28 -9.28
C ILE B 95 5.65 1.36 -10.16
N PRO B 96 6.91 1.22 -9.74
CA PRO B 96 8.00 0.54 -10.49
C PRO B 96 7.77 -0.92 -10.90
N GLU B 97 7.53 -1.82 -9.95
CA GLU B 97 7.58 -3.26 -10.25
C GLU B 97 6.29 -3.83 -10.80
N MET B 98 5.29 -2.99 -11.01
CA MET B 98 4.01 -3.47 -11.49
C MET B 98 4.12 -4.04 -12.89
N GLN B 99 5.14 -3.59 -13.61
CA GLN B 99 5.42 -4.06 -14.94
C GLN B 99 6.14 -5.41 -14.95
N GLN B 100 6.34 -6.01 -13.78
CA GLN B 100 7.07 -7.28 -13.71
C GLN B 100 6.08 -8.39 -13.50
N LEU B 101 4.89 -7.99 -13.11
CA LEU B 101 3.85 -8.94 -12.90
C LEU B 101 3.10 -9.25 -14.17
N PRO B 102 2.42 -10.37 -14.08
CA PRO B 102 1.33 -10.73 -14.95
C PRO B 102 0.24 -9.69 -14.80
N ARG B 103 -0.35 -9.23 -15.90
CA ARG B 103 -1.46 -8.30 -15.84
C ARG B 103 -2.55 -8.81 -14.92
N ALA B 104 -2.81 -10.09 -15.04
CA ALA B 104 -3.77 -10.78 -14.21
C ALA B 104 -3.37 -10.80 -12.73
N THR B 105 -2.07 -10.78 -12.47
CA THR B 105 -1.55 -10.79 -11.13
C THR B 105 -1.60 -9.39 -10.58
N PHE B 106 -1.34 -8.47 -11.47
CA PHE B 106 -1.47 -7.09 -11.17
C PHE B 106 -2.94 -6.76 -10.87
N ASP B 107 -3.83 -7.17 -11.77
CA ASP B 107 -5.28 -6.97 -11.61
C ASP B 107 -5.77 -7.62 -10.31
N SER B 108 -5.07 -8.65 -9.91
CA SER B 108 -5.38 -9.36 -8.69
C SER B 108 -5.03 -8.50 -7.50
N LEU B 109 -3.82 -8.03 -7.53
CA LEU B 109 -3.19 -7.44 -6.37
C LEU B 109 -3.13 -5.92 -6.37
N TYR B 110 -2.63 -5.37 -7.46
CA TYR B 110 -2.21 -3.98 -7.46
C TYR B 110 -3.07 -3.14 -8.37
N ARG B 111 -3.99 -3.80 -9.04
CA ARG B 111 -5.07 -3.18 -9.74
C ARG B 111 -5.67 -2.12 -8.86
N GLN B 112 -6.11 -2.60 -7.74
CA GLN B 112 -6.35 -1.82 -6.60
C GLN B 112 -5.46 -2.33 -5.48
N ARG B 113 -4.52 -1.52 -5.04
CA ARG B 113 -3.56 -2.00 -4.08
C ARG B 113 -3.87 -1.35 -2.74
N ARG B 114 -4.49 -2.05 -1.83
CA ARG B 114 -4.87 -1.32 -0.66
C ARG B 114 -3.79 -1.20 0.36
N ILE B 115 -3.63 0.03 0.73
CA ILE B 115 -2.58 0.47 1.62
C ILE B 115 -3.20 0.84 2.97
N ILE B 116 -2.73 0.23 4.05
CA ILE B 116 -3.24 0.57 5.38
C ILE B 116 -2.27 1.51 6.03
N PHE B 117 -2.70 2.74 6.24
CA PHE B 117 -1.84 3.73 6.84
C PHE B 117 -2.01 3.69 8.34
N LYS B 118 -1.07 3.07 9.01
CA LYS B 118 -1.19 2.82 10.42
C LYS B 118 0.12 3.12 11.14
N PRO B 119 0.27 4.38 11.60
CA PRO B 119 1.41 4.92 12.34
C PRO B 119 2.13 3.99 13.31
N GLU B 120 3.23 4.52 13.80
CA GLU B 120 4.03 3.91 14.83
C GLU B 120 4.47 4.98 15.82
N ASP B 121 4.11 4.76 17.08
CA ASP B 121 4.42 5.66 18.20
C ASP B 121 4.32 7.16 17.89
N LEU B 122 3.10 7.69 17.98
CA LEU B 122 2.92 9.15 18.02
C LEU B 122 3.09 9.63 19.47
N SER B 123 2.85 10.91 19.69
CA SER B 123 2.86 11.45 21.05
C SER B 123 1.60 11.03 21.78
N LEU B 124 0.56 10.88 21.01
CA LEU B 124 -0.76 10.60 21.53
C LEU B 124 -1.21 9.19 21.14
N ALA A 1 -3.98 -10.20 -2.28
CA ALA A 1 -2.96 -9.54 -1.43
C ALA A 1 -3.53 -9.28 -0.06
N ASP A 2 -2.71 -8.73 0.83
CA ASP A 2 -3.11 -8.47 2.19
C ASP A 2 -2.73 -7.06 2.60
N PRO A 3 -3.74 -6.17 2.82
CA PRO A 3 -3.51 -4.74 3.10
C PRO A 3 -2.33 -4.51 4.00
N LEU A 4 -1.34 -3.78 3.49
CA LEU A 4 -0.05 -3.73 4.14
C LEU A 4 0.04 -2.49 5.01
N VAL A 5 0.50 -2.69 6.23
CA VAL A 5 0.60 -1.61 7.20
C VAL A 5 1.76 -0.67 6.87
N ILE A 6 1.43 0.53 6.43
CA ILE A 6 2.43 1.55 6.17
C ILE A 6 2.57 2.44 7.42
N SER A 7 3.66 2.23 8.14
CA SER A 7 3.89 2.96 9.39
C SER A 7 4.69 4.23 9.14
N SER A 8 5.43 4.21 8.03
CA SER A 8 6.19 5.37 7.58
C SER A 8 5.22 6.48 7.18
N GLY A 9 5.74 7.58 6.67
CA GLY A 9 4.88 8.64 6.20
C GLY A 9 5.16 9.94 6.90
N ASN A 10 6.11 10.70 6.36
CA ASN A 10 6.46 11.97 6.93
C ASN A 10 7.18 12.82 5.89
N ASP A 11 7.12 14.13 6.09
CA ASP A 11 7.62 15.11 5.13
C ASP A 11 9.14 15.01 4.97
N ARG A 12 9.79 14.38 5.95
CA ARG A 12 11.23 14.11 5.94
C ARG A 12 12.09 15.30 5.54
N ALA A 13 12.61 15.96 6.55
CA ALA A 13 13.45 17.12 6.36
C ALA A 13 14.76 16.95 7.12
N HIS B 1 -8.60 -31.41 -13.90
CA HIS B 1 -7.43 -31.37 -14.82
C HIS B 1 -6.15 -31.63 -14.02
N MET B 2 -6.00 -32.85 -13.53
CA MET B 2 -4.93 -33.19 -12.60
C MET B 2 -4.02 -34.28 -13.16
N ARG B 3 -3.94 -34.39 -14.48
CA ARG B 3 -3.05 -35.36 -15.11
C ARG B 3 -1.65 -34.80 -15.25
N ALA B 4 -1.55 -33.48 -15.20
CA ALA B 4 -0.27 -32.80 -15.27
C ALA B 4 -0.14 -31.81 -14.12
N LEU B 5 -0.20 -32.34 -12.91
CA LEU B 5 -0.08 -31.53 -11.71
C LEU B 5 1.39 -31.30 -11.40
N ALA B 6 1.74 -30.06 -11.12
CA ALA B 6 3.13 -29.71 -10.87
C ALA B 6 3.30 -29.16 -9.47
N GLU B 7 2.67 -28.02 -9.20
CA GLU B 7 2.80 -27.31 -7.93
C GLU B 7 4.22 -26.73 -7.79
N LEU B 8 4.28 -25.41 -7.73
CA LEU B 8 5.56 -24.70 -7.78
C LEU B 8 6.26 -24.70 -6.43
N LEU B 9 6.83 -25.85 -6.08
CA LEU B 9 7.63 -25.96 -4.87
C LEU B 9 9.05 -25.51 -5.15
N SER B 10 9.32 -24.26 -4.79
CA SER B 10 10.54 -23.57 -5.16
C SER B 10 11.80 -24.42 -4.99
N ASP B 11 12.11 -24.79 -3.76
CA ASP B 11 13.28 -25.60 -3.50
C ASP B 11 12.96 -26.77 -2.58
N THR B 12 12.83 -26.49 -1.29
CA THR B 12 12.47 -27.51 -0.33
C THR B 12 11.00 -27.89 -0.50
N THR B 13 10.11 -26.94 -0.23
CA THR B 13 8.69 -27.12 -0.46
C THR B 13 8.04 -25.76 -0.68
N GLU B 14 7.95 -24.98 0.40
CA GLU B 14 7.33 -23.67 0.39
C GLU B 14 5.96 -23.69 -0.23
N ARG B 15 5.01 -23.79 0.65
CA ARG B 15 3.62 -23.90 0.30
C ARG B 15 2.90 -22.62 0.77
N GLN B 16 3.52 -21.49 0.47
CA GLN B 16 3.00 -20.20 0.87
C GLN B 16 1.80 -19.84 0.01
N GLN B 17 1.96 -19.95 -1.30
CA GLN B 17 0.87 -19.72 -2.22
C GLN B 17 -0.16 -20.84 -2.14
N ALA B 18 -1.22 -20.61 -1.39
CA ALA B 18 -2.31 -21.56 -1.32
C ALA B 18 -3.39 -21.18 -2.32
N LEU B 19 -3.75 -22.10 -3.19
CA LEU B 19 -4.74 -21.84 -4.21
C LEU B 19 -6.15 -22.02 -3.66
N ALA B 20 -6.78 -20.92 -3.29
CA ALA B 20 -8.11 -20.95 -2.73
C ALA B 20 -8.97 -19.84 -3.32
N ASP B 21 -10.27 -19.85 -2.95
CA ASP B 21 -11.27 -18.90 -3.47
C ASP B 21 -11.16 -18.70 -4.97
N GLU B 22 -11.73 -17.61 -5.45
CA GLU B 22 -11.75 -17.27 -6.86
C GLU B 22 -10.34 -17.35 -7.48
N VAL B 23 -10.30 -17.45 -8.81
CA VAL B 23 -9.04 -17.51 -9.52
C VAL B 23 -8.25 -16.22 -9.31
N GLY B 24 -6.97 -16.32 -9.57
CA GLY B 24 -6.07 -15.24 -9.27
C GLY B 24 -5.64 -15.25 -7.83
N SER B 25 -4.95 -16.31 -7.43
CA SER B 25 -4.50 -16.45 -6.06
C SER B 25 -3.00 -16.71 -6.02
N GLU B 26 -2.23 -15.63 -6.09
CA GLU B 26 -0.81 -15.72 -6.08
C GLU B 26 -0.26 -15.15 -4.78
N VAL B 27 0.42 -14.05 -4.89
CA VAL B 27 1.18 -13.51 -3.78
C VAL B 27 1.27 -12.01 -3.83
N THR B 28 2.09 -11.50 -2.94
CA THR B 28 2.44 -10.11 -2.87
C THR B 28 3.93 -10.03 -2.66
N GLY B 29 4.62 -10.05 -3.78
CA GLY B 29 6.06 -9.91 -3.82
C GLY B 29 6.57 -8.66 -3.11
N SER B 30 7.79 -8.24 -3.46
CA SER B 30 8.33 -7.00 -2.93
C SER B 30 7.27 -5.93 -3.02
N LEU B 31 6.87 -5.69 -4.25
CA LEU B 31 5.58 -5.12 -4.65
C LEU B 31 4.78 -4.52 -3.51
N ASP B 32 4.30 -5.36 -2.65
CA ASP B 32 3.37 -4.97 -1.61
C ASP B 32 3.93 -3.85 -0.75
N ASP B 33 5.16 -4.03 -0.32
CA ASP B 33 5.85 -3.09 0.52
C ASP B 33 6.46 -1.99 -0.32
N LEU B 34 6.59 -2.22 -1.63
CA LEU B 34 7.03 -1.22 -2.54
C LEU B 34 6.01 -0.13 -2.70
N ILE B 35 4.81 -0.54 -3.03
CA ILE B 35 3.67 0.34 -3.14
C ILE B 35 3.57 1.21 -1.90
N VAL B 36 3.76 0.55 -0.80
CA VAL B 36 3.80 1.09 0.52
C VAL B 36 5.05 1.94 0.74
N ASN B 37 6.14 1.50 0.17
CA ASN B 37 7.42 2.16 0.29
C ASN B 37 7.26 3.52 -0.29
N LEU B 38 6.69 3.46 -1.45
CA LEU B 38 6.42 4.58 -2.28
C LEU B 38 5.41 5.55 -1.65
N VAL B 39 4.33 5.01 -1.10
CA VAL B 39 3.23 5.83 -0.59
C VAL B 39 3.68 6.74 0.54
N SER B 40 4.51 6.20 1.41
CA SER B 40 4.95 6.92 2.61
C SER B 40 6.08 7.88 2.29
N GLN B 41 6.68 7.67 1.14
CA GLN B 41 7.70 8.57 0.65
C GLN B 41 6.97 9.79 0.16
N GLN B 42 5.72 9.54 -0.14
CA GLN B 42 4.80 10.52 -0.63
C GLN B 42 3.84 11.01 0.45
N TRP B 43 3.83 10.29 1.55
CA TRP B 43 2.90 10.54 2.62
C TRP B 43 3.50 11.51 3.62
N ARG B 44 2.62 11.92 4.48
CA ARG B 44 2.86 12.94 5.49
C ARG B 44 1.92 12.73 6.66
N ARG B 45 2.45 12.35 7.81
CA ARG B 45 1.61 12.14 8.98
C ARG B 45 1.22 13.48 9.62
N PRO B 46 0.07 13.49 10.27
CA PRO B 46 -0.49 14.63 10.96
C PRO B 46 -0.27 14.56 12.48
N PRO B 47 -0.14 15.72 13.11
CA PRO B 47 -0.15 15.87 14.57
C PRO B 47 -1.39 15.22 15.22
N SER B 48 -2.42 14.99 14.40
CA SER B 48 -3.67 14.43 14.87
C SER B 48 -3.60 12.91 14.95
N ALA B 49 -2.73 12.31 14.15
CA ALA B 49 -2.59 10.87 14.13
C ALA B 49 -2.18 10.33 15.49
N ARG B 50 -2.68 9.15 15.81
CA ARG B 50 -2.36 8.48 17.04
C ARG B 50 -1.67 7.16 16.73
N ASN B 51 -1.14 6.51 17.76
CA ASN B 51 -0.20 5.40 17.62
C ASN B 51 -0.84 4.10 17.15
N GLY B 52 -1.49 4.23 16.05
CA GLY B 52 -2.04 3.13 15.30
C GLY B 52 -3.46 3.44 14.84
N MET B 53 -3.63 4.67 14.39
CA MET B 53 -4.77 5.11 13.68
C MET B 53 -4.53 4.72 12.23
N SER B 54 -5.56 4.36 11.49
CA SER B 54 -5.31 3.74 10.20
C SER B 54 -6.31 4.12 9.14
N VAL B 55 -5.84 4.05 7.92
CA VAL B 55 -6.66 4.27 6.76
C VAL B 55 -6.49 3.12 5.81
N GLU B 56 -7.58 2.51 5.44
CA GLU B 56 -7.54 1.58 4.35
C GLU B 56 -7.80 2.36 3.09
N VAL B 57 -6.80 2.43 2.25
CA VAL B 57 -6.88 3.23 1.07
C VAL B 57 -6.80 2.35 -0.16
N LEU B 58 -7.84 2.41 -0.97
CA LEU B 58 -7.90 1.70 -2.20
C LEU B 58 -7.40 2.56 -3.31
N ILE B 59 -6.18 2.34 -3.72
CA ILE B 59 -5.63 3.11 -4.77
C ILE B 59 -5.77 2.31 -6.06
N GLU B 60 -5.73 2.99 -7.16
CA GLU B 60 -6.04 2.40 -8.43
C GLU B 60 -4.93 2.69 -9.40
N MET B 61 -4.58 1.69 -10.16
CA MET B 61 -3.40 1.77 -10.98
C MET B 61 -3.54 1.02 -12.26
N LEU B 62 -2.66 1.42 -13.14
CA LEU B 62 -2.51 0.91 -14.46
C LEU B 62 -1.54 -0.25 -14.46
N PRO B 63 -1.50 -1.05 -15.55
CA PRO B 63 -0.56 -2.17 -15.70
C PRO B 63 0.90 -1.71 -15.63
N ASP B 64 1.07 -0.41 -15.49
CA ASP B 64 2.39 0.18 -15.39
C ASP B 64 2.69 0.48 -13.95
N GLY B 65 1.64 0.42 -13.14
CA GLY B 65 1.70 0.82 -11.77
C GLY B 65 1.35 2.27 -11.61
N THR B 66 1.23 2.96 -12.74
CA THR B 66 0.77 4.34 -12.76
C THR B 66 -0.58 4.44 -12.07
N ILE B 67 -0.59 5.28 -11.07
CA ILE B 67 -1.73 5.51 -10.25
C ILE B 67 -2.82 6.22 -11.04
N THR B 68 -3.92 5.54 -11.23
CA THR B 68 -5.03 6.07 -11.98
C THR B 68 -6.11 6.61 -11.04
N ASN B 69 -6.18 6.06 -9.83
CA ASN B 69 -7.16 6.51 -8.84
C ASN B 69 -6.73 6.19 -7.43
N ALA B 70 -7.51 6.67 -6.48
CA ALA B 70 -7.30 6.38 -5.06
C ALA B 70 -8.44 6.91 -4.22
N SER B 71 -8.88 6.11 -3.26
CA SER B 71 -9.85 6.50 -2.29
C SER B 71 -9.54 5.89 -0.96
N VAL B 72 -10.26 6.37 -0.01
CA VAL B 72 -10.34 5.78 1.26
C VAL B 72 -11.38 4.71 1.24
N SER B 73 -10.93 3.54 1.48
CA SER B 73 -11.77 2.40 1.49
C SER B 73 -12.38 2.21 2.87
N ARG B 74 -11.65 2.70 3.87
CA ARG B 74 -12.07 2.65 5.26
C ARG B 74 -11.37 3.77 6.03
N SER B 75 -12.13 4.78 6.43
CA SER B 75 -11.56 5.93 7.13
C SER B 75 -11.36 5.62 8.61
N SER B 76 -10.35 6.26 9.20
CA SER B 76 -10.07 6.15 10.63
C SER B 76 -10.98 7.08 11.39
N GLY B 77 -11.63 7.93 10.64
CA GLY B 77 -12.42 8.99 11.21
C GLY B 77 -11.71 10.32 11.07
N ASP B 78 -10.41 10.26 10.81
CA ASP B 78 -9.64 11.48 10.60
C ASP B 78 -9.38 11.64 9.12
N LYS B 79 -10.13 12.53 8.54
CA LYS B 79 -10.06 12.77 7.11
C LYS B 79 -8.72 13.33 6.66
N PRO B 80 -8.10 14.27 7.40
CA PRO B 80 -6.72 14.63 7.17
C PRO B 80 -5.85 13.40 7.11
N PHE B 81 -6.03 12.52 8.09
CA PHE B 81 -5.23 11.33 8.13
C PHE B 81 -5.48 10.51 6.86
N ASP B 82 -6.76 10.33 6.53
CA ASP B 82 -7.16 9.56 5.36
C ASP B 82 -6.56 10.13 4.08
N SER B 83 -6.89 11.37 3.84
CA SER B 83 -6.52 12.08 2.63
C SER B 83 -5.03 12.36 2.51
N SER B 84 -4.38 12.67 3.62
CA SER B 84 -2.92 12.88 3.60
C SER B 84 -2.26 11.70 2.94
N ALA B 85 -2.87 10.57 3.17
CA ALA B 85 -2.41 9.29 2.71
C ALA B 85 -2.94 9.01 1.30
N VAL B 86 -4.09 9.57 1.00
CA VAL B 86 -4.59 9.58 -0.37
C VAL B 86 -3.63 10.37 -1.22
N ALA B 87 -3.20 11.41 -0.65
CA ALA B 87 -2.23 12.23 -1.32
C ALA B 87 -0.89 11.58 -1.27
N ALA B 88 -0.77 10.60 -0.42
CA ALA B 88 0.41 9.78 -0.39
C ALA B 88 0.34 8.88 -1.59
N VAL B 89 -0.83 8.31 -1.82
CA VAL B 89 -1.01 7.32 -2.87
C VAL B 89 -0.99 7.94 -4.22
N ARG B 90 -1.73 9.00 -4.36
CA ARG B 90 -1.74 9.77 -5.56
C ARG B 90 -0.36 10.32 -5.92
N ASN B 91 0.43 10.73 -4.93
CA ASN B 91 1.67 11.46 -5.20
C ASN B 91 2.73 10.53 -5.76
N VAL B 92 2.58 9.24 -5.54
CA VAL B 92 3.51 8.27 -6.10
C VAL B 92 3.36 8.25 -7.61
N GLY B 93 2.11 8.31 -8.00
CA GLY B 93 1.68 8.45 -9.37
C GLY B 93 1.93 7.27 -10.27
N ARG B 94 2.92 6.52 -9.95
CA ARG B 94 3.24 5.30 -10.68
C ARG B 94 4.15 4.41 -9.84
N ILE B 95 3.82 3.14 -9.74
CA ILE B 95 4.66 2.17 -9.10
C ILE B 95 5.43 1.39 -10.14
N PRO B 96 6.71 1.15 -9.88
CA PRO B 96 7.63 0.61 -10.85
C PRO B 96 7.45 -0.89 -11.10
N GLU B 97 7.45 -1.68 -10.03
CA GLU B 97 7.45 -3.14 -10.13
C GLU B 97 6.18 -3.77 -10.68
N MET B 98 5.15 -2.98 -10.96
CA MET B 98 3.91 -3.52 -11.46
C MET B 98 4.07 -4.18 -12.82
N GLN B 99 5.09 -3.74 -13.56
CA GLN B 99 5.39 -4.32 -14.85
C GLN B 99 6.21 -5.60 -14.73
N GLN B 100 6.39 -6.10 -13.50
CA GLN B 100 7.17 -7.32 -13.28
C GLN B 100 6.22 -8.44 -13.03
N LEU B 101 4.98 -8.06 -12.77
CA LEU B 101 3.94 -8.99 -12.60
C LEU B 101 3.22 -9.31 -13.88
N PRO B 102 2.52 -10.41 -13.82
CA PRO B 102 1.45 -10.74 -14.72
C PRO B 102 0.35 -9.69 -14.61
N ARG B 103 -0.18 -9.24 -15.74
CA ARG B 103 -1.31 -8.32 -15.78
C ARG B 103 -2.46 -8.82 -14.92
N ALA B 104 -2.64 -10.12 -14.95
CA ALA B 104 -3.64 -10.79 -14.13
C ALA B 104 -3.29 -10.73 -12.65
N THR B 105 -2.00 -10.73 -12.33
CA THR B 105 -1.53 -10.76 -10.97
C THR B 105 -1.61 -9.37 -10.40
N PHE B 106 -1.25 -8.44 -11.24
CA PHE B 106 -1.41 -7.05 -10.96
C PHE B 106 -2.87 -6.76 -10.64
N ASP B 107 -3.75 -7.27 -11.50
CA ASP B 107 -5.20 -7.08 -11.38
C ASP B 107 -5.72 -7.66 -10.08
N SER B 108 -5.03 -8.69 -9.64
CA SER B 108 -5.38 -9.39 -8.44
C SER B 108 -5.11 -8.51 -7.23
N LEU B 109 -3.91 -7.99 -7.24
CA LEU B 109 -3.33 -7.36 -6.09
C LEU B 109 -3.32 -5.85 -6.13
N TYR B 110 -2.66 -5.33 -7.12
CA TYR B 110 -2.22 -3.95 -7.07
C TYR B 110 -3.00 -3.08 -8.00
N ARG B 111 -3.85 -3.68 -8.82
CA ARG B 111 -4.76 -2.95 -9.66
C ARG B 111 -5.53 -1.96 -8.80
N GLN B 112 -5.96 -2.47 -7.68
CA GLN B 112 -6.34 -1.68 -6.57
C GLN B 112 -5.62 -2.22 -5.37
N ARG B 113 -4.67 -1.48 -4.86
CA ARG B 113 -3.85 -2.01 -3.80
C ARG B 113 -4.34 -1.39 -2.51
N ARG B 114 -4.79 -2.18 -1.57
CA ARG B 114 -5.21 -1.60 -0.32
C ARG B 114 -4.03 -1.35 0.57
N ILE B 115 -3.75 -0.09 0.70
CA ILE B 115 -2.65 0.38 1.53
C ILE B 115 -3.22 0.78 2.90
N ILE B 116 -2.74 0.17 3.97
CA ILE B 116 -3.25 0.50 5.30
C ILE B 116 -2.29 1.44 5.98
N PHE B 117 -2.72 2.67 6.17
CA PHE B 117 -1.87 3.67 6.78
C PHE B 117 -2.04 3.63 8.27
N LYS B 118 -1.11 3.01 8.95
CA LYS B 118 -1.22 2.84 10.38
C LYS B 118 0.14 3.04 11.03
N PRO B 119 0.43 4.29 11.41
CA PRO B 119 1.67 4.74 12.06
C PRO B 119 2.33 3.78 13.06
N GLU B 120 3.47 4.28 13.53
CA GLU B 120 4.28 3.68 14.55
C GLU B 120 5.08 4.78 15.19
N ASP B 121 4.93 4.92 16.49
CA ASP B 121 5.62 5.95 17.27
C ASP B 121 5.27 7.38 16.82
N LEU B 122 4.10 7.84 17.22
CA LEU B 122 3.73 9.26 17.09
C LEU B 122 4.29 10.04 18.27
N SER B 123 3.82 11.28 18.41
CA SER B 123 4.11 12.11 19.58
C SER B 123 3.58 11.48 20.86
N LEU B 124 2.32 11.17 20.81
CA LEU B 124 1.51 10.86 21.98
C LEU B 124 2.02 9.59 22.67
N ALA A 1 -3.20 -8.06 -3.26
CA ALA A 1 -1.85 -8.45 -2.79
C ALA A 1 -1.91 -8.86 -1.32
N ASP A 2 -1.71 -7.89 -0.42
CA ASP A 2 -1.89 -8.11 1.00
C ASP A 2 -1.73 -6.77 1.70
N PRO A 3 -2.86 -6.12 2.10
CA PRO A 3 -2.84 -4.76 2.64
C PRO A 3 -1.78 -4.58 3.70
N LEU A 4 -0.84 -3.69 3.45
CA LEU A 4 0.30 -3.57 4.33
C LEU A 4 0.16 -2.38 5.26
N VAL A 5 0.69 -2.55 6.46
CA VAL A 5 0.65 -1.51 7.47
C VAL A 5 1.74 -0.48 7.21
N ILE A 6 1.36 0.63 6.63
CA ILE A 6 2.29 1.71 6.39
C ILE A 6 2.30 2.65 7.60
N SER A 7 3.38 2.60 8.34
CA SER A 7 3.51 3.38 9.57
C SER A 7 4.41 4.58 9.35
N SER A 8 5.10 4.56 8.22
CA SER A 8 5.98 5.65 7.82
C SER A 8 5.14 6.80 7.29
N GLY A 9 5.80 7.82 6.75
CA GLY A 9 5.08 8.96 6.20
C GLY A 9 5.74 10.24 6.62
N ASN A 10 6.80 10.60 5.92
CA ASN A 10 7.61 11.74 6.27
C ASN A 10 8.14 12.41 5.01
N ASP A 11 8.49 13.69 5.14
CA ASP A 11 8.94 14.50 4.00
C ASP A 11 10.38 14.17 3.63
N ARG A 12 10.93 13.20 4.35
CA ARG A 12 12.28 12.71 4.09
C ARG A 12 12.43 12.20 2.65
N ALA A 13 13.60 12.40 2.08
CA ALA A 13 13.90 11.91 0.74
C ALA A 13 14.47 10.51 0.82
N HIS B 1 12.45 19.04 28.96
CA HIS B 1 12.36 17.89 29.88
C HIS B 1 13.03 18.19 31.21
N MET B 2 12.39 19.01 32.02
CA MET B 2 12.94 19.38 33.33
C MET B 2 12.37 18.47 34.41
N ARG B 3 11.07 18.20 34.33
CA ARG B 3 10.39 17.39 35.32
C ARG B 3 10.62 15.91 35.03
N ALA B 4 10.35 15.51 33.81
CA ALA B 4 10.61 14.14 33.36
C ALA B 4 11.86 14.11 32.49
N LEU B 5 12.87 13.38 32.93
CA LEU B 5 14.15 13.37 32.26
C LEU B 5 14.10 12.55 30.98
N ALA B 6 14.73 13.09 29.92
CA ALA B 6 14.79 12.46 28.61
C ALA B 6 13.41 12.16 28.04
N GLU B 7 13.41 11.48 26.92
CA GLU B 7 12.21 10.91 26.37
C GLU B 7 11.86 9.64 27.14
N LEU B 8 11.04 8.80 26.55
CA LEU B 8 10.77 7.49 27.14
C LEU B 8 11.71 6.47 26.49
N LEU B 9 11.50 6.23 25.20
CA LEU B 9 12.40 5.39 24.40
C LEU B 9 12.67 4.05 25.07
N SER B 10 11.60 3.36 25.44
CA SER B 10 11.72 2.07 26.10
C SER B 10 10.86 1.05 25.39
N ASP B 11 11.44 0.37 24.41
CA ASP B 11 10.72 -0.62 23.62
C ASP B 11 10.35 -1.81 24.51
N THR B 12 9.15 -1.78 25.05
CA THR B 12 8.67 -2.83 25.92
C THR B 12 7.93 -3.90 25.12
N THR B 13 7.56 -3.55 23.90
CA THR B 13 6.79 -4.43 23.05
C THR B 13 7.59 -5.68 22.65
N GLU B 14 8.88 -5.48 22.35
CA GLU B 14 9.81 -6.55 22.02
C GLU B 14 9.42 -7.28 20.73
N ARG B 15 8.45 -6.73 20.02
CA ARG B 15 7.95 -7.33 18.81
C ARG B 15 8.23 -6.40 17.63
N GLN B 16 9.44 -6.48 17.11
CA GLN B 16 9.82 -5.65 15.97
C GLN B 16 9.14 -6.15 14.71
N GLN B 17 9.53 -7.33 14.26
CA GLN B 17 8.95 -7.96 13.12
C GLN B 17 9.20 -9.46 13.14
N ALA B 18 8.18 -10.22 13.51
CA ALA B 18 8.24 -11.67 13.47
C ALA B 18 7.20 -12.22 12.51
N LEU B 19 6.33 -11.33 12.04
CA LEU B 19 5.30 -11.68 11.08
C LEU B 19 5.93 -12.03 9.74
N ALA B 20 5.53 -13.17 9.18
CA ALA B 20 6.05 -13.61 7.90
C ALA B 20 5.03 -13.38 6.79
N ASP B 21 5.50 -13.43 5.55
CA ASP B 21 4.64 -13.34 4.38
C ASP B 21 4.17 -14.72 3.97
N GLU B 22 3.21 -14.76 3.04
CA GLU B 22 2.61 -15.99 2.63
C GLU B 22 3.54 -16.79 1.72
N VAL B 23 3.58 -18.10 1.95
CA VAL B 23 4.44 -18.97 1.19
C VAL B 23 3.64 -19.75 0.15
N GLY B 24 4.33 -20.51 -0.66
CA GLY B 24 3.70 -21.25 -1.72
C GLY B 24 4.17 -20.79 -3.09
N SER B 25 5.03 -19.77 -3.08
CA SER B 25 5.63 -19.26 -4.30
C SER B 25 4.56 -18.74 -5.26
N GLU B 26 3.66 -17.94 -4.75
CA GLU B 26 2.61 -17.35 -5.56
C GLU B 26 3.04 -16.05 -6.19
N VAL B 27 2.56 -14.99 -5.61
CA VAL B 27 2.61 -13.68 -6.20
C VAL B 27 2.67 -12.61 -5.12
N THR B 28 2.25 -11.38 -5.45
CA THR B 28 2.35 -10.25 -4.54
C THR B 28 3.70 -10.25 -3.85
N GLY B 29 4.70 -10.02 -4.68
CA GLY B 29 6.07 -9.87 -4.24
C GLY B 29 6.27 -8.73 -3.27
N SER B 30 7.48 -8.20 -3.24
CA SER B 30 7.79 -7.05 -2.42
C SER B 30 7.19 -5.77 -3.00
N LEU B 31 6.17 -5.98 -3.76
CA LEU B 31 5.55 -4.95 -4.57
C LEU B 31 4.57 -4.14 -3.74
N ASP B 32 3.74 -4.82 -2.94
CA ASP B 32 2.81 -4.13 -2.05
C ASP B 32 3.62 -3.19 -1.14
N ASP B 33 4.75 -3.70 -0.68
CA ASP B 33 5.68 -2.98 0.17
C ASP B 33 6.25 -1.81 -0.55
N LEU B 34 6.46 -1.97 -1.83
CA LEU B 34 6.89 -0.92 -2.67
C LEU B 34 5.91 0.20 -2.71
N ILE B 35 4.68 -0.14 -3.02
CA ILE B 35 3.58 0.79 -3.01
C ILE B 35 3.59 1.58 -1.70
N VAL B 36 3.69 0.82 -0.64
CA VAL B 36 3.78 1.29 0.71
C VAL B 36 5.05 2.11 0.93
N ASN B 37 6.11 1.66 0.30
CA ASN B 37 7.42 2.28 0.41
C ASN B 37 7.30 3.67 -0.11
N LEU B 38 6.75 3.66 -1.27
CA LEU B 38 6.51 4.84 -2.05
C LEU B 38 5.54 5.79 -1.38
N VAL B 39 4.47 5.22 -0.82
CA VAL B 39 3.37 5.99 -0.28
C VAL B 39 3.81 6.86 0.87
N SER B 40 4.72 6.35 1.67
CA SER B 40 5.20 7.05 2.84
C SER B 40 6.27 8.07 2.47
N GLN B 41 6.85 7.89 1.30
CA GLN B 41 7.85 8.82 0.81
C GLN B 41 7.10 10.02 0.32
N GLN B 42 5.83 9.75 0.10
CA GLN B 42 4.88 10.70 -0.40
C GLN B 42 3.91 11.15 0.68
N TRP B 43 3.83 10.34 1.73
CA TRP B 43 2.90 10.57 2.82
C TRP B 43 3.54 11.47 3.85
N ARG B 44 2.71 11.84 4.76
CA ARG B 44 3.03 12.81 5.79
C ARG B 44 2.19 12.58 7.03
N ARG B 45 2.84 12.18 8.11
CA ARG B 45 2.13 12.03 9.38
C ARG B 45 1.88 13.40 9.99
N PRO B 46 0.64 13.67 10.34
CA PRO B 46 0.24 14.94 10.91
C PRO B 46 0.34 14.92 12.42
N PRO B 47 0.12 16.07 13.08
CA PRO B 47 0.19 16.19 14.53
C PRO B 47 -1.07 15.63 15.14
N SER B 48 -2.03 15.40 14.27
CA SER B 48 -3.32 14.86 14.64
C SER B 48 -3.29 13.34 14.70
N ALA B 49 -2.36 12.71 13.99
CA ALA B 49 -2.28 11.26 14.00
C ALA B 49 -1.81 10.77 15.35
N ARG B 50 -2.42 9.69 15.79
CA ARG B 50 -2.07 9.06 17.04
C ARG B 50 -1.69 7.63 16.73
N ASN B 51 -0.88 7.02 17.58
CA ASN B 51 -0.56 5.62 17.44
C ASN B 51 -1.82 4.79 17.26
N GLY B 52 -1.82 3.91 16.27
CA GLY B 52 -2.97 3.08 15.97
C GLY B 52 -4.21 3.79 15.45
N MET B 53 -4.07 4.99 14.95
CA MET B 53 -5.02 5.56 14.05
C MET B 53 -4.68 5.00 12.68
N SER B 54 -5.64 4.80 11.81
CA SER B 54 -5.33 4.14 10.54
C SER B 54 -6.36 4.39 9.47
N VAL B 55 -5.92 4.22 8.25
CA VAL B 55 -6.76 4.39 7.09
C VAL B 55 -6.63 3.18 6.22
N GLU B 56 -7.72 2.67 5.71
CA GLU B 56 -7.64 1.75 4.62
C GLU B 56 -7.85 2.51 3.35
N VAL B 57 -6.94 2.32 2.45
CA VAL B 57 -6.93 3.07 1.22
C VAL B 57 -6.80 2.17 0.02
N LEU B 58 -7.83 2.20 -0.82
CA LEU B 58 -7.87 1.45 -2.00
C LEU B 58 -7.31 2.24 -3.13
N ILE B 59 -6.26 1.73 -3.69
CA ILE B 59 -5.69 2.34 -4.81
C ILE B 59 -6.22 1.69 -6.04
N GLU B 60 -6.00 2.35 -7.09
CA GLU B 60 -6.34 1.87 -8.40
C GLU B 60 -5.23 2.21 -9.33
N MET B 61 -4.81 1.23 -10.07
CA MET B 61 -3.56 1.34 -10.79
C MET B 61 -3.58 0.73 -12.16
N LEU B 62 -2.61 1.21 -12.89
CA LEU B 62 -2.44 0.93 -14.29
C LEU B 62 -1.58 -0.28 -14.49
N PRO B 63 -1.59 -0.83 -15.71
CA PRO B 63 -0.68 -1.92 -16.10
C PRO B 63 0.78 -1.47 -16.06
N ASP B 64 0.97 -0.21 -15.65
CA ASP B 64 2.31 0.35 -15.47
C ASP B 64 2.63 0.48 -14.00
N GLY B 65 1.61 0.37 -13.19
CA GLY B 65 1.72 0.64 -11.79
C GLY B 65 1.29 2.04 -11.48
N THR B 66 1.19 2.84 -12.53
CA THR B 66 0.64 4.17 -12.44
C THR B 66 -0.71 4.13 -11.76
N ILE B 67 -0.75 4.82 -10.65
CA ILE B 67 -1.95 4.98 -9.89
C ILE B 67 -2.97 5.78 -10.67
N THR B 68 -4.02 5.09 -11.06
CA THR B 68 -5.08 5.64 -11.87
C THR B 68 -6.21 6.18 -10.97
N ASN B 69 -6.36 5.56 -9.80
CA ASN B 69 -7.29 6.04 -8.77
C ASN B 69 -6.77 5.73 -7.40
N ALA B 70 -7.42 6.28 -6.40
CA ALA B 70 -7.10 6.03 -5.00
C ALA B 70 -8.14 6.70 -4.11
N SER B 71 -8.71 5.95 -3.20
CA SER B 71 -9.63 6.48 -2.25
C SER B 71 -9.43 5.90 -0.89
N VAL B 72 -10.06 6.54 0.03
CA VAL B 72 -10.23 6.00 1.31
C VAL B 72 -11.31 4.97 1.26
N SER B 73 -10.90 3.79 1.51
CA SER B 73 -11.74 2.66 1.46
C SER B 73 -12.22 2.29 2.87
N ARG B 74 -11.52 2.85 3.87
CA ARG B 74 -11.96 2.81 5.26
C ARG B 74 -11.28 3.93 6.05
N SER B 75 -12.06 4.91 6.48
CA SER B 75 -11.53 6.11 7.12
C SER B 75 -11.26 5.91 8.61
N SER B 76 -10.29 6.66 9.14
CA SER B 76 -9.96 6.63 10.57
C SER B 76 -10.95 7.47 11.34
N GLY B 77 -11.67 8.31 10.61
CA GLY B 77 -12.53 9.28 11.23
C GLY B 77 -11.86 10.63 11.26
N ASP B 78 -10.58 10.63 10.88
CA ASP B 78 -9.83 11.86 10.71
C ASP B 78 -9.43 11.98 9.27
N LYS B 79 -10.26 12.69 8.56
CA LYS B 79 -10.18 12.76 7.10
C LYS B 79 -8.86 13.32 6.59
N PRO B 80 -8.28 14.34 7.23
CA PRO B 80 -6.91 14.76 6.94
C PRO B 80 -5.96 13.59 6.96
N PHE B 81 -6.04 12.78 8.01
CA PHE B 81 -5.15 11.68 8.15
C PHE B 81 -5.36 10.71 6.98
N ASP B 82 -6.63 10.41 6.73
CA ASP B 82 -7.04 9.54 5.65
C ASP B 82 -6.55 10.08 4.31
N SER B 83 -6.90 11.32 4.03
CA SER B 83 -6.63 11.95 2.75
C SER B 83 -5.15 12.29 2.56
N SER B 84 -4.45 12.65 3.63
CA SER B 84 -3.01 12.91 3.55
C SER B 84 -2.32 11.71 2.94
N ALA B 85 -2.94 10.58 3.20
CA ALA B 85 -2.45 9.30 2.75
C ALA B 85 -2.91 9.01 1.33
N VAL B 86 -4.08 9.52 0.98
CA VAL B 86 -4.56 9.51 -0.39
C VAL B 86 -3.63 10.33 -1.23
N ALA B 87 -3.21 11.39 -0.65
CA ALA B 87 -2.25 12.22 -1.32
C ALA B 87 -0.89 11.63 -1.22
N ALA B 88 -0.75 10.66 -0.34
CA ALA B 88 0.46 9.89 -0.29
C ALA B 88 0.46 8.97 -1.47
N VAL B 89 -0.69 8.36 -1.71
CA VAL B 89 -0.79 7.37 -2.75
C VAL B 89 -0.70 8.00 -4.12
N ARG B 90 -1.53 8.97 -4.34
CA ARG B 90 -1.55 9.66 -5.59
C ARG B 90 -0.21 10.32 -5.94
N ASN B 91 0.58 10.70 -4.94
CA ASN B 91 1.82 11.41 -5.20
C ASN B 91 2.92 10.46 -5.67
N VAL B 92 2.72 9.17 -5.46
CA VAL B 92 3.67 8.18 -5.96
C VAL B 92 3.40 7.97 -7.45
N GLY B 93 2.11 7.85 -7.72
CA GLY B 93 1.51 7.89 -9.05
C GLY B 93 1.96 6.87 -10.07
N ARG B 94 3.10 6.29 -9.87
CA ARG B 94 3.71 5.36 -10.82
C ARG B 94 4.58 4.37 -10.07
N ILE B 95 4.11 3.13 -9.95
CA ILE B 95 4.80 2.14 -9.18
C ILE B 95 5.62 1.18 -10.03
N PRO B 96 6.88 0.99 -9.65
CA PRO B 96 7.89 0.16 -10.33
C PRO B 96 7.43 -1.16 -10.93
N GLU B 97 7.39 -2.18 -10.07
CA GLU B 97 7.45 -3.58 -10.52
C GLU B 97 6.12 -4.07 -11.04
N MET B 98 5.16 -3.18 -11.13
CA MET B 98 3.85 -3.56 -11.60
C MET B 98 3.90 -4.06 -13.03
N GLN B 99 4.92 -3.62 -13.74
CA GLN B 99 5.14 -4.04 -15.11
C GLN B 99 5.85 -5.38 -15.20
N GLN B 100 6.25 -5.98 -14.07
CA GLN B 100 6.96 -7.22 -14.12
C GLN B 100 5.93 -8.31 -14.20
N LEU B 101 4.94 -8.14 -13.36
CA LEU B 101 3.83 -9.03 -13.35
C LEU B 101 3.13 -9.22 -14.66
N PRO B 102 2.45 -10.35 -14.70
CA PRO B 102 1.38 -10.62 -15.63
C PRO B 102 0.28 -9.60 -15.40
N ARG B 103 -0.30 -9.07 -16.46
CA ARG B 103 -1.39 -8.12 -16.36
C ARG B 103 -2.53 -8.68 -15.53
N ALA B 104 -2.76 -9.96 -15.71
CA ALA B 104 -3.76 -10.69 -14.94
C ALA B 104 -3.36 -10.81 -13.47
N THR B 105 -2.07 -10.87 -13.20
CA THR B 105 -1.57 -11.01 -11.87
C THR B 105 -1.62 -9.68 -11.17
N PHE B 106 -1.25 -8.68 -11.92
CA PHE B 106 -1.36 -7.31 -11.50
C PHE B 106 -2.82 -7.02 -11.12
N ASP B 107 -3.74 -7.43 -11.99
CA ASP B 107 -5.17 -7.27 -11.77
C ASP B 107 -5.60 -7.92 -10.47
N SER B 108 -4.97 -9.04 -10.19
CA SER B 108 -5.33 -9.82 -9.04
C SER B 108 -5.00 -9.05 -7.78
N LEU B 109 -3.79 -8.53 -7.81
CA LEU B 109 -3.14 -8.00 -6.64
C LEU B 109 -3.13 -6.48 -6.53
N TYR B 110 -2.64 -5.84 -7.56
CA TYR B 110 -2.25 -4.44 -7.46
C TYR B 110 -3.16 -3.53 -8.25
N ARG B 111 -4.09 -4.11 -9.02
CA ARG B 111 -5.06 -3.34 -9.76
C ARG B 111 -5.71 -2.33 -8.86
N GLN B 112 -6.07 -2.82 -7.70
CA GLN B 112 -6.39 -2.03 -6.58
C GLN B 112 -5.49 -2.45 -5.46
N ARG B 113 -4.67 -1.55 -4.96
CA ARG B 113 -3.75 -1.94 -3.94
C ARG B 113 -4.19 -1.27 -2.67
N ARG B 114 -4.21 -2.02 -1.59
CA ARG B 114 -4.77 -1.56 -0.35
C ARG B 114 -3.68 -1.21 0.61
N ILE B 115 -3.68 0.01 1.04
CA ILE B 115 -2.64 0.51 1.89
C ILE B 115 -3.23 0.94 3.23
N ILE B 116 -2.86 0.25 4.30
CA ILE B 116 -3.36 0.60 5.62
C ILE B 116 -2.39 1.58 6.24
N PHE B 117 -2.82 2.80 6.43
CA PHE B 117 -1.95 3.81 6.99
C PHE B 117 -2.16 3.80 8.49
N LYS B 118 -1.29 3.09 9.18
CA LYS B 118 -1.49 2.84 10.59
C LYS B 118 -0.18 3.00 11.32
N PRO B 119 0.02 4.19 11.92
CA PRO B 119 1.11 4.53 12.81
C PRO B 119 1.77 3.40 13.58
N GLU B 120 2.97 3.73 14.02
CA GLU B 120 3.73 2.91 14.92
C GLU B 120 4.52 3.86 15.82
N ASP B 121 4.06 4.00 17.05
CA ASP B 121 4.65 4.91 18.02
C ASP B 121 4.70 6.34 17.52
N LEU B 122 3.65 7.09 17.78
CA LEU B 122 3.67 8.53 17.56
C LEU B 122 4.31 9.22 18.75
N SER B 123 4.38 10.53 18.70
CA SER B 123 4.84 11.31 19.84
C SER B 123 3.79 11.26 20.92
N LEU B 124 2.57 11.26 20.46
CA LEU B 124 1.40 11.37 21.29
C LEU B 124 0.55 10.11 21.20
N ALA A 1 -4.35 -8.89 -2.98
CA ALA A 1 -3.12 -8.79 -2.14
C ALA A 1 -3.51 -8.49 -0.70
N ASP A 2 -2.58 -8.63 0.22
CA ASP A 2 -2.84 -8.36 1.62
C ASP A 2 -2.44 -6.93 1.97
N PRO A 3 -3.41 -6.11 2.42
CA PRO A 3 -3.17 -4.70 2.79
C PRO A 3 -2.00 -4.55 3.75
N LEU A 4 -1.05 -3.69 3.43
CA LEU A 4 0.16 -3.62 4.21
C LEU A 4 0.17 -2.40 5.10
N VAL A 5 0.76 -2.55 6.27
CA VAL A 5 0.81 -1.50 7.26
C VAL A 5 1.91 -0.51 6.95
N ILE A 6 1.52 0.66 6.48
CA ILE A 6 2.43 1.77 6.31
C ILE A 6 2.37 2.65 7.56
N SER A 7 3.48 2.68 8.28
CA SER A 7 3.53 3.37 9.57
C SER A 7 3.42 4.88 9.39
N SER A 8 4.34 5.46 8.65
CA SER A 8 4.29 6.87 8.37
C SER A 8 5.00 7.18 7.06
N GLY A 9 5.07 8.45 6.73
CA GLY A 9 5.69 8.85 5.50
C GLY A 9 7.20 8.86 5.59
N ASN A 10 7.81 9.88 5.02
CA ASN A 10 9.25 10.00 5.00
C ASN A 10 9.76 10.48 6.36
N ASP A 11 11.03 10.21 6.64
CA ASP A 11 11.63 10.52 7.95
C ASP A 11 11.35 11.95 8.37
N ARG A 12 11.67 12.89 7.48
CA ARG A 12 11.45 14.32 7.70
C ARG A 12 12.02 14.86 9.00
N ALA A 13 13.08 15.61 8.86
CA ALA A 13 13.76 16.21 9.99
C ALA A 13 13.72 17.72 9.88
N HIS B 1 29.46 -10.95 14.60
CA HIS B 1 29.12 -11.70 15.83
C HIS B 1 27.96 -11.03 16.57
N MET B 2 28.08 -9.73 16.80
CA MET B 2 27.05 -8.98 17.48
C MET B 2 26.52 -7.87 16.60
N ARG B 3 25.48 -8.17 15.85
CA ARG B 3 24.87 -7.20 14.95
C ARG B 3 23.36 -7.16 15.16
N ALA B 4 22.72 -8.29 14.90
CA ALA B 4 21.28 -8.45 15.08
C ALA B 4 20.49 -7.37 14.34
N LEU B 5 20.46 -7.47 13.02
CA LEU B 5 19.66 -6.58 12.21
C LEU B 5 18.56 -7.39 11.51
N ALA B 6 18.99 -8.47 10.87
CA ALA B 6 18.06 -9.35 10.17
C ALA B 6 18.42 -10.80 10.42
N GLU B 7 19.68 -11.04 10.76
CA GLU B 7 20.15 -12.39 11.01
C GLU B 7 19.54 -12.95 12.29
N LEU B 8 18.62 -13.90 12.12
CA LEU B 8 17.93 -14.57 13.23
C LEU B 8 17.03 -13.60 14.02
N LEU B 9 17.15 -12.30 13.74
CA LEU B 9 16.36 -11.29 14.43
C LEU B 9 14.95 -11.22 13.82
N SER B 10 14.24 -12.32 13.93
CA SER B 10 12.87 -12.41 13.48
C SER B 10 12.18 -13.58 14.17
N ASP B 11 12.50 -14.79 13.73
CA ASP B 11 11.95 -16.02 14.32
C ASP B 11 10.42 -15.92 14.39
N THR B 12 9.82 -15.60 13.26
CA THR B 12 8.39 -15.41 13.17
C THR B 12 7.79 -16.36 12.14
N THR B 13 6.48 -16.60 12.27
CA THR B 13 5.75 -17.41 11.32
C THR B 13 6.29 -18.84 11.26
N GLU B 14 5.80 -19.69 12.16
CA GLU B 14 6.23 -21.08 12.22
C GLU B 14 5.74 -21.85 11.00
N ARG B 15 4.64 -21.36 10.46
CA ARG B 15 4.02 -21.90 9.26
C ARG B 15 5.02 -21.86 8.10
N GLN B 16 5.79 -20.78 8.06
CA GLN B 16 6.77 -20.60 7.01
C GLN B 16 8.12 -20.25 7.63
N GLN B 17 8.68 -21.21 8.33
CA GLN B 17 9.96 -21.03 8.98
C GLN B 17 11.08 -21.12 7.95
N ALA B 18 11.43 -19.97 7.37
CA ALA B 18 12.43 -19.90 6.31
C ALA B 18 12.01 -20.66 5.06
N LEU B 19 12.44 -21.91 4.95
CA LEU B 19 12.15 -22.72 3.78
C LEU B 19 11.45 -24.01 4.21
N ALA B 20 11.09 -24.07 5.48
CA ALA B 20 10.47 -25.25 6.06
C ALA B 20 9.17 -25.63 5.36
N ASP B 21 9.10 -26.91 4.96
CA ASP B 21 7.94 -27.51 4.28
C ASP B 21 7.34 -26.63 3.18
N GLU B 22 6.13 -26.99 2.78
CA GLU B 22 5.38 -26.29 1.76
C GLU B 22 5.34 -24.79 2.03
N VAL B 23 5.70 -24.02 1.04
CA VAL B 23 5.81 -22.58 1.19
C VAL B 23 4.47 -21.91 0.91
N GLY B 24 4.39 -20.66 1.29
CA GLY B 24 3.16 -19.91 1.17
C GLY B 24 3.33 -18.63 0.36
N SER B 25 4.08 -18.74 -0.72
CA SER B 25 4.32 -17.59 -1.58
C SER B 25 3.23 -17.46 -2.63
N GLU B 26 2.10 -16.88 -2.23
CA GLU B 26 0.99 -16.66 -3.14
C GLU B 26 1.34 -15.67 -4.21
N VAL B 27 1.31 -14.45 -3.79
CA VAL B 27 1.31 -13.31 -4.68
C VAL B 27 1.92 -12.09 -4.00
N THR B 28 1.64 -10.92 -4.57
CA THR B 28 2.12 -9.62 -4.06
C THR B 28 3.63 -9.45 -4.22
N GLY B 29 4.29 -10.48 -4.69
CA GLY B 29 5.72 -10.42 -4.90
C GLY B 29 6.47 -9.81 -3.72
N SER B 30 7.00 -8.63 -3.96
CA SER B 30 7.53 -7.77 -2.92
C SER B 30 7.05 -6.36 -3.16
N LEU B 31 5.95 -6.32 -3.84
CA LEU B 31 5.40 -5.13 -4.46
C LEU B 31 4.59 -4.29 -3.46
N ASP B 32 3.76 -4.94 -2.64
CA ASP B 32 2.94 -4.22 -1.66
C ASP B 32 3.79 -3.24 -0.85
N ASP B 33 4.92 -3.74 -0.38
CA ASP B 33 5.85 -2.98 0.42
C ASP B 33 6.41 -1.83 -0.36
N LEU B 34 6.60 -2.07 -1.63
CA LEU B 34 7.03 -1.07 -2.54
C LEU B 34 6.03 0.04 -2.67
N ILE B 35 4.79 -0.33 -2.94
CA ILE B 35 3.67 0.58 -2.98
C ILE B 35 3.65 1.46 -1.73
N VAL B 36 3.84 0.77 -0.64
CA VAL B 36 3.92 1.32 0.68
C VAL B 36 5.18 2.14 0.86
N ASN B 37 6.24 1.68 0.22
CA ASN B 37 7.55 2.32 0.26
C ASN B 37 7.39 3.68 -0.32
N LEU B 38 6.74 3.62 -1.43
CA LEU B 38 6.41 4.75 -2.23
C LEU B 38 5.45 5.70 -1.52
N VAL B 39 4.39 5.16 -0.96
CA VAL B 39 3.31 5.95 -0.40
C VAL B 39 3.80 6.85 0.71
N SER B 40 4.78 6.38 1.47
CA SER B 40 5.33 7.13 2.56
C SER B 40 6.28 8.20 2.07
N GLN B 41 6.90 7.96 0.94
CA GLN B 41 7.82 8.94 0.39
C GLN B 41 6.98 10.14 0.02
N GLN B 42 5.76 9.80 -0.31
CA GLN B 42 4.74 10.73 -0.63
C GLN B 42 3.87 11.15 0.57
N TRP B 43 3.91 10.38 1.64
CA TRP B 43 3.03 10.60 2.78
C TRP B 43 3.68 11.50 3.81
N ARG B 44 2.86 11.84 4.76
CA ARG B 44 3.16 12.83 5.79
C ARG B 44 2.40 12.51 7.07
N ARG B 45 2.82 13.09 8.19
CA ARG B 45 2.09 12.94 9.44
C ARG B 45 1.25 14.17 9.73
N PRO B 46 -0.02 13.97 10.04
CA PRO B 46 -0.91 15.03 10.51
C PRO B 46 -0.93 15.10 12.02
N PRO B 47 -1.11 16.30 12.56
CA PRO B 47 -1.36 16.53 14.00
C PRO B 47 -2.51 15.68 14.56
N SER B 48 -3.26 15.06 13.67
CA SER B 48 -4.38 14.22 14.07
C SER B 48 -3.95 12.78 14.32
N ALA B 49 -2.86 12.33 13.68
CA ALA B 49 -2.41 10.95 13.79
C ALA B 49 -2.08 10.57 15.24
N ARG B 50 -2.72 9.50 15.69
CA ARG B 50 -2.49 8.95 17.02
C ARG B 50 -1.87 7.56 16.88
N ASN B 51 -1.48 6.96 18.01
CA ASN B 51 -0.55 5.83 18.04
C ASN B 51 -1.19 4.51 17.59
N GLY B 52 -2.00 4.61 16.59
CA GLY B 52 -2.55 3.44 15.94
C GLY B 52 -3.83 3.76 15.21
N MET B 53 -3.87 4.94 14.62
CA MET B 53 -4.91 5.35 13.76
C MET B 53 -4.62 4.77 12.40
N SER B 54 -5.62 4.35 11.67
CA SER B 54 -5.36 3.63 10.45
C SER B 54 -6.36 3.95 9.38
N VAL B 55 -5.88 3.86 8.16
CA VAL B 55 -6.69 4.13 6.99
C VAL B 55 -6.49 3.00 6.00
N GLU B 56 -7.58 2.45 5.51
CA GLU B 56 -7.49 1.54 4.41
C GLU B 56 -7.75 2.34 3.17
N VAL B 57 -6.76 2.41 2.33
CA VAL B 57 -6.84 3.21 1.14
C VAL B 57 -6.73 2.32 -0.09
N LEU B 58 -7.78 2.36 -0.90
CA LEU B 58 -7.82 1.62 -2.11
C LEU B 58 -7.32 2.50 -3.22
N ILE B 59 -6.15 2.22 -3.70
CA ILE B 59 -5.63 2.97 -4.77
C ILE B 59 -5.80 2.15 -6.03
N GLU B 60 -5.77 2.81 -7.14
CA GLU B 60 -6.01 2.19 -8.40
C GLU B 60 -4.85 2.47 -9.25
N MET B 61 -4.43 1.49 -9.96
CA MET B 61 -3.21 1.59 -10.69
C MET B 61 -3.27 0.92 -12.02
N LEU B 62 -2.32 1.33 -12.78
CA LEU B 62 -2.17 0.97 -14.16
C LEU B 62 -1.36 -0.28 -14.27
N PRO B 63 -1.39 -0.91 -15.45
CA PRO B 63 -0.52 -2.04 -15.76
C PRO B 63 0.95 -1.63 -15.67
N ASP B 64 1.16 -0.32 -15.51
CA ASP B 64 2.51 0.24 -15.39
C ASP B 64 2.78 0.61 -13.95
N GLY B 65 1.74 0.43 -13.12
CA GLY B 65 1.79 0.78 -11.73
C GLY B 65 1.40 2.22 -11.53
N THR B 66 1.35 2.94 -12.64
CA THR B 66 0.85 4.31 -12.68
C THR B 66 -0.50 4.39 -11.99
N ILE B 67 -0.53 5.17 -10.96
CA ILE B 67 -1.70 5.37 -10.16
C ILE B 67 -2.80 6.03 -10.97
N THR B 68 -3.85 5.29 -11.18
CA THR B 68 -4.97 5.74 -11.97
C THR B 68 -6.07 6.32 -11.07
N ASN B 69 -6.14 5.82 -9.83
CA ASN B 69 -7.11 6.34 -8.84
C ASN B 69 -6.68 6.02 -7.42
N ALA B 70 -7.44 6.55 -6.47
CA ALA B 70 -7.26 6.24 -5.04
C ALA B 70 -8.35 6.85 -4.20
N SER B 71 -8.85 6.09 -3.24
CA SER B 71 -9.78 6.56 -2.27
C SER B 71 -9.50 5.93 -0.94
N VAL B 72 -10.18 6.47 0.03
CA VAL B 72 -10.24 5.86 1.30
C VAL B 72 -11.27 4.79 1.27
N SER B 73 -10.81 3.62 1.44
CA SER B 73 -11.63 2.46 1.40
C SER B 73 -12.26 2.24 2.78
N ARG B 74 -11.52 2.65 3.80
CA ARG B 74 -11.96 2.58 5.18
C ARG B 74 -11.33 3.71 5.98
N SER B 75 -12.16 4.60 6.49
CA SER B 75 -11.69 5.76 7.21
C SER B 75 -11.59 5.48 8.71
N SER B 76 -10.62 6.13 9.36
CA SER B 76 -10.54 6.11 10.81
C SER B 76 -11.53 7.11 11.39
N GLY B 77 -11.98 7.98 10.51
CA GLY B 77 -12.85 9.07 10.90
C GLY B 77 -12.08 10.38 10.92
N ASP B 78 -10.79 10.24 10.75
CA ASP B 78 -9.88 11.38 10.69
C ASP B 78 -9.48 11.64 9.26
N LYS B 79 -10.22 12.51 8.59
CA LYS B 79 -10.08 12.74 7.17
C LYS B 79 -8.71 13.30 6.75
N PRO B 80 -8.13 14.27 7.49
CA PRO B 80 -6.75 14.69 7.25
C PRO B 80 -5.85 13.49 7.14
N PHE B 81 -6.00 12.61 8.10
CA PHE B 81 -5.19 11.44 8.18
C PHE B 81 -5.41 10.58 6.94
N ASP B 82 -6.70 10.37 6.61
CA ASP B 82 -7.08 9.56 5.45
C ASP B 82 -6.51 10.13 4.17
N SER B 83 -6.83 11.37 3.93
CA SER B 83 -6.49 12.07 2.73
C SER B 83 -5.01 12.42 2.60
N SER B 84 -4.32 12.75 3.70
CA SER B 84 -2.87 12.97 3.64
C SER B 84 -2.21 11.77 3.01
N ALA B 85 -2.86 10.65 3.22
CA ALA B 85 -2.38 9.36 2.77
C ALA B 85 -2.89 9.03 1.38
N VAL B 86 -4.06 9.55 1.05
CA VAL B 86 -4.55 9.53 -0.32
C VAL B 86 -3.60 10.32 -1.17
N ALA B 87 -3.19 11.40 -0.64
CA ALA B 87 -2.24 12.22 -1.33
C ALA B 87 -0.87 11.62 -1.23
N ALA B 88 -0.75 10.63 -0.39
CA ALA B 88 0.43 9.84 -0.36
C ALA B 88 0.36 8.88 -1.52
N VAL B 89 -0.82 8.30 -1.73
CA VAL B 89 -0.98 7.30 -2.77
C VAL B 89 -0.96 7.91 -4.15
N ARG B 90 -1.75 8.92 -4.33
CA ARG B 90 -1.82 9.65 -5.57
C ARG B 90 -0.47 10.21 -5.99
N ASN B 91 0.31 10.68 -5.02
CA ASN B 91 1.55 11.38 -5.31
C ASN B 91 2.63 10.45 -5.83
N VAL B 92 2.51 9.17 -5.51
CA VAL B 92 3.48 8.19 -5.99
C VAL B 92 3.38 8.06 -7.50
N GLY B 93 2.15 8.08 -7.92
CA GLY B 93 1.77 8.19 -9.32
C GLY B 93 2.08 7.03 -10.22
N ARG B 94 3.04 6.24 -9.85
CA ARG B 94 3.41 5.06 -10.62
C ARG B 94 4.23 4.08 -9.77
N ILE B 95 3.86 2.81 -9.79
CA ILE B 95 4.59 1.76 -9.15
C ILE B 95 5.44 0.99 -10.15
N PRO B 96 6.66 0.64 -9.75
CA PRO B 96 7.68 0.13 -10.65
C PRO B 96 7.46 -1.31 -11.13
N GLU B 97 7.21 -2.22 -10.19
CA GLU B 97 7.26 -3.64 -10.51
C GLU B 97 6.01 -4.20 -11.19
N MET B 98 5.05 -3.36 -11.58
CA MET B 98 3.89 -3.87 -12.31
C MET B 98 4.29 -4.45 -13.65
N GLN B 99 5.43 -4.01 -14.16
CA GLN B 99 5.91 -4.43 -15.44
C GLN B 99 6.64 -5.76 -15.39
N GLN B 100 6.69 -6.39 -14.21
CA GLN B 100 7.29 -7.70 -14.10
C GLN B 100 6.19 -8.71 -14.04
N LEU B 101 5.33 -8.50 -13.06
CA LEU B 101 4.22 -9.32 -12.87
C LEU B 101 3.25 -9.34 -14.07
N PRO B 102 2.44 -10.40 -14.05
CA PRO B 102 1.31 -10.68 -14.97
C PRO B 102 0.17 -9.68 -14.90
N ARG B 103 -0.37 -9.27 -16.03
CA ARG B 103 -1.54 -8.40 -16.06
C ARG B 103 -2.63 -8.91 -15.12
N ALA B 104 -2.78 -10.22 -15.10
CA ALA B 104 -3.72 -10.91 -14.23
C ALA B 104 -3.33 -10.82 -12.75
N THR B 105 -2.03 -10.78 -12.49
CA THR B 105 -1.51 -10.72 -11.14
C THR B 105 -1.64 -9.30 -10.65
N PHE B 106 -1.48 -8.40 -11.58
CA PHE B 106 -1.69 -7.01 -11.35
C PHE B 106 -3.15 -6.75 -10.99
N ASP B 107 -4.05 -7.25 -11.84
CA ASP B 107 -5.50 -7.12 -11.65
C ASP B 107 -5.92 -7.66 -10.31
N SER B 108 -5.23 -8.70 -9.90
CA SER B 108 -5.53 -9.38 -8.66
C SER B 108 -5.20 -8.49 -7.49
N LEU B 109 -3.98 -8.00 -7.55
CA LEU B 109 -3.34 -7.36 -6.43
C LEU B 109 -3.29 -5.85 -6.50
N TYR B 110 -2.66 -5.34 -7.53
CA TYR B 110 -2.20 -3.98 -7.54
C TYR B 110 -3.06 -3.10 -8.41
N ARG B 111 -3.98 -3.70 -9.14
CA ARG B 111 -4.97 -2.97 -9.87
C ARG B 111 -5.66 -2.00 -8.94
N GLN B 112 -6.13 -2.54 -7.83
CA GLN B 112 -6.48 -1.78 -6.67
C GLN B 112 -5.75 -2.37 -5.50
N ARG B 113 -4.84 -1.62 -4.92
CA ARG B 113 -4.05 -2.16 -3.85
C ARG B 113 -4.48 -1.42 -2.60
N ARG B 114 -4.50 -2.09 -1.47
CA ARG B 114 -4.97 -1.48 -0.28
C ARG B 114 -3.82 -1.14 0.58
N ILE B 115 -3.63 0.12 0.79
CA ILE B 115 -2.57 0.59 1.64
C ILE B 115 -3.15 0.96 3.00
N ILE B 116 -2.69 0.32 4.06
CA ILE B 116 -3.19 0.60 5.39
C ILE B 116 -2.24 1.55 6.09
N PHE B 117 -2.70 2.76 6.33
CA PHE B 117 -1.88 3.75 6.97
C PHE B 117 -2.07 3.66 8.46
N LYS B 118 -1.13 3.02 9.13
CA LYS B 118 -1.25 2.76 10.54
C LYS B 118 0.09 3.00 11.23
N PRO B 119 0.28 4.24 11.71
CA PRO B 119 1.46 4.70 12.44
C PRO B 119 2.12 3.71 13.39
N GLU B 120 3.27 4.15 13.88
CA GLU B 120 4.03 3.46 14.88
C GLU B 120 4.67 4.48 15.80
N ASP B 121 4.13 4.58 17.01
CA ASP B 121 4.61 5.51 18.04
C ASP B 121 4.70 6.95 17.52
N LEU B 122 3.58 7.65 17.58
CA LEU B 122 3.53 9.04 17.18
C LEU B 122 4.23 9.95 18.17
N SER B 123 4.26 11.23 17.84
CA SER B 123 4.64 12.28 18.78
C SER B 123 3.60 12.33 19.88
N LEU B 124 2.38 12.19 19.42
CA LEU B 124 1.20 12.31 20.23
C LEU B 124 0.61 10.94 20.54
N ALA A 1 -4.63 -8.45 -3.46
CA ALA A 1 -3.41 -8.29 -2.63
C ALA A 1 -3.80 -8.06 -1.18
N ASP A 2 -2.83 -8.16 -0.29
CA ASP A 2 -3.06 -7.98 1.13
C ASP A 2 -2.72 -6.56 1.56
N PRO A 3 -3.70 -5.82 2.12
CA PRO A 3 -3.48 -4.46 2.62
C PRO A 3 -2.38 -4.41 3.67
N LEU A 4 -1.35 -3.62 3.41
CA LEU A 4 -0.16 -3.65 4.25
C LEU A 4 -0.08 -2.41 5.13
N VAL A 5 0.47 -2.58 6.32
CA VAL A 5 0.58 -1.51 7.29
C VAL A 5 1.75 -0.59 6.98
N ILE A 6 1.43 0.60 6.50
CA ILE A 6 2.40 1.66 6.31
C ILE A 6 2.40 2.54 7.57
N SER A 7 3.53 2.54 8.25
CA SER A 7 3.69 3.26 9.51
C SER A 7 3.46 4.75 9.35
N SER A 8 4.36 5.40 8.64
CA SER A 8 4.26 6.84 8.41
C SER A 8 4.98 7.24 7.16
N GLY A 9 4.98 8.53 6.88
CA GLY A 9 5.69 9.05 5.73
C GLY A 9 7.17 9.28 6.01
N ASN A 10 7.86 9.87 5.05
CA ASN A 10 9.27 10.16 5.16
C ASN A 10 9.48 11.66 4.91
N ASP A 11 10.70 12.16 5.16
CA ASP A 11 11.05 13.58 5.02
C ASP A 11 10.40 14.39 6.11
N ARG A 12 9.62 13.69 6.90
CA ARG A 12 8.90 14.27 8.03
C ARG A 12 9.84 15.00 8.98
N ALA A 13 9.38 16.14 9.47
CA ALA A 13 10.14 16.93 10.42
C ALA A 13 9.54 16.79 11.82
N HIS B 1 18.38 23.78 14.03
CA HIS B 1 17.67 23.78 15.33
C HIS B 1 16.31 23.11 15.20
N MET B 2 15.81 22.55 16.30
CA MET B 2 14.50 21.89 16.34
C MET B 2 14.43 20.69 15.40
N ARG B 3 15.59 20.15 15.04
CA ARG B 3 15.65 19.03 14.11
C ARG B 3 16.52 17.91 14.67
N ALA B 4 16.01 17.25 15.69
CA ALA B 4 16.73 16.13 16.29
C ALA B 4 16.64 14.91 15.38
N LEU B 5 17.66 14.07 15.46
CA LEU B 5 17.74 12.89 14.61
C LEU B 5 16.76 11.82 15.04
N ALA B 6 16.23 11.98 16.26
CA ALA B 6 15.22 11.08 16.81
C ALA B 6 15.72 9.65 16.91
N GLU B 7 14.79 8.72 17.04
CA GLU B 7 15.09 7.31 17.04
C GLU B 7 15.32 6.83 15.62
N LEU B 8 15.09 5.56 15.41
CA LEU B 8 15.26 4.95 14.11
C LEU B 8 13.91 4.88 13.39
N LEU B 9 13.68 5.84 12.51
CA LEU B 9 12.42 5.92 11.77
C LEU B 9 12.38 4.84 10.70
N SER B 10 13.55 4.41 10.24
CA SER B 10 13.64 3.30 9.31
C SER B 10 13.83 2.00 10.07
N ASP B 11 14.13 2.15 11.36
CA ASP B 11 14.33 1.03 12.29
C ASP B 11 15.53 0.17 11.91
N THR B 12 15.34 -0.73 10.97
CA THR B 12 16.38 -1.68 10.61
C THR B 12 16.62 -1.70 9.10
N THR B 13 17.88 -1.59 8.72
CA THR B 13 18.25 -1.60 7.32
C THR B 13 18.95 -2.92 6.96
N GLU B 14 20.17 -3.09 7.44
CA GLU B 14 20.94 -4.30 7.16
C GLU B 14 21.01 -5.20 8.39
N ARG B 15 21.77 -6.29 8.24
CA ARG B 15 21.95 -7.30 9.27
C ARG B 15 20.65 -7.68 9.97
N GLN B 16 19.68 -8.15 9.19
CA GLN B 16 18.42 -8.64 9.73
C GLN B 16 17.81 -9.63 8.75
N GLN B 17 17.36 -10.76 9.29
CA GLN B 17 16.72 -11.78 8.50
C GLN B 17 15.38 -11.31 7.95
N ALA B 18 15.43 -10.73 6.76
CA ALA B 18 14.23 -10.29 6.06
C ALA B 18 14.09 -11.06 4.75
N LEU B 19 15.10 -10.96 3.91
CA LEU B 19 15.14 -11.67 2.66
C LEU B 19 15.71 -13.07 2.88
N ALA B 20 14.89 -14.07 2.64
CA ALA B 20 15.30 -15.46 2.78
C ALA B 20 14.86 -16.26 1.57
N ASP B 21 15.00 -17.57 1.66
CA ASP B 21 14.57 -18.46 0.59
C ASP B 21 13.09 -18.30 0.30
N GLU B 22 12.67 -18.85 -0.82
CA GLU B 22 11.33 -18.68 -1.30
C GLU B 22 10.33 -19.41 -0.41
N VAL B 23 9.27 -18.70 -0.07
CA VAL B 23 8.21 -19.24 0.76
C VAL B 23 6.99 -19.50 -0.10
N GLY B 24 5.96 -20.05 0.52
CA GLY B 24 4.72 -20.33 -0.17
C GLY B 24 3.91 -19.08 -0.43
N SER B 25 4.45 -18.21 -1.26
CA SER B 25 3.80 -16.96 -1.58
C SER B 25 3.27 -16.97 -3.01
N GLU B 26 1.95 -17.10 -3.14
CA GLU B 26 1.29 -16.99 -4.43
C GLU B 26 1.70 -15.74 -5.14
N VAL B 27 1.41 -14.65 -4.50
CA VAL B 27 1.50 -13.36 -5.13
C VAL B 27 1.82 -12.28 -4.10
N THR B 28 1.60 -11.03 -4.50
CA THR B 28 2.07 -9.89 -3.76
C THR B 28 3.55 -10.06 -3.47
N GLY B 29 4.30 -9.86 -4.52
CA GLY B 29 5.75 -9.93 -4.43
C GLY B 29 6.34 -8.89 -3.48
N SER B 30 7.53 -8.41 -3.79
CA SER B 30 8.14 -7.33 -3.02
C SER B 30 7.47 -6.01 -3.32
N LEU B 31 6.32 -6.10 -3.90
CA LEU B 31 5.60 -4.98 -4.49
C LEU B 31 4.79 -4.27 -3.42
N ASP B 32 4.11 -5.02 -2.56
CA ASP B 32 3.25 -4.42 -1.53
C ASP B 32 3.99 -3.35 -0.75
N ASP B 33 5.19 -3.69 -0.34
CA ASP B 33 6.02 -2.83 0.46
C ASP B 33 6.62 -1.73 -0.36
N LEU B 34 6.72 -1.91 -1.67
CA LEU B 34 7.14 -0.88 -2.56
C LEU B 34 6.15 0.23 -2.62
N ILE B 35 4.93 -0.15 -2.89
CA ILE B 35 3.81 0.76 -2.90
C ILE B 35 3.82 1.63 -1.65
N VAL B 36 3.97 0.91 -0.58
CA VAL B 36 4.05 1.42 0.75
C VAL B 36 5.32 2.24 0.95
N ASN B 37 6.38 1.81 0.30
CA ASN B 37 7.66 2.46 0.37
C ASN B 37 7.50 3.83 -0.17
N LEU B 38 6.88 3.79 -1.31
CA LEU B 38 6.56 4.94 -2.09
C LEU B 38 5.59 5.87 -1.37
N VAL B 39 4.55 5.28 -0.79
CA VAL B 39 3.46 6.04 -0.21
C VAL B 39 3.93 6.92 0.92
N SER B 40 4.89 6.44 1.69
CA SER B 40 5.43 7.20 2.80
C SER B 40 6.34 8.29 2.32
N GLN B 41 6.99 8.06 1.20
CA GLN B 41 7.90 9.04 0.66
C GLN B 41 7.07 10.26 0.34
N GLN B 42 5.86 9.94 -0.04
CA GLN B 42 4.83 10.87 -0.34
C GLN B 42 3.93 11.23 0.85
N TRP B 43 3.95 10.43 1.91
CA TRP B 43 3.04 10.62 3.02
C TRP B 43 3.66 11.50 4.10
N ARG B 44 2.80 11.81 5.03
CA ARG B 44 3.06 12.81 6.07
C ARG B 44 2.24 12.51 7.34
N ARG B 45 2.56 13.20 8.45
CA ARG B 45 1.72 13.10 9.65
C ARG B 45 0.83 14.32 9.79
N PRO B 46 -0.39 14.08 10.26
CA PRO B 46 -1.33 15.12 10.67
C PRO B 46 -1.36 15.27 12.19
N PRO B 47 -1.60 16.48 12.66
CA PRO B 47 -1.86 16.78 14.08
C PRO B 47 -2.92 15.86 14.70
N SER B 48 -3.71 15.21 13.86
CA SER B 48 -4.78 14.34 14.32
C SER B 48 -4.34 12.89 14.53
N ALA B 49 -3.22 12.48 13.89
CA ALA B 49 -2.80 11.08 13.95
C ALA B 49 -2.51 10.61 15.37
N ARG B 50 -3.11 9.50 15.72
CA ARG B 50 -2.89 8.86 17.01
C ARG B 50 -2.18 7.54 16.84
N ASN B 51 -1.77 6.95 17.96
CA ASN B 51 -0.75 5.89 18.00
C ASN B 51 -1.27 4.54 17.56
N GLY B 52 -2.23 4.58 16.67
CA GLY B 52 -2.78 3.37 16.06
C GLY B 52 -4.02 3.68 15.26
N MET B 53 -4.04 4.84 14.66
CA MET B 53 -5.07 5.26 13.77
C MET B 53 -4.74 4.74 12.40
N SER B 54 -5.71 4.33 11.64
CA SER B 54 -5.39 3.64 10.42
C SER B 54 -6.40 3.90 9.35
N VAL B 55 -5.89 3.86 8.14
CA VAL B 55 -6.68 4.16 6.96
C VAL B 55 -6.53 3.04 5.97
N GLU B 56 -7.63 2.45 5.57
CA GLU B 56 -7.61 1.55 4.45
C GLU B 56 -7.82 2.36 3.21
N VAL B 57 -6.84 2.36 2.37
CA VAL B 57 -6.88 3.16 1.17
C VAL B 57 -6.78 2.29 -0.06
N LEU B 58 -7.81 2.33 -0.87
CA LEU B 58 -7.89 1.59 -2.07
C LEU B 58 -7.35 2.38 -3.21
N ILE B 59 -6.31 1.88 -3.80
CA ILE B 59 -5.77 2.48 -4.96
C ILE B 59 -6.34 1.81 -6.18
N GLU B 60 -6.09 2.43 -7.27
CA GLU B 60 -6.41 1.90 -8.57
C GLU B 60 -5.30 2.21 -9.50
N MET B 61 -4.92 1.23 -10.26
CA MET B 61 -3.74 1.32 -11.08
C MET B 61 -3.81 0.49 -12.30
N LEU B 62 -2.89 0.84 -13.15
CA LEU B 62 -2.83 0.32 -14.47
C LEU B 62 -1.56 -0.46 -14.71
N PRO B 63 -1.47 -1.10 -15.89
CA PRO B 63 -0.41 -2.08 -16.22
C PRO B 63 1.00 -1.57 -16.02
N ASP B 64 1.10 -0.27 -15.74
CA ASP B 64 2.41 0.35 -15.53
C ASP B 64 2.68 0.53 -14.05
N GLY B 65 1.60 0.52 -13.29
CA GLY B 65 1.66 0.82 -11.89
C GLY B 65 1.27 2.24 -11.62
N THR B 66 1.09 3.00 -12.70
CA THR B 66 0.54 4.33 -12.61
C THR B 66 -0.82 4.27 -11.96
N ILE B 67 -0.91 4.96 -10.87
CA ILE B 67 -2.09 5.09 -10.09
C ILE B 67 -3.14 5.89 -10.86
N THR B 68 -4.23 5.22 -11.15
CA THR B 68 -5.30 5.78 -11.92
C THR B 68 -6.40 6.29 -10.98
N ASN B 69 -6.47 5.71 -9.78
CA ASN B 69 -7.38 6.19 -8.74
C ASN B 69 -6.80 5.86 -7.39
N ALA B 70 -7.42 6.44 -6.39
CA ALA B 70 -7.07 6.20 -4.99
C ALA B 70 -8.09 6.86 -4.09
N SER B 71 -8.66 6.09 -3.19
CA SER B 71 -9.59 6.60 -2.24
C SER B 71 -9.39 5.97 -0.90
N VAL B 72 -10.05 6.56 0.03
CA VAL B 72 -10.19 5.99 1.31
C VAL B 72 -11.25 4.96 1.26
N SER B 73 -10.82 3.78 1.47
CA SER B 73 -11.67 2.64 1.44
C SER B 73 -12.32 2.44 2.81
N ARG B 74 -11.59 2.86 3.84
CA ARG B 74 -12.03 2.77 5.22
C ARG B 74 -11.34 3.85 6.04
N SER B 75 -12.08 4.89 6.38
CA SER B 75 -11.53 6.05 7.07
C SER B 75 -11.38 5.80 8.58
N SER B 76 -10.42 6.47 9.19
CA SER B 76 -10.25 6.43 10.63
C SER B 76 -11.26 7.38 11.27
N GLY B 77 -11.81 8.24 10.44
CA GLY B 77 -12.69 9.28 10.91
C GLY B 77 -12.00 10.62 10.90
N ASP B 78 -10.70 10.57 10.65
CA ASP B 78 -9.89 11.76 10.52
C ASP B 78 -9.48 11.93 9.08
N LYS B 79 -10.24 12.74 8.40
CA LYS B 79 -10.06 12.97 6.98
C LYS B 79 -8.65 13.44 6.63
N PRO B 80 -8.03 14.35 7.42
CA PRO B 80 -6.63 14.70 7.26
C PRO B 80 -5.77 13.46 7.19
N PHE B 81 -5.93 12.60 8.18
CA PHE B 81 -5.11 11.43 8.29
C PHE B 81 -5.35 10.53 7.08
N ASP B 82 -6.61 10.27 6.82
CA ASP B 82 -7.06 9.47 5.71
C ASP B 82 -6.52 10.02 4.38
N SER B 83 -6.86 11.27 4.09
CA SER B 83 -6.53 11.92 2.85
C SER B 83 -5.05 12.25 2.68
N SER B 84 -4.36 12.63 3.75
CA SER B 84 -2.91 12.90 3.65
C SER B 84 -2.23 11.70 3.02
N ALA B 85 -2.83 10.56 3.27
CA ALA B 85 -2.33 9.29 2.83
C ALA B 85 -2.78 8.99 1.41
N VAL B 86 -3.95 9.50 1.06
CA VAL B 86 -4.43 9.48 -0.31
C VAL B 86 -3.52 10.29 -1.14
N ALA B 87 -3.12 11.37 -0.58
CA ALA B 87 -2.16 12.20 -1.25
C ALA B 87 -0.80 11.58 -1.19
N ALA B 88 -0.65 10.62 -0.30
CA ALA B 88 0.55 9.86 -0.25
C ALA B 88 0.52 8.91 -1.42
N VAL B 89 -0.63 8.35 -1.67
CA VAL B 89 -0.76 7.37 -2.74
C VAL B 89 -0.70 8.01 -4.10
N ARG B 90 -1.56 8.98 -4.29
CA ARG B 90 -1.66 9.69 -5.53
C ARG B 90 -0.34 10.32 -5.95
N ASN B 91 0.46 10.78 -4.98
CA ASN B 91 1.68 11.50 -5.31
C ASN B 91 2.73 10.55 -5.86
N VAL B 92 2.65 9.28 -5.51
CA VAL B 92 3.58 8.30 -6.04
C VAL B 92 3.26 8.05 -7.50
N GLY B 93 1.97 7.93 -7.72
CA GLY B 93 1.34 7.97 -9.03
C GLY B 93 1.68 6.88 -10.02
N ARG B 94 2.74 6.18 -9.79
CA ARG B 94 3.12 5.04 -10.62
C ARG B 94 4.12 4.15 -9.85
N ILE B 95 3.79 2.87 -9.74
CA ILE B 95 4.61 1.94 -9.00
C ILE B 95 5.45 1.04 -9.93
N PRO B 96 6.75 0.95 -9.65
CA PRO B 96 7.73 0.21 -10.42
C PRO B 96 7.30 -1.17 -10.95
N GLU B 97 7.16 -2.14 -10.05
CA GLU B 97 7.23 -3.57 -10.39
C GLU B 97 5.97 -4.16 -11.03
N MET B 98 4.94 -3.36 -11.28
CA MET B 98 3.70 -3.86 -11.88
C MET B 98 3.95 -4.52 -13.23
N GLN B 99 4.97 -4.04 -13.92
CA GLN B 99 5.28 -4.49 -15.26
C GLN B 99 6.03 -5.82 -15.27
N GLN B 100 6.23 -6.42 -14.11
CA GLN B 100 6.90 -7.71 -14.06
C GLN B 100 5.83 -8.74 -14.10
N LEU B 101 4.88 -8.54 -13.21
CA LEU B 101 3.75 -9.39 -13.12
C LEU B 101 2.98 -9.56 -14.39
N PRO B 102 2.28 -10.69 -14.40
CA PRO B 102 1.19 -10.95 -15.31
C PRO B 102 0.13 -9.87 -15.14
N ARG B 103 -0.42 -9.40 -16.24
CA ARG B 103 -1.55 -8.46 -16.19
C ARG B 103 -2.65 -8.99 -15.27
N ALA B 104 -2.84 -10.28 -15.35
CA ALA B 104 -3.82 -10.98 -14.54
C ALA B 104 -3.43 -10.99 -13.05
N THR B 105 -2.13 -10.98 -12.78
CA THR B 105 -1.63 -11.06 -11.45
C THR B 105 -1.60 -9.68 -10.86
N PHE B 106 -1.29 -8.74 -11.71
CA PHE B 106 -1.35 -7.38 -11.38
C PHE B 106 -2.80 -7.00 -11.03
N ASP B 107 -3.72 -7.49 -11.85
CA ASP B 107 -5.17 -7.30 -11.64
C ASP B 107 -5.60 -7.89 -10.32
N SER B 108 -4.89 -8.90 -9.91
CA SER B 108 -5.17 -9.59 -8.67
C SER B 108 -4.82 -8.66 -7.54
N LEU B 109 -3.65 -8.11 -7.66
CA LEU B 109 -3.02 -7.44 -6.56
C LEU B 109 -3.06 -5.93 -6.62
N TYR B 110 -2.46 -5.37 -7.63
CA TYR B 110 -2.10 -3.96 -7.61
C TYR B 110 -3.01 -3.15 -8.51
N ARG B 111 -3.93 -3.82 -9.22
CA ARG B 111 -4.96 -3.14 -9.95
C ARG B 111 -5.70 -2.19 -9.04
N GLN B 112 -5.99 -2.68 -7.85
CA GLN B 112 -6.39 -1.85 -6.76
C GLN B 112 -5.54 -2.22 -5.57
N ARG B 113 -4.75 -1.28 -5.10
CA ARG B 113 -3.77 -1.59 -4.10
C ARG B 113 -4.21 -1.01 -2.77
N ARG B 114 -4.57 -1.86 -1.82
CA ARG B 114 -4.96 -1.36 -0.51
C ARG B 114 -3.77 -1.15 0.38
N ILE B 115 -3.66 0.07 0.82
CA ILE B 115 -2.61 0.51 1.71
C ILE B 115 -3.21 0.91 3.05
N ILE B 116 -2.77 0.28 4.13
CA ILE B 116 -3.28 0.60 5.45
C ILE B 116 -2.30 1.53 6.14
N PHE B 117 -2.72 2.76 6.36
CA PHE B 117 -1.85 3.72 6.99
C PHE B 117 -2.05 3.65 8.49
N LYS B 118 -1.11 2.99 9.16
CA LYS B 118 -1.24 2.73 10.56
C LYS B 118 0.11 2.89 11.24
N PRO B 119 0.19 3.75 12.28
CA PRO B 119 1.44 4.21 12.87
C PRO B 119 2.21 3.20 13.69
N GLU B 120 3.32 3.70 14.21
CA GLU B 120 4.07 3.07 15.26
C GLU B 120 4.78 4.17 16.03
N ASP B 121 4.27 4.45 17.21
CA ASP B 121 4.80 5.50 18.10
C ASP B 121 4.63 6.90 17.49
N LEU B 122 3.45 7.47 17.69
CA LEU B 122 3.22 8.89 17.39
C LEU B 122 3.79 9.75 18.51
N SER B 123 3.39 11.01 18.53
CA SER B 123 3.73 11.89 19.63
C SER B 123 2.94 11.46 20.85
N LEU B 124 1.69 11.19 20.59
CA LEU B 124 0.73 10.84 21.61
C LEU B 124 0.26 9.39 21.43
N ALA A 1 -3.51 -8.12 -2.63
CA ALA A 1 -2.10 -7.91 -2.23
C ALA A 1 -1.98 -7.81 -0.71
N ASP A 2 -3.13 -7.95 -0.03
CA ASP A 2 -3.22 -7.86 1.43
C ASP A 2 -2.81 -6.46 1.91
N PRO A 3 -3.78 -5.65 2.36
CA PRO A 3 -3.53 -4.26 2.75
C PRO A 3 -2.41 -4.17 3.78
N LEU A 4 -1.35 -3.47 3.43
CA LEU A 4 -0.17 -3.45 4.28
C LEU A 4 -0.22 -2.28 5.22
N VAL A 5 0.17 -2.55 6.45
CA VAL A 5 0.22 -1.53 7.47
C VAL A 5 1.46 -0.67 7.30
N ILE A 6 1.27 0.51 6.74
CA ILE A 6 2.34 1.48 6.64
C ILE A 6 2.32 2.37 7.88
N SER A 7 3.48 2.51 8.50
CA SER A 7 3.60 3.27 9.74
C SER A 7 3.41 4.76 9.50
N SER A 8 4.37 5.36 8.82
CA SER A 8 4.28 6.77 8.52
C SER A 8 4.97 7.10 7.23
N GLY A 9 4.98 8.38 6.90
CA GLY A 9 5.50 8.81 5.63
C GLY A 9 6.99 9.03 5.64
N ASN A 10 7.38 10.24 5.29
CA ASN A 10 8.77 10.60 5.07
C ASN A 10 9.58 10.49 6.37
N ASP A 11 10.90 10.58 6.22
CA ASP A 11 11.86 10.41 7.31
C ASP A 11 11.82 11.59 8.28
N ARG A 12 10.84 12.43 8.08
CA ARG A 12 10.56 13.54 8.97
C ARG A 12 11.73 14.50 9.07
N ALA A 13 11.70 15.35 10.09
CA ALA A 13 12.76 16.29 10.37
C ALA A 13 13.09 16.28 11.85
N HIS B 1 34.97 4.94 -2.96
CA HIS B 1 34.92 4.04 -4.14
C HIS B 1 34.36 2.69 -3.76
N MET B 2 33.43 2.19 -4.57
CA MET B 2 32.80 0.91 -4.31
C MET B 2 33.10 -0.08 -5.42
N ARG B 3 33.24 0.46 -6.64
CA ARG B 3 33.56 -0.33 -7.84
C ARG B 3 32.34 -1.14 -8.32
N ALA B 4 31.71 -1.85 -7.40
CA ALA B 4 30.55 -2.66 -7.73
C ALA B 4 29.32 -2.18 -6.97
N LEU B 5 28.83 -1.01 -7.32
CA LEU B 5 27.64 -0.45 -6.69
C LEU B 5 26.75 0.18 -7.76
N ALA B 6 26.58 -0.53 -8.88
CA ALA B 6 25.74 -0.06 -9.96
C ALA B 6 25.03 -1.23 -10.64
N GLU B 7 23.77 -1.02 -11.00
CA GLU B 7 23.00 -2.02 -11.69
C GLU B 7 23.23 -1.90 -13.20
N LEU B 8 23.79 -2.95 -13.79
CA LEU B 8 24.14 -2.93 -15.20
C LEU B 8 22.94 -3.31 -16.08
N LEU B 9 21.95 -2.41 -16.11
CA LEU B 9 20.76 -2.59 -16.94
C LEU B 9 19.97 -3.84 -16.56
N SER B 10 18.99 -4.18 -17.39
CA SER B 10 18.23 -5.41 -17.25
C SER B 10 18.70 -6.41 -18.28
N ASP B 11 18.62 -7.69 -17.95
CA ASP B 11 18.98 -8.75 -18.89
C ASP B 11 18.09 -8.66 -20.13
N THR B 12 16.85 -8.27 -19.89
CA THR B 12 15.88 -8.04 -20.95
C THR B 12 14.99 -6.86 -20.59
N THR B 13 14.84 -5.92 -21.52
CA THR B 13 14.03 -4.74 -21.30
C THR B 13 12.67 -4.87 -21.98
N GLU B 14 12.68 -5.49 -23.15
CA GLU B 14 11.47 -5.73 -23.91
C GLU B 14 10.96 -7.13 -23.64
N ARG B 15 10.00 -7.23 -22.74
CA ARG B 15 9.47 -8.52 -22.34
C ARG B 15 7.95 -8.54 -22.47
N GLN B 16 7.45 -9.66 -22.98
CA GLN B 16 6.02 -9.80 -23.24
C GLN B 16 5.29 -10.33 -22.02
N GLN B 17 6.07 -10.56 -20.96
CA GLN B 17 5.55 -11.06 -19.69
C GLN B 17 4.97 -12.46 -19.86
N ALA B 18 5.69 -13.29 -20.58
CA ALA B 18 5.26 -14.66 -20.83
C ALA B 18 5.59 -15.56 -19.64
N LEU B 19 5.84 -16.84 -19.92
CA LEU B 19 6.19 -17.80 -18.89
C LEU B 19 7.49 -17.40 -18.20
N ALA B 20 7.36 -16.92 -16.98
CA ALA B 20 8.51 -16.54 -16.17
C ALA B 20 8.76 -17.58 -15.10
N ASP B 21 9.97 -17.61 -14.55
CA ASP B 21 10.29 -18.54 -13.50
C ASP B 21 9.75 -18.06 -12.17
N GLU B 22 9.70 -18.97 -11.21
CA GLU B 22 9.04 -18.73 -9.96
C GLU B 22 9.93 -18.03 -8.95
N VAL B 23 10.42 -16.91 -9.40
CA VAL B 23 11.16 -15.97 -8.55
C VAL B 23 10.26 -14.82 -8.23
N GLY B 24 9.17 -14.97 -8.86
CA GLY B 24 8.08 -14.02 -8.82
C GLY B 24 7.05 -14.37 -9.86
N SER B 25 6.53 -15.60 -9.78
CA SER B 25 5.59 -16.11 -10.76
C SER B 25 4.37 -15.22 -10.86
N GLU B 26 3.62 -15.15 -9.78
CA GLU B 26 2.54 -14.22 -9.65
C GLU B 26 2.67 -13.44 -8.36
N VAL B 27 1.76 -13.70 -7.44
CA VAL B 27 1.84 -13.26 -6.04
C VAL B 27 2.14 -11.78 -5.84
N THR B 28 2.04 -11.40 -4.58
CA THR B 28 2.36 -10.06 -4.15
C THR B 28 3.75 -10.07 -3.55
N GLY B 29 4.71 -9.76 -4.40
CA GLY B 29 6.10 -9.86 -4.06
C GLY B 29 6.55 -8.77 -3.12
N SER B 30 7.73 -8.24 -3.37
CA SER B 30 8.22 -7.06 -2.69
C SER B 30 7.46 -5.82 -3.14
N LEU B 31 6.41 -6.07 -3.87
CA LEU B 31 5.71 -5.04 -4.64
C LEU B 31 4.80 -4.25 -3.72
N ASP B 32 4.05 -4.95 -2.88
CA ASP B 32 3.11 -4.32 -1.96
C ASP B 32 3.80 -3.28 -1.10
N ASP B 33 4.94 -3.67 -0.62
CA ASP B 33 5.82 -2.86 0.20
C ASP B 33 6.37 -1.71 -0.59
N LEU B 34 6.60 -1.95 -1.86
CA LEU B 34 7.02 -0.92 -2.75
C LEU B 34 6.01 0.18 -2.83
N ILE B 35 4.78 -0.21 -3.10
CA ILE B 35 3.66 0.70 -3.09
C ILE B 35 3.68 1.56 -1.84
N VAL B 36 3.89 0.86 -0.75
CA VAL B 36 3.92 1.41 0.55
C VAL B 36 5.18 2.23 0.76
N ASN B 37 6.23 1.79 0.10
CA ASN B 37 7.53 2.43 0.14
C ASN B 37 7.37 3.79 -0.42
N LEU B 38 6.75 3.74 -1.55
CA LEU B 38 6.42 4.89 -2.33
C LEU B 38 5.48 5.84 -1.58
N VAL B 39 4.42 5.28 -1.03
CA VAL B 39 3.36 6.04 -0.42
C VAL B 39 3.87 6.88 0.75
N SER B 40 4.86 6.40 1.47
CA SER B 40 5.41 7.11 2.61
C SER B 40 6.40 8.16 2.15
N GLN B 41 7.01 7.94 1.01
CA GLN B 41 7.96 8.91 0.50
C GLN B 41 7.15 10.15 0.20
N GLN B 42 5.92 9.85 -0.19
CA GLN B 42 4.90 10.82 -0.45
C GLN B 42 4.05 11.18 0.77
N TRP B 43 4.02 10.33 1.80
CA TRP B 43 3.12 10.52 2.92
C TRP B 43 3.83 11.27 4.04
N ARG B 44 3.02 11.61 4.98
CA ARG B 44 3.40 12.33 6.19
C ARG B 44 2.41 12.04 7.29
N ARG B 45 2.88 11.64 8.47
CA ARG B 45 1.98 11.47 9.60
C ARG B 45 1.67 12.83 10.20
N PRO B 46 0.48 12.96 10.77
CA PRO B 46 0.03 14.17 11.43
C PRO B 46 0.16 14.06 12.94
N PRO B 47 -0.05 15.17 13.65
CA PRO B 47 -0.05 15.19 15.11
C PRO B 47 -1.38 14.71 15.62
N SER B 48 -2.30 14.58 14.68
CA SER B 48 -3.65 14.11 14.95
C SER B 48 -3.72 12.59 14.98
N ALA B 49 -2.77 11.90 14.32
CA ALA B 49 -2.75 10.45 14.35
C ALA B 49 -2.40 9.97 15.75
N ARG B 50 -3.19 9.06 16.30
CA ARG B 50 -3.02 8.66 17.70
C ARG B 50 -2.61 7.19 17.82
N ASN B 51 -1.36 7.00 18.25
CA ASN B 51 -0.70 5.70 18.49
C ASN B 51 -1.27 4.47 17.79
N GLY B 52 -1.76 4.65 16.60
CA GLY B 52 -2.23 3.54 15.80
C GLY B 52 -3.62 3.78 15.26
N MET B 53 -3.80 4.95 14.69
CA MET B 53 -4.94 5.29 13.93
C MET B 53 -4.64 4.85 12.51
N SER B 54 -5.64 4.52 11.72
CA SER B 54 -5.36 3.93 10.42
C SER B 54 -6.34 4.32 9.34
N VAL B 55 -5.90 4.12 8.13
CA VAL B 55 -6.73 4.34 6.95
C VAL B 55 -6.56 3.17 6.02
N GLU B 56 -7.64 2.53 5.64
CA GLU B 56 -7.57 1.60 4.53
C GLU B 56 -7.79 2.40 3.28
N VAL B 57 -6.82 2.35 2.41
CA VAL B 57 -6.88 3.14 1.21
C VAL B 57 -6.79 2.24 -0.01
N LEU B 58 -7.84 2.29 -0.83
CA LEU B 58 -7.91 1.53 -2.03
C LEU B 58 -7.35 2.32 -3.17
N ILE B 59 -6.30 1.81 -3.74
CA ILE B 59 -5.71 2.43 -4.87
C ILE B 59 -6.24 1.78 -6.12
N GLU B 60 -5.96 2.43 -7.20
CA GLU B 60 -6.23 1.94 -8.52
C GLU B 60 -5.11 2.30 -9.42
N MET B 61 -4.73 1.36 -10.24
CA MET B 61 -3.52 1.48 -11.01
C MET B 61 -3.60 0.80 -12.34
N LEU B 62 -2.67 1.25 -13.14
CA LEU B 62 -2.46 0.83 -14.49
C LEU B 62 -1.44 -0.29 -14.50
N PRO B 63 -1.38 -1.09 -15.57
CA PRO B 63 -0.38 -2.15 -15.74
C PRO B 63 1.05 -1.63 -15.71
N ASP B 64 1.20 -0.33 -15.51
CA ASP B 64 2.52 0.28 -15.41
C ASP B 64 2.83 0.52 -13.95
N GLY B 65 1.77 0.50 -13.16
CA GLY B 65 1.83 0.85 -11.78
C GLY B 65 1.31 2.24 -11.56
N THR B 66 1.21 2.99 -12.66
CA THR B 66 0.64 4.30 -12.65
C THR B 66 -0.72 4.30 -11.98
N ILE B 67 -0.76 4.97 -10.86
CA ILE B 67 -1.93 5.12 -10.06
C ILE B 67 -2.98 5.94 -10.79
N THR B 68 -4.07 5.27 -11.11
CA THR B 68 -5.15 5.85 -11.86
C THR B 68 -6.25 6.35 -10.91
N ASN B 69 -6.33 5.73 -9.73
CA ASN B 69 -7.25 6.21 -8.69
C ASN B 69 -6.71 5.87 -7.33
N ALA B 70 -7.36 6.44 -6.33
CA ALA B 70 -7.07 6.16 -4.92
C ALA B 70 -8.12 6.80 -4.04
N SER B 71 -8.70 6.00 -3.16
CA SER B 71 -9.65 6.49 -2.20
C SER B 71 -9.43 5.86 -0.87
N VAL B 72 -10.10 6.43 0.09
CA VAL B 72 -10.23 5.85 1.37
C VAL B 72 -11.28 4.79 1.32
N SER B 73 -10.84 3.62 1.55
CA SER B 73 -11.67 2.48 1.50
C SER B 73 -12.33 2.26 2.86
N ARG B 74 -11.65 2.75 3.90
CA ARG B 74 -12.14 2.71 5.26
C ARG B 74 -11.46 3.82 6.07
N SER B 75 -12.26 4.77 6.53
CA SER B 75 -11.73 5.94 7.19
C SER B 75 -11.59 5.72 8.69
N SER B 76 -10.62 6.40 9.30
CA SER B 76 -10.38 6.34 10.72
C SER B 76 -11.36 7.24 11.45
N GLY B 77 -11.97 8.12 10.69
CA GLY B 77 -12.78 9.16 11.25
C GLY B 77 -12.05 10.49 11.20
N ASP B 78 -10.76 10.44 10.89
CA ASP B 78 -9.98 11.65 10.72
C ASP B 78 -9.59 11.79 9.27
N LYS B 79 -10.32 12.65 8.60
CA LYS B 79 -10.14 12.88 7.18
C LYS B 79 -8.76 13.40 6.80
N PRO B 80 -8.16 14.34 7.56
CA PRO B 80 -6.77 14.72 7.36
C PRO B 80 -5.90 13.51 7.29
N PHE B 81 -6.08 12.62 8.25
CA PHE B 81 -5.29 11.44 8.31
C PHE B 81 -5.52 10.61 7.04
N ASP B 82 -6.80 10.41 6.71
CA ASP B 82 -7.20 9.64 5.53
C ASP B 82 -6.59 10.19 4.25
N SER B 83 -6.92 11.42 3.97
CA SER B 83 -6.54 12.11 2.78
C SER B 83 -5.05 12.42 2.65
N SER B 84 -4.38 12.75 3.75
CA SER B 84 -2.93 12.98 3.70
C SER B 84 -2.25 11.78 3.08
N ALA B 85 -2.89 10.66 3.29
CA ALA B 85 -2.39 9.37 2.84
C ALA B 85 -2.83 9.08 1.41
N VAL B 86 -4.00 9.58 1.05
CA VAL B 86 -4.45 9.56 -0.33
C VAL B 86 -3.52 10.38 -1.16
N ALA B 87 -3.13 11.45 -0.59
CA ALA B 87 -2.18 12.30 -1.26
C ALA B 87 -0.80 11.72 -1.18
N ALA B 88 -0.66 10.73 -0.35
CA ALA B 88 0.55 9.95 -0.33
C ALA B 88 0.51 9.04 -1.51
N VAL B 89 -0.64 8.43 -1.75
CA VAL B 89 -0.76 7.46 -2.81
C VAL B 89 -0.70 8.12 -4.17
N ARG B 90 -1.56 9.08 -4.35
CA ARG B 90 -1.66 9.79 -5.58
C ARG B 90 -0.36 10.45 -5.98
N ASN B 91 0.42 10.89 -5.00
CA ASN B 91 1.64 11.62 -5.28
C ASN B 91 2.73 10.72 -5.83
N VAL B 92 2.63 9.43 -5.57
CA VAL B 92 3.62 8.49 -6.11
C VAL B 92 3.38 8.27 -7.59
N GLY B 93 2.13 8.02 -7.86
CA GLY B 93 1.66 7.74 -9.19
C GLY B 93 2.00 6.36 -9.62
N ARG B 94 3.14 6.25 -10.19
CA ARG B 94 3.56 5.02 -10.88
C ARG B 94 4.30 4.06 -9.97
N ILE B 95 3.84 2.81 -9.92
CA ILE B 95 4.52 1.79 -9.18
C ILE B 95 5.37 0.88 -10.08
N PRO B 96 6.66 0.84 -9.79
CA PRO B 96 7.67 0.12 -10.56
C PRO B 96 7.28 -1.25 -11.07
N GLU B 97 7.31 -2.21 -10.15
CA GLU B 97 7.36 -3.64 -10.48
C GLU B 97 6.10 -4.16 -11.12
N MET B 98 5.17 -3.30 -11.44
CA MET B 98 3.95 -3.77 -12.08
C MET B 98 4.22 -4.41 -13.42
N GLN B 99 5.29 -3.98 -14.06
CA GLN B 99 5.67 -4.51 -15.35
C GLN B 99 6.42 -5.85 -15.23
N GLN B 100 6.46 -6.44 -14.03
CA GLN B 100 7.16 -7.71 -13.86
C GLN B 100 6.15 -8.82 -13.78
N LEU B 101 4.93 -8.43 -13.49
CA LEU B 101 3.88 -9.36 -13.33
C LEU B 101 3.11 -9.64 -14.59
N PRO B 102 2.37 -10.72 -14.50
CA PRO B 102 1.25 -11.01 -15.37
C PRO B 102 0.20 -9.92 -15.19
N ARG B 103 -0.38 -9.44 -16.28
CA ARG B 103 -1.48 -8.49 -16.22
C ARG B 103 -2.60 -9.01 -15.33
N ALA B 104 -2.82 -10.31 -15.44
CA ALA B 104 -3.81 -11.00 -14.63
C ALA B 104 -3.43 -11.02 -13.16
N THR B 105 -2.13 -11.00 -12.88
CA THR B 105 -1.62 -11.06 -11.54
C THR B 105 -1.67 -9.68 -10.94
N PHE B 106 -1.31 -8.73 -11.76
CA PHE B 106 -1.41 -7.35 -11.44
C PHE B 106 -2.86 -7.02 -11.07
N ASP B 107 -3.78 -7.48 -11.92
CA ASP B 107 -5.22 -7.28 -11.72
C ASP B 107 -5.68 -7.86 -10.40
N SER B 108 -5.03 -8.92 -10.03
CA SER B 108 -5.38 -9.66 -8.84
C SER B 108 -5.03 -8.84 -7.63
N LEU B 109 -3.82 -8.34 -7.67
CA LEU B 109 -3.19 -7.75 -6.53
C LEU B 109 -3.15 -6.23 -6.56
N TYR B 110 -2.49 -5.68 -7.54
CA TYR B 110 -2.08 -4.30 -7.47
C TYR B 110 -2.96 -3.39 -8.32
N ARG B 111 -3.84 -3.98 -9.12
CA ARG B 111 -4.79 -3.21 -9.90
C ARG B 111 -5.50 -2.22 -9.00
N GLN B 112 -5.89 -2.72 -7.84
CA GLN B 112 -6.26 -1.92 -6.74
C GLN B 112 -5.44 -2.38 -5.57
N ARG B 113 -4.59 -1.53 -5.05
CA ARG B 113 -3.69 -1.99 -4.02
C ARG B 113 -4.04 -1.25 -2.76
N ARG B 114 -4.40 -1.95 -1.72
CA ARG B 114 -4.79 -1.27 -0.51
C ARG B 114 -3.63 -1.03 0.40
N ILE B 115 -3.68 0.11 1.02
CA ILE B 115 -2.63 0.60 1.88
C ILE B 115 -3.24 1.07 3.18
N ILE B 116 -2.84 0.46 4.30
CA ILE B 116 -3.33 0.93 5.58
C ILE B 116 -2.31 1.82 6.19
N PHE B 117 -2.69 3.05 6.42
CA PHE B 117 -1.81 4.01 7.02
C PHE B 117 -2.05 4.02 8.50
N LYS B 118 -1.16 3.39 9.23
CA LYS B 118 -1.34 3.18 10.63
C LYS B 118 0.00 3.31 11.34
N PRO B 119 0.28 4.50 11.89
CA PRO B 119 1.51 4.79 12.63
C PRO B 119 1.94 3.74 13.63
N GLU B 120 3.06 4.01 14.25
CA GLU B 120 3.60 3.19 15.29
C GLU B 120 4.17 4.08 16.38
N ASP B 121 3.45 4.13 17.48
CA ASP B 121 3.84 4.93 18.66
C ASP B 121 4.08 6.41 18.32
N LEU B 122 3.01 7.19 18.35
CA LEU B 122 3.13 8.65 18.34
C LEU B 122 3.47 9.14 19.75
N SER B 123 3.40 10.46 19.97
CA SER B 123 3.47 10.98 21.33
C SER B 123 2.20 10.59 22.04
N LEU B 124 1.14 10.79 21.31
CA LEU B 124 -0.18 10.65 21.80
C LEU B 124 -0.79 9.33 21.33
N ALA A 1 -3.87 -8.73 -2.10
CA ALA A 1 -2.41 -8.62 -1.89
C ALA A 1 -2.08 -8.47 -0.41
N ASP A 2 -3.11 -8.60 0.43
CA ASP A 2 -3.00 -8.49 1.89
C ASP A 2 -2.57 -7.09 2.32
N PRO A 3 -3.56 -6.19 2.56
CA PRO A 3 -3.30 -4.78 2.92
C PRO A 3 -2.19 -4.61 3.94
N LEU A 4 -1.22 -3.75 3.63
CA LEU A 4 -0.02 -3.69 4.45
C LEU A 4 -0.04 -2.47 5.35
N VAL A 5 0.62 -2.59 6.50
CA VAL A 5 0.71 -1.50 7.46
C VAL A 5 1.80 -0.52 7.05
N ILE A 6 1.38 0.61 6.51
CA ILE A 6 2.27 1.72 6.26
C ILE A 6 2.18 2.68 7.44
N SER A 7 3.21 2.65 8.25
CA SER A 7 3.22 3.36 9.52
C SER A 7 3.96 4.69 9.42
N SER A 8 4.79 4.82 8.40
CA SER A 8 5.62 5.98 8.25
C SER A 8 5.17 6.83 7.06
N GLY A 9 5.62 8.07 7.05
CA GLY A 9 5.44 8.91 5.89
C GLY A 9 6.68 9.74 5.65
N ASN A 10 6.54 11.06 5.59
CA ASN A 10 7.69 11.94 5.41
C ASN A 10 8.67 11.77 6.57
N ASP A 11 9.94 11.97 6.28
CA ASP A 11 11.00 11.71 7.24
C ASP A 11 11.08 12.81 8.28
N ARG A 12 10.39 13.92 8.00
CA ARG A 12 10.33 15.07 8.91
C ARG A 12 11.70 15.50 9.39
N ALA A 13 11.72 16.18 10.51
CA ALA A 13 12.97 16.55 11.16
C ALA A 13 12.89 16.23 12.65
N HIS B 1 36.26 -65.34 5.87
CA HIS B 1 36.22 -63.89 6.17
C HIS B 1 34.78 -63.42 6.31
N MET B 2 34.24 -63.53 7.53
CA MET B 2 32.87 -63.12 7.83
C MET B 2 31.86 -63.98 7.09
N ARG B 3 31.39 -65.03 7.74
CA ARG B 3 30.36 -65.89 7.18
C ARG B 3 28.98 -65.38 7.60
N ALA B 4 28.65 -64.18 7.16
CA ALA B 4 27.39 -63.55 7.50
C ALA B 4 26.83 -62.80 6.30
N LEU B 5 26.18 -63.52 5.42
CA LEU B 5 25.64 -62.95 4.20
C LEU B 5 24.35 -62.19 4.50
N ALA B 6 23.64 -62.65 5.53
CA ALA B 6 22.41 -62.00 5.96
C ALA B 6 22.52 -61.53 7.38
N GLU B 7 22.82 -60.25 7.57
CA GLU B 7 22.88 -59.67 8.89
C GLU B 7 21.48 -59.23 9.33
N LEU B 8 21.06 -59.71 10.49
CA LEU B 8 19.73 -59.43 11.01
C LEU B 8 19.59 -57.98 11.42
N LEU B 9 20.66 -57.41 11.97
CA LEU B 9 20.62 -56.03 12.42
C LEU B 9 20.99 -55.09 11.27
N SER B 10 20.08 -54.97 10.32
CA SER B 10 20.25 -54.07 9.20
C SER B 10 18.91 -53.55 8.71
N ASP B 11 17.95 -53.55 9.62
CA ASP B 11 16.58 -53.15 9.30
C ASP B 11 16.40 -51.65 9.52
N THR B 12 17.51 -50.93 9.53
CA THR B 12 17.51 -49.49 9.67
C THR B 12 17.26 -48.82 8.32
N THR B 13 16.30 -47.91 8.28
CA THR B 13 15.92 -47.26 7.04
C THR B 13 15.93 -45.74 7.19
N GLU B 14 17.01 -45.11 6.73
CA GLU B 14 17.10 -43.67 6.71
C GLU B 14 16.69 -43.14 5.34
N ARG B 15 15.40 -42.92 5.17
CA ARG B 15 14.84 -42.55 3.89
C ARG B 15 14.07 -41.24 3.99
N GLN B 16 14.47 -40.38 4.91
CA GLN B 16 13.80 -39.10 5.09
C GLN B 16 14.61 -37.98 4.44
N GLN B 17 13.94 -37.19 3.63
CA GLN B 17 14.54 -36.08 2.95
C GLN B 17 13.61 -34.87 2.96
N ALA B 18 14.17 -33.69 2.93
CA ALA B 18 13.40 -32.48 2.94
C ALA B 18 13.50 -31.75 1.61
N LEU B 19 12.36 -31.50 0.99
CA LEU B 19 12.32 -30.80 -0.27
C LEU B 19 12.26 -29.29 0.00
N ALA B 20 11.21 -28.88 0.72
CA ALA B 20 10.96 -27.48 1.07
C ALA B 20 10.81 -26.58 -0.16
N ASP B 21 9.69 -25.90 -0.21
CA ASP B 21 9.38 -25.03 -1.34
C ASP B 21 10.07 -23.68 -1.21
N GLU B 22 10.12 -22.98 -2.32
CA GLU B 22 10.78 -21.71 -2.40
C GLU B 22 9.85 -20.57 -2.02
N VAL B 23 10.42 -19.42 -1.68
CA VAL B 23 9.64 -18.25 -1.29
C VAL B 23 8.81 -17.74 -2.46
N GLY B 24 7.78 -16.99 -2.13
CA GLY B 24 6.83 -16.54 -3.13
C GLY B 24 5.84 -17.62 -3.46
N SER B 25 5.12 -18.08 -2.44
CA SER B 25 4.15 -19.14 -2.61
C SER B 25 3.11 -18.80 -3.66
N GLU B 26 2.41 -17.71 -3.45
CA GLU B 26 1.43 -17.23 -4.40
C GLU B 26 1.91 -16.02 -5.14
N VAL B 27 1.69 -14.88 -4.54
CA VAL B 27 1.88 -13.61 -5.21
C VAL B 27 2.37 -12.53 -4.25
N THR B 28 2.14 -11.27 -4.61
CA THR B 28 2.68 -10.11 -3.92
C THR B 28 4.20 -10.15 -3.91
N GLY B 29 4.74 -10.06 -5.12
CA GLY B 29 6.17 -10.17 -5.35
C GLY B 29 7.00 -9.01 -4.81
N SER B 30 7.07 -8.86 -3.48
CA SER B 30 7.80 -7.80 -2.84
C SER B 30 7.33 -6.41 -3.28
N LEU B 31 6.24 -6.44 -3.96
CA LEU B 31 5.67 -5.29 -4.64
C LEU B 31 4.82 -4.48 -3.68
N ASP B 32 4.12 -5.15 -2.81
CA ASP B 32 3.26 -4.51 -1.82
C ASP B 32 4.03 -3.44 -1.04
N ASP B 33 5.11 -3.90 -0.45
CA ASP B 33 5.98 -3.09 0.37
C ASP B 33 6.54 -1.94 -0.42
N LEU B 34 6.70 -2.18 -1.71
CA LEU B 34 7.10 -1.17 -2.63
C LEU B 34 6.08 -0.06 -2.72
N ILE B 35 4.85 -0.45 -3.01
CA ILE B 35 3.71 0.45 -3.03
C ILE B 35 3.69 1.32 -1.79
N VAL B 36 3.86 0.64 -0.70
CA VAL B 36 3.93 1.18 0.62
C VAL B 36 5.18 2.03 0.81
N ASN B 37 6.26 1.57 0.20
CA ASN B 37 7.54 2.24 0.25
C ASN B 37 7.38 3.60 -0.31
N LEU B 38 6.78 3.53 -1.45
CA LEU B 38 6.45 4.67 -2.26
C LEU B 38 5.52 5.62 -1.54
N VAL B 39 4.48 5.08 -0.96
CA VAL B 39 3.40 5.87 -0.40
C VAL B 39 3.87 6.78 0.72
N SER B 40 4.81 6.31 1.54
CA SER B 40 5.31 7.08 2.66
C SER B 40 6.33 8.09 2.20
N GLN B 41 6.92 7.86 1.04
CA GLN B 41 7.84 8.83 0.48
C GLN B 41 7.02 10.04 0.13
N GLN B 42 5.78 9.73 -0.16
CA GLN B 42 4.76 10.67 -0.50
C GLN B 42 3.82 11.04 0.66
N TRP B 43 3.89 10.31 1.74
CA TRP B 43 2.95 10.49 2.83
C TRP B 43 3.50 11.46 3.87
N ARG B 44 2.61 11.76 4.78
CA ARG B 44 2.80 12.73 5.85
C ARG B 44 1.91 12.38 7.02
N ARG B 45 2.49 12.03 8.16
CA ARG B 45 1.68 11.77 9.35
C ARG B 45 1.32 13.08 10.02
N PRO B 46 0.07 13.20 10.46
CA PRO B 46 -0.43 14.38 11.15
C PRO B 46 -0.26 14.27 12.66
N PRO B 47 -0.01 15.40 13.30
CA PRO B 47 -0.01 15.52 14.77
C PRO B 47 -1.31 15.05 15.41
N SER B 48 -2.31 14.74 14.59
CA SER B 48 -3.60 14.26 15.08
C SER B 48 -3.63 12.74 15.14
N ALA B 49 -2.75 12.08 14.38
CA ALA B 49 -2.71 10.63 14.36
C ALA B 49 -2.39 10.05 15.73
N ARG B 50 -2.93 8.88 16.00
CA ARG B 50 -2.68 8.16 17.25
C ARG B 50 -2.13 6.77 16.91
N ASN B 51 -1.63 6.07 17.92
CA ASN B 51 -0.90 4.81 17.71
C ASN B 51 -1.80 3.63 17.38
N GLY B 52 -2.54 3.84 16.34
CA GLY B 52 -3.33 2.79 15.73
C GLY B 52 -4.60 3.30 15.06
N MET B 53 -4.55 4.55 14.63
CA MET B 53 -5.48 5.09 13.71
C MET B 53 -5.03 4.63 12.35
N SER B 54 -5.91 4.37 11.43
CA SER B 54 -5.50 3.74 10.20
C SER B 54 -6.48 3.94 9.08
N VAL B 55 -5.93 3.99 7.89
CA VAL B 55 -6.72 4.23 6.71
C VAL B 55 -6.54 3.09 5.75
N GLU B 56 -7.61 2.45 5.37
CA GLU B 56 -7.55 1.53 4.27
C GLU B 56 -7.78 2.32 3.03
N VAL B 57 -6.76 2.46 2.25
CA VAL B 57 -6.82 3.25 1.08
C VAL B 57 -6.73 2.40 -0.16
N LEU B 58 -7.79 2.44 -0.95
CA LEU B 58 -7.84 1.77 -2.19
C LEU B 58 -7.36 2.67 -3.28
N ILE B 59 -6.17 2.43 -3.74
CA ILE B 59 -5.64 3.15 -4.83
C ILE B 59 -5.82 2.26 -6.06
N GLU B 60 -5.83 2.87 -7.20
CA GLU B 60 -6.12 2.16 -8.43
C GLU B 60 -5.04 2.40 -9.40
N MET B 61 -4.70 1.39 -10.16
CA MET B 61 -3.57 1.46 -11.03
C MET B 61 -3.75 0.61 -12.23
N LEU B 62 -2.92 0.94 -13.17
CA LEU B 62 -2.88 0.29 -14.44
C LEU B 62 -1.63 -0.55 -14.54
N PRO B 63 -1.55 -1.37 -15.58
CA PRO B 63 -0.44 -2.29 -15.83
C PRO B 63 0.92 -1.60 -15.84
N ASP B 64 0.95 -0.28 -15.66
CA ASP B 64 2.23 0.41 -15.56
C ASP B 64 2.56 0.72 -14.11
N GLY B 65 1.55 0.58 -13.26
CA GLY B 65 1.66 0.90 -11.87
C GLY B 65 1.29 2.33 -11.59
N THR B 66 1.15 3.11 -12.65
CA THR B 66 0.63 4.47 -12.53
C THR B 66 -0.75 4.45 -11.92
N ILE B 67 -0.85 5.17 -10.86
CA ILE B 67 -2.05 5.26 -10.11
C ILE B 67 -3.11 6.07 -10.86
N THR B 68 -4.18 5.39 -11.14
CA THR B 68 -5.26 5.91 -11.94
C THR B 68 -6.38 6.42 -11.03
N ASN B 69 -6.44 5.87 -9.81
CA ASN B 69 -7.41 6.34 -8.80
C ASN B 69 -6.87 6.08 -7.40
N ALA B 70 -7.58 6.60 -6.42
CA ALA B 70 -7.30 6.35 -5.00
C ALA B 70 -8.36 6.99 -4.15
N SER B 71 -8.84 6.23 -3.18
CA SER B 71 -9.80 6.70 -2.24
C SER B 71 -9.55 6.12 -0.89
N VAL B 72 -10.28 6.66 0.03
CA VAL B 72 -10.39 6.09 1.30
C VAL B 72 -11.39 4.97 1.23
N SER B 73 -10.89 3.83 1.46
CA SER B 73 -11.68 2.65 1.42
C SER B 73 -12.24 2.36 2.82
N ARG B 74 -11.50 2.80 3.83
CA ARG B 74 -11.90 2.69 5.22
C ARG B 74 -11.27 3.82 6.02
N SER B 75 -12.07 4.81 6.35
CA SER B 75 -11.59 6.01 7.04
C SER B 75 -11.28 5.73 8.50
N SER B 76 -10.29 6.46 9.02
CA SER B 76 -9.94 6.41 10.44
C SER B 76 -10.87 7.32 11.22
N GLY B 77 -11.70 8.04 10.48
CA GLY B 77 -12.49 9.09 11.07
C GLY B 77 -11.65 10.34 11.27
N ASP B 78 -10.60 10.47 10.46
CA ASP B 78 -9.74 11.62 10.53
C ASP B 78 -9.37 11.99 9.12
N LYS B 79 -10.16 12.86 8.51
CA LYS B 79 -10.04 13.15 7.09
C LYS B 79 -8.64 13.59 6.70
N PRO B 80 -7.97 14.47 7.48
CA PRO B 80 -6.56 14.76 7.28
C PRO B 80 -5.74 13.50 7.22
N PHE B 81 -5.91 12.64 8.21
CA PHE B 81 -5.13 11.45 8.29
C PHE B 81 -5.39 10.60 7.06
N ASP B 82 -6.68 10.34 6.82
CA ASP B 82 -7.14 9.59 5.67
C ASP B 82 -6.57 10.16 4.36
N SER B 83 -6.92 11.39 4.04
CA SER B 83 -6.54 12.05 2.83
C SER B 83 -5.04 12.30 2.68
N SER B 84 -4.35 12.63 3.76
CA SER B 84 -2.90 12.85 3.70
C SER B 84 -2.23 11.67 3.06
N ALA B 85 -2.87 10.53 3.26
CA ALA B 85 -2.37 9.26 2.80
C ALA B 85 -2.86 8.98 1.39
N VAL B 86 -4.02 9.51 1.06
CA VAL B 86 -4.50 9.53 -0.31
C VAL B 86 -3.54 10.33 -1.14
N ALA B 87 -3.11 11.38 -0.57
CA ALA B 87 -2.14 12.19 -1.24
C ALA B 87 -0.78 11.57 -1.15
N ALA B 88 -0.69 10.58 -0.33
CA ALA B 88 0.50 9.77 -0.32
C ALA B 88 0.43 8.87 -1.51
N VAL B 89 -0.73 8.29 -1.73
CA VAL B 89 -0.89 7.34 -2.81
C VAL B 89 -0.81 8.00 -4.15
N ARG B 90 -1.65 8.98 -4.34
CA ARG B 90 -1.70 9.71 -5.58
C ARG B 90 -0.35 10.30 -5.96
N ASN B 91 0.41 10.77 -4.97
CA ASN B 91 1.65 11.48 -5.24
C ASN B 91 2.68 10.55 -5.82
N VAL B 92 2.62 9.28 -5.47
CA VAL B 92 3.60 8.33 -5.97
C VAL B 92 3.37 8.11 -7.45
N GLY B 93 2.10 7.95 -7.74
CA GLY B 93 1.63 7.75 -9.08
C GLY B 93 1.99 6.41 -9.62
N ARG B 94 3.16 6.31 -10.08
CA ARG B 94 3.56 5.18 -10.92
C ARG B 94 4.47 4.21 -10.16
N ILE B 95 3.86 3.10 -9.79
CA ILE B 95 4.56 1.98 -9.21
C ILE B 95 5.34 1.24 -10.28
N PRO B 96 6.64 1.09 -10.04
CA PRO B 96 7.60 0.52 -11.01
C PRO B 96 7.38 -0.95 -11.39
N GLU B 97 7.18 -1.82 -10.39
CA GLU B 97 7.26 -3.25 -10.63
C GLU B 97 6.00 -3.85 -11.26
N MET B 98 5.03 -3.03 -11.62
CA MET B 98 3.82 -3.54 -12.26
C MET B 98 4.09 -4.06 -13.67
N GLN B 99 5.12 -3.52 -14.28
CA GLN B 99 5.51 -3.93 -15.61
C GLN B 99 6.20 -5.29 -15.57
N GLN B 100 6.32 -5.88 -14.39
CA GLN B 100 6.96 -7.16 -14.27
C GLN B 100 5.91 -8.22 -14.23
N LEU B 101 4.94 -7.98 -13.35
CA LEU B 101 3.87 -8.88 -13.17
C LEU B 101 3.07 -9.22 -14.40
N PRO B 102 2.44 -10.38 -14.27
CA PRO B 102 1.32 -10.77 -15.09
C PRO B 102 0.22 -9.75 -14.89
N ARG B 103 -0.45 -9.34 -15.96
CA ARG B 103 -1.55 -8.41 -15.84
C ARG B 103 -2.60 -8.94 -14.89
N ALA B 104 -2.82 -10.24 -14.99
CA ALA B 104 -3.72 -10.96 -14.08
C ALA B 104 -3.23 -10.91 -12.64
N THR B 105 -1.93 -10.89 -12.44
CA THR B 105 -1.35 -10.89 -11.13
C THR B 105 -1.45 -9.50 -10.57
N PHE B 106 -1.17 -8.56 -11.44
CA PHE B 106 -1.33 -7.17 -11.14
C PHE B 106 -2.78 -6.89 -10.75
N ASP B 107 -3.70 -7.38 -11.57
CA ASP B 107 -5.15 -7.24 -11.33
C ASP B 107 -5.53 -7.81 -9.99
N SER B 108 -4.84 -8.86 -9.63
CA SER B 108 -5.12 -9.57 -8.42
C SER B 108 -4.80 -8.67 -7.25
N LEU B 109 -3.62 -8.12 -7.34
CA LEU B 109 -3.01 -7.46 -6.21
C LEU B 109 -3.07 -5.96 -6.26
N TYR B 110 -2.47 -5.39 -7.28
CA TYR B 110 -2.11 -4.00 -7.24
C TYR B 110 -2.95 -3.16 -8.19
N ARG B 111 -3.89 -3.81 -8.90
CA ARG B 111 -4.86 -3.08 -9.68
C ARG B 111 -5.52 -2.06 -8.78
N GLN B 112 -5.80 -2.54 -7.60
CA GLN B 112 -6.17 -1.74 -6.50
C GLN B 112 -5.39 -2.21 -5.32
N ARG B 113 -4.44 -1.44 -4.89
CA ARG B 113 -3.55 -1.93 -3.86
C ARG B 113 -4.01 -1.33 -2.55
N ARG B 114 -4.53 -2.13 -1.66
CA ARG B 114 -5.01 -1.59 -0.42
C ARG B 114 -3.88 -1.35 0.53
N ILE B 115 -3.62 -0.08 0.67
CA ILE B 115 -2.57 0.40 1.54
C ILE B 115 -3.21 0.80 2.87
N ILE B 116 -2.73 0.23 3.97
CA ILE B 116 -3.27 0.54 5.28
C ILE B 116 -2.32 1.47 5.99
N PHE B 117 -2.73 2.71 6.16
CA PHE B 117 -1.89 3.68 6.83
C PHE B 117 -2.15 3.59 8.31
N LYS B 118 -1.26 2.93 9.02
CA LYS B 118 -1.48 2.61 10.40
C LYS B 118 -0.20 2.88 11.22
N PRO B 119 -0.13 4.09 11.79
CA PRO B 119 0.94 4.58 12.66
C PRO B 119 1.71 3.56 13.51
N GLU B 120 2.88 4.03 13.94
CA GLU B 120 3.73 3.34 14.89
C GLU B 120 4.56 4.38 15.60
N ASP B 121 4.36 4.46 16.91
CA ASP B 121 5.13 5.36 17.78
C ASP B 121 4.93 6.84 17.45
N LEU B 122 3.73 7.35 17.69
CA LEU B 122 3.50 8.80 17.65
C LEU B 122 3.96 9.46 18.95
N SER B 123 3.56 10.72 19.15
CA SER B 123 3.80 11.43 20.40
C SER B 123 3.20 10.67 21.58
N LEU B 124 2.12 10.01 21.31
CA LEU B 124 1.23 9.54 22.31
C LEU B 124 1.46 8.05 22.62
N ALA A 1 -3.91 -8.12 -3.02
CA ALA A 1 -2.75 -8.20 -2.12
C ALA A 1 -3.17 -7.78 -0.72
N ASP A 2 -2.61 -8.45 0.28
CA ASP A 2 -2.95 -8.16 1.67
C ASP A 2 -2.57 -6.73 2.04
N PRO A 3 -3.54 -5.96 2.57
CA PRO A 3 -3.30 -4.57 2.98
C PRO A 3 -2.11 -4.47 3.93
N LEU A 4 -1.11 -3.71 3.53
CA LEU A 4 0.14 -3.68 4.28
C LEU A 4 0.20 -2.45 5.17
N VAL A 5 0.70 -2.65 6.38
CA VAL A 5 0.80 -1.58 7.35
C VAL A 5 1.89 -0.58 6.97
N ILE A 6 1.49 0.58 6.50
CA ILE A 6 2.41 1.65 6.25
C ILE A 6 2.40 2.61 7.45
N SER A 7 3.50 2.65 8.17
CA SER A 7 3.60 3.47 9.37
C SER A 7 4.47 4.69 9.09
N SER A 8 5.17 4.61 7.97
CA SER A 8 6.05 5.66 7.56
C SER A 8 5.27 6.76 6.86
N GLY A 9 5.70 8.00 6.99
CA GLY A 9 5.09 9.09 6.26
C GLY A 9 5.37 10.42 6.91
N ASN A 10 6.20 11.21 6.24
CA ASN A 10 6.61 12.50 6.77
C ASN A 10 7.00 13.42 5.62
N ASP A 11 7.03 14.72 5.86
CA ASP A 11 7.37 15.70 4.83
C ASP A 11 8.66 15.31 4.09
N ARG A 12 9.76 15.24 4.85
CA ARG A 12 11.08 14.88 4.32
C ARG A 12 11.52 15.73 3.13
N ALA A 13 12.75 15.51 2.69
CA ALA A 13 13.26 16.21 1.53
C ALA A 13 13.57 15.20 0.43
N HIS B 1 26.15 -24.30 44.86
CA HIS B 1 27.13 -23.41 44.21
C HIS B 1 27.15 -23.64 42.70
N MET B 2 25.97 -23.68 42.10
CA MET B 2 25.85 -23.92 40.67
C MET B 2 25.36 -22.68 39.94
N ARG B 3 25.63 -21.53 40.54
CA ARG B 3 25.30 -20.25 39.92
C ARG B 3 26.56 -19.58 39.40
N ALA B 4 27.70 -19.87 40.05
CA ALA B 4 28.98 -19.33 39.63
C ALA B 4 28.89 -17.81 39.40
N LEU B 5 28.50 -17.10 40.44
CA LEU B 5 28.30 -15.67 40.36
C LEU B 5 29.61 -14.92 40.56
N ALA B 6 30.44 -14.93 39.53
CA ALA B 6 31.71 -14.22 39.54
C ALA B 6 31.72 -13.17 38.44
N GLU B 7 31.95 -13.61 37.22
CA GLU B 7 31.93 -12.73 36.08
C GLU B 7 31.19 -13.41 34.94
N LEU B 8 29.95 -13.02 34.78
CA LEU B 8 29.10 -13.59 33.75
C LEU B 8 29.42 -12.96 32.40
N LEU B 9 30.38 -13.55 31.72
CA LEU B 9 30.86 -13.02 30.46
C LEU B 9 29.96 -13.47 29.30
N SER B 10 28.66 -13.30 29.48
CA SER B 10 27.69 -13.67 28.46
C SER B 10 27.28 -12.44 27.66
N ASP B 11 27.99 -11.35 27.88
CA ASP B 11 27.70 -10.10 27.18
C ASP B 11 28.26 -10.14 25.76
N THR B 12 27.54 -10.82 24.90
CA THR B 12 27.93 -10.91 23.51
C THR B 12 27.15 -9.90 22.68
N THR B 13 25.85 -10.17 22.51
CA THR B 13 24.97 -9.28 21.77
C THR B 13 25.49 -9.06 20.35
N GLU B 14 25.67 -10.16 19.63
CA GLU B 14 26.18 -10.11 18.27
C GLU B 14 25.34 -10.94 17.31
N ARG B 15 24.47 -11.75 17.86
CA ARG B 15 23.61 -12.62 17.06
C ARG B 15 22.55 -11.80 16.32
N GLN B 16 22.37 -12.09 15.05
CA GLN B 16 21.37 -11.39 14.25
C GLN B 16 20.09 -12.22 14.15
N GLN B 17 19.22 -11.83 13.22
CA GLN B 17 17.94 -12.52 13.01
C GLN B 17 16.98 -12.32 14.19
N ALA B 18 16.46 -11.11 14.31
CA ALA B 18 15.47 -10.82 15.34
C ALA B 18 14.05 -11.01 14.80
N LEU B 19 13.10 -10.27 15.34
CA LEU B 19 11.72 -10.37 14.89
C LEU B 19 11.59 -9.73 13.50
N ALA B 20 11.32 -10.55 12.50
CA ALA B 20 11.14 -10.08 11.14
C ALA B 20 9.68 -9.82 10.83
N ASP B 21 9.42 -8.80 10.02
CA ASP B 21 8.06 -8.47 9.63
C ASP B 21 7.50 -9.55 8.73
N GLU B 22 6.20 -9.58 8.65
CA GLU B 22 5.51 -10.62 7.94
C GLU B 22 5.57 -10.42 6.44
N VAL B 23 5.75 -11.51 5.74
CA VAL B 23 5.73 -11.51 4.29
C VAL B 23 4.48 -12.22 3.80
N GLY B 24 4.24 -12.08 2.52
CA GLY B 24 3.08 -12.66 1.90
C GLY B 24 3.39 -13.98 1.26
N SER B 25 2.85 -15.05 1.81
CA SER B 25 3.04 -16.37 1.24
C SER B 25 2.43 -16.45 -0.16
N GLU B 26 1.27 -15.84 -0.32
CA GLU B 26 0.65 -15.71 -1.61
C GLU B 26 0.99 -14.39 -2.26
N VAL B 27 1.48 -14.53 -3.47
CA VAL B 27 1.74 -13.43 -4.42
C VAL B 27 2.22 -12.12 -3.76
N THR B 28 1.82 -10.97 -4.34
CA THR B 28 2.26 -9.62 -3.91
C THR B 28 3.75 -9.39 -4.12
N GLY B 29 4.50 -10.47 -4.31
CA GLY B 29 5.91 -10.37 -4.60
C GLY B 29 6.67 -9.61 -3.53
N SER B 30 7.32 -8.55 -3.94
CA SER B 30 7.91 -7.59 -3.04
C SER B 30 7.37 -6.22 -3.40
N LEU B 31 6.23 -6.27 -4.00
CA LEU B 31 5.58 -5.13 -4.63
C LEU B 31 4.75 -4.40 -3.61
N ASP B 32 4.16 -5.16 -2.70
CA ASP B 32 3.28 -4.60 -1.69
C ASP B 32 3.97 -3.50 -0.92
N ASP B 33 5.16 -3.82 -0.47
CA ASP B 33 6.02 -2.96 0.31
C ASP B 33 6.48 -1.80 -0.50
N LEU B 34 6.66 -2.04 -1.78
CA LEU B 34 7.03 -1.01 -2.69
C LEU B 34 6.03 0.09 -2.77
N ILE B 35 4.81 -0.29 -3.07
CA ILE B 35 3.69 0.61 -3.09
C ILE B 35 3.66 1.44 -1.81
N VAL B 36 3.84 0.74 -0.73
CA VAL B 36 3.92 1.25 0.60
C VAL B 36 5.16 2.11 0.81
N ASN B 37 6.25 1.69 0.18
CA ASN B 37 7.53 2.35 0.26
C ASN B 37 7.37 3.72 -0.29
N LEU B 38 6.77 3.68 -1.43
CA LEU B 38 6.47 4.84 -2.19
C LEU B 38 5.49 5.77 -1.48
N VAL B 39 4.42 5.20 -0.96
CA VAL B 39 3.32 5.98 -0.41
C VAL B 39 3.77 6.86 0.73
N SER B 40 4.69 6.35 1.53
CA SER B 40 5.17 7.04 2.71
C SER B 40 6.22 8.10 2.36
N GLN B 41 6.84 7.95 1.21
CA GLN B 41 7.78 8.93 0.75
C GLN B 41 6.97 10.15 0.38
N GLN B 42 5.80 9.84 -0.09
CA GLN B 42 4.78 10.78 -0.44
C GLN B 42 3.85 11.13 0.71
N TRP B 43 3.86 10.34 1.76
CA TRP B 43 2.92 10.53 2.83
C TRP B 43 3.52 11.47 3.86
N ARG B 44 2.65 11.83 4.74
CA ARG B 44 2.93 12.78 5.78
C ARG B 44 1.95 12.59 6.94
N ARG B 45 2.41 12.10 8.07
CA ARG B 45 1.52 11.89 9.19
C ARG B 45 1.17 13.23 9.83
N PRO B 46 -0.04 13.34 10.34
CA PRO B 46 -0.53 14.51 11.01
C PRO B 46 -0.49 14.38 12.52
N PRO B 47 -0.37 15.51 13.19
CA PRO B 47 -0.57 15.62 14.64
C PRO B 47 -1.91 15.07 15.12
N SER B 48 -2.82 14.80 14.17
CA SER B 48 -4.12 14.27 14.50
C SER B 48 -4.08 12.75 14.63
N ALA B 49 -3.01 12.15 14.09
CA ALA B 49 -2.87 10.72 14.10
C ALA B 49 -2.45 10.19 15.47
N ARG B 50 -2.93 9.00 15.80
CA ARG B 50 -2.57 8.34 17.04
C ARG B 50 -1.86 7.03 16.73
N ASN B 51 -1.28 6.40 17.77
CA ASN B 51 -0.37 5.27 17.59
C ASN B 51 -1.10 3.98 17.27
N GLY B 52 -2.02 4.09 16.36
CA GLY B 52 -2.72 2.96 15.82
C GLY B 52 -4.04 3.33 15.19
N MET B 53 -4.11 4.54 14.66
CA MET B 53 -5.17 4.97 13.84
C MET B 53 -4.81 4.50 12.44
N SER B 54 -5.76 4.28 11.55
CA SER B 54 -5.40 3.70 10.26
C SER B 54 -6.42 3.96 9.18
N VAL B 55 -5.92 3.91 7.98
CA VAL B 55 -6.73 4.11 6.78
C VAL B 55 -6.50 2.96 5.82
N GLU B 56 -7.56 2.33 5.40
CA GLU B 56 -7.44 1.44 4.28
C GLU B 56 -7.70 2.28 3.06
N VAL B 57 -6.71 2.35 2.21
CA VAL B 57 -6.80 3.18 1.05
C VAL B 57 -6.71 2.33 -0.21
N LEU B 58 -7.76 2.40 -0.99
CA LEU B 58 -7.84 1.70 -2.23
C LEU B 58 -7.36 2.58 -3.34
N ILE B 59 -6.17 2.33 -3.80
CA ILE B 59 -5.64 3.07 -4.86
C ILE B 59 -5.77 2.22 -6.11
N GLU B 60 -5.82 2.85 -7.24
CA GLU B 60 -6.11 2.19 -8.49
C GLU B 60 -4.99 2.42 -9.43
N MET B 61 -4.64 1.38 -10.15
CA MET B 61 -3.49 1.44 -11.00
C MET B 61 -3.65 0.61 -12.22
N LEU B 62 -2.82 0.97 -13.14
CA LEU B 62 -2.80 0.35 -14.43
C LEU B 62 -1.58 -0.53 -14.59
N PRO B 63 -1.53 -1.31 -15.66
CA PRO B 63 -0.45 -2.26 -15.96
C PRO B 63 0.93 -1.62 -15.97
N ASP B 64 0.98 -0.32 -15.72
CA ASP B 64 2.29 0.36 -15.62
C ASP B 64 2.64 0.61 -14.16
N GLY B 65 1.62 0.53 -13.31
CA GLY B 65 1.77 0.84 -11.92
C GLY B 65 1.42 2.28 -11.60
N THR B 66 1.30 3.09 -12.64
CA THR B 66 0.75 4.43 -12.49
C THR B 66 -0.60 4.37 -11.84
N ILE B 67 -0.69 5.07 -10.74
CA ILE B 67 -1.88 5.18 -9.98
C ILE B 67 -2.88 6.06 -10.71
N THR B 68 -3.98 5.44 -11.07
CA THR B 68 -5.00 6.06 -11.88
C THR B 68 -6.18 6.53 -11.00
N ASN B 69 -6.28 5.97 -9.80
CA ASN B 69 -7.27 6.43 -8.81
C ASN B 69 -6.79 6.14 -7.41
N ALA B 70 -7.50 6.67 -6.45
CA ALA B 70 -7.25 6.42 -5.03
C ALA B 70 -8.35 6.97 -4.16
N SER B 71 -8.80 6.18 -3.20
CA SER B 71 -9.76 6.60 -2.23
C SER B 71 -9.49 6.01 -0.89
N VAL B 72 -10.21 6.52 0.06
CA VAL B 72 -10.31 5.92 1.32
C VAL B 72 -11.33 4.83 1.24
N SER B 73 -10.88 3.66 1.49
CA SER B 73 -11.70 2.51 1.45
C SER B 73 -12.30 2.25 2.83
N ARG B 74 -11.54 2.64 3.85
CA ARG B 74 -11.95 2.53 5.24
C ARG B 74 -11.41 3.72 6.02
N SER B 75 -12.31 4.52 6.55
CA SER B 75 -11.95 5.78 7.20
C SER B 75 -11.77 5.59 8.72
N SER B 76 -10.72 6.23 9.26
CA SER B 76 -10.43 6.16 10.68
C SER B 76 -11.26 7.20 11.43
N GLY B 77 -11.84 8.10 10.65
CA GLY B 77 -12.59 9.19 11.20
C GLY B 77 -11.83 10.49 11.07
N ASP B 78 -10.55 10.39 10.74
CA ASP B 78 -9.72 11.57 10.57
C ASP B 78 -9.42 11.76 9.11
N LYS B 79 -10.11 12.71 8.53
CA LYS B 79 -10.00 13.01 7.13
C LYS B 79 -8.62 13.50 6.75
N PRO B 80 -7.99 14.41 7.52
CA PRO B 80 -6.61 14.73 7.32
C PRO B 80 -5.78 13.48 7.24
N PHE B 81 -5.99 12.59 8.20
CA PHE B 81 -5.24 11.37 8.23
C PHE B 81 -5.48 10.60 6.94
N ASP B 82 -6.75 10.42 6.60
CA ASP B 82 -7.16 9.69 5.40
C ASP B 82 -6.50 10.27 4.15
N SER B 83 -6.81 11.51 3.88
CA SER B 83 -6.38 12.20 2.70
C SER B 83 -4.90 12.49 2.63
N SER B 84 -4.24 12.75 3.77
CA SER B 84 -2.79 12.92 3.77
C SER B 84 -2.15 11.71 3.10
N ALA B 85 -2.83 10.61 3.27
CA ALA B 85 -2.37 9.33 2.79
C ALA B 85 -2.85 9.07 1.37
N VAL B 86 -4.00 9.63 1.04
CA VAL B 86 -4.48 9.66 -0.33
C VAL B 86 -3.52 10.44 -1.15
N ALA B 87 -3.08 11.49 -0.58
CA ALA B 87 -2.09 12.29 -1.24
C ALA B 87 -0.75 11.63 -1.18
N ALA B 88 -0.67 10.64 -0.32
CA ALA B 88 0.50 9.82 -0.30
C ALA B 88 0.42 8.90 -1.49
N VAL B 89 -0.75 8.38 -1.74
CA VAL B 89 -0.91 7.43 -2.83
C VAL B 89 -0.83 8.10 -4.17
N ARG B 90 -1.63 9.09 -4.33
CA ARG B 90 -1.67 9.84 -5.56
C ARG B 90 -0.31 10.41 -5.94
N ASN B 91 0.46 10.85 -4.95
CA ASN B 91 1.69 11.56 -5.22
C ASN B 91 2.76 10.64 -5.77
N VAL B 92 2.66 9.36 -5.45
CA VAL B 92 3.61 8.38 -5.96
C VAL B 92 3.36 8.19 -7.45
N GLY B 93 2.08 8.06 -7.73
CA GLY B 93 1.51 8.06 -9.07
C GLY B 93 2.00 7.04 -10.05
N ARG B 94 3.13 6.46 -9.80
CA ARG B 94 3.76 5.50 -10.71
C ARG B 94 4.60 4.48 -9.93
N ILE B 95 4.13 3.24 -9.89
CA ILE B 95 4.84 2.20 -9.19
C ILE B 95 5.62 1.32 -10.18
N PRO B 96 6.88 1.05 -9.82
CA PRO B 96 7.89 0.38 -10.67
C PRO B 96 7.60 -1.05 -11.14
N GLU B 97 7.38 -1.99 -10.22
CA GLU B 97 7.42 -3.41 -10.59
C GLU B 97 6.11 -3.95 -11.12
N MET B 98 5.12 -3.09 -11.28
CA MET B 98 3.83 -3.50 -11.78
C MET B 98 3.93 -4.02 -13.19
N GLN B 99 4.95 -3.54 -13.89
CA GLN B 99 5.23 -3.96 -15.23
C GLN B 99 5.92 -5.33 -15.28
N GLN B 100 6.13 -5.96 -14.13
CA GLN B 100 6.76 -7.25 -14.10
C GLN B 100 5.71 -8.31 -13.99
N LEU B 101 4.78 -8.05 -13.07
CA LEU B 101 3.69 -8.95 -12.87
C LEU B 101 2.92 -9.33 -14.10
N PRO B 102 2.30 -10.50 -13.96
CA PRO B 102 1.22 -10.97 -14.81
C PRO B 102 0.06 -9.99 -14.75
N ARG B 103 -0.52 -9.66 -15.88
CA ARG B 103 -1.73 -8.84 -15.95
C ARG B 103 -2.78 -9.31 -14.96
N ALA B 104 -2.84 -10.61 -14.80
CA ALA B 104 -3.80 -11.25 -13.90
C ALA B 104 -3.37 -11.11 -12.44
N THR B 105 -2.07 -11.02 -12.21
CA THR B 105 -1.54 -10.91 -10.89
C THR B 105 -1.62 -9.45 -10.47
N PHE B 106 -1.39 -8.62 -11.44
CA PHE B 106 -1.56 -7.22 -11.29
C PHE B 106 -3.03 -6.92 -10.94
N ASP B 107 -3.93 -7.46 -11.74
CA ASP B 107 -5.37 -7.28 -11.55
C ASP B 107 -5.82 -7.79 -10.19
N SER B 108 -5.16 -8.84 -9.77
CA SER B 108 -5.48 -9.48 -8.52
C SER B 108 -5.13 -8.53 -7.38
N LEU B 109 -3.93 -8.05 -7.46
CA LEU B 109 -3.28 -7.41 -6.35
C LEU B 109 -3.23 -5.89 -6.42
N TYR B 110 -2.68 -5.40 -7.49
CA TYR B 110 -2.22 -4.02 -7.52
C TYR B 110 -3.05 -3.17 -8.45
N ARG B 111 -4.00 -3.80 -9.14
CA ARG B 111 -4.98 -3.07 -9.90
C ARG B 111 -5.68 -2.09 -8.98
N GLN B 112 -6.00 -2.59 -7.80
CA GLN B 112 -6.30 -1.78 -6.67
C GLN B 112 -5.49 -2.32 -5.51
N ARG B 113 -4.54 -1.55 -5.01
CA ARG B 113 -3.66 -2.06 -3.98
C ARG B 113 -4.06 -1.43 -2.66
N ARG B 114 -4.50 -2.20 -1.71
CA ARG B 114 -4.96 -1.62 -0.47
C ARG B 114 -3.81 -1.32 0.43
N ILE B 115 -3.59 -0.05 0.61
CA ILE B 115 -2.54 0.43 1.49
C ILE B 115 -3.15 0.79 2.84
N ILE B 116 -2.68 0.19 3.92
CA ILE B 116 -3.20 0.50 5.24
C ILE B 116 -2.26 1.44 5.92
N PHE B 117 -2.69 2.67 6.12
CA PHE B 117 -1.87 3.67 6.77
C PHE B 117 -2.09 3.57 8.25
N LYS B 118 -1.18 2.93 8.94
CA LYS B 118 -1.36 2.68 10.34
C LYS B 118 -0.08 3.03 11.10
N PRO B 119 -0.02 4.28 11.59
CA PRO B 119 1.06 4.87 12.38
C PRO B 119 1.88 3.95 13.26
N GLU B 120 3.02 4.51 13.65
CA GLU B 120 3.93 3.94 14.60
C GLU B 120 4.78 5.09 15.13
N ASP B 121 4.81 5.20 16.44
CA ASP B 121 5.65 6.17 17.13
C ASP B 121 5.19 7.62 16.89
N LEU B 122 3.95 7.93 17.29
CA LEU B 122 3.50 9.33 17.34
C LEU B 122 3.99 9.97 18.63
N SER B 123 3.54 11.19 18.90
CA SER B 123 3.81 11.84 20.16
C SER B 123 2.96 11.22 21.26
N LEU B 124 1.81 10.76 20.84
CA LEU B 124 0.79 10.30 21.75
C LEU B 124 0.36 8.89 21.41
#